data_5VE2
#
_entry.id   5VE2
#
_cell.length_a   78.660
_cell.length_b   160.141
_cell.length_c   136.271
_cell.angle_alpha   90.000
_cell.angle_beta   90.120
_cell.angle_gamma   90.000
#
_symmetry.space_group_name_H-M   'P 1 21 1'
#
loop_
_entity.id
_entity.type
_entity.pdbx_description
1 polymer 'Enoyl-CoA hydratase'
2 non-polymer 'SODIUM ION'
3 non-polymer 'PENTAETHYLENE GLYCOL'
4 non-polymer GLYCEROL
5 non-polymer DI(HYDROXYETHYL)ETHER
6 water water
#
_entity_poly.entity_id   1
_entity_poly.type   'polypeptide(L)'
_entity_poly.pdbx_seq_one_letter_code
;(MSE)HHHHHHSSGVDLGTENLYFQS(MSE)SKSLNVSLNNRVLSLTINRPELKNALNRELYAALADELERSNHDDQIRA
VLLTANGDTFTAGNDLDDFINPVEESGTPSVIRFLKAISECETPIVVAVNGPAIGVGLT(MSE)LLHCD(MSE)VYASKS
ARFRAPFTHVGLVPEAASSLLLPLAVGQAWANDL(MSE)LAGRILDAREALSAGLVTRVFEDDVLVAESLKIAEQVASLA
PNSVKQSKRLIRGVNKEEVQAQ(MSE)KREGVIFAEQLASAEFKESVAAFFEKRAPHFA
;
_entity_poly.pdbx_strand_id   A,B,C,D,E,F,G,H,I,J,K,L
#
loop_
_chem_comp.id
_chem_comp.type
_chem_comp.name
_chem_comp.formula
1PE non-polymer 'PENTAETHYLENE GLYCOL' 'C10 H22 O6'
GOL non-polymer GLYCEROL 'C3 H8 O3'
NA non-polymer 'SODIUM ION' 'Na 1'
PEG non-polymer DI(HYDROXYETHYL)ETHER 'C4 H10 O3'
#
# COMPACT_ATOMS: atom_id res chain seq x y z
N LYS A 25 -29.37 4.37 20.75
CA LYS A 25 -29.45 5.84 20.52
C LYS A 25 -28.09 6.49 20.26
N SER A 26 -28.11 7.57 19.47
CA SER A 26 -26.93 8.35 19.12
C SER A 26 -26.44 9.30 20.23
N LEU A 27 -27.33 9.60 21.19
CA LEU A 27 -26.96 10.32 22.43
C LEU A 27 -27.48 9.55 23.63
N ASN A 28 -26.57 8.99 24.44
CA ASN A 28 -26.97 8.33 25.70
C ASN A 28 -27.12 9.41 26.77
N VAL A 29 -28.18 9.27 27.55
CA VAL A 29 -28.60 10.27 28.52
C VAL A 29 -28.88 9.55 29.83
N SER A 30 -28.33 10.05 30.92
CA SER A 30 -28.74 9.61 32.26
C SER A 30 -28.77 10.82 33.18
N LEU A 31 -29.55 10.69 34.25
CA LEU A 31 -29.77 11.75 35.22
C LEU A 31 -29.68 11.17 36.63
N ASN A 32 -28.66 11.58 37.37
CA ASN A 32 -28.40 11.13 38.73
C ASN A 32 -27.64 12.22 39.48
N ASN A 33 -27.96 12.38 40.76
CA ASN A 33 -27.28 13.34 41.64
C ASN A 33 -27.36 14.75 41.08
N ARG A 34 -28.46 15.03 40.38
CA ARG A 34 -28.71 16.29 39.68
C ARG A 34 -27.75 16.65 38.56
N VAL A 35 -27.02 15.67 38.06
CA VAL A 35 -26.18 15.81 36.87
C VAL A 35 -26.83 15.09 35.67
N LEU A 36 -27.05 15.84 34.61
CA LEU A 36 -27.48 15.26 33.33
C LEU A 36 -26.25 14.85 32.54
N SER A 37 -26.01 13.54 32.42
CA SER A 37 -24.83 13.02 31.66
C SER A 37 -25.23 12.80 30.21
N LEU A 38 -24.50 13.42 29.29
CA LEU A 38 -24.78 13.31 27.86
C LEU A 38 -23.58 12.68 27.22
N THR A 39 -23.76 11.51 26.61
CA THR A 39 -22.65 10.80 26.00
C THR A 39 -22.91 10.60 24.54
N ILE A 40 -22.11 11.24 23.70
CA ILE A 40 -22.24 11.11 22.25
C ILE A 40 -21.85 9.69 21.84
N ASN A 41 -22.72 9.06 21.05
CA ASN A 41 -22.62 7.63 20.81
C ASN A 41 -22.88 7.25 19.34
N ARG A 42 -21.96 7.60 18.46
CA ARG A 42 -21.91 7.04 17.12
C ARG A 42 -20.47 6.58 16.85
N PRO A 43 -19.92 5.71 17.73
CA PRO A 43 -18.51 5.30 17.56
C PRO A 43 -18.18 4.70 16.17
N GLU A 44 -19.17 4.11 15.51
CA GLU A 44 -19.02 3.62 14.13
C GLU A 44 -18.59 4.72 13.14
N LEU A 45 -19.11 5.93 13.31
CA LEU A 45 -18.68 7.09 12.48
C LEU A 45 -17.79 8.08 13.24
N LYS A 46 -17.02 7.60 14.21
CA LYS A 46 -16.15 8.44 15.04
C LYS A 46 -16.90 9.62 15.64
N ASN A 47 -18.14 9.37 16.07
CA ASN A 47 -18.94 10.37 16.76
C ASN A 47 -19.16 11.65 15.96
N ALA A 48 -19.26 11.50 14.65
CA ALA A 48 -19.59 12.60 13.74
C ALA A 48 -20.98 13.12 14.03
N LEU A 49 -21.14 14.44 14.01
CA LEU A 49 -22.42 15.07 14.37
C LEU A 49 -23.29 15.20 13.14
N ASN A 50 -24.49 14.66 13.24
CA ASN A 50 -25.51 14.76 12.19
C ASN A 50 -26.70 15.52 12.76
N ARG A 51 -27.75 15.68 11.94
CA ARG A 51 -28.98 16.39 12.32
C ARG A 51 -29.62 15.84 13.58
N GLU A 52 -29.78 14.52 13.62
CA GLU A 52 -30.40 13.82 14.75
C GLU A 52 -29.66 14.10 16.07
N LEU A 53 -28.34 14.06 16.02
CA LEU A 53 -27.52 14.25 17.21
C LEU A 53 -27.56 15.69 17.73
N TYR A 54 -27.46 16.64 16.79
CA TYR A 54 -27.63 18.07 17.10
C TYR A 54 -28.98 18.35 17.78
N ALA A 55 -30.04 17.76 17.23
CA ALA A 55 -31.40 17.92 17.75
C ALA A 55 -31.50 17.37 19.16
N ALA A 56 -30.95 16.17 19.35
CA ALA A 56 -30.94 15.54 20.66
C ALA A 56 -30.09 16.33 21.70
N LEU A 57 -28.93 16.86 21.30
CA LEU A 57 -28.14 17.70 22.22
C LEU A 57 -28.90 18.95 22.58
N ALA A 58 -29.49 19.59 21.57
CA ALA A 58 -30.30 20.79 21.80
C ALA A 58 -31.45 20.49 22.78
N ASP A 59 -32.18 19.39 22.56
CA ASP A 59 -33.27 18.97 23.46
C ASP A 59 -32.81 18.86 24.90
N GLU A 60 -31.68 18.21 25.12
CA GLU A 60 -31.22 17.95 26.48
C GLU A 60 -30.69 19.22 27.19
N LEU A 61 -30.00 20.07 26.45
CA LEU A 61 -29.50 21.31 27.04
C LEU A 61 -30.65 22.24 27.39
N GLU A 62 -31.68 22.29 26.53
CA GLU A 62 -32.89 23.07 26.86
C GLU A 62 -33.61 22.52 28.11
N ARG A 63 -33.66 21.19 28.22
CA ARG A 63 -34.23 20.55 29.40
C ARG A 63 -33.48 20.99 30.65
N SER A 64 -32.16 21.01 30.58
CA SER A 64 -31.34 21.43 31.74
C SER A 64 -31.74 22.82 32.28
N ASN A 65 -32.05 23.77 31.39
CA ASN A 65 -32.45 25.14 31.79
C ASN A 65 -33.74 25.20 32.54
N HIS A 66 -34.70 24.35 32.15
CA HIS A 66 -36.08 24.42 32.67
C HIS A 66 -36.34 23.53 33.88
N ASP A 67 -35.51 22.51 34.11
CA ASP A 67 -35.60 21.66 35.28
C ASP A 67 -34.68 22.23 36.36
N ASP A 68 -35.26 22.74 37.44
CA ASP A 68 -34.47 23.22 38.57
C ASP A 68 -33.71 22.13 39.33
N GLN A 69 -34.08 20.87 39.14
CA GLN A 69 -33.34 19.76 39.73
C GLN A 69 -32.22 19.22 38.84
N ILE A 70 -31.99 19.84 37.68
CA ILE A 70 -30.78 19.57 36.88
C ILE A 70 -29.83 20.73 37.09
N ARG A 71 -28.69 20.50 37.74
CA ARG A 71 -27.78 21.58 38.15
C ARG A 71 -26.37 21.55 37.55
N ALA A 72 -26.09 20.54 36.74
CA ALA A 72 -24.86 20.46 35.97
C ALA A 72 -25.11 19.50 34.82
N VAL A 73 -24.35 19.73 33.75
CA VAL A 73 -24.32 18.82 32.61
C VAL A 73 -22.89 18.28 32.51
N LEU A 74 -22.78 16.95 32.39
CA LEU A 74 -21.53 16.31 32.01
C LEU A 74 -21.65 15.84 30.55
N LEU A 75 -20.78 16.33 29.69
CA LEU A 75 -20.78 15.97 28.27
C LEU A 75 -19.51 15.18 27.93
N THR A 76 -19.69 14.02 27.32
CA THR A 76 -18.55 13.22 26.83
C THR A 76 -18.94 12.37 25.61
N ALA A 77 -18.09 11.42 25.24
CA ALA A 77 -18.37 10.56 24.08
C ALA A 77 -17.81 9.18 24.28
N ASN A 78 -18.42 8.20 23.62
CA ASN A 78 -17.96 6.81 23.73
C ASN A 78 -16.81 6.53 22.76
N GLY A 79 -15.93 5.62 23.18
CA GLY A 79 -14.83 5.14 22.38
C GLY A 79 -13.61 6.06 22.45
N ASP A 80 -12.83 6.06 21.36
CA ASP A 80 -11.51 6.68 21.28
C ASP A 80 -11.49 8.11 20.66
N THR A 81 -12.66 8.61 20.26
CA THR A 81 -12.80 9.91 19.64
C THR A 81 -13.86 10.71 20.38
N PHE A 82 -13.65 12.01 20.57
CA PHE A 82 -14.70 12.87 21.13
C PHE A 82 -15.70 13.16 20.00
N THR A 83 -15.25 13.84 18.95
CA THR A 83 -16.00 13.83 17.69
C THR A 83 -15.09 14.21 16.55
N ALA A 84 -15.30 13.54 15.42
CA ALA A 84 -14.58 13.84 14.18
C ALA A 84 -15.14 15.04 13.42
N GLY A 85 -16.14 15.72 13.94
CA GLY A 85 -16.71 16.93 13.31
C GLY A 85 -18.05 16.66 12.68
N ASN A 86 -18.44 17.51 11.73
CA ASN A 86 -19.68 17.30 10.97
C ASN A 86 -19.64 16.03 10.12
N ASP A 87 -20.71 15.23 10.21
CA ASP A 87 -20.95 14.11 9.28
C ASP A 87 -21.03 14.69 7.87
N LEU A 88 -20.16 14.24 6.95
CA LEU A 88 -20.08 14.80 5.58
C LEU A 88 -21.37 14.58 4.78
N ASP A 89 -21.85 13.33 4.71
CA ASP A 89 -23.08 12.99 3.96
C ASP A 89 -24.24 13.87 4.40
N ASP A 90 -24.49 13.87 5.71
CA ASP A 90 -25.53 14.69 6.33
C ASP A 90 -25.29 16.20 6.12
N PHE A 91 -24.02 16.61 6.09
CA PHE A 91 -23.59 18.01 5.80
C PHE A 91 -24.16 18.55 4.50
N ILE A 92 -24.08 17.74 3.45
CA ILE A 92 -24.45 18.16 2.09
C ILE A 92 -25.73 17.51 1.54
N ASN A 93 -26.65 17.15 2.44
CA ASN A 93 -27.94 16.59 2.09
C ASN A 93 -28.77 17.70 1.44
N PRO A 94 -29.20 17.53 0.16
CA PRO A 94 -30.05 18.54 -0.47
C PRO A 94 -31.40 18.77 0.25
N VAL A 95 -31.99 17.70 0.79
CA VAL A 95 -33.27 17.79 1.50
C VAL A 95 -33.13 18.67 2.75
N GLU A 96 -33.72 19.87 2.67
CA GLU A 96 -33.68 20.86 3.75
C GLU A 96 -34.60 20.47 4.90
N GLU A 97 -34.23 20.86 6.12
CA GLU A 97 -35.01 20.51 7.33
C GLU A 97 -36.33 21.30 7.44
N SER A 98 -37.28 20.73 8.20
CA SER A 98 -38.50 21.45 8.60
C SER A 98 -38.17 22.30 9.82
N GLY A 99 -38.59 23.57 9.81
CA GLY A 99 -38.33 24.49 10.91
C GLY A 99 -36.86 24.91 11.02
N THR A 100 -36.43 25.22 12.24
CA THR A 100 -35.06 25.68 12.49
C THR A 100 -34.06 24.52 12.35
N PRO A 101 -32.98 24.70 11.55
CA PRO A 101 -31.99 23.61 11.41
C PRO A 101 -31.43 23.16 12.75
N SER A 102 -31.24 21.86 12.91
CA SER A 102 -30.85 21.30 14.19
C SER A 102 -29.52 21.87 14.66
N VAL A 103 -28.58 22.10 13.75
CA VAL A 103 -27.30 22.68 14.15
C VAL A 103 -27.48 24.07 14.79
N ILE A 104 -28.40 24.86 14.24
CA ILE A 104 -28.68 26.19 14.77
C ILE A 104 -29.33 26.11 16.16
N ARG A 105 -30.29 25.20 16.35
CA ARG A 105 -30.88 24.94 17.66
C ARG A 105 -29.80 24.55 18.66
N PHE A 106 -28.87 23.68 18.25
CA PHE A 106 -27.79 23.26 19.14
C PHE A 106 -26.87 24.42 19.53
N LEU A 107 -26.49 25.24 18.55
CA LEU A 107 -25.56 26.33 18.83
C LEU A 107 -26.22 27.35 19.72
N LYS A 108 -27.51 27.60 19.50
CA LYS A 108 -28.25 28.49 20.38
C LYS A 108 -28.40 27.89 21.78
N ALA A 109 -28.75 26.62 21.89
CA ALA A 109 -28.94 25.98 23.18
C ALA A 109 -27.64 25.93 23.99
N ILE A 110 -26.52 25.59 23.37
CA ILE A 110 -25.26 25.51 24.13
C ILE A 110 -24.67 26.90 24.47
N SER A 111 -24.85 27.87 23.58
CA SER A 111 -24.30 29.21 23.78
C SER A 111 -25.10 29.95 24.84
N GLU A 112 -26.38 29.62 24.98
CA GLU A 112 -27.25 30.26 26.00
C GLU A 112 -27.59 29.39 27.21
N CYS A 113 -27.04 28.17 27.28
CA CYS A 113 -27.34 27.28 28.40
C CYS A 113 -26.99 27.96 29.72
N GLU A 114 -27.94 27.93 30.66
CA GLU A 114 -27.77 28.54 31.97
C GLU A 114 -27.11 27.59 32.96
N THR A 115 -27.11 26.31 32.61
CA THR A 115 -26.61 25.26 33.46
C THR A 115 -25.09 25.17 33.23
N PRO A 116 -24.33 24.97 34.32
CA PRO A 116 -22.89 24.75 34.13
C PRO A 116 -22.65 23.41 33.42
N ILE A 117 -21.73 23.40 32.44
CA ILE A 117 -21.38 22.23 31.66
C ILE A 117 -19.93 21.84 31.90
N VAL A 118 -19.74 20.60 32.31
CA VAL A 118 -18.41 19.99 32.44
C VAL A 118 -18.30 19.14 31.17
N VAL A 119 -17.22 19.34 30.40
CA VAL A 119 -16.96 18.52 29.22
C VAL A 119 -15.62 17.75 29.39
N ALA A 120 -15.69 16.45 29.13
CA ALA A 120 -14.59 15.53 29.26
C ALA A 120 -14.22 15.02 27.89
N VAL A 121 -13.16 15.58 27.33
CA VAL A 121 -12.73 15.29 25.94
C VAL A 121 -11.86 14.03 25.97
N ASN A 122 -12.41 12.94 25.44
CA ASN A 122 -11.81 11.60 25.55
C ASN A 122 -10.91 11.24 24.37
N GLY A 123 -10.86 12.08 23.34
CA GLY A 123 -10.06 11.79 22.13
C GLY A 123 -10.07 12.97 21.16
N PRO A 124 -9.69 12.75 19.89
CA PRO A 124 -9.75 13.83 18.93
C PRO A 124 -11.07 14.60 18.93
N ALA A 125 -10.94 15.92 19.01
CA ALA A 125 -12.06 16.86 18.94
C ALA A 125 -11.79 17.76 17.77
N ILE A 126 -12.52 17.52 16.69
CA ILE A 126 -12.24 18.14 15.41
C ILE A 126 -13.40 19.05 14.99
N GLY A 127 -13.05 20.25 14.54
CA GLY A 127 -14.01 21.19 13.96
C GLY A 127 -15.03 21.66 15.00
N VAL A 128 -16.28 21.23 14.82
CA VAL A 128 -17.29 21.57 15.81
C VAL A 128 -17.03 20.85 17.15
N GLY A 129 -16.26 19.77 17.14
CA GLY A 129 -15.79 19.18 18.39
C GLY A 129 -14.91 20.11 19.21
N LEU A 130 -14.10 20.93 18.54
CA LEU A 130 -13.31 21.94 19.21
C LEU A 130 -14.20 23.15 19.54
N THR A 131 -14.94 23.68 18.59
CA THR A 131 -15.62 24.97 18.84
C THR A 131 -16.71 24.89 19.92
N MSE A 132 -17.33 23.73 20.08
CA MSE A 132 -18.37 23.55 21.14
C MSE A 132 -17.80 23.68 22.54
O MSE A 132 -18.53 24.07 23.46
CB MSE A 132 -19.14 22.27 21.00
CG MSE A 132 -18.47 20.97 21.48
SE MSE A 132 -19.65 19.35 21.33
CE MSE A 132 -20.28 19.54 19.51
N LEU A 133 -16.48 23.41 22.69
CA LEU A 133 -15.80 23.54 23.99
C LEU A 133 -15.71 24.99 24.48
N LEU A 134 -15.71 25.94 23.55
CA LEU A 134 -15.69 27.36 23.89
C LEU A 134 -16.98 27.80 24.59
N HIS A 135 -18.05 27.00 24.47
CA HIS A 135 -19.34 27.24 25.12
C HIS A 135 -19.60 26.33 26.34
N CYS A 136 -18.66 25.42 26.63
CA CYS A 136 -18.64 24.70 27.89
C CYS A 136 -17.90 25.50 28.93
N ASP A 137 -18.12 25.15 30.20
CA ASP A 137 -17.52 25.88 31.32
C ASP A 137 -16.25 25.23 31.86
N MSE A 138 -16.36 23.98 32.27
CA MSE A 138 -15.22 23.23 32.79
C MSE A 138 -14.76 22.34 31.67
O MSE A 138 -15.55 21.48 31.20
CB MSE A 138 -15.60 22.38 34.01
CG MSE A 138 -15.41 23.05 35.35
SE MSE A 138 -16.54 24.65 35.61
CE MSE A 138 -18.24 23.77 35.94
N VAL A 139 -13.52 22.54 31.20
CA VAL A 139 -13.05 21.83 30.00
C VAL A 139 -11.89 20.92 30.42
N TYR A 140 -12.14 19.63 30.44
CA TYR A 140 -11.14 18.65 30.86
C TYR A 140 -10.91 17.65 29.72
N ALA A 141 -9.75 16.99 29.74
CA ALA A 141 -9.28 16.17 28.62
C ALA A 141 -8.54 14.92 29.12
N SER A 142 -8.56 13.87 28.30
CA SER A 142 -7.69 12.72 28.53
C SER A 142 -6.35 12.96 27.86
N LYS A 143 -5.33 12.16 28.21
CA LYS A 143 -4.00 12.26 27.59
C LYS A 143 -4.02 11.98 26.10
N SER A 144 -4.99 11.17 25.67
CA SER A 144 -5.13 10.84 24.24
C SER A 144 -5.97 11.88 23.48
N ALA A 145 -6.47 12.91 24.15
CA ALA A 145 -7.22 13.97 23.47
C ALA A 145 -6.35 14.76 22.47
N ARG A 146 -6.94 15.15 21.37
CA ARG A 146 -6.30 15.97 20.37
C ARG A 146 -7.33 17.03 19.96
N PHE A 147 -6.88 18.14 19.38
CA PHE A 147 -7.72 19.28 19.10
C PHE A 147 -7.35 19.89 17.76
N ARG A 148 -8.35 20.13 16.92
CA ARG A 148 -8.12 20.72 15.61
C ARG A 148 -9.36 21.45 15.09
N ALA A 149 -9.15 22.57 14.43
CA ALA A 149 -10.25 23.36 13.82
C ALA A 149 -9.81 23.78 12.45
N PRO A 150 -9.74 22.80 11.52
CA PRO A 150 -9.12 23.02 10.23
C PRO A 150 -10.10 23.58 9.19
N PHE A 151 -10.69 24.73 9.47
CA PHE A 151 -11.74 25.28 8.59
C PHE A 151 -11.18 25.54 7.19
N THR A 152 -9.96 26.09 7.13
CA THR A 152 -9.26 26.40 5.91
C THR A 152 -8.87 25.19 5.05
N HIS A 153 -8.58 24.05 5.67
CA HIS A 153 -8.28 22.83 4.88
C HIS A 153 -9.50 22.32 4.11
N VAL A 154 -10.71 22.62 4.57
CA VAL A 154 -11.92 22.22 3.85
C VAL A 154 -12.57 23.37 3.05
N GLY A 155 -11.97 24.57 3.11
CA GLY A 155 -12.45 25.71 2.32
C GLY A 155 -13.62 26.46 2.94
N LEU A 156 -13.77 26.32 4.26
CA LEU A 156 -14.85 26.96 4.99
C LEU A 156 -14.28 28.07 5.89
N VAL A 157 -15.02 28.48 6.93
CA VAL A 157 -14.60 29.56 7.83
C VAL A 157 -15.02 29.16 9.24
N PRO A 158 -14.48 29.86 10.27
CA PRO A 158 -14.88 29.56 11.66
C PRO A 158 -16.37 29.66 11.92
N GLU A 159 -16.85 28.77 12.77
CA GLU A 159 -18.25 28.78 13.17
C GLU A 159 -18.39 28.80 14.71
N ALA A 160 -19.63 28.86 15.16
CA ALA A 160 -20.00 28.84 16.56
C ALA A 160 -19.32 29.97 17.34
N ALA A 161 -19.09 31.09 16.64
CA ALA A 161 -18.44 32.28 17.16
C ALA A 161 -17.01 32.04 17.61
N SER A 162 -16.35 31.01 17.09
CA SER A 162 -14.96 30.74 17.44
C SER A 162 -13.99 31.84 16.94
N SER A 163 -14.39 32.63 15.92
CA SER A 163 -13.56 33.73 15.44
C SER A 163 -13.43 34.81 16.52
N LEU A 164 -14.42 34.91 17.39
CA LEU A 164 -14.36 35.76 18.60
C LEU A 164 -13.81 35.03 19.83
N LEU A 165 -14.35 33.84 20.11
CA LEU A 165 -14.09 33.12 21.37
C LEU A 165 -12.75 32.41 21.46
N LEU A 166 -12.25 31.89 20.33
CA LEU A 166 -10.98 31.14 20.37
C LEU A 166 -9.80 32.06 20.75
N PRO A 167 -9.71 33.26 20.14
CA PRO A 167 -8.64 34.18 20.59
C PRO A 167 -8.81 34.65 22.02
N LEU A 168 -10.03 34.83 22.50
CA LEU A 168 -10.22 35.18 23.92
C LEU A 168 -9.72 34.06 24.81
N ALA A 169 -9.91 32.82 24.38
CA ALA A 169 -9.62 31.65 25.20
C ALA A 169 -8.13 31.34 25.26
N VAL A 170 -7.40 31.47 24.14
CA VAL A 170 -5.99 31.01 24.04
C VAL A 170 -5.00 32.06 23.51
N GLY A 171 -5.51 33.26 23.18
CA GLY A 171 -4.71 34.30 22.56
C GLY A 171 -4.69 34.19 21.02
N GLN A 172 -4.26 35.29 20.41
CA GLN A 172 -4.34 35.45 18.96
C GLN A 172 -3.39 34.46 18.27
N ALA A 173 -2.23 34.25 18.85
CA ALA A 173 -1.22 33.42 18.21
C ALA A 173 -1.64 31.94 18.19
N TRP A 174 -2.09 31.39 19.31
CA TRP A 174 -2.64 30.03 19.30
C TRP A 174 -3.87 29.91 18.42
N ALA A 175 -4.80 30.87 18.54
CA ALA A 175 -6.03 30.87 17.71
C ALA A 175 -5.70 30.85 16.20
N ASN A 176 -4.68 31.56 15.77
CA ASN A 176 -4.38 31.54 14.36
C ASN A 176 -3.66 30.26 13.95
N ASP A 177 -2.83 29.72 14.84
CA ASP A 177 -2.11 28.48 14.53
C ASP A 177 -3.17 27.38 14.33
N LEU A 178 -4.20 27.37 15.17
CA LEU A 178 -5.36 26.49 14.97
C LEU A 178 -6.19 26.77 13.68
N MSE A 179 -6.73 27.97 13.56
CA MSE A 179 -7.76 28.25 12.53
C MSE A 179 -7.22 28.48 11.15
O MSE A 179 -7.85 28.08 10.18
CB MSE A 179 -8.66 29.44 12.94
CG MSE A 179 -9.66 28.90 13.97
SE MSE A 179 -10.88 30.26 14.71
CE MSE A 179 -9.61 31.58 15.35
N LEU A 180 -6.07 29.14 11.02
CA LEU A 180 -5.50 29.43 9.69
C LEU A 180 -4.58 28.30 9.22
N ALA A 181 -3.64 27.87 10.10
CA ALA A 181 -2.66 26.86 9.72
C ALA A 181 -3.13 25.41 9.92
N GLY A 182 -4.26 25.18 10.56
CA GLY A 182 -4.73 23.80 10.76
C GLY A 182 -3.91 22.93 11.71
N ARG A 183 -3.26 23.53 12.69
CA ARG A 183 -2.48 22.77 13.64
C ARG A 183 -3.35 21.83 14.50
N ILE A 184 -2.82 20.64 14.75
CA ILE A 184 -3.36 19.67 15.66
C ILE A 184 -2.62 19.79 17.00
N LEU A 185 -3.36 20.03 18.09
CA LEU A 185 -2.78 20.09 19.45
C LEU A 185 -2.99 18.79 20.18
N ASP A 186 -1.97 18.35 20.94
CA ASP A 186 -2.19 17.28 21.94
C ASP A 186 -2.73 17.87 23.25
N ALA A 187 -3.02 16.99 24.21
CA ALA A 187 -3.63 17.42 25.45
C ALA A 187 -2.73 18.35 26.23
N ARG A 188 -1.44 18.05 26.30
CA ARG A 188 -0.53 18.92 27.06
C ARG A 188 -0.40 20.33 26.43
N GLU A 189 -0.37 20.41 25.12
CA GLU A 189 -0.32 21.70 24.42
C GLU A 189 -1.63 22.47 24.65
N ALA A 190 -2.76 21.77 24.65
CA ALA A 190 -4.05 22.42 24.93
C ALA A 190 -4.10 22.99 26.35
N LEU A 191 -3.52 22.25 27.29
CA LEU A 191 -3.41 22.70 28.66
C LEU A 191 -2.51 23.92 28.76
N SER A 192 -1.33 23.87 28.15
CA SER A 192 -0.41 24.98 28.22
C SER A 192 -1.03 26.25 27.57
N ALA A 193 -1.82 26.07 26.53
CA ALA A 193 -2.50 27.21 25.91
C ALA A 193 -3.74 27.69 26.68
N GLY A 194 -4.23 26.88 27.60
CA GLY A 194 -5.45 27.21 28.38
C GLY A 194 -6.80 26.88 27.75
N LEU A 195 -6.78 26.06 26.73
CA LEU A 195 -7.99 25.60 26.08
C LEU A 195 -8.68 24.56 26.99
N VAL A 196 -7.87 23.72 27.64
CA VAL A 196 -8.33 22.84 28.67
C VAL A 196 -7.59 23.18 29.96
N THR A 197 -8.14 22.82 31.12
CA THR A 197 -7.50 23.13 32.40
C THR A 197 -7.06 21.90 33.22
N ARG A 198 -7.49 20.70 32.82
CA ARG A 198 -7.07 19.43 33.44
C ARG A 198 -6.90 18.31 32.39
N VAL A 199 -5.88 17.50 32.59
CA VAL A 199 -5.57 16.36 31.75
C VAL A 199 -5.49 15.10 32.66
N PHE A 200 -6.28 14.09 32.34
CA PHE A 200 -6.33 12.89 33.14
C PHE A 200 -5.90 11.70 32.30
N GLU A 201 -5.36 10.67 32.95
CA GLU A 201 -5.29 9.33 32.34
C GLU A 201 -6.68 8.98 31.77
N ASP A 202 -6.70 8.30 30.62
CA ASP A 202 -7.94 7.97 29.90
C ASP A 202 -8.95 7.24 30.75
N ASP A 203 -8.46 6.31 31.57
CA ASP A 203 -9.31 5.41 32.35
C ASP A 203 -9.98 6.08 33.57
N VAL A 204 -9.55 7.27 33.96
CA VAL A 204 -10.20 8.03 35.05
C VAL A 204 -10.88 9.33 34.62
N LEU A 205 -10.70 9.76 33.37
CA LEU A 205 -11.25 11.06 32.91
C LEU A 205 -12.71 11.25 33.27
N VAL A 206 -13.52 10.24 32.98
CA VAL A 206 -14.97 10.32 33.14
C VAL A 206 -15.40 10.34 34.60
N ALA A 207 -14.91 9.40 35.38
CA ALA A 207 -15.15 9.39 36.83
C ALA A 207 -14.71 10.70 37.52
N GLU A 208 -13.57 11.26 37.12
CA GLU A 208 -13.07 12.52 37.74
C GLU A 208 -13.85 13.72 37.28
N SER A 209 -14.26 13.72 36.02
CA SER A 209 -15.13 14.76 35.51
C SER A 209 -16.52 14.73 36.14
N LEU A 210 -17.07 13.52 36.35
CA LEU A 210 -18.37 13.36 37.00
C LEU A 210 -18.36 13.83 38.46
N LYS A 211 -17.29 13.50 39.17
CA LYS A 211 -17.12 13.95 40.54
C LYS A 211 -17.20 15.50 40.63
N ILE A 212 -16.56 16.18 39.68
CA ILE A 212 -16.59 17.64 39.65
C ILE A 212 -17.99 18.15 39.30
N ALA A 213 -18.61 17.55 38.28
CA ALA A 213 -19.98 17.92 37.93
C ALA A 213 -20.97 17.74 39.11
N GLU A 214 -20.83 16.64 39.84
CA GLU A 214 -21.67 16.35 41.01
C GLU A 214 -21.44 17.38 42.12
N GLN A 215 -20.19 17.77 42.32
CA GLN A 215 -19.88 18.79 43.32
C GLN A 215 -20.56 20.12 42.96
N VAL A 216 -20.48 20.52 41.69
CA VAL A 216 -21.09 21.78 41.25
C VAL A 216 -22.61 21.73 41.41
N ALA A 217 -23.19 20.59 41.01
CA ALA A 217 -24.61 20.34 41.17
C ALA A 217 -25.10 20.36 42.63
N SER A 218 -24.21 20.17 43.60
CA SER A 218 -24.56 20.24 45.04
C SER A 218 -24.41 21.63 45.66
N LEU A 219 -23.92 22.60 44.90
CA LEU A 219 -23.73 23.94 45.41
C LEU A 219 -25.03 24.72 45.30
N ALA A 220 -25.09 25.86 45.98
CA ALA A 220 -26.26 26.76 45.93
C ALA A 220 -26.63 27.05 44.47
N PRO A 221 -27.84 26.62 44.03
CA PRO A 221 -28.15 26.68 42.60
C PRO A 221 -28.19 28.08 41.98
N ASN A 222 -28.80 29.06 42.67
CA ASN A 222 -28.84 30.46 42.16
C ASN A 222 -27.48 31.11 42.19
N SER A 223 -26.66 30.81 43.21
CA SER A 223 -25.26 31.25 43.22
C SER A 223 -24.55 30.84 41.92
N VAL A 224 -24.66 29.57 41.57
CA VAL A 224 -23.97 29.03 40.40
C VAL A 224 -24.56 29.63 39.12
N LYS A 225 -25.89 29.58 38.97
CA LYS A 225 -26.55 30.13 37.79
C LYS A 225 -26.21 31.62 37.57
N GLN A 226 -26.31 32.45 38.62
CA GLN A 226 -25.97 33.89 38.51
C GLN A 226 -24.49 34.15 38.21
N SER A 227 -23.65 33.29 38.77
CA SER A 227 -22.22 33.45 38.58
C SER A 227 -21.91 33.22 37.13
N LYS A 228 -22.45 32.15 36.59
CA LYS A 228 -22.25 31.89 35.15
C LYS A 228 -22.87 32.99 34.32
N ARG A 229 -24.04 33.48 34.70
CA ARG A 229 -24.68 34.57 33.93
C ARG A 229 -23.79 35.82 33.86
N LEU A 230 -23.22 36.22 34.99
CA LEU A 230 -22.27 37.35 35.03
C LEU A 230 -21.06 37.12 34.13
N ILE A 231 -20.49 35.91 34.16
CA ILE A 231 -19.33 35.61 33.35
C ILE A 231 -19.68 35.65 31.84
N ARG A 232 -20.76 34.96 31.48
CA ARG A 232 -21.17 34.87 30.07
C ARG A 232 -21.80 36.16 29.57
N GLY A 233 -22.34 36.96 30.48
CA GLY A 233 -22.98 38.24 30.11
C GLY A 233 -22.09 39.26 29.42
N VAL A 234 -20.78 39.16 29.65
CA VAL A 234 -19.86 40.14 29.07
C VAL A 234 -19.86 40.05 27.52
N ASN A 235 -19.83 38.85 26.95
CA ASN A 235 -19.81 38.70 25.50
C ASN A 235 -21.08 38.11 24.88
N LYS A 236 -22.11 37.96 25.68
CA LYS A 236 -23.34 37.28 25.25
C LYS A 236 -23.86 37.79 23.90
N GLU A 237 -24.05 39.11 23.79
CA GLU A 237 -24.62 39.72 22.57
C GLU A 237 -23.66 39.59 21.37
N GLU A 238 -22.36 39.84 21.59
CA GLU A 238 -21.39 39.72 20.51
C GLU A 238 -21.27 38.28 20.04
N VAL A 239 -21.45 37.30 20.92
CA VAL A 239 -21.39 35.87 20.51
C VAL A 239 -22.49 35.59 19.49
N GLN A 240 -23.73 36.02 19.78
CA GLN A 240 -24.84 35.82 18.84
C GLN A 240 -24.59 36.59 17.51
N ALA A 241 -24.15 37.86 17.60
CA ALA A 241 -23.86 38.63 16.37
C ALA A 241 -22.75 38.00 15.54
N GLN A 242 -21.70 37.50 16.18
CA GLN A 242 -20.59 36.88 15.46
C GLN A 242 -21.03 35.60 14.75
N MSE A 243 -21.90 34.80 15.39
CA MSE A 243 -22.43 33.59 14.70
C MSE A 243 -23.18 33.95 13.45
O MSE A 243 -23.06 33.22 12.47
CB MSE A 243 -23.31 32.71 15.57
CG MSE A 243 -22.46 31.74 16.36
SE MSE A 243 -23.67 30.73 17.57
CE MSE A 243 -22.47 30.47 19.12
N LYS A 244 -23.94 35.05 13.46
CA LYS A 244 -24.61 35.50 12.24
C LYS A 244 -23.60 35.97 11.19
N ARG A 245 -22.59 36.76 11.58
CA ARG A 245 -21.57 37.22 10.58
C ARG A 245 -20.85 36.02 9.96
N GLU A 246 -20.41 35.07 10.80
CA GLU A 246 -19.73 33.88 10.31
C GLU A 246 -20.63 33.09 9.37
N GLY A 247 -21.90 32.98 9.76
CA GLY A 247 -22.89 32.17 9.07
C GLY A 247 -23.10 32.54 7.62
N VAL A 248 -23.15 33.85 7.34
CA VAL A 248 -23.32 34.35 5.98
C VAL A 248 -22.13 33.95 5.10
N ILE A 249 -20.93 34.16 5.60
CA ILE A 249 -19.71 33.81 4.87
C ILE A 249 -19.58 32.30 4.72
N PHE A 250 -19.96 31.57 5.76
CA PHE A 250 -19.91 30.10 5.75
C PHE A 250 -20.79 29.52 4.66
N ALA A 251 -22.04 29.97 4.61
CA ALA A 251 -23.02 29.51 3.62
C ALA A 251 -22.50 29.72 2.19
N GLU A 252 -21.94 30.91 1.98
CA GLU A 252 -21.32 31.28 0.71
C GLU A 252 -20.14 30.33 0.34
N GLN A 253 -19.23 30.10 1.28
CA GLN A 253 -18.14 29.14 1.04
C GLN A 253 -18.62 27.69 0.79
N LEU A 254 -19.62 27.25 1.54
CA LEU A 254 -20.19 25.89 1.41
C LEU A 254 -20.75 25.59 0.00
N ALA A 255 -21.31 26.62 -0.63
CA ALA A 255 -21.85 26.55 -1.98
C ALA A 255 -20.84 26.93 -3.10
N SER A 256 -19.59 27.19 -2.74
CA SER A 256 -18.59 27.70 -3.68
C SER A 256 -17.74 26.58 -4.26
N ALA A 257 -17.05 26.89 -5.36
CA ALA A 257 -16.08 25.98 -5.98
C ALA A 257 -14.92 25.59 -5.04
N GLU A 258 -14.53 26.50 -4.16
CA GLU A 258 -13.45 26.26 -3.20
C GLU A 258 -13.73 25.10 -2.25
N PHE A 259 -14.97 25.01 -1.77
CA PHE A 259 -15.36 23.88 -0.93
C PHE A 259 -15.37 22.58 -1.73
N LYS A 260 -16.01 22.60 -2.90
CA LYS A 260 -16.11 21.42 -3.78
C LYS A 260 -14.72 20.84 -4.02
N GLU A 261 -13.79 21.71 -4.41
CA GLU A 261 -12.43 21.34 -4.76
C GLU A 261 -11.60 20.84 -3.56
N SER A 262 -11.77 21.47 -2.40
CA SER A 262 -11.06 21.03 -1.19
C SER A 262 -11.47 19.60 -0.87
N VAL A 263 -12.77 19.36 -0.91
CA VAL A 263 -13.33 18.04 -0.57
C VAL A 263 -12.99 17.00 -1.66
N ALA A 264 -13.18 17.35 -2.93
CA ALA A 264 -12.89 16.45 -4.04
C ALA A 264 -11.42 16.02 -4.05
N ALA A 265 -10.53 16.98 -3.80
CA ALA A 265 -9.08 16.74 -3.72
C ALA A 265 -8.74 15.64 -2.74
N PHE A 266 -9.33 15.68 -1.55
CA PHE A 266 -9.07 14.64 -0.57
C PHE A 266 -9.53 13.26 -1.08
N PHE A 267 -10.76 13.17 -1.58
CA PHE A 267 -11.32 11.89 -2.06
C PHE A 267 -10.66 11.36 -3.32
N GLU A 268 -10.11 12.27 -4.14
CA GLU A 268 -9.41 11.88 -5.37
C GLU A 268 -7.90 11.66 -5.16
N LYS A 269 -7.45 11.76 -3.90
CA LYS A 269 -6.07 11.50 -3.47
C LYS A 269 -5.06 12.33 -4.28
N ARG A 270 -5.32 13.63 -4.35
CA ARG A 270 -4.49 14.59 -5.08
C ARG A 270 -4.42 15.91 -4.34
N ALA A 271 -3.48 16.74 -4.77
CA ALA A 271 -3.33 18.08 -4.23
C ALA A 271 -4.44 18.96 -4.81
N PRO A 272 -5.13 19.76 -3.96
CA PRO A 272 -6.11 20.71 -4.49
C PRO A 272 -5.44 21.81 -5.33
N HIS A 273 -6.16 22.30 -6.32
CA HIS A 273 -5.67 23.35 -7.18
C HIS A 273 -6.68 24.50 -7.15
N PHE A 274 -6.19 25.69 -6.79
CA PHE A 274 -7.00 26.90 -6.80
C PHE A 274 -6.28 27.88 -7.70
N ALA A 275 -6.88 28.19 -8.85
CA ALA A 275 -6.23 29.05 -9.86
C ALA A 275 -5.99 30.47 -9.34
N LYS B 25 -44.88 -38.65 -43.41
CA LYS B 25 -44.98 -37.17 -43.60
C LYS B 25 -43.62 -36.50 -43.85
N SER B 26 -43.65 -35.42 -44.63
CA SER B 26 -42.45 -34.65 -44.99
C SER B 26 -41.96 -33.69 -43.87
N LEU B 27 -42.85 -33.39 -42.92
CA LEU B 27 -42.50 -32.67 -41.68
C LEU B 27 -43.02 -33.44 -40.47
N ASN B 28 -42.10 -33.99 -39.66
CA ASN B 28 -42.51 -34.66 -38.40
C ASN B 28 -42.66 -33.57 -37.35
N VAL B 29 -43.73 -33.69 -36.57
CA VAL B 29 -44.16 -32.69 -35.60
C VAL B 29 -44.44 -33.41 -34.29
N SER B 30 -43.88 -32.91 -33.20
CA SER B 30 -44.29 -33.35 -31.87
C SER B 30 -44.32 -32.16 -30.94
N LEU B 31 -45.10 -32.28 -29.87
CA LEU B 31 -45.32 -31.21 -28.90
C LEU B 31 -45.23 -31.80 -27.50
N ASN B 32 -44.21 -31.39 -26.76
CA ASN B 32 -43.93 -31.87 -25.39
C ASN B 32 -43.17 -30.77 -24.65
N ASN B 33 -43.50 -30.61 -23.38
CA ASN B 33 -42.84 -29.64 -22.49
C ASN B 33 -42.93 -28.23 -23.05
N ARG B 34 -44.02 -27.96 -23.76
CA ARG B 34 -44.27 -26.70 -24.45
C ARG B 34 -43.30 -26.32 -25.56
N VAL B 35 -42.56 -27.31 -26.06
CA VAL B 35 -41.74 -27.16 -27.25
C VAL B 35 -42.36 -27.89 -28.45
N LEU B 36 -42.59 -27.13 -29.52
CA LEU B 36 -43.02 -27.70 -30.80
C LEU B 36 -41.80 -28.12 -31.58
N SER B 37 -41.55 -29.43 -31.70
CA SER B 37 -40.38 -29.95 -32.46
C SER B 37 -40.79 -30.17 -33.90
N LEU B 38 -40.06 -29.54 -34.83
CA LEU B 38 -40.34 -29.66 -36.26
C LEU B 38 -39.12 -30.30 -36.90
N THR B 39 -39.31 -31.46 -37.51
CA THR B 39 -38.19 -32.17 -38.10
C THR B 39 -38.46 -32.38 -39.57
N ILE B 40 -37.64 -31.74 -40.41
CA ILE B 40 -37.76 -31.88 -41.85
C ILE B 40 -37.37 -33.29 -42.26
N ASN B 41 -38.24 -33.94 -43.04
CA ASN B 41 -38.14 -35.36 -43.28
C ASN B 41 -38.40 -35.74 -44.75
N ARG B 42 -37.48 -35.38 -45.64
CA ARG B 42 -37.42 -35.95 -46.97
C ARG B 42 -35.98 -36.41 -47.23
N PRO B 43 -35.42 -37.26 -46.35
CA PRO B 43 -34.01 -37.66 -46.53
C PRO B 43 -33.67 -38.27 -47.90
N GLU B 44 -34.66 -38.89 -48.55
CA GLU B 44 -34.51 -39.38 -49.93
C GLU B 44 -34.09 -38.29 -50.92
N LEU B 45 -34.61 -37.06 -50.77
CA LEU B 45 -34.19 -35.92 -51.60
C LEU B 45 -33.31 -34.91 -50.85
N LYS B 46 -32.53 -35.39 -49.88
CA LYS B 46 -31.67 -34.53 -49.06
C LYS B 46 -32.42 -33.36 -48.45
N ASN B 47 -33.65 -33.62 -48.02
CA ASN B 47 -34.46 -32.61 -47.33
C ASN B 47 -34.69 -31.33 -48.13
N ALA B 48 -34.80 -31.49 -49.45
CA ALA B 48 -35.10 -30.39 -50.35
C ALA B 48 -36.50 -29.86 -50.07
N LEU B 49 -36.66 -28.55 -50.08
CA LEU B 49 -37.94 -27.93 -49.72
C LEU B 49 -38.81 -27.79 -50.96
N ASN B 50 -40.01 -28.35 -50.87
CA ASN B 50 -41.01 -28.25 -51.91
C ASN B 50 -42.22 -27.49 -51.35
N ARG B 51 -43.26 -27.34 -52.17
CA ARG B 51 -44.51 -26.62 -51.80
C ARG B 51 -45.15 -27.17 -50.53
N GLU B 52 -45.29 -28.49 -50.48
CA GLU B 52 -45.92 -29.19 -49.35
C GLU B 52 -45.18 -28.89 -48.03
N LEU B 53 -43.87 -28.95 -48.08
CA LEU B 53 -43.03 -28.75 -46.90
C LEU B 53 -43.07 -27.30 -46.38
N TYR B 54 -42.97 -26.35 -47.32
CA TYR B 54 -43.14 -24.93 -47.02
C TYR B 54 -44.48 -24.64 -46.35
N ALA B 55 -45.55 -25.23 -46.89
CA ALA B 55 -46.91 -25.08 -46.37
C ALA B 55 -47.01 -25.61 -44.97
N ALA B 56 -46.46 -26.81 -44.77
CA ALA B 56 -46.45 -27.43 -43.45
C ALA B 56 -45.60 -26.64 -42.42
N LEU B 57 -44.45 -26.11 -42.81
CA LEU B 57 -43.66 -25.29 -41.89
C LEU B 57 -44.41 -24.03 -41.55
N ALA B 58 -45.00 -23.38 -42.55
CA ALA B 58 -45.82 -22.18 -42.33
C ALA B 58 -46.97 -22.48 -41.34
N ASP B 59 -47.69 -23.58 -41.57
CA ASP B 59 -48.80 -24.00 -40.68
C ASP B 59 -48.34 -24.11 -39.22
N GLU B 60 -47.21 -24.76 -39.01
CA GLU B 60 -46.76 -25.02 -37.65
C GLU B 60 -46.24 -23.75 -36.94
N LEU B 61 -45.53 -22.90 -37.68
CA LEU B 61 -45.03 -21.66 -37.08
C LEU B 61 -46.18 -20.73 -36.74
N GLU B 62 -47.21 -20.67 -37.60
CA GLU B 62 -48.42 -19.89 -37.28
C GLU B 62 -49.12 -20.43 -36.04
N ARG B 63 -49.20 -21.76 -35.92
CA ARG B 63 -49.77 -22.40 -34.75
C ARG B 63 -49.02 -21.96 -33.49
N SER B 64 -47.69 -21.94 -33.56
CA SER B 64 -46.88 -21.53 -32.40
C SER B 64 -47.26 -20.15 -31.86
N ASN B 65 -47.59 -19.20 -32.75
CA ASN B 65 -47.97 -17.82 -32.32
C ASN B 65 -49.26 -17.77 -31.58
N HIS B 66 -50.23 -18.60 -31.98
CA HIS B 66 -51.60 -18.53 -31.46
C HIS B 66 -51.88 -19.43 -30.26
N ASP B 67 -51.05 -20.45 -30.05
CA ASP B 67 -51.16 -21.31 -28.87
C ASP B 67 -50.22 -20.76 -27.79
N ASP B 68 -50.81 -20.25 -26.70
CA ASP B 68 -50.03 -19.77 -25.57
C ASP B 68 -49.27 -20.86 -24.82
N GLN B 69 -49.65 -22.12 -25.01
CA GLN B 69 -48.89 -23.23 -24.41
C GLN B 69 -47.78 -23.77 -25.30
N ILE B 70 -47.53 -23.15 -26.46
CA ILE B 70 -46.34 -23.43 -27.26
C ILE B 70 -45.39 -22.25 -27.03
N ARG B 71 -44.25 -22.48 -26.38
CA ARG B 71 -43.36 -21.40 -25.97
C ARG B 71 -41.92 -21.42 -26.57
N ALA B 72 -41.66 -22.41 -27.39
CA ALA B 72 -40.44 -22.51 -28.14
C ALA B 72 -40.66 -23.47 -29.30
N VAL B 73 -39.90 -23.24 -30.36
CA VAL B 73 -39.86 -24.14 -31.51
C VAL B 73 -38.45 -24.70 -31.60
N LEU B 74 -38.32 -26.01 -31.73
CA LEU B 74 -37.07 -26.67 -32.11
C LEU B 74 -37.19 -27.15 -33.57
N LEU B 75 -36.32 -26.63 -34.42
CA LEU B 75 -36.32 -27.00 -35.84
C LEU B 75 -35.06 -27.80 -36.17
N THR B 76 -35.23 -28.97 -36.77
CA THR B 76 -34.10 -29.76 -37.27
C THR B 76 -34.48 -30.62 -38.48
N ALA B 77 -33.63 -31.56 -38.86
CA ALA B 77 -33.91 -32.42 -40.02
C ALA B 77 -33.35 -33.80 -39.81
N ASN B 78 -33.95 -34.78 -40.47
CA ASN B 78 -33.50 -36.17 -40.37
C ASN B 78 -32.35 -36.45 -41.34
N GLY B 79 -31.46 -37.36 -40.92
CA GLY B 79 -30.37 -37.85 -41.74
C GLY B 79 -29.14 -36.91 -41.66
N ASP B 80 -28.37 -36.92 -42.75
CA ASP B 80 -27.05 -36.29 -42.82
C ASP B 80 -27.03 -34.87 -43.43
N THR B 81 -28.19 -34.36 -43.83
CA THR B 81 -28.32 -33.05 -44.45
C THR B 81 -29.39 -32.27 -43.69
N PHE B 82 -29.18 -30.97 -43.50
CA PHE B 82 -30.24 -30.10 -42.94
C PHE B 82 -31.23 -29.82 -44.08
N THR B 83 -30.78 -29.14 -45.13
CA THR B 83 -31.53 -29.14 -46.40
C THR B 83 -30.61 -28.76 -47.55
N ALA B 84 -30.82 -29.43 -48.67
CA ALA B 84 -30.10 -29.14 -49.90
C ALA B 84 -30.66 -27.94 -50.67
N GLY B 85 -31.68 -27.25 -50.14
CA GLY B 85 -32.23 -26.05 -50.77
C GLY B 85 -33.58 -26.31 -51.40
N ASN B 86 -33.97 -25.47 -52.34
CA ASN B 86 -35.19 -25.69 -53.12
C ASN B 86 -35.16 -26.95 -53.97
N ASP B 87 -36.22 -27.74 -53.89
CA ASP B 87 -36.46 -28.87 -54.81
C ASP B 87 -36.53 -28.29 -56.22
N LEU B 88 -35.65 -28.73 -57.13
CA LEU B 88 -35.58 -28.19 -58.51
C LEU B 88 -36.87 -28.42 -59.31
N ASP B 89 -37.34 -29.67 -59.37
CA ASP B 89 -38.56 -30.02 -60.12
C ASP B 89 -39.74 -29.14 -59.69
N ASP B 90 -39.98 -29.14 -58.39
CA ASP B 90 -41.02 -28.33 -57.77
C ASP B 90 -40.80 -26.81 -57.98
N PHE B 91 -39.53 -26.40 -58.00
CA PHE B 91 -39.11 -25.00 -58.30
C PHE B 91 -39.68 -24.48 -59.60
N ILE B 92 -39.59 -25.28 -60.66
CA ILE B 92 -39.96 -24.86 -62.03
C ILE B 92 -41.24 -25.53 -62.57
N ASN B 93 -42.15 -25.88 -61.66
CA ASN B 93 -43.45 -26.45 -62.02
C ASN B 93 -44.28 -25.32 -62.67
N PRO B 94 -44.69 -25.51 -63.95
CA PRO B 94 -45.55 -24.48 -64.58
C PRO B 94 -46.90 -24.25 -63.87
N VAL B 95 -47.49 -25.31 -63.31
CA VAL B 95 -48.78 -25.21 -62.61
C VAL B 95 -48.63 -24.31 -61.36
N GLU B 96 -49.21 -23.11 -61.44
CA GLU B 96 -49.15 -22.12 -60.36
C GLU B 96 -50.10 -22.52 -59.22
N GLU B 97 -49.74 -22.14 -57.99
CA GLU B 97 -50.52 -22.48 -56.79
C GLU B 97 -51.83 -21.72 -56.66
N SER B 98 -52.77 -22.29 -55.91
CA SER B 98 -53.99 -21.59 -55.48
C SER B 98 -53.65 -20.73 -54.26
N GLY B 99 -54.10 -19.47 -54.27
CA GLY B 99 -53.83 -18.53 -53.18
C GLY B 99 -52.37 -18.09 -53.09
N THR B 100 -51.93 -17.78 -51.88
CA THR B 100 -50.55 -17.32 -51.64
C THR B 100 -49.57 -18.49 -51.78
N PRO B 101 -48.48 -18.31 -52.59
CA PRO B 101 -47.51 -19.41 -52.73
C PRO B 101 -46.93 -19.84 -51.39
N SER B 102 -46.74 -21.15 -51.23
CA SER B 102 -46.35 -21.70 -49.94
C SER B 102 -45.02 -21.13 -49.46
N VAL B 103 -44.09 -20.91 -50.38
CA VAL B 103 -42.80 -20.32 -49.99
C VAL B 103 -42.97 -18.93 -49.36
N ILE B 104 -43.92 -18.15 -49.90
CA ILE B 104 -44.18 -16.82 -49.39
C ILE B 104 -44.83 -16.88 -47.99
N ARG B 105 -45.78 -17.80 -47.80
CA ARG B 105 -46.38 -18.05 -46.48
C ARG B 105 -45.29 -18.44 -45.48
N PHE B 106 -44.36 -19.31 -45.89
CA PHE B 106 -43.28 -19.74 -45.00
C PHE B 106 -42.37 -18.57 -44.61
N LEU B 107 -41.99 -17.75 -45.59
CA LEU B 107 -41.06 -16.66 -45.32
C LEU B 107 -41.72 -15.63 -44.44
N LYS B 108 -43.00 -15.38 -44.65
CA LYS B 108 -43.75 -14.49 -43.78
C LYS B 108 -43.90 -15.08 -42.37
N ALA B 109 -44.25 -16.37 -42.28
CA ALA B 109 -44.44 -16.99 -40.97
C ALA B 109 -43.15 -17.05 -40.17
N ILE B 110 -42.03 -17.39 -40.78
CA ILE B 110 -40.76 -17.46 -40.00
C ILE B 110 -40.17 -16.08 -39.67
N SER B 111 -40.36 -15.10 -40.57
CA SER B 111 -39.82 -13.77 -40.36
C SER B 111 -40.62 -13.03 -39.32
N GLU B 112 -41.89 -13.36 -39.18
CA GLU B 112 -42.78 -12.73 -38.16
C GLU B 112 -43.11 -13.60 -36.94
N CYS B 113 -42.57 -14.81 -36.88
CA CYS B 113 -42.86 -15.70 -35.74
C CYS B 113 -42.51 -15.01 -34.42
N GLU B 114 -43.46 -15.04 -33.50
CA GLU B 114 -43.31 -14.42 -32.18
C GLU B 114 -42.64 -15.37 -31.19
N THR B 115 -42.65 -16.65 -31.52
CA THR B 115 -42.15 -17.70 -30.67
C THR B 115 -40.63 -17.79 -30.89
N PRO B 116 -39.87 -18.00 -29.80
CA PRO B 116 -38.44 -18.22 -30.00
C PRO B 116 -38.19 -19.57 -30.68
N ILE B 117 -37.28 -19.58 -31.66
CA ILE B 117 -36.93 -20.75 -32.46
C ILE B 117 -35.49 -21.15 -32.22
N VAL B 118 -35.29 -22.38 -31.80
CA VAL B 118 -33.97 -22.98 -31.66
C VAL B 118 -33.85 -23.83 -32.92
N VAL B 119 -32.77 -23.65 -33.68
CA VAL B 119 -32.49 -24.46 -34.88
C VAL B 119 -31.17 -25.23 -34.69
N ALA B 120 -31.23 -26.53 -34.94
CA ALA B 120 -30.13 -27.45 -34.81
C ALA B 120 -29.78 -27.96 -36.19
N VAL B 121 -28.70 -27.40 -36.75
CA VAL B 121 -28.27 -27.69 -38.14
C VAL B 121 -27.40 -28.95 -38.11
N ASN B 122 -27.95 -30.04 -38.63
CA ASN B 122 -27.35 -31.38 -38.53
C ASN B 122 -26.45 -31.74 -39.71
N GLY B 123 -26.40 -30.89 -40.75
CA GLY B 123 -25.60 -31.19 -41.94
C GLY B 123 -25.60 -30.02 -42.92
N PRO B 124 -25.22 -30.24 -44.19
CA PRO B 124 -25.28 -29.17 -45.15
C PRO B 124 -26.60 -28.40 -45.15
N ALA B 125 -26.48 -27.07 -45.08
CA ALA B 125 -27.59 -26.12 -45.15
C ALA B 125 -27.31 -25.23 -46.32
N ILE B 126 -28.04 -25.47 -47.40
CA ILE B 126 -27.76 -24.88 -48.69
C ILE B 126 -28.90 -23.95 -49.11
N GLY B 127 -28.55 -22.74 -49.57
CA GLY B 127 -29.52 -21.81 -50.14
C GLY B 127 -30.53 -21.34 -49.11
N VAL B 128 -31.78 -21.74 -49.28
CA VAL B 128 -32.79 -21.41 -48.28
C VAL B 128 -32.53 -22.13 -46.95
N GLY B 129 -31.76 -23.21 -46.96
CA GLY B 129 -31.30 -23.80 -45.70
C GLY B 129 -30.42 -22.87 -44.88
N LEU B 130 -29.61 -22.05 -45.55
CA LEU B 130 -28.83 -21.04 -44.89
C LEU B 130 -29.69 -19.83 -44.56
N THR B 131 -30.43 -19.30 -45.53
CA THR B 131 -31.12 -18.01 -45.27
C THR B 131 -32.20 -18.08 -44.19
N MSE B 132 -32.83 -19.23 -44.02
CA MSE B 132 -33.86 -19.40 -42.96
C MSE B 132 -33.30 -19.27 -41.57
O MSE B 132 -34.04 -18.88 -40.66
CB MSE B 132 -34.64 -20.70 -43.11
CG MSE B 132 -33.97 -21.99 -42.61
SE MSE B 132 -35.13 -23.56 -42.73
CE MSE B 132 -35.77 -23.42 -44.60
N LEU B 133 -32.00 -19.55 -41.41
CA LEU B 133 -31.30 -19.41 -40.10
C LEU B 133 -31.21 -17.96 -39.64
N LEU B 134 -31.21 -17.01 -40.56
CA LEU B 134 -31.20 -15.59 -40.22
C LEU B 134 -32.50 -15.15 -39.53
N HIS B 135 -33.56 -15.96 -39.66
CA HIS B 135 -34.85 -15.72 -39.01
C HIS B 135 -35.12 -16.63 -37.80
N CYS B 136 -34.18 -17.54 -37.50
CA CYS B 136 -34.17 -18.27 -36.24
C CYS B 136 -33.44 -17.48 -35.18
N ASP B 137 -33.66 -17.83 -33.92
CA ASP B 137 -33.07 -17.10 -32.80
C ASP B 137 -31.80 -17.74 -32.25
N MSE B 138 -31.92 -19.00 -31.83
CA MSE B 138 -30.77 -19.76 -31.31
C MSE B 138 -30.33 -20.63 -32.44
O MSE B 138 -31.09 -21.50 -32.89
CB MSE B 138 -31.16 -20.58 -30.08
CG MSE B 138 -30.90 -19.86 -28.76
SE MSE B 138 -32.09 -18.29 -28.50
CE MSE B 138 -33.81 -19.18 -28.17
N VAL B 139 -29.08 -20.45 -32.89
CA VAL B 139 -28.59 -21.15 -34.07
C VAL B 139 -27.44 -22.05 -33.66
N TYR B 140 -27.70 -23.35 -33.65
CA TYR B 140 -26.69 -24.33 -33.23
C TYR B 140 -26.46 -25.32 -34.36
N ALA B 141 -25.30 -25.99 -34.34
CA ALA B 141 -24.82 -26.80 -35.45
C ALA B 141 -24.08 -28.04 -34.96
N SER B 142 -24.10 -29.10 -35.77
CA SER B 142 -23.24 -30.25 -35.54
C SER B 142 -21.90 -30.01 -36.21
N LYS B 143 -20.88 -30.80 -35.86
CA LYS B 143 -19.54 -30.70 -36.47
C LYS B 143 -19.56 -31.00 -37.98
N SER B 144 -20.52 -31.81 -38.40
CA SER B 144 -20.68 -32.14 -39.81
C SER B 144 -21.52 -31.10 -40.60
N ALA B 145 -22.02 -30.06 -39.93
CA ALA B 145 -22.76 -29.02 -40.61
C ALA B 145 -21.88 -28.22 -41.60
N ARG B 146 -22.47 -27.83 -42.71
CA ARG B 146 -21.83 -27.02 -43.73
C ARG B 146 -22.86 -25.96 -44.13
N PHE B 147 -22.40 -24.85 -44.71
CA PHE B 147 -23.25 -23.70 -44.98
C PHE B 147 -22.88 -23.10 -46.32
N ARG B 148 -23.87 -22.85 -47.17
CA ARG B 148 -23.64 -22.28 -48.48
C ARG B 148 -24.87 -21.55 -48.99
N ALA B 149 -24.64 -20.43 -49.67
CA ALA B 149 -25.76 -19.63 -50.26
C ALA B 149 -25.31 -19.24 -51.65
N PRO B 150 -25.23 -20.21 -52.57
CA PRO B 150 -24.62 -20.00 -53.86
C PRO B 150 -25.59 -19.44 -54.90
N PHE B 151 -26.18 -18.28 -54.63
CA PHE B 151 -27.22 -17.73 -55.51
C PHE B 151 -26.66 -17.47 -56.91
N THR B 152 -25.43 -16.94 -56.96
CA THR B 152 -24.74 -16.64 -58.20
C THR B 152 -24.36 -17.86 -59.06
N HIS B 153 -24.06 -18.99 -58.42
CA HIS B 153 -23.77 -20.22 -59.21
C HIS B 153 -24.99 -20.73 -59.98
N VAL B 154 -26.20 -20.42 -59.51
CA VAL B 154 -27.42 -20.81 -60.22
C VAL B 154 -28.06 -19.67 -61.03
N GLY B 155 -27.44 -18.48 -60.98
CA GLY B 155 -27.93 -17.33 -61.78
C GLY B 155 -29.10 -16.58 -61.16
N LEU B 156 -29.25 -16.72 -59.86
CA LEU B 156 -30.33 -16.08 -59.12
C LEU B 156 -29.76 -14.95 -58.24
N VAL B 157 -30.49 -14.53 -57.19
CA VAL B 157 -30.09 -13.46 -56.30
C VAL B 157 -30.52 -13.86 -54.90
N PRO B 158 -29.97 -13.15 -53.85
CA PRO B 158 -30.37 -13.45 -52.48
C PRO B 158 -31.87 -13.34 -52.21
N GLU B 159 -32.35 -14.24 -51.36
CA GLU B 159 -33.75 -14.22 -50.97
C GLU B 159 -33.88 -14.20 -49.43
N ALA B 160 -35.13 -14.14 -48.97
CA ALA B 160 -35.48 -14.15 -47.56
C ALA B 160 -34.81 -13.02 -46.80
N ALA B 161 -34.59 -11.91 -47.50
CA ALA B 161 -33.93 -10.70 -46.99
C ALA B 161 -32.51 -10.93 -46.53
N SER B 162 -31.86 -11.97 -47.05
CA SER B 162 -30.46 -12.24 -46.70
C SER B 162 -29.48 -11.13 -47.20
N SER B 163 -29.89 -10.36 -48.22
CA SER B 163 -29.06 -9.26 -48.71
C SER B 163 -28.92 -8.17 -47.63
N LEU B 164 -29.92 -8.07 -46.76
CA LEU B 164 -29.86 -7.21 -45.56
C LEU B 164 -29.32 -7.94 -44.31
N LEU B 165 -29.85 -9.12 -44.04
CA LEU B 165 -29.60 -9.84 -42.78
C LEU B 165 -28.26 -10.55 -42.69
N LEU B 166 -27.75 -11.08 -43.80
CA LEU B 166 -26.48 -11.82 -43.77
C LEU B 166 -25.30 -10.91 -43.38
N PRO B 167 -25.20 -9.71 -44.00
CA PRO B 167 -24.14 -8.79 -43.56
C PRO B 167 -24.31 -8.33 -42.12
N LEU B 168 -25.53 -8.14 -41.65
CA LEU B 168 -25.73 -7.79 -40.23
C LEU B 168 -25.24 -8.91 -39.33
N ALA B 169 -25.42 -10.15 -39.75
CA ALA B 169 -25.14 -11.32 -38.94
C ALA B 169 -23.64 -11.63 -38.87
N VAL B 170 -22.92 -11.52 -39.98
CA VAL B 170 -21.50 -11.97 -40.07
C VAL B 170 -20.51 -10.93 -40.62
N GLY B 171 -21.01 -9.75 -40.96
CA GLY B 171 -20.21 -8.70 -41.58
C GLY B 171 -20.18 -8.82 -43.12
N GLN B 172 -19.79 -7.73 -43.75
CA GLN B 172 -19.84 -7.57 -45.19
C GLN B 172 -18.89 -8.56 -45.88
N ALA B 173 -17.72 -8.77 -45.29
CA ALA B 173 -16.73 -9.60 -45.91
C ALA B 173 -17.14 -11.07 -45.94
N TRP B 174 -17.59 -11.62 -44.82
CA TRP B 174 -18.14 -12.98 -44.82
C TRP B 174 -19.38 -13.09 -45.71
N ALA B 175 -20.31 -12.14 -45.59
CA ALA B 175 -21.51 -12.14 -46.41
C ALA B 175 -21.19 -12.17 -47.92
N ASN B 176 -20.18 -11.45 -48.36
CA ASN B 176 -19.89 -11.48 -49.78
C ASN B 176 -19.17 -12.76 -50.18
N ASP B 177 -18.32 -13.30 -49.29
CA ASP B 177 -17.60 -14.54 -49.59
C ASP B 177 -18.66 -15.65 -49.78
N LEU B 178 -19.70 -15.65 -48.94
CA LEU B 178 -20.86 -16.53 -49.14
C LEU B 178 -21.67 -16.26 -50.42
N MSE B 179 -22.22 -15.05 -50.55
CA MSE B 179 -23.25 -14.77 -51.59
C MSE B 179 -22.70 -14.57 -52.98
O MSE B 179 -23.32 -14.97 -53.93
CB MSE B 179 -24.15 -13.61 -51.19
CG MSE B 179 -25.16 -14.14 -50.15
SE MSE B 179 -26.40 -12.76 -49.40
CE MSE B 179 -25.11 -11.42 -48.80
N LEU B 180 -21.55 -13.91 -53.11
CA LEU B 180 -20.98 -13.62 -54.43
C LEU B 180 -20.05 -14.74 -54.89
N ALA B 181 -19.12 -15.16 -54.02
CA ALA B 181 -18.13 -16.18 -54.38
C ALA B 181 -18.60 -17.62 -54.17
N GLY B 182 -19.74 -17.84 -53.52
CA GLY B 182 -20.23 -19.21 -53.34
C GLY B 182 -19.41 -20.10 -52.39
N ARG B 183 -18.76 -19.49 -51.40
CA ARG B 183 -17.98 -20.26 -50.46
C ARG B 183 -18.85 -21.19 -49.61
N ILE B 184 -18.32 -22.38 -49.37
CA ILE B 184 -18.88 -23.36 -48.43
C ILE B 184 -18.14 -23.22 -47.09
N LEU B 185 -18.87 -22.97 -46.00
CA LEU B 185 -18.30 -22.91 -44.65
C LEU B 185 -18.51 -24.20 -43.91
N ASP B 186 -17.51 -24.64 -43.15
CA ASP B 186 -17.72 -25.70 -42.14
C ASP B 186 -18.27 -25.12 -40.83
N ALA B 187 -18.56 -25.98 -39.88
CA ALA B 187 -19.18 -25.54 -38.64
C ALA B 187 -18.26 -24.62 -37.86
N ARG B 188 -16.97 -24.93 -37.79
CA ARG B 188 -16.06 -24.06 -37.03
C ARG B 188 -15.93 -22.66 -37.64
N GLU B 189 -15.90 -22.57 -38.97
CA GLU B 189 -15.84 -21.29 -39.66
C GLU B 189 -17.15 -20.51 -39.44
N ALA B 190 -18.29 -21.21 -39.43
CA ALA B 190 -19.58 -20.56 -39.16
C ALA B 190 -19.63 -19.99 -37.74
N LEU B 191 -19.05 -20.72 -36.80
CA LEU B 191 -18.95 -20.28 -35.42
C LEU B 191 -18.06 -19.06 -35.33
N SER B 192 -16.87 -19.11 -35.93
CA SER B 192 -15.95 -17.99 -35.86
C SER B 192 -16.56 -16.74 -36.51
N ALA B 193 -17.35 -16.91 -37.55
CA ALA B 193 -18.03 -15.78 -38.19
C ALA B 193 -19.26 -15.29 -37.43
N GLY B 194 -19.76 -16.10 -36.50
CA GLY B 194 -20.98 -15.77 -35.72
C GLY B 194 -22.32 -16.09 -36.35
N LEU B 195 -22.29 -16.92 -37.38
CA LEU B 195 -23.52 -17.40 -38.02
C LEU B 195 -24.21 -18.42 -37.11
N VAL B 196 -23.40 -19.26 -36.46
CA VAL B 196 -23.87 -20.13 -35.41
C VAL B 196 -23.12 -19.80 -34.13
N THR B 197 -23.68 -20.15 -32.97
CA THR B 197 -23.03 -19.85 -31.68
C THR B 197 -22.60 -21.06 -30.86
N ARG B 198 -23.03 -22.27 -31.26
CA ARG B 198 -22.62 -23.55 -30.64
C ARG B 198 -22.46 -24.65 -31.69
N VAL B 199 -21.43 -25.47 -31.48
CA VAL B 199 -21.13 -26.62 -32.32
C VAL B 199 -21.04 -27.86 -31.43
N PHE B 200 -21.83 -28.88 -31.74
CA PHE B 200 -21.88 -30.07 -30.94
C PHE B 200 -21.45 -31.26 -31.77
N GLU B 201 -20.89 -32.29 -31.13
CA GLU B 201 -20.82 -33.63 -31.73
C GLU B 201 -22.22 -34.00 -32.30
N ASP B 202 -22.23 -34.67 -33.44
CA ASP B 202 -23.46 -35.00 -34.17
C ASP B 202 -24.48 -35.75 -33.30
N ASP B 203 -23.98 -36.67 -32.49
CA ASP B 203 -24.82 -37.57 -31.70
C ASP B 203 -25.51 -36.89 -30.48
N VAL B 204 -25.08 -35.69 -30.10
CA VAL B 204 -25.74 -34.94 -29.01
C VAL B 204 -26.42 -33.64 -29.45
N LEU B 205 -26.24 -33.21 -30.70
CA LEU B 205 -26.79 -31.93 -31.18
C LEU B 205 -28.26 -31.73 -30.80
N VAL B 206 -29.07 -32.75 -31.10
CA VAL B 206 -30.51 -32.66 -30.94
C VAL B 206 -30.94 -32.63 -29.46
N ALA B 207 -30.45 -33.57 -28.69
CA ALA B 207 -30.69 -33.58 -27.24
C ALA B 207 -30.25 -32.26 -26.55
N GLU B 208 -29.10 -31.70 -26.95
CA GLU B 208 -28.62 -30.45 -26.35
C GLU B 208 -29.40 -29.24 -26.81
N SER B 209 -29.81 -29.25 -28.07
CA SER B 209 -30.68 -28.21 -28.58
C SER B 209 -32.08 -28.25 -27.95
N LEU B 210 -32.62 -29.44 -27.73
CA LEU B 210 -33.93 -29.60 -27.10
C LEU B 210 -33.91 -29.14 -25.63
N LYS B 211 -32.85 -29.46 -24.91
CA LYS B 211 -32.68 -29.01 -23.54
C LYS B 211 -32.76 -27.47 -23.46
N ILE B 212 -32.11 -26.78 -24.40
CA ILE B 212 -32.15 -25.33 -24.42
C ILE B 212 -33.55 -24.82 -24.79
N ALA B 213 -34.17 -25.42 -25.81
CA ALA B 213 -35.54 -25.05 -26.16
C ALA B 213 -36.52 -25.23 -24.99
N GLU B 214 -36.39 -26.34 -24.26
CA GLU B 214 -37.25 -26.61 -23.08
C GLU B 214 -37.02 -25.59 -21.98
N GLN B 215 -35.76 -25.21 -21.77
CA GLN B 215 -35.46 -24.18 -20.76
C GLN B 215 -36.13 -22.86 -21.14
N VAL B 216 -36.05 -22.46 -22.40
CA VAL B 216 -36.66 -21.20 -22.84
C VAL B 216 -38.17 -21.25 -22.69
N ALA B 217 -38.76 -22.38 -23.09
CA ALA B 217 -40.19 -22.62 -22.96
C ALA B 217 -40.69 -22.60 -21.50
N SER B 218 -39.80 -22.81 -20.52
CA SER B 218 -40.16 -22.75 -19.08
C SER B 218 -40.01 -21.35 -18.45
N LEU B 219 -39.50 -20.39 -19.21
CA LEU B 219 -39.31 -19.04 -18.69
C LEU B 219 -40.62 -18.26 -18.81
N ALA B 220 -40.68 -17.12 -18.13
CA ALA B 220 -41.83 -16.21 -18.21
C ALA B 220 -42.20 -15.92 -19.65
N PRO B 221 -43.41 -16.34 -20.10
CA PRO B 221 -43.72 -16.28 -21.52
C PRO B 221 -43.74 -14.88 -22.15
N ASN B 222 -44.35 -13.90 -21.46
CA ASN B 222 -44.40 -12.51 -21.97
C ASN B 222 -43.01 -11.86 -21.94
N SER B 223 -42.20 -12.17 -20.92
CA SER B 223 -40.80 -11.72 -20.89
C SER B 223 -40.07 -12.14 -22.19
N VAL B 224 -40.19 -13.41 -22.54
CA VAL B 224 -39.51 -13.95 -23.72
C VAL B 224 -40.10 -13.35 -25.01
N LYS B 225 -41.43 -13.40 -25.15
CA LYS B 225 -42.09 -12.85 -26.34
C LYS B 225 -41.75 -11.36 -26.56
N GLN B 226 -41.84 -10.53 -25.51
CA GLN B 226 -41.50 -9.09 -25.60
C GLN B 226 -40.03 -8.84 -25.90
N SER B 227 -39.18 -9.69 -25.37
CA SER B 227 -37.74 -9.53 -25.57
C SER B 227 -37.45 -9.76 -27.02
N LYS B 228 -38.01 -10.83 -27.56
CA LYS B 228 -37.83 -11.09 -29.00
C LYS B 228 -38.45 -10.00 -29.83
N ARG B 229 -39.62 -9.50 -29.44
CA ARG B 229 -40.27 -8.40 -30.19
C ARG B 229 -39.35 -7.16 -30.27
N LEU B 230 -38.77 -6.76 -29.15
CA LEU B 230 -37.82 -5.63 -29.11
C LEU B 230 -36.63 -5.87 -30.03
N ILE B 231 -36.07 -7.08 -30.00
CA ILE B 231 -34.91 -7.40 -30.82
C ILE B 231 -35.28 -7.35 -32.31
N ARG B 232 -36.37 -8.03 -32.67
CA ARG B 232 -36.78 -8.13 -34.08
C ARG B 232 -37.41 -6.83 -34.58
N GLY B 233 -37.94 -6.02 -33.66
CA GLY B 233 -38.57 -4.75 -34.04
C GLY B 233 -37.67 -3.73 -34.74
N VAL B 234 -36.36 -3.84 -34.50
CA VAL B 234 -35.44 -2.86 -35.09
C VAL B 234 -35.43 -2.95 -36.64
N ASN B 235 -35.40 -4.17 -37.21
CA ASN B 235 -35.39 -4.32 -38.65
C ASN B 235 -36.66 -4.89 -39.28
N LYS B 236 -37.70 -5.04 -38.48
CA LYS B 236 -38.93 -5.70 -38.91
C LYS B 236 -39.44 -5.20 -40.27
N GLU B 237 -39.61 -3.88 -40.39
CA GLU B 237 -40.16 -3.27 -41.61
C GLU B 237 -39.20 -3.40 -42.81
N GLU B 238 -37.91 -3.16 -42.58
CA GLU B 238 -36.92 -3.29 -43.66
C GLU B 238 -36.81 -4.74 -44.12
N VAL B 239 -37.00 -5.72 -43.23
CA VAL B 239 -36.96 -7.15 -43.65
C VAL B 239 -38.04 -7.42 -44.66
N GLN B 240 -39.28 -6.97 -44.39
CA GLN B 240 -40.38 -7.18 -45.34
C GLN B 240 -40.12 -6.41 -46.66
N ALA B 241 -39.69 -5.15 -46.58
CA ALA B 241 -39.40 -4.38 -47.81
C ALA B 241 -38.28 -5.02 -48.63
N GLN B 242 -37.23 -5.51 -47.98
CA GLN B 242 -36.11 -6.13 -48.70
C GLN B 242 -36.55 -7.42 -49.40
N MSE B 243 -37.43 -8.20 -48.78
CA MSE B 243 -37.95 -9.42 -49.46
C MSE B 243 -38.69 -9.07 -50.71
O MSE B 243 -38.57 -9.79 -51.70
CB MSE B 243 -38.84 -10.31 -48.60
CG MSE B 243 -37.95 -11.27 -47.79
SE MSE B 243 -39.15 -12.27 -46.56
CE MSE B 243 -37.97 -12.54 -45.04
N LYS B 244 -39.45 -7.97 -50.71
CA LYS B 244 -40.12 -7.51 -51.93
C LYS B 244 -39.12 -7.04 -52.97
N ARG B 245 -38.11 -6.25 -52.58
CA ARG B 245 -37.09 -5.80 -53.57
C ARG B 245 -36.36 -6.99 -54.19
N GLU B 246 -35.92 -7.94 -53.36
CA GLU B 246 -35.23 -9.13 -53.84
C GLU B 246 -36.14 -9.91 -54.78
N GLY B 247 -37.41 -10.03 -54.40
CA GLY B 247 -38.39 -10.84 -55.10
C GLY B 247 -38.59 -10.46 -56.55
N VAL B 248 -38.63 -9.16 -56.83
CA VAL B 248 -38.80 -8.64 -58.19
C VAL B 248 -37.60 -9.05 -59.05
N ILE B 249 -36.40 -8.84 -58.54
CA ILE B 249 -35.19 -9.19 -59.27
C ILE B 249 -35.05 -10.70 -59.42
N PHE B 250 -35.43 -11.43 -58.39
CA PHE B 250 -35.40 -12.90 -58.39
C PHE B 250 -36.27 -13.48 -59.50
N ALA B 251 -37.52 -13.03 -59.55
CA ALA B 251 -38.49 -13.50 -60.55
C ALA B 251 -37.96 -13.28 -61.96
N GLU B 252 -37.40 -12.09 -62.19
CA GLU B 252 -36.77 -11.72 -63.45
C GLU B 252 -35.59 -12.68 -63.81
N GLN B 253 -34.68 -12.92 -62.86
CA GLN B 253 -33.60 -13.88 -63.10
C GLN B 253 -34.07 -15.33 -63.34
N LEU B 254 -35.09 -15.76 -62.59
CA LEU B 254 -35.66 -17.12 -62.72
C LEU B 254 -36.22 -17.43 -64.12
N ALA B 255 -36.78 -16.40 -64.77
CA ALA B 255 -37.32 -16.46 -66.12
C ALA B 255 -36.31 -16.09 -67.22
N SER B 256 -35.05 -15.85 -66.87
CA SER B 256 -34.05 -15.35 -67.83
C SER B 256 -33.20 -16.48 -68.38
N ALA B 257 -32.52 -16.18 -69.49
CA ALA B 257 -31.55 -17.09 -70.09
C ALA B 257 -30.39 -17.49 -69.16
N GLU B 258 -30.00 -16.57 -68.28
CA GLU B 258 -28.91 -16.81 -67.32
C GLU B 258 -29.20 -17.97 -66.36
N PHE B 259 -30.44 -18.04 -65.89
CA PHE B 259 -30.85 -19.17 -65.03
C PHE B 259 -30.85 -20.48 -65.83
N LYS B 260 -31.49 -20.45 -67.00
CA LYS B 260 -31.59 -21.63 -67.87
C LYS B 260 -30.20 -22.23 -68.10
N GLU B 261 -29.27 -21.36 -68.50
CA GLU B 261 -27.90 -21.74 -68.84
C GLU B 261 -27.09 -22.23 -67.63
N SER B 262 -27.26 -21.60 -66.47
CA SER B 262 -26.56 -22.04 -65.26
C SER B 262 -26.97 -23.46 -64.93
N VAL B 263 -28.28 -23.70 -64.97
CA VAL B 263 -28.85 -25.01 -64.64
C VAL B 263 -28.52 -26.07 -65.72
N ALA B 264 -28.70 -25.71 -66.98
CA ALA B 264 -28.40 -26.62 -68.10
C ALA B 264 -26.92 -27.05 -68.10
N ALA B 265 -26.04 -26.09 -67.84
CA ALA B 265 -24.59 -26.35 -67.74
C ALA B 265 -24.27 -27.46 -66.75
N PHE B 266 -24.88 -27.41 -65.56
CA PHE B 266 -24.64 -28.45 -64.57
C PHE B 266 -25.10 -29.82 -65.10
N PHE B 267 -26.33 -29.90 -65.62
CA PHE B 267 -26.91 -31.18 -66.09
C PHE B 267 -26.22 -31.71 -67.35
N GLU B 268 -25.65 -30.82 -68.17
CA GLU B 268 -24.95 -31.21 -69.38
C GLU B 268 -23.43 -31.44 -69.14
N LYS B 269 -23.00 -31.35 -67.88
CA LYS B 269 -21.62 -31.62 -67.43
C LYS B 269 -20.59 -30.80 -68.22
N ARG B 270 -20.85 -29.49 -68.30
CA ARG B 270 -19.99 -28.55 -69.01
C ARG B 270 -19.92 -27.22 -68.26
N ALA B 271 -18.98 -26.40 -68.68
CA ALA B 271 -18.82 -25.06 -68.13
C ALA B 271 -19.91 -24.17 -68.73
N PRO B 272 -20.61 -23.37 -67.90
CA PRO B 272 -21.57 -22.41 -68.45
C PRO B 272 -20.89 -21.32 -69.28
N HIS B 273 -21.60 -20.83 -70.28
CA HIS B 273 -21.08 -19.78 -71.15
C HIS B 273 -22.07 -18.63 -71.14
N PHE B 274 -21.58 -17.44 -70.79
CA PHE B 274 -22.37 -16.22 -70.82
C PHE B 274 -21.63 -15.26 -71.73
N ALA B 275 -22.21 -14.95 -72.89
CA ALA B 275 -21.53 -14.10 -73.89
C ALA B 275 -21.32 -12.68 -73.37
N LYS C 25 20.50 45.57 -0.47
CA LYS C 25 19.15 46.11 -0.02
C LYS C 25 18.86 45.81 1.45
N SER C 26 18.15 46.73 2.11
CA SER C 26 17.79 46.62 3.53
C SER C 26 16.61 45.64 3.80
N LEU C 27 15.83 45.35 2.76
CA LEU C 27 14.79 44.33 2.78
C LEU C 27 14.95 43.39 1.58
N ASN C 28 15.33 42.13 1.83
CA ASN C 28 15.43 41.14 0.74
C ASN C 28 14.02 40.56 0.54
N VAL C 29 13.66 40.40 -0.72
CA VAL C 29 12.32 40.02 -1.13
C VAL C 29 12.47 38.89 -2.15
N SER C 30 11.72 37.81 -1.97
CA SER C 30 11.58 36.80 -3.01
C SER C 30 10.15 36.30 -3.00
N LEU C 31 9.72 35.76 -4.14
CA LEU C 31 8.38 35.26 -4.36
C LEU C 31 8.45 33.91 -5.05
N ASN C 32 8.02 32.86 -4.35
CA ASN C 32 8.00 31.49 -4.86
C ASN C 32 6.89 30.73 -4.16
N ASN C 33 6.24 29.85 -4.90
CA ASN C 33 5.17 28.98 -4.34
C ASN C 33 4.07 29.80 -3.71
N ARG C 34 3.85 30.99 -4.27
CA ARG C 34 2.90 31.99 -3.77
C ARG C 34 3.13 32.51 -2.37
N VAL C 35 4.35 32.36 -1.87
CA VAL C 35 4.80 32.97 -0.63
C VAL C 35 5.77 34.15 -0.91
N LEU C 36 5.41 35.33 -0.42
CA LEU C 36 6.28 36.48 -0.45
C LEU C 36 7.19 36.46 0.77
N SER C 37 8.47 36.14 0.59
CA SER C 37 9.45 36.09 1.71
C SER C 37 10.07 37.46 1.88
N LEU C 38 9.97 38.02 3.09
CA LEU C 38 10.51 39.32 3.40
C LEU C 38 11.55 39.15 4.48
N THR C 39 12.80 39.49 4.17
CA THR C 39 13.89 39.28 5.12
C THR C 39 14.55 40.61 5.44
N ILE C 40 14.42 41.04 6.68
CA ILE C 40 15.04 42.28 7.13
C ILE C 40 16.55 42.10 7.15
N ASN C 41 17.26 43.05 6.53
CA ASN C 41 18.66 42.90 6.24
C ASN C 41 19.48 44.16 6.49
N ARG C 42 19.65 44.53 7.76
CA ARG C 42 20.66 45.51 8.17
C ARG C 42 21.45 44.91 9.33
N PRO C 43 22.02 43.71 9.15
CA PRO C 43 22.73 43.07 10.28
C PRO C 43 23.85 43.92 10.92
N GLU C 44 24.43 44.84 10.16
CA GLU C 44 25.40 45.82 10.69
C GLU C 44 24.82 46.68 11.83
N LEU C 45 23.54 47.05 11.74
CA LEU C 45 22.87 47.79 12.82
C LEU C 45 21.86 46.93 13.61
N LYS C 46 22.12 45.62 13.69
CA LYS C 46 21.21 44.69 14.36
C LYS C 46 19.77 44.82 13.88
N ASN C 47 19.61 45.02 12.57
CA ASN C 47 18.30 45.07 11.96
C ASN C 47 17.37 46.14 12.53
N ALA C 48 17.96 47.26 12.93
CA ALA C 48 17.22 48.42 13.40
C ALA C 48 16.36 48.99 12.28
N LEU C 49 15.14 49.38 12.60
CA LEU C 49 14.18 49.85 11.60
C LEU C 49 14.32 51.34 11.39
N ASN C 50 14.55 51.73 10.14
CA ASN C 50 14.63 53.13 9.75
C ASN C 50 13.50 53.41 8.75
N ARG C 51 13.44 54.66 8.25
CA ARG C 51 12.41 55.11 7.30
C ARG C 51 12.36 54.25 6.05
N GLU C 52 13.51 53.99 5.46
CA GLU C 52 13.63 53.20 4.23
C GLU C 52 13.05 51.79 4.40
N LEU C 53 13.36 51.17 5.54
CA LEU C 53 12.93 49.79 5.80
C LEU C 53 11.40 49.71 6.04
N TYR C 54 10.90 50.65 6.84
CA TYR C 54 9.45 50.78 7.05
C TYR C 54 8.69 50.95 5.73
N ALA C 55 9.21 51.81 4.85
CA ALA C 55 8.62 52.09 3.54
C ALA C 55 8.60 50.84 2.69
N ALA C 56 9.74 50.13 2.67
CA ALA C 56 9.84 48.90 1.92
C ALA C 56 8.92 47.79 2.47
N LEU C 57 8.80 47.66 3.80
CA LEU C 57 7.87 46.67 4.36
C LEU C 57 6.45 47.02 4.00
N ALA C 58 6.10 48.30 4.15
CA ALA C 58 4.78 48.77 3.75
C ALA C 58 4.48 48.45 2.27
N ASP C 59 5.42 48.76 1.38
CA ASP C 59 5.28 48.47 -0.07
C ASP C 59 4.96 47.00 -0.31
N GLU C 60 5.70 46.11 0.33
CA GLU C 60 5.54 44.68 0.07
C GLU C 60 4.24 44.11 0.64
N LEU C 61 3.84 44.57 1.83
CA LEU C 61 2.60 44.09 2.44
C LEU C 61 1.40 44.58 1.62
N GLU C 62 1.46 45.81 1.12
CA GLU C 62 0.40 46.32 0.23
C GLU C 62 0.32 45.51 -1.07
N ARG C 63 1.49 45.15 -1.61
CA ARG C 63 1.56 44.30 -2.80
C ARG C 63 0.84 42.98 -2.53
N SER C 64 1.11 42.38 -1.38
CA SER C 64 0.48 41.10 -1.02
C SER C 64 -1.06 41.14 -1.10
N ASN C 65 -1.68 42.26 -0.69
CA ASN C 65 -3.15 42.41 -0.72
C ASN C 65 -3.72 42.44 -2.12
N HIS C 66 -2.99 43.07 -3.05
CA HIS C 66 -3.50 43.32 -4.40
C HIS C 66 -3.18 42.23 -5.42
N ASP C 67 -2.16 41.40 -5.15
CA ASP C 67 -1.82 40.28 -6.01
C ASP C 67 -2.53 39.03 -5.47
N ASP C 68 -3.49 38.53 -6.23
CA ASP C 68 -4.17 37.29 -5.88
C ASP C 68 -3.30 36.04 -5.91
N GLN C 69 -2.14 36.10 -6.57
CA GLN C 69 -1.20 34.99 -6.55
C GLN C 69 -0.17 35.07 -5.42
N ILE C 70 -0.29 36.06 -4.54
CA ILE C 70 0.48 36.08 -3.27
C ILE C 70 -0.49 35.69 -2.17
N ARG C 71 -0.27 34.53 -1.55
CA ARG C 71 -1.24 33.97 -0.59
C ARG C 71 -0.74 33.76 0.85
N ALA C 72 0.53 34.09 1.09
CA ALA C 72 1.11 34.10 2.41
C ALA C 72 2.35 34.98 2.36
N VAL C 73 2.67 35.55 3.52
CA VAL C 73 3.90 36.29 3.72
C VAL C 73 4.71 35.56 4.77
N LEU C 74 5.99 35.33 4.49
CA LEU C 74 6.96 34.88 5.48
C LEU C 74 7.89 36.05 5.81
N LEU C 75 7.89 36.46 7.07
CA LEU C 75 8.71 37.58 7.53
C LEU C 75 9.81 37.06 8.46
N THR C 76 11.07 37.40 8.17
CA THR C 76 12.17 37.07 9.07
C THR C 76 13.31 38.11 8.95
N ALA C 77 14.47 37.78 9.51
CA ALA C 77 15.61 38.70 9.46
C ALA C 77 16.91 37.94 9.38
N ASN C 78 17.93 38.58 8.82
CA ASN C 78 19.24 37.96 8.69
C ASN C 78 20.07 38.11 9.98
N GLY C 79 20.91 37.10 10.23
CA GLY C 79 21.84 37.13 11.35
C GLY C 79 21.21 36.69 12.65
N ASP C 80 21.76 37.21 13.75
CA ASP C 80 21.46 36.75 15.13
C ASP C 80 20.38 37.59 15.87
N THR C 81 19.84 38.61 15.22
CA THR C 81 18.85 39.50 15.80
C THR C 81 17.66 39.58 14.87
N PHE C 82 16.44 39.59 15.41
CA PHE C 82 15.25 39.84 14.58
C PHE C 82 15.20 41.36 14.30
N THR C 83 15.04 42.17 15.34
CA THR C 83 15.36 43.60 15.23
C THR C 83 15.59 44.19 16.60
N ALA C 84 16.57 45.08 16.66
CA ALA C 84 16.89 45.81 17.88
C ALA C 84 15.96 47.01 18.14
N GLY C 85 14.97 47.23 17.30
CA GLY C 85 13.99 48.31 17.51
C GLY C 85 14.21 49.45 16.53
N ASN C 86 13.69 50.62 16.87
CA ASN C 86 13.91 51.84 16.05
C ASN C 86 15.36 52.25 16.00
N ASP C 87 15.85 52.53 14.79
CA ASP C 87 17.16 53.19 14.57
C ASP C 87 17.09 54.56 15.29
N LEU C 88 17.98 54.80 16.24
CA LEU C 88 17.95 56.05 17.05
C LEU C 88 18.17 57.31 16.22
N ASP C 89 19.24 57.35 15.43
CA ASP C 89 19.57 58.52 14.58
C ASP C 89 18.38 58.89 13.70
N ASP C 90 17.90 57.91 12.96
CA ASP C 90 16.73 58.08 12.10
C ASP C 90 15.45 58.44 12.89
N PHE C 91 15.33 57.92 14.11
CA PHE C 91 14.23 58.23 15.05
C PHE C 91 14.07 59.73 15.29
N ILE C 92 15.18 60.42 15.53
CA ILE C 92 15.17 61.84 15.93
C ILE C 92 15.71 62.80 14.85
N ASN C 93 15.55 62.42 13.59
CA ASN C 93 15.95 63.25 12.46
C ASN C 93 15.00 64.44 12.39
N PRO C 94 15.52 65.69 12.51
CA PRO C 94 14.63 66.85 12.38
C PRO C 94 13.94 66.97 11.01
N VAL C 95 14.63 66.58 9.93
CA VAL C 95 14.07 66.64 8.58
C VAL C 95 12.85 65.72 8.46
N GLU C 96 11.67 66.32 8.37
CA GLU C 96 10.40 65.60 8.28
C GLU C 96 10.21 65.02 6.89
N GLU C 97 9.50 63.89 6.81
CA GLU C 97 9.25 63.19 5.54
C GLU C 97 8.26 63.90 4.63
N SER C 98 8.33 63.62 3.32
CA SER C 98 7.30 64.02 2.36
C SER C 98 6.16 63.01 2.43
N GLY C 99 4.92 63.50 2.48
CA GLY C 99 3.73 62.64 2.57
C GLY C 99 3.60 61.94 3.92
N THR C 100 2.98 60.77 3.92
CA THR C 100 2.71 60.00 5.15
C THR C 100 4.01 59.38 5.67
N PRO C 101 4.35 59.58 6.97
CA PRO C 101 5.58 58.98 7.52
C PRO C 101 5.61 57.47 7.33
N SER C 102 6.79 56.95 7.00
CA SER C 102 6.92 55.56 6.62
C SER C 102 6.47 54.63 7.73
N VAL C 103 6.77 54.97 8.98
CA VAL C 103 6.34 54.13 10.10
C VAL C 103 4.80 54.01 10.15
N ILE C 104 4.10 55.10 9.85
CA ILE C 104 2.65 55.09 9.85
C ILE C 104 2.09 54.22 8.70
N ARG C 105 2.69 54.34 7.51
CA ARG C 105 2.34 53.47 6.38
C ARG C 105 2.55 51.99 6.75
N PHE C 106 3.67 51.69 7.41
CA PHE C 106 3.95 50.32 7.83
C PHE C 106 2.92 49.80 8.82
N LEU C 107 2.59 50.60 9.83
CA LEU C 107 1.66 50.15 10.87
C LEU C 107 0.29 49.96 10.28
N LYS C 108 -0.11 50.84 9.37
CA LYS C 108 -1.37 50.66 8.68
C LYS C 108 -1.35 49.42 7.77
N ALA C 109 -0.28 49.23 7.00
CA ALA C 109 -0.19 48.09 6.09
C ALA C 109 -0.18 46.76 6.84
N ILE C 110 0.56 46.65 7.93
CA ILE C 110 0.60 45.36 8.66
C ILE C 110 -0.67 45.09 9.48
N SER C 111 -1.29 46.15 10.02
CA SER C 111 -2.48 46.00 10.84
C SER C 111 -3.68 45.67 9.99
N GLU C 112 -3.66 46.12 8.73
CA GLU C 112 -4.78 45.84 7.79
C GLU C 112 -4.48 44.78 6.71
N CYS C 113 -3.28 44.19 6.74
CA CYS C 113 -2.92 43.19 5.72
C CYS C 113 -3.95 42.06 5.70
N GLU C 114 -4.43 41.75 4.51
CA GLU C 114 -5.43 40.70 4.31
C GLU C 114 -4.78 39.33 4.14
N THR C 115 -3.49 39.33 3.85
CA THR C 115 -2.72 38.14 3.59
C THR C 115 -2.28 37.57 4.92
N PRO C 116 -2.32 36.23 5.06
CA PRO C 116 -1.78 35.62 6.29
C PRO C 116 -0.26 35.80 6.34
N ILE C 117 0.27 36.16 7.50
CA ILE C 117 1.69 36.39 7.73
C ILE C 117 2.24 35.38 8.72
N VAL C 118 3.26 34.66 8.31
CA VAL C 118 4.02 33.79 9.18
C VAL C 118 5.27 34.59 9.51
N VAL C 119 5.57 34.75 10.81
CA VAL C 119 6.79 35.43 11.25
C VAL C 119 7.69 34.46 12.04
N ALA C 120 8.96 34.41 11.65
CA ALA C 120 9.97 33.54 12.22
C ALA C 120 10.97 34.43 12.93
N VAL C 121 10.87 34.47 14.25
CA VAL C 121 11.70 35.38 15.08
C VAL C 121 13.02 34.64 15.38
N ASN C 122 14.11 35.11 14.76
CA ASN C 122 15.40 34.43 14.78
C ASN C 122 16.32 34.90 15.89
N GLY C 123 15.93 35.92 16.65
CA GLY C 123 16.78 36.46 17.74
C GLY C 123 16.06 37.54 18.53
N PRO C 124 16.77 38.36 19.29
CA PRO C 124 16.10 39.45 20.00
C PRO C 124 15.16 40.27 19.15
N ALA C 125 13.94 40.44 19.65
CA ALA C 125 12.89 41.26 19.05
C ALA C 125 12.55 42.31 20.07
N ILE C 126 13.00 43.52 19.82
CA ILE C 126 12.95 44.60 20.79
C ILE C 126 12.04 45.72 20.30
N GLY C 127 11.17 46.19 21.18
CA GLY C 127 10.34 47.38 20.91
C GLY C 127 9.34 47.10 19.79
N VAL C 128 9.54 47.78 18.67
CA VAL C 128 8.69 47.53 17.52
C VAL C 128 8.93 46.12 16.94
N GLY C 129 10.07 45.49 17.24
CA GLY C 129 10.25 44.08 16.91
C GLY C 129 9.27 43.16 17.63
N LEU C 130 8.93 43.50 18.87
CA LEU C 130 7.90 42.77 19.59
C LEU C 130 6.51 43.20 19.11
N THR C 131 6.23 44.50 19.07
CA THR C 131 4.83 44.92 18.81
C THR C 131 4.31 44.52 17.42
N MSE C 132 5.19 44.45 16.44
CA MSE C 132 4.79 44.02 15.07
C MSE C 132 4.28 42.60 15.02
O MSE C 132 3.46 42.28 14.15
CB MSE C 132 5.88 44.25 14.03
CG MSE C 132 7.01 43.22 13.98
SE MSE C 132 8.32 43.59 12.49
CE MSE C 132 8.66 45.48 12.78
N LEU C 133 4.72 41.76 15.96
CA LEU C 133 4.28 40.35 16.06
C LEU C 133 2.79 40.23 16.43
N LEU C 134 2.25 41.21 17.13
CA LEU C 134 0.83 41.24 17.48
C LEU C 134 -0.07 41.39 16.25
N HIS C 135 0.51 41.85 15.12
CA HIS C 135 -0.19 41.98 13.84
C HIS C 135 0.16 40.89 12.82
N CYS C 136 1.06 39.98 13.18
CA CYS C 136 1.29 38.75 12.44
C CYS C 136 0.33 37.69 12.91
N ASP C 137 0.16 36.66 12.08
CA ASP C 137 -0.79 35.57 12.37
C ASP C 137 -0.16 34.35 13.01
N MSE C 138 0.83 33.78 12.33
CA MSE C 138 1.55 32.62 12.83
C MSE C 138 2.84 33.15 13.39
O MSE C 138 3.65 33.73 12.62
CB MSE C 138 1.81 31.60 11.72
CG MSE C 138 0.75 30.52 11.59
SE MSE C 138 -1.02 31.23 11.03
CE MSE C 138 -0.64 31.60 9.14
N VAL C 139 3.06 32.97 14.69
CA VAL C 139 4.22 33.55 15.34
C VAL C 139 5.13 32.45 15.85
N TYR C 140 6.26 32.28 15.20
CA TYR C 140 7.20 31.20 15.56
C TYR C 140 8.56 31.81 15.88
N ALA C 141 9.39 31.08 16.62
CA ALA C 141 10.61 31.60 17.20
C ALA C 141 11.73 30.54 17.21
N SER C 142 12.97 31.01 17.18
CA SER C 142 14.12 30.12 17.42
C SER C 142 14.39 30.08 18.92
N LYS C 143 15.20 29.11 19.36
CA LYS C 143 15.58 28.99 20.78
C LYS C 143 16.37 30.19 21.29
N SER C 144 17.07 30.85 20.37
CA SER C 144 17.85 32.04 20.72
C SER C 144 17.01 33.34 20.69
N ALA C 145 15.72 33.25 20.35
CA ALA C 145 14.86 34.43 20.33
C ALA C 145 14.66 35.00 21.75
N ARG C 146 14.57 36.31 21.83
CA ARG C 146 14.30 37.01 23.07
C ARG C 146 13.29 38.11 22.72
N PHE C 147 12.57 38.61 23.71
CA PHE C 147 11.44 39.52 23.48
C PHE C 147 11.44 40.59 24.57
N ARG C 148 11.31 41.85 24.14
CA ARG C 148 11.27 42.95 25.07
C ARG C 148 10.53 44.16 24.49
N ALA C 149 9.78 44.85 25.33
CA ALA C 149 9.05 46.07 24.90
C ALA C 149 9.24 47.12 25.98
N PRO C 150 10.48 47.63 26.12
CA PRO C 150 10.83 48.47 27.24
C PRO C 150 10.51 49.95 27.02
N PHE C 151 9.24 50.26 26.77
CA PHE C 151 8.85 51.64 26.44
C PHE C 151 9.20 52.61 27.57
N THR C 152 8.96 52.17 28.81
CA THR C 152 9.23 52.95 30.02
C THR C 152 10.72 53.19 30.29
N HIS C 153 11.60 52.26 29.92
CA HIS C 153 13.05 52.50 30.09
C HIS C 153 13.57 53.63 29.20
N VAL C 154 12.90 53.91 28.09
CA VAL C 154 13.30 55.00 27.20
C VAL C 154 12.41 56.26 27.37
N GLY C 155 11.42 56.20 28.25
CA GLY C 155 10.56 57.36 28.54
C GLY C 155 9.42 57.57 27.56
N LEU C 156 9.05 56.52 26.85
CA LEU C 156 7.99 56.55 25.84
C LEU C 156 6.76 55.79 26.34
N VAL C 157 5.88 55.38 25.42
CA VAL C 157 4.65 54.65 25.76
C VAL C 157 4.44 53.58 24.70
N PRO C 158 3.54 52.60 24.95
CA PRO C 158 3.25 51.57 23.95
C PRO C 158 2.78 52.11 22.61
N GLU C 159 3.21 51.45 21.55
CA GLU C 159 2.80 51.82 20.21
C GLU C 159 2.21 50.60 19.46
N ALA C 160 1.77 50.86 18.23
CA ALA C 160 1.22 49.86 17.34
C ALA C 160 0.04 49.12 17.96
N ALA C 161 -0.69 49.83 18.82
CA ALA C 161 -1.85 49.33 19.57
C ALA C 161 -1.52 48.19 20.50
N SER C 162 -0.26 48.09 20.93
CA SER C 162 0.13 47.03 21.88
C SER C 162 -0.52 47.20 23.27
N SER C 163 -0.95 48.42 23.62
CA SER C 163 -1.63 48.66 24.90
C SER C 163 -2.99 47.93 24.91
N LEU C 164 -3.57 47.71 23.73
CA LEU C 164 -4.77 46.85 23.56
C LEU C 164 -4.43 45.38 23.27
N LEU C 165 -3.53 45.16 22.32
CA LEU C 165 -3.27 43.81 21.76
C LEU C 165 -2.39 42.91 22.63
N LEU C 166 -1.42 43.49 23.36
CA LEU C 166 -0.51 42.68 24.16
C LEU C 166 -1.26 41.97 25.31
N PRO C 167 -2.14 42.70 26.05
CA PRO C 167 -2.94 42.01 27.06
C PRO C 167 -3.90 40.98 26.48
N LEU C 168 -4.46 41.22 25.30
CA LEU C 168 -5.30 40.21 24.68
C LEU C 168 -4.49 38.95 24.35
N ALA C 169 -3.24 39.14 23.96
CA ALA C 169 -2.38 38.06 23.49
C ALA C 169 -1.84 37.20 24.64
N VAL C 170 -1.44 37.80 25.75
CA VAL C 170 -0.72 37.08 26.85
C VAL C 170 -1.34 37.28 28.26
N GLY C 171 -2.40 38.08 28.35
CA GLY C 171 -2.97 38.45 29.63
C GLY C 171 -2.35 39.70 30.23
N GLN C 172 -3.06 40.26 31.21
CA GLN C 172 -2.72 41.54 31.80
C GLN C 172 -1.38 41.43 32.57
N ALA C 173 -1.17 40.33 33.24
CA ALA C 173 -0.01 40.17 34.09
C ALA C 173 1.28 40.08 33.26
N TRP C 174 1.30 39.23 32.23
CA TRP C 174 2.44 39.21 31.32
C TRP C 174 2.64 40.54 30.61
N ALA C 175 1.55 41.10 30.09
CA ALA C 175 1.60 42.41 29.39
C ALA C 175 2.21 43.52 30.28
N ASN C 176 1.91 43.53 31.56
CA ASN C 176 2.48 44.57 32.39
C ASN C 176 3.92 44.28 32.74
N ASP C 177 4.27 42.99 32.91
CA ASP C 177 5.65 42.62 33.23
C ASP C 177 6.53 43.08 32.04
N LEU C 178 6.03 42.88 30.82
CA LEU C 178 6.70 43.42 29.62
C LEU C 178 6.74 44.98 29.54
N MSE C 179 5.58 45.61 29.53
CA MSE C 179 5.47 47.05 29.16
C MSE C 179 5.84 48.00 30.27
O MSE C 179 6.44 49.04 29.99
CB MSE C 179 4.10 47.41 28.60
CG MSE C 179 4.04 46.90 27.16
SE MSE C 179 2.32 47.16 26.25
CE MSE C 179 1.10 46.32 27.53
N LEU C 180 5.50 47.68 31.52
CA LEU C 180 5.85 48.57 32.62
C LEU C 180 7.23 48.25 33.22
N ALA C 181 7.49 46.97 33.50
CA ALA C 181 8.72 46.56 34.17
C ALA C 181 9.89 46.30 33.21
N GLY C 182 9.67 46.26 31.93
CA GLY C 182 10.77 46.04 30.98
C GLY C 182 11.39 44.65 30.96
N ARG C 183 10.60 43.63 31.31
CA ARG C 183 11.11 42.28 31.35
C ARG C 183 11.52 41.78 29.94
N ILE C 184 12.64 41.07 29.90
CA ILE C 184 13.11 40.34 28.74
C ILE C 184 12.67 38.87 28.87
N LEU C 185 11.94 38.38 27.87
CA LEU C 185 11.52 36.97 27.81
C LEU C 185 12.41 36.16 26.90
N ASP C 186 12.74 34.93 27.30
CA ASP C 186 13.33 33.96 26.35
C ASP C 186 12.23 33.26 25.56
N ALA C 187 12.63 32.41 24.61
CA ALA C 187 11.69 31.76 23.73
C ALA C 187 10.73 30.85 24.51
N ARG C 188 11.21 30.09 25.47
CA ARG C 188 10.34 29.20 26.21
C ARG C 188 9.29 29.96 27.05
N GLU C 189 9.67 31.08 27.64
CA GLU C 189 8.76 31.93 28.40
C GLU C 189 7.71 32.56 27.46
N ALA C 190 8.15 32.95 26.26
CA ALA C 190 7.21 33.51 25.27
C ALA C 190 6.17 32.46 24.84
N LEU C 191 6.63 31.22 24.71
CA LEU C 191 5.76 30.11 24.37
C LEU C 191 4.78 29.86 25.50
N SER C 192 5.27 29.76 26.74
CA SER C 192 4.39 29.50 27.86
C SER C 192 3.34 30.61 28.03
N ALA C 193 3.72 31.86 27.71
CA ALA C 193 2.76 32.96 27.78
C ALA C 193 1.81 33.03 26.58
N GLY C 194 2.13 32.33 25.51
CA GLY C 194 1.33 32.34 24.28
C GLY C 194 1.59 33.47 23.28
N LEU C 195 2.72 34.16 23.45
CA LEU C 195 3.13 35.19 22.52
C LEU C 195 3.64 34.55 21.22
N VAL C 196 4.34 33.41 21.36
CA VAL C 196 4.68 32.56 20.25
C VAL C 196 4.06 31.19 20.47
N THR C 197 3.86 30.41 19.39
CA THR C 197 3.26 29.08 19.51
C THR C 197 4.17 27.91 19.14
N ARG C 198 5.33 28.21 18.54
CA ARG C 198 6.37 27.21 18.20
C ARG C 198 7.78 27.74 18.41
N VAL C 199 8.66 26.89 18.91
CA VAL C 199 10.07 27.19 19.12
C VAL C 199 10.91 26.11 18.40
N PHE C 200 11.79 26.53 17.53
CA PHE C 200 12.60 25.63 16.74
C PHE C 200 14.07 25.84 17.05
N GLU C 201 14.89 24.82 16.89
CA GLU C 201 16.34 24.99 16.75
C GLU C 201 16.61 26.10 15.68
N ASP C 202 17.62 26.92 15.91
CA ASP C 202 17.95 28.05 15.06
C ASP C 202 18.12 27.68 13.59
N ASP C 203 18.78 26.54 13.36
CA ASP C 203 19.16 26.11 12.01
C ASP C 203 17.98 25.56 11.17
N VAL C 204 16.83 25.30 11.79
CA VAL C 204 15.63 24.85 11.04
C VAL C 204 14.45 25.85 11.09
N LEU C 205 14.54 26.90 11.90
CA LEU C 205 13.41 27.86 12.06
C LEU C 205 12.82 28.30 10.74
N VAL C 206 13.71 28.73 9.83
CA VAL C 206 13.31 29.34 8.57
C VAL C 206 12.67 28.33 7.61
N ALA C 207 13.36 27.22 7.38
CA ALA C 207 12.80 26.12 6.59
C ALA C 207 11.43 25.62 7.13
N GLU C 208 11.29 25.50 8.44
CA GLU C 208 10.01 25.01 9.04
C GLU C 208 8.92 26.07 8.96
N SER C 209 9.30 27.33 9.13
CA SER C 209 8.35 28.42 8.96
C SER C 209 7.90 28.56 7.49
N LEU C 210 8.82 28.39 6.54
CA LEU C 210 8.49 28.44 5.12
C LEU C 210 7.55 27.31 4.68
N LYS C 211 7.81 26.11 5.19
CA LYS C 211 6.92 24.98 4.93
C LYS C 211 5.48 25.29 5.35
N ILE C 212 5.30 25.92 6.51
CA ILE C 212 3.98 26.30 6.98
C ILE C 212 3.37 27.40 6.11
N ALA C 213 4.16 28.42 5.79
CA ALA C 213 3.69 29.47 4.89
C ALA C 213 3.25 28.94 3.52
N GLU C 214 4.02 28.01 2.96
CA GLU C 214 3.70 27.37 1.68
C GLU C 214 2.42 26.56 1.76
N GLN C 215 2.22 25.86 2.89
CA GLN C 215 0.99 25.10 3.08
C GLN C 215 -0.22 26.03 3.09
N VAL C 216 -0.11 27.15 3.81
CA VAL C 216 -1.24 28.09 3.88
C VAL C 216 -1.53 28.70 2.52
N ALA C 217 -0.47 29.07 1.80
CA ALA C 217 -0.56 29.59 0.46
C ALA C 217 -1.19 28.61 -0.56
N SER C 218 -1.18 27.30 -0.26
CA SER C 218 -1.80 26.28 -1.13
C SER C 218 -3.28 25.99 -0.80
N LEU C 219 -3.81 26.62 0.26
CA LEU C 219 -5.18 26.38 0.65
C LEU C 219 -6.11 27.28 -0.15
N ALA C 220 -7.41 26.99 -0.11
CA ALA C 220 -8.43 27.80 -0.78
C ALA C 220 -8.26 29.27 -0.39
N PRO C 221 -7.96 30.16 -1.37
CA PRO C 221 -7.57 31.52 -1.01
C PRO C 221 -8.65 32.36 -0.33
N ASN C 222 -9.90 32.30 -0.79
CA ASN C 222 -11.02 33.03 -0.17
C ASN C 222 -11.36 32.48 1.21
N SER C 223 -11.27 31.15 1.39
CA SER C 223 -11.41 30.56 2.71
C SER C 223 -10.44 31.21 3.72
N VAL C 224 -9.18 31.29 3.33
CA VAL C 224 -8.14 31.83 4.21
C VAL C 224 -8.35 33.32 4.43
N LYS C 225 -8.51 34.09 3.36
CA LYS C 225 -8.72 35.53 3.46
C LYS C 225 -9.94 35.88 4.34
N GLN C 226 -11.08 35.22 4.11
CA GLN C 226 -12.30 35.47 4.91
C GLN C 226 -12.16 35.04 6.37
N SER C 227 -11.40 33.98 6.58
CA SER C 227 -11.21 33.48 7.93
C SER C 227 -10.42 34.49 8.70
N LYS C 228 -9.36 34.98 8.10
CA LYS C 228 -8.57 36.04 8.76
C LYS C 228 -9.41 37.29 8.96
N ARG C 229 -10.21 37.65 7.96
CA ARG C 229 -11.08 38.85 8.09
C ARG C 229 -12.01 38.74 9.32
N LEU C 230 -12.67 37.59 9.48
CA LEU C 230 -13.54 37.34 10.64
C LEU C 230 -12.77 37.46 11.96
N ILE C 231 -11.57 36.89 12.01
CA ILE C 231 -10.79 36.92 13.22
C ILE C 231 -10.36 38.37 13.56
N ARG C 232 -9.80 39.06 12.56
CA ARG C 232 -9.30 40.42 12.77
C ARG C 232 -10.44 41.44 12.88
N GLY C 233 -11.60 41.12 12.31
CA GLY C 233 -12.75 42.03 12.36
C GLY C 233 -13.27 42.36 13.76
N VAL C 234 -13.00 41.51 14.73
CA VAL C 234 -13.49 41.75 16.08
C VAL C 234 -12.89 43.04 16.68
N ASN C 235 -11.58 43.24 16.55
CA ASN C 235 -10.94 44.42 17.11
C ASN C 235 -10.43 45.45 16.08
N LYS C 236 -10.78 45.27 14.82
CA LYS C 236 -10.24 46.08 13.74
C LYS C 236 -10.32 47.58 14.02
N GLU C 237 -11.52 48.06 14.35
CA GLU C 237 -11.75 49.50 14.59
C GLU C 237 -11.04 49.99 15.85
N GLU C 238 -11.09 49.22 16.94
CA GLU C 238 -10.41 49.61 18.18
C GLU C 238 -8.89 49.63 17.98
N VAL C 239 -8.34 48.76 17.14
CA VAL C 239 -6.88 48.77 16.87
C VAL C 239 -6.47 50.10 16.27
N GLN C 240 -7.21 50.57 15.25
CA GLN C 240 -6.91 51.88 14.63
C GLN C 240 -7.10 53.03 15.65
N ALA C 241 -8.20 53.02 16.41
CA ALA C 241 -8.44 54.07 17.43
C ALA C 241 -7.35 54.08 18.50
N GLN C 242 -6.91 52.91 18.96
CA GLN C 242 -5.87 52.82 19.98
C GLN C 242 -4.54 53.36 19.47
N MSE C 243 -4.21 53.11 18.21
CA MSE C 243 -2.97 53.69 17.64
C MSE C 243 -3.00 55.19 17.65
O MSE C 243 -1.98 55.81 17.92
CB MSE C 243 -2.62 53.22 16.23
CG MSE C 243 -1.84 51.90 16.31
SE MSE C 243 -1.54 51.30 14.47
CE MSE C 243 -1.64 49.30 14.73
N LYS C 244 -4.17 55.80 17.39
CA LYS C 244 -4.29 57.25 17.49
C LYS C 244 -4.17 57.73 18.94
N ARG C 245 -4.82 57.07 19.89
CA ARG C 245 -4.71 57.48 21.31
C ARG C 245 -3.24 57.40 21.78
N GLU C 246 -2.58 56.27 21.47
CA GLU C 246 -1.18 56.08 21.87
C GLU C 246 -0.32 57.15 21.23
N GLY C 247 -0.60 57.44 19.96
CA GLY C 247 0.22 58.32 19.12
C GLY C 247 0.36 59.71 19.66
N VAL C 248 -0.75 60.26 20.18
CA VAL C 248 -0.74 61.61 20.75
C VAL C 248 0.18 61.67 21.98
N ILE C 249 0.03 60.70 22.87
CA ILE C 249 0.86 60.64 24.08
C ILE C 249 2.31 60.34 23.74
N PHE C 250 2.52 59.48 22.75
CA PHE C 250 3.87 59.13 22.30
C PHE C 250 4.64 60.33 21.80
N ALA C 251 4.00 61.09 20.90
CA ALA C 251 4.63 62.29 20.32
C ALA C 251 5.04 63.27 21.42
N GLU C 252 4.14 63.46 22.38
CA GLU C 252 4.39 64.32 23.54
C GLU C 252 5.60 63.81 24.37
N GLN C 253 5.65 62.52 24.69
CA GLN C 253 6.82 61.96 25.39
C GLN C 253 8.13 62.07 24.60
N LEU C 254 8.07 61.82 23.28
CA LEU C 254 9.26 61.91 22.41
C LEU C 254 9.95 63.29 22.39
N ALA C 255 9.13 64.33 22.51
CA ALA C 255 9.57 65.73 22.56
C ALA C 255 9.80 66.26 23.98
N SER C 256 9.68 65.41 25.02
CA SER C 256 9.75 65.85 26.40
C SER C 256 11.13 65.66 26.99
N ALA C 257 11.38 66.33 28.12
CA ALA C 257 12.62 66.16 28.89
C ALA C 257 12.85 64.72 29.38
N GLU C 258 11.77 64.00 29.66
CA GLU C 258 11.86 62.61 30.12
C GLU C 258 12.52 61.68 29.12
N PHE C 259 12.20 61.86 27.84
CA PHE C 259 12.85 61.08 26.78
C PHE C 259 14.33 61.46 26.66
N LYS C 260 14.60 62.77 26.59
CA LYS C 260 15.97 63.28 26.46
C LYS C 260 16.86 62.68 27.55
N GLU C 261 16.38 62.75 28.79
CA GLU C 261 17.10 62.30 29.98
C GLU C 261 17.28 60.78 30.03
N SER C 262 16.26 60.02 29.63
CA SER C 262 16.38 58.56 29.61
C SER C 262 17.50 58.17 28.66
N VAL C 263 17.48 58.78 27.48
CA VAL C 263 18.46 58.47 26.44
C VAL C 263 19.87 58.99 26.80
N ALA C 264 19.95 60.24 27.26
CA ALA C 264 21.22 60.84 27.66
C ALA C 264 21.90 60.04 28.78
N ALA C 265 21.10 59.60 29.76
CA ALA C 265 21.59 58.79 30.88
C ALA C 265 22.33 57.54 30.40
N PHE C 266 21.74 56.83 29.43
CA PHE C 266 22.41 55.65 28.92
C PHE C 266 23.77 56.00 28.27
N PHE C 267 23.78 57.00 27.38
CA PHE C 267 25.02 57.40 26.67
C PHE C 267 26.06 58.04 27.57
N GLU C 268 25.63 58.66 28.66
CA GLU C 268 26.55 59.28 29.63
C GLU C 268 26.97 58.32 30.75
N LYS C 269 26.54 57.06 30.66
CA LYS C 269 26.90 55.98 31.59
C LYS C 269 26.62 56.36 33.06
N ARG C 270 25.40 56.83 33.28
CA ARG C 270 24.94 57.26 34.61
C ARG C 270 23.49 56.88 34.82
N ALA C 271 23.06 56.98 36.08
CA ALA C 271 21.67 56.74 36.44
C ALA C 271 20.85 57.97 36.02
N PRO C 272 19.68 57.75 35.35
CA PRO C 272 18.81 58.87 35.06
C PRO C 272 18.22 59.50 36.33
N HIS C 273 17.98 60.81 36.27
CA HIS C 273 17.38 61.53 37.38
C HIS C 273 16.13 62.23 36.89
N PHE C 274 15.01 61.95 37.55
CA PHE C 274 13.73 62.59 37.27
C PHE C 274 13.29 63.23 38.58
N ALA C 275 13.25 64.56 38.61
CA ALA C 275 12.94 65.30 39.84
C ALA C 275 11.50 65.01 40.32
N LYS D 25 5.02 2.66 -64.51
CA LYS D 25 3.65 3.17 -64.07
C LYS D 25 3.37 2.86 -62.58
N SER D 26 2.65 3.76 -61.93
CA SER D 26 2.29 3.65 -60.52
C SER D 26 1.11 2.66 -60.25
N LEU D 27 0.33 2.36 -61.29
CA LEU D 27 -0.70 1.33 -61.26
C LEU D 27 -0.53 0.39 -62.46
N ASN D 28 -0.12 -0.86 -62.21
CA ASN D 28 -0.02 -1.86 -63.30
C ASN D 28 -1.43 -2.44 -63.50
N VAL D 29 -1.79 -2.61 -64.77
CA VAL D 29 -3.11 -3.00 -65.18
C VAL D 29 -2.96 -4.11 -66.20
N SER D 30 -3.70 -5.20 -66.03
CA SER D 30 -3.86 -6.20 -67.09
C SER D 30 -5.29 -6.69 -67.08
N LEU D 31 -5.72 -7.24 -68.21
CA LEU D 31 -7.05 -7.76 -68.43
C LEU D 31 -6.97 -9.11 -69.12
N ASN D 32 -7.40 -10.16 -68.42
CA ASN D 32 -7.38 -11.53 -68.90
C ASN D 32 -8.50 -12.31 -68.20
N ASN D 33 -9.15 -13.19 -68.95
CA ASN D 33 -10.21 -14.04 -68.43
C ASN D 33 -11.33 -13.23 -67.80
N ARG D 34 -11.55 -12.03 -68.34
CA ARG D 34 -12.51 -11.05 -67.85
C ARG D 34 -12.29 -10.52 -66.45
N VAL D 35 -11.06 -10.68 -65.95
CA VAL D 35 -10.63 -10.04 -64.70
C VAL D 35 -9.67 -8.87 -64.99
N LEU D 36 -10.04 -7.69 -64.50
CA LEU D 36 -9.16 -6.52 -64.55
C LEU D 36 -8.26 -6.55 -63.32
N SER D 37 -6.97 -6.86 -63.50
CA SER D 37 -6.01 -6.92 -62.38
C SER D 37 -5.38 -5.55 -62.18
N LEU D 38 -5.48 -4.99 -60.99
CA LEU D 38 -4.93 -3.68 -60.66
C LEU D 38 -3.90 -3.85 -59.59
N THR D 39 -2.67 -3.51 -59.88
CA THR D 39 -1.58 -3.70 -58.93
C THR D 39 -0.94 -2.38 -58.61
N ILE D 40 -1.07 -1.94 -57.36
CA ILE D 40 -0.45 -0.70 -56.92
C ILE D 40 1.07 -0.87 -56.89
N ASN D 41 1.77 0.08 -57.50
CA ASN D 41 3.17 -0.08 -57.80
C ASN D 41 3.99 1.20 -57.55
N ARG D 42 4.15 1.56 -56.28
CA ARG D 42 5.15 2.54 -55.87
C ARG D 42 5.95 1.95 -54.71
N PRO D 43 6.53 0.75 -54.89
CA PRO D 43 7.23 0.10 -53.77
C PRO D 43 8.34 0.98 -53.12
N GLU D 44 8.93 1.89 -53.89
CA GLU D 44 9.88 2.88 -53.36
C GLU D 44 9.31 3.74 -52.22
N LEU D 45 8.02 4.11 -52.31
CA LEU D 45 7.35 4.84 -51.22
C LEU D 45 6.35 3.98 -50.43
N LYS D 46 6.60 2.67 -50.34
CA LYS D 46 5.70 1.73 -49.67
C LYS D 46 4.26 1.86 -50.16
N ASN D 47 4.11 2.05 -51.47
CA ASN D 47 2.78 2.10 -52.10
C ASN D 47 1.86 3.18 -51.53
N ALA D 48 2.45 4.30 -51.14
CA ALA D 48 1.70 5.45 -50.66
C ALA D 48 0.85 6.02 -51.79
N LEU D 49 -0.38 6.40 -51.47
CA LEU D 49 -1.34 6.87 -52.47
C LEU D 49 -1.20 8.37 -52.68
N ASN D 50 -0.97 8.75 -53.92
CA ASN D 50 -0.91 10.15 -54.32
C ASN D 50 -2.03 10.43 -55.32
N ARG D 51 -2.09 11.67 -55.82
CA ARG D 51 -3.11 12.12 -56.80
C ARG D 51 -3.16 11.25 -58.03
N GLU D 52 -2.01 11.00 -58.62
CA GLU D 52 -1.89 10.20 -59.85
C GLU D 52 -2.46 8.79 -59.66
N LEU D 53 -2.16 8.17 -58.54
CA LEU D 53 -2.59 6.80 -58.26
C LEU D 53 -4.10 6.72 -58.01
N TYR D 54 -4.62 7.66 -57.23
CA TYR D 54 -6.06 7.80 -57.03
C TYR D 54 -6.82 7.95 -58.36
N ALA D 55 -6.29 8.81 -59.24
CA ALA D 55 -6.88 9.08 -60.55
C ALA D 55 -6.90 7.83 -61.39
N ALA D 56 -5.76 7.12 -61.40
CA ALA D 56 -5.65 5.88 -62.14
C ALA D 56 -6.57 4.76 -61.59
N LEU D 57 -6.70 4.64 -60.26
CA LEU D 57 -7.62 3.66 -59.69
C LEU D 57 -9.05 4.01 -60.07
N ALA D 58 -9.40 5.29 -59.94
CA ALA D 58 -10.73 5.76 -60.34
C ALA D 58 -11.02 5.43 -61.81
N ASP D 59 -10.07 5.74 -62.69
CA ASP D 59 -10.21 5.44 -64.14
C ASP D 59 -10.53 3.97 -64.39
N GLU D 60 -9.78 3.08 -63.73
CA GLU D 60 -9.94 1.65 -64.00
C GLU D 60 -11.24 1.08 -63.42
N LEU D 61 -11.63 1.54 -62.24
CA LEU D 61 -12.88 1.07 -61.63
C LEU D 61 -14.08 1.54 -62.45
N GLU D 62 -14.03 2.78 -62.95
CA GLU D 62 -15.08 3.29 -63.85
C GLU D 62 -15.15 2.47 -65.15
N ARG D 63 -13.99 2.11 -65.69
CA ARG D 63 -13.93 1.26 -66.87
C ARG D 63 -14.63 -0.07 -66.61
N SER D 64 -14.36 -0.66 -65.45
CA SER D 64 -14.99 -1.96 -65.09
C SER D 64 -16.53 -1.92 -65.18
N ASN D 65 -17.14 -0.79 -64.78
CA ASN D 65 -18.62 -0.66 -64.81
C ASN D 65 -19.19 -0.64 -66.19
N HIS D 66 -18.46 -0.01 -67.12
CA HIS D 66 -18.97 0.24 -68.48
C HIS D 66 -18.64 -0.83 -69.50
N ASP D 67 -17.61 -1.65 -69.23
CA ASP D 67 -17.25 -2.76 -70.10
C ASP D 67 -17.97 -4.02 -69.57
N ASP D 68 -18.91 -4.53 -70.35
CA ASP D 68 -19.60 -5.76 -70.02
C ASP D 68 -18.72 -7.01 -70.03
N GLN D 69 -17.55 -6.95 -70.68
CA GLN D 69 -16.62 -8.06 -70.65
C GLN D 69 -15.60 -7.97 -69.52
N ILE D 70 -15.71 -6.98 -68.63
CA ILE D 70 -14.94 -6.97 -67.37
C ILE D 70 -15.92 -7.36 -66.28
N ARG D 71 -15.71 -8.52 -65.65
CA ARG D 71 -16.68 -9.08 -64.69
C ARG D 71 -16.18 -9.27 -63.24
N ALA D 72 -14.92 -8.92 -63.01
CA ALA D 72 -14.34 -8.92 -61.69
C ALA D 72 -13.10 -8.02 -61.74
N VAL D 73 -12.79 -7.46 -60.57
CA VAL D 73 -11.56 -6.71 -60.37
C VAL D 73 -10.76 -7.45 -59.32
N LEU D 74 -9.48 -7.68 -59.60
CA LEU D 74 -8.50 -8.12 -58.60
C LEU D 74 -7.59 -6.95 -58.27
N LEU D 75 -7.59 -6.54 -57.00
CA LEU D 75 -6.76 -5.43 -56.55
C LEU D 75 -5.65 -5.95 -55.62
N THR D 76 -4.41 -5.61 -55.91
CA THR D 76 -3.31 -5.92 -54.99
C THR D 76 -2.17 -4.88 -55.11
N ALA D 77 -1.01 -5.19 -54.53
CA ALA D 77 0.12 -4.29 -54.59
C ALA D 77 1.43 -5.03 -54.66
N ASN D 78 2.44 -4.39 -55.22
CA ASN D 78 3.76 -5.02 -55.34
C ASN D 78 4.58 -4.84 -54.06
N GLY D 79 5.43 -5.85 -53.79
CA GLY D 79 6.37 -5.80 -52.68
C GLY D 79 5.73 -6.24 -51.37
N ASP D 80 6.27 -5.71 -50.27
CA ASP D 80 5.97 -6.18 -48.91
C ASP D 80 4.89 -5.37 -48.16
N THR D 81 4.35 -4.35 -48.81
CA THR D 81 3.34 -3.47 -48.24
C THR D 81 2.15 -3.40 -49.18
N PHE D 82 0.94 -3.37 -48.65
CA PHE D 82 -0.25 -3.13 -49.48
C PHE D 82 -0.29 -1.62 -49.76
N THR D 83 -0.47 -0.81 -48.74
CA THR D 83 -0.15 0.62 -48.83
C THR D 83 0.08 1.22 -47.46
N ALA D 84 1.05 2.10 -47.39
CA ALA D 84 1.36 2.84 -46.17
C ALA D 84 0.44 4.04 -45.93
N GLY D 85 -0.56 4.26 -46.77
CA GLY D 85 -1.54 5.34 -46.58
C GLY D 85 -1.33 6.47 -47.55
N ASN D 86 -1.84 7.64 -47.21
CA ASN D 86 -1.63 8.85 -48.02
C ASN D 86 -0.17 9.27 -48.08
N ASP D 87 0.32 9.55 -49.27
CA ASP D 87 1.62 10.21 -49.49
C ASP D 87 1.55 11.57 -48.79
N LEU D 88 2.45 11.83 -47.82
CA LEU D 88 2.41 13.06 -47.02
C LEU D 88 2.63 14.33 -47.85
N ASP D 89 3.71 14.36 -48.64
CA ASP D 89 4.02 15.54 -49.49
C ASP D 89 2.83 15.92 -50.37
N ASP D 90 2.36 14.93 -51.11
CA ASP D 90 1.19 15.10 -51.97
C ASP D 90 -0.09 15.45 -51.18
N PHE D 91 -0.21 14.93 -49.96
CA PHE D 91 -1.31 15.25 -49.02
C PHE D 91 -1.48 16.75 -48.78
N ILE D 92 -0.36 17.43 -48.54
CA ILE D 92 -0.37 18.86 -48.14
C ILE D 92 0.16 19.81 -49.23
N ASN D 93 0.01 19.43 -50.49
CA ASN D 93 0.40 20.26 -51.62
C ASN D 93 -0.57 21.45 -51.68
N PRO D 94 -0.06 22.70 -51.56
CA PRO D 94 -0.96 23.85 -51.69
C PRO D 94 -1.65 23.98 -53.05
N VAL D 95 -0.96 23.60 -54.14
CA VAL D 95 -1.52 23.65 -55.49
C VAL D 95 -2.73 22.72 -55.61
N GLU D 96 -3.92 23.32 -55.70
CA GLU D 96 -5.19 22.61 -55.79
C GLU D 96 -5.38 22.01 -57.19
N GLU D 97 -6.08 20.89 -57.26
CA GLU D 97 -6.32 20.18 -58.53
C GLU D 97 -7.31 20.88 -59.46
N SER D 98 -7.21 20.58 -60.75
CA SER D 98 -8.23 20.97 -61.74
C SER D 98 -9.37 19.96 -61.68
N GLY D 99 -10.61 20.46 -61.64
CA GLY D 99 -11.80 19.60 -61.55
C GLY D 99 -11.97 18.92 -60.20
N THR D 100 -12.58 17.74 -60.20
CA THR D 100 -12.84 16.97 -58.97
C THR D 100 -11.53 16.36 -58.45
N PRO D 101 -11.21 16.57 -57.15
CA PRO D 101 -9.98 15.96 -56.60
C PRO D 101 -9.94 14.46 -56.79
N SER D 102 -8.76 13.95 -57.12
CA SER D 102 -8.62 12.55 -57.50
C SER D 102 -9.05 11.62 -56.38
N VAL D 103 -8.77 11.98 -55.13
CA VAL D 103 -9.20 11.14 -54.00
C VAL D 103 -10.73 11.01 -53.96
N ILE D 104 -11.43 12.10 -54.27
CA ILE D 104 -12.89 12.09 -54.29
C ILE D 104 -13.44 11.21 -55.42
N ARG D 105 -12.84 11.32 -56.61
CA ARG D 105 -13.18 10.44 -57.75
C ARG D 105 -12.97 8.99 -57.36
N PHE D 106 -11.85 8.68 -56.69
CA PHE D 106 -11.57 7.31 -56.27
C PHE D 106 -12.60 6.79 -55.26
N LEU D 107 -12.94 7.60 -54.26
CA LEU D 107 -13.86 7.16 -53.23
C LEU D 107 -15.24 6.96 -53.82
N LYS D 108 -15.63 7.83 -54.74
CA LYS D 108 -16.89 7.64 -55.44
C LYS D 108 -16.86 6.40 -56.35
N ALA D 109 -15.78 6.21 -57.10
CA ALA D 109 -15.69 5.07 -58.00
C ALA D 109 -15.67 3.75 -57.26
N ILE D 110 -14.93 3.65 -56.15
CA ILE D 110 -14.91 2.35 -55.42
C ILE D 110 -16.18 2.09 -54.60
N SER D 111 -16.81 3.14 -54.08
CA SER D 111 -18.00 3.00 -53.27
C SER D 111 -19.19 2.66 -54.14
N GLU D 112 -19.17 3.10 -55.38
CA GLU D 112 -20.27 2.82 -56.34
C GLU D 112 -19.95 1.77 -57.43
N CYS D 113 -18.75 1.18 -57.37
CA CYS D 113 -18.38 0.16 -58.37
C CYS D 113 -19.42 -0.96 -58.39
N GLU D 114 -19.90 -1.29 -59.57
CA GLU D 114 -20.90 -2.34 -59.77
C GLU D 114 -20.24 -3.71 -59.93
N THR D 115 -18.97 -3.70 -60.23
CA THR D 115 -18.20 -4.90 -60.51
C THR D 115 -17.75 -5.48 -59.16
N PRO D 116 -17.80 -6.82 -59.03
CA PRO D 116 -17.25 -7.40 -57.81
C PRO D 116 -15.73 -7.23 -57.76
N ILE D 117 -15.20 -6.87 -56.59
CA ILE D 117 -13.78 -6.61 -56.37
C ILE D 117 -13.23 -7.62 -55.37
N VAL D 118 -12.20 -8.35 -55.78
CA VAL D 118 -11.45 -9.23 -54.91
C VAL D 118 -10.21 -8.42 -54.58
N VAL D 119 -9.91 -8.24 -53.28
CA VAL D 119 -8.69 -7.57 -52.85
C VAL D 119 -7.80 -8.54 -52.05
N ALA D 120 -6.53 -8.59 -52.43
CA ALA D 120 -5.52 -9.44 -51.85
C ALA D 120 -4.51 -8.56 -51.14
N VAL D 121 -4.62 -8.50 -49.82
CA VAL D 121 -3.79 -7.61 -48.99
C VAL D 121 -2.47 -8.34 -48.68
N ASN D 122 -1.39 -7.87 -49.30
CA ASN D 122 -0.09 -8.54 -49.28
C ASN D 122 0.82 -8.07 -48.16
N GLY D 123 0.42 -7.05 -47.40
CA GLY D 123 1.27 -6.51 -46.32
C GLY D 123 0.54 -5.42 -45.53
N PRO D 124 1.26 -4.60 -44.77
CA PRO D 124 0.60 -3.52 -44.06
C PRO D 124 -0.35 -2.70 -44.91
N ALA D 125 -1.57 -2.53 -44.40
CA ALA D 125 -2.63 -1.71 -45.01
C ALA D 125 -2.98 -0.66 -44.01
N ILE D 126 -2.52 0.55 -44.25
CA ILE D 126 -2.56 1.63 -43.27
C ILE D 126 -3.47 2.75 -43.79
N GLY D 127 -4.36 3.23 -42.90
CA GLY D 127 -5.19 4.39 -43.17
C GLY D 127 -6.17 4.12 -44.30
N VAL D 128 -5.97 4.79 -45.43
CA VAL D 128 -6.83 4.54 -46.58
C VAL D 128 -6.58 3.13 -47.16
N GLY D 129 -5.44 2.52 -46.85
CA GLY D 129 -5.25 1.10 -47.18
C GLY D 129 -6.24 0.18 -46.46
N LEU D 130 -6.60 0.52 -45.22
CA LEU D 130 -7.61 -0.21 -44.50
C LEU D 130 -9.01 0.23 -44.97
N THR D 131 -9.29 1.52 -45.03
CA THR D 131 -10.68 1.93 -45.28
C THR D 131 -11.22 1.53 -46.66
N MSE D 132 -10.33 1.46 -47.65
CA MSE D 132 -10.74 1.04 -49.02
C MSE D 132 -11.25 -0.39 -49.07
O MSE D 132 -12.07 -0.71 -49.92
CB MSE D 132 -9.65 1.24 -50.04
CG MSE D 132 -8.51 0.21 -50.10
SE MSE D 132 -7.24 0.58 -51.60
CE MSE D 132 -6.85 2.48 -51.32
N LEU D 133 -10.80 -1.23 -48.11
CA LEU D 133 -11.24 -2.64 -48.01
C LEU D 133 -12.72 -2.77 -47.65
N LEU D 134 -13.26 -1.77 -46.96
CA LEU D 134 -14.68 -1.76 -46.60
C LEU D 134 -15.58 -1.62 -47.84
N HIS D 135 -15.00 -1.16 -48.95
CA HIS D 135 -15.71 -1.01 -50.24
C HIS D 135 -15.34 -2.12 -51.26
N CYS D 136 -14.44 -3.02 -50.89
CA CYS D 136 -14.20 -4.24 -51.63
C CYS D 136 -15.15 -5.32 -51.18
N ASP D 137 -15.31 -6.35 -52.01
CA ASP D 137 -16.27 -7.43 -51.72
C ASP D 137 -15.63 -8.66 -51.07
N MSE D 138 -14.65 -9.22 -51.76
CA MSE D 138 -13.93 -10.40 -51.26
C MSE D 138 -12.64 -9.86 -50.71
O MSE D 138 -11.83 -9.29 -51.46
CB MSE D 138 -13.66 -11.43 -52.36
CG MSE D 138 -14.75 -12.51 -52.44
SE MSE D 138 -16.51 -11.79 -53.04
CE MSE D 138 -16.12 -11.42 -54.93
N VAL D 139 -12.41 -10.05 -49.40
CA VAL D 139 -11.26 -9.45 -48.73
C VAL D 139 -10.36 -10.56 -48.23
N TYR D 140 -9.21 -10.72 -48.90
CA TYR D 140 -8.28 -11.79 -48.53
C TYR D 140 -6.93 -11.17 -48.20
N ALA D 141 -6.10 -11.90 -47.44
CA ALA D 141 -4.88 -11.38 -46.86
C ALA D 141 -3.77 -12.42 -46.85
N SER D 142 -2.52 -11.97 -46.88
CA SER D 142 -1.37 -12.84 -46.64
C SER D 142 -1.10 -12.88 -45.13
N LYS D 143 -0.30 -13.86 -44.69
CA LYS D 143 0.08 -13.97 -43.27
C LYS D 143 0.87 -12.76 -42.76
N SER D 144 1.57 -12.10 -43.67
CA SER D 144 2.35 -10.92 -43.34
C SER D 144 1.50 -9.62 -43.37
N ALA D 145 0.22 -9.71 -43.72
CA ALA D 145 -0.65 -8.54 -43.72
C ALA D 145 -0.86 -7.97 -42.31
N ARG D 146 -0.95 -6.65 -42.23
CA ARG D 146 -1.22 -5.93 -40.99
C ARG D 146 -2.24 -4.85 -41.35
N PHE D 147 -2.97 -4.35 -40.36
CA PHE D 147 -4.09 -3.45 -40.59
C PHE D 147 -4.11 -2.37 -39.51
N ARG D 148 -4.22 -1.11 -39.94
CA ARG D 148 -4.27 0.00 -39.01
C ARG D 148 -5.00 1.20 -39.60
N ALA D 149 -5.76 1.90 -38.77
CA ALA D 149 -6.48 3.11 -39.19
C ALA D 149 -6.30 4.15 -38.12
N PRO D 150 -5.08 4.69 -38.01
CA PRO D 150 -4.71 5.52 -36.88
C PRO D 150 -5.04 6.99 -37.07
N PHE D 151 -6.31 7.30 -37.32
CA PHE D 151 -6.70 8.70 -37.65
C PHE D 151 -6.34 9.65 -36.52
N THR D 152 -6.58 9.21 -35.28
CA THR D 152 -6.30 9.98 -34.07
C THR D 152 -4.82 10.22 -33.80
N HIS D 153 -3.94 9.29 -34.18
CA HIS D 153 -2.49 9.54 -34.01
C HIS D 153 -1.96 10.67 -34.89
N VAL D 154 -2.64 10.94 -36.01
CA VAL D 154 -2.25 12.03 -36.89
C VAL D 154 -3.13 13.29 -36.73
N GLY D 155 -4.12 13.23 -35.85
CA GLY D 155 -4.99 14.39 -35.55
C GLY D 155 -6.12 14.60 -36.54
N LEU D 156 -6.49 13.55 -37.24
CA LEU D 156 -7.55 13.60 -38.24
C LEU D 156 -8.79 12.82 -37.75
N VAL D 157 -9.67 12.42 -38.67
CA VAL D 157 -10.90 11.69 -38.34
C VAL D 157 -11.10 10.63 -39.41
N PRO D 158 -12.00 9.64 -39.16
CA PRO D 158 -12.28 8.61 -40.17
C PRO D 158 -12.75 9.14 -41.51
N GLU D 159 -12.31 8.49 -42.57
CA GLU D 159 -12.72 8.86 -43.91
C GLU D 159 -13.30 7.63 -44.66
N ALA D 160 -13.75 7.88 -45.89
CA ALA D 160 -14.29 6.89 -46.79
C ALA D 160 -15.47 6.15 -46.15
N ALA D 161 -16.20 6.86 -45.30
CA ALA D 161 -17.36 6.35 -44.57
C ALA D 161 -17.04 5.21 -43.62
N SER D 162 -15.79 5.11 -43.19
CA SER D 162 -15.40 4.05 -42.24
C SER D 162 -16.05 4.24 -40.85
N SER D 163 -16.49 5.44 -40.51
CA SER D 163 -17.17 5.69 -39.23
C SER D 163 -18.52 4.96 -39.21
N LEU D 164 -19.10 4.73 -40.39
CA LEU D 164 -20.30 3.89 -40.55
C LEU D 164 -19.95 2.41 -40.84
N LEU D 165 -19.05 2.18 -41.79
CA LEU D 165 -18.78 0.85 -42.34
C LEU D 165 -17.91 -0.05 -41.47
N LEU D 166 -16.95 0.53 -40.74
CA LEU D 166 -16.04 -0.29 -39.93
C LEU D 166 -16.79 -0.99 -38.78
N PRO D 167 -17.68 -0.27 -38.05
CA PRO D 167 -18.47 -0.96 -37.04
C PRO D 167 -19.42 -2.00 -37.63
N LEU D 168 -19.99 -1.76 -38.81
CA LEU D 168 -20.81 -2.77 -39.44
C LEU D 168 -20.00 -4.01 -39.76
N ALA D 169 -18.74 -3.83 -40.14
CA ALA D 169 -17.90 -4.91 -40.62
C ALA D 169 -17.36 -5.77 -39.46
N VAL D 170 -16.96 -5.16 -38.34
CA VAL D 170 -16.25 -5.89 -37.25
C VAL D 170 -16.85 -5.67 -35.84
N GLY D 171 -17.91 -4.89 -35.74
CA GLY D 171 -18.49 -4.51 -34.46
C GLY D 171 -17.88 -3.25 -33.86
N GLN D 172 -18.58 -2.69 -32.89
CA GLN D 172 -18.25 -1.41 -32.29
C GLN D 172 -16.93 -1.52 -31.52
N ALA D 173 -16.72 -2.64 -30.84
CA ALA D 173 -15.55 -2.76 -29.99
C ALA D 173 -14.26 -2.86 -30.82
N TRP D 174 -14.24 -3.70 -31.85
CA TRP D 174 -13.09 -3.73 -32.75
C TRP D 174 -12.91 -2.40 -33.48
N ALA D 175 -13.99 -1.83 -34.00
CA ALA D 175 -13.93 -0.55 -34.70
C ALA D 175 -13.32 0.57 -33.81
N ASN D 176 -13.65 0.59 -32.53
CA ASN D 176 -13.08 1.64 -31.71
C ASN D 176 -11.62 1.34 -31.36
N ASP D 177 -11.27 0.07 -31.18
CA ASP D 177 -9.90 -0.30 -30.85
C ASP D 177 -9.02 0.13 -32.04
N LEU D 178 -9.50 -0.07 -33.26
CA LEU D 178 -8.82 0.47 -34.46
C LEU D 178 -8.78 2.01 -34.55
N MSE D 179 -9.96 2.65 -34.56
CA MSE D 179 -10.05 4.09 -34.92
C MSE D 179 -9.67 5.04 -33.83
O MSE D 179 -9.07 6.07 -34.08
CB MSE D 179 -11.42 4.45 -35.50
CG MSE D 179 -11.48 3.93 -36.94
SE MSE D 179 -13.20 4.19 -37.86
CE MSE D 179 -14.42 3.37 -36.57
N LEU D 180 -10.01 4.73 -32.58
CA LEU D 180 -9.69 5.63 -31.45
C LEU D 180 -8.33 5.31 -30.84
N ALA D 181 -8.06 4.03 -30.56
CA ALA D 181 -6.82 3.63 -29.90
C ALA D 181 -5.66 3.36 -30.85
N GLY D 182 -5.89 3.32 -32.16
CA GLY D 182 -4.79 3.10 -33.11
C GLY D 182 -4.16 1.71 -33.11
N ARG D 183 -4.94 0.70 -32.76
CA ARG D 183 -4.43 -0.66 -32.74
C ARG D 183 -4.02 -1.15 -34.13
N ILE D 184 -2.91 -1.88 -34.17
CA ILE D 184 -2.43 -2.60 -35.33
C ILE D 184 -2.87 -4.07 -35.21
N LEU D 185 -3.60 -4.57 -36.20
CA LEU D 185 -4.01 -5.98 -36.25
C LEU D 185 -3.12 -6.79 -37.16
N ASP D 186 -2.79 -8.02 -36.76
CA ASP D 186 -2.19 -8.99 -37.72
C ASP D 186 -3.29 -9.70 -38.52
N ALA D 187 -2.88 -10.54 -39.45
CA ALA D 187 -3.82 -11.20 -40.33
C ALA D 187 -4.78 -12.11 -39.57
N ARG D 188 -4.29 -12.84 -38.60
CA ARG D 188 -5.17 -13.76 -37.85
C ARG D 188 -6.21 -13.00 -37.02
N GLU D 189 -5.83 -11.87 -36.43
CA GLU D 189 -6.76 -11.03 -35.67
C GLU D 189 -7.80 -10.42 -36.62
N ALA D 190 -7.38 -10.02 -37.82
CA ALA D 190 -8.31 -9.48 -38.81
C ALA D 190 -9.34 -10.52 -39.24
N LEU D 191 -8.88 -11.76 -39.37
CA LEU D 191 -9.75 -12.87 -39.71
C LEU D 191 -10.73 -13.13 -38.58
N SER D 192 -10.24 -13.21 -37.34
CA SER D 192 -11.13 -13.48 -36.22
C SER D 192 -12.17 -12.36 -36.04
N ALA D 193 -11.80 -11.13 -36.36
CA ALA D 193 -12.75 -10.01 -36.30
C ALA D 193 -13.69 -9.94 -37.50
N GLY D 194 -13.37 -10.66 -38.58
CA GLY D 194 -14.17 -10.64 -39.81
C GLY D 194 -13.91 -9.52 -40.81
N LEU D 195 -12.78 -8.84 -40.64
CA LEU D 195 -12.37 -7.80 -41.57
C LEU D 195 -11.87 -8.45 -42.87
N VAL D 196 -11.17 -9.59 -42.72
CA VAL D 196 -10.82 -10.43 -43.85
C VAL D 196 -11.43 -11.81 -43.61
N THR D 197 -11.62 -12.59 -44.69
CA THR D 197 -12.22 -13.92 -44.57
C THR D 197 -11.31 -15.09 -44.93
N ARG D 198 -10.14 -14.80 -45.54
CA ARG D 198 -9.11 -15.79 -45.87
C ARG D 198 -7.70 -15.23 -45.66
N VAL D 199 -6.82 -16.10 -45.16
CA VAL D 199 -5.42 -15.79 -44.96
C VAL D 199 -4.58 -16.85 -45.67
N PHE D 200 -3.69 -16.43 -46.54
CA PHE D 200 -2.87 -17.34 -47.32
C PHE D 200 -1.41 -17.12 -47.01
N GLU D 201 -0.59 -18.16 -47.15
CA GLU D 201 0.87 -17.98 -47.30
C GLU D 201 1.13 -16.89 -48.36
N ASP D 202 2.15 -16.07 -48.12
CA ASP D 202 2.47 -14.91 -48.98
C ASP D 202 2.65 -15.29 -50.44
N ASP D 203 3.31 -16.42 -50.68
CA ASP D 203 3.70 -16.84 -52.02
C ASP D 203 2.52 -17.39 -52.87
N VAL D 204 1.37 -17.67 -52.26
CA VAL D 204 0.17 -18.11 -53.01
C VAL D 204 -1.00 -17.13 -52.97
N LEU D 205 -0.92 -16.07 -52.16
CA LEU D 205 -2.05 -15.13 -52.00
C LEU D 205 -2.64 -14.68 -53.33
N VAL D 206 -1.76 -14.25 -54.24
CA VAL D 206 -2.18 -13.64 -55.50
C VAL D 206 -2.79 -14.66 -56.45
N ALA D 207 -2.10 -15.75 -56.68
CA ALA D 207 -2.65 -16.87 -57.48
C ALA D 207 -4.02 -17.38 -56.95
N GLU D 208 -4.16 -17.48 -55.63
CA GLU D 208 -5.44 -17.97 -55.04
C GLU D 208 -6.53 -16.93 -55.11
N SER D 209 -6.17 -15.67 -54.95
CA SER D 209 -7.11 -14.58 -55.13
C SER D 209 -7.56 -14.44 -56.58
N LEU D 210 -6.64 -14.61 -57.54
CA LEU D 210 -6.97 -14.54 -58.96
C LEU D 210 -7.90 -15.69 -59.39
N LYS D 211 -7.65 -16.89 -58.89
CA LYS D 211 -8.51 -18.03 -59.15
C LYS D 211 -9.98 -17.72 -58.74
N ILE D 212 -10.15 -17.09 -57.58
CA ILE D 212 -11.48 -16.74 -57.12
C ILE D 212 -12.08 -15.63 -57.98
N ALA D 213 -11.30 -14.60 -58.29
CA ALA D 213 -11.77 -13.54 -59.18
C ALA D 213 -12.21 -14.08 -60.57
N GLU D 214 -11.43 -15.01 -61.12
CA GLU D 214 -11.75 -15.65 -62.41
C GLU D 214 -13.03 -16.46 -62.32
N GLN D 215 -13.22 -17.17 -61.21
CA GLN D 215 -14.45 -17.93 -61.03
C GLN D 215 -15.67 -17.00 -60.99
N VAL D 216 -15.57 -15.89 -60.28
CA VAL D 216 -16.69 -14.94 -60.20
C VAL D 216 -16.98 -14.32 -61.58
N ALA D 217 -15.91 -13.96 -62.28
CA ALA D 217 -16.01 -13.44 -63.64
C ALA D 217 -16.62 -14.42 -64.65
N SER D 218 -16.62 -15.72 -64.36
CA SER D 218 -17.25 -16.75 -65.23
C SER D 218 -18.72 -17.03 -64.89
N LEU D 219 -19.25 -16.41 -63.84
CA LEU D 219 -20.63 -16.64 -63.44
C LEU D 219 -21.55 -15.74 -64.25
N ALA D 220 -22.84 -16.04 -64.20
CA ALA D 220 -23.87 -15.22 -64.86
C ALA D 220 -23.70 -13.75 -64.48
N PRO D 221 -23.39 -12.87 -65.47
CA PRO D 221 -23.02 -11.51 -65.13
C PRO D 221 -24.07 -10.66 -64.43
N ASN D 222 -25.33 -10.71 -64.90
CA ASN D 222 -26.45 -9.97 -64.26
C ASN D 222 -26.79 -10.54 -62.90
N SER D 223 -26.71 -11.86 -62.72
CA SER D 223 -26.86 -12.47 -61.40
C SER D 223 -25.90 -11.81 -60.39
N VAL D 224 -24.63 -11.74 -60.76
CA VAL D 224 -23.59 -11.20 -59.89
C VAL D 224 -23.79 -9.70 -59.68
N LYS D 225 -23.95 -8.95 -60.74
CA LYS D 225 -24.17 -7.49 -60.66
C LYS D 225 -25.40 -7.13 -59.79
N GLN D 226 -26.54 -7.80 -60.02
CA GLN D 226 -27.76 -7.56 -59.22
C GLN D 226 -27.61 -7.98 -57.76
N SER D 227 -26.86 -9.05 -57.54
CA SER D 227 -26.66 -9.54 -56.19
C SER D 227 -25.88 -8.51 -55.42
N LYS D 228 -24.82 -8.01 -56.02
CA LYS D 228 -24.04 -6.95 -55.37
C LYS D 228 -24.88 -5.70 -55.19
N ARG D 229 -25.70 -5.35 -56.18
CA ARG D 229 -26.58 -4.17 -56.07
C ARG D 229 -27.51 -4.28 -54.84
N LEU D 230 -28.16 -5.42 -54.66
CA LEU D 230 -29.01 -5.68 -53.50
C LEU D 230 -28.24 -5.55 -52.18
N ILE D 231 -27.03 -6.11 -52.13
CA ILE D 231 -26.23 -6.06 -50.92
C ILE D 231 -25.82 -4.62 -50.60
N ARG D 232 -25.28 -3.92 -51.60
CA ARG D 232 -24.77 -2.55 -51.41
C ARG D 232 -25.91 -1.54 -51.31
N GLY D 233 -27.07 -1.88 -51.87
CA GLY D 233 -28.24 -0.97 -51.81
C GLY D 233 -28.75 -0.62 -50.42
N VAL D 234 -28.48 -1.47 -49.44
CA VAL D 234 -28.98 -1.23 -48.10
C VAL D 234 -28.38 0.06 -47.49
N ASN D 235 -27.07 0.26 -47.63
CA ASN D 235 -26.42 1.43 -47.07
C ASN D 235 -25.91 2.45 -48.08
N LYS D 236 -26.26 2.29 -49.35
CA LYS D 236 -25.72 3.09 -50.43
C LYS D 236 -25.81 4.60 -50.14
N GLU D 237 -27.02 5.07 -49.81
CA GLU D 237 -27.26 6.51 -49.58
C GLU D 237 -26.55 7.02 -48.30
N GLU D 238 -26.61 6.23 -47.23
CA GLU D 238 -25.92 6.62 -45.99
C GLU D 238 -24.41 6.66 -46.18
N VAL D 239 -23.84 5.79 -47.02
CA VAL D 239 -22.39 5.81 -47.29
C VAL D 239 -21.98 7.14 -47.89
N GLN D 240 -22.72 7.61 -48.90
CA GLN D 240 -22.43 8.92 -49.52
C GLN D 240 -22.63 10.07 -48.50
N ALA D 241 -23.73 10.05 -47.75
CA ALA D 241 -23.97 11.10 -46.72
C ALA D 241 -22.89 11.11 -45.64
N GLN D 242 -22.45 9.94 -45.19
CA GLN D 242 -21.42 9.85 -44.16
C GLN D 242 -20.08 10.39 -44.67
N MSE D 243 -19.74 10.16 -45.93
CA MSE D 243 -18.49 10.73 -46.49
C MSE D 243 -18.55 12.24 -46.47
O MSE D 243 -17.52 12.85 -46.20
CB MSE D 243 -18.14 10.27 -47.90
CG MSE D 243 -17.34 8.95 -47.79
SE MSE D 243 -17.08 8.32 -49.63
CE MSE D 243 -17.13 6.32 -49.40
N LYS D 244 -19.71 12.84 -46.75
CA LYS D 244 -19.83 14.29 -46.62
C LYS D 244 -19.72 14.76 -45.16
N ARG D 245 -20.37 14.09 -44.22
CA ARG D 245 -20.25 14.49 -42.80
C ARG D 245 -18.80 14.41 -42.32
N GLU D 246 -18.13 13.29 -42.63
CA GLU D 246 -16.74 13.10 -42.24
C GLU D 246 -15.87 14.18 -42.87
N GLY D 247 -16.14 14.47 -44.14
CA GLY D 247 -15.34 15.37 -44.96
C GLY D 247 -15.21 16.75 -44.41
N VAL D 248 -16.32 17.29 -43.87
CA VAL D 248 -16.32 18.63 -43.30
C VAL D 248 -15.39 18.68 -42.08
N ILE D 249 -15.54 17.70 -41.20
CA ILE D 249 -14.70 17.65 -39.99
C ILE D 249 -13.24 17.36 -40.34
N PHE D 250 -13.03 16.51 -41.34
CA PHE D 250 -11.69 16.15 -41.80
C PHE D 250 -10.92 17.37 -42.30
N ALA D 251 -11.56 18.14 -43.17
CA ALA D 251 -10.95 19.34 -43.75
C ALA D 251 -10.53 20.31 -42.66
N GLU D 252 -11.42 20.50 -41.69
CA GLU D 252 -11.17 21.34 -40.53
C GLU D 252 -9.96 20.84 -39.71
N GLN D 253 -9.90 19.56 -39.39
CA GLN D 253 -8.74 19.00 -38.69
C GLN D 253 -7.42 19.11 -39.49
N LEU D 254 -7.49 18.87 -40.80
CA LEU D 254 -6.30 18.94 -41.69
C LEU D 254 -5.62 20.33 -41.69
N ALA D 255 -6.44 21.37 -41.57
CA ALA D 255 -5.99 22.76 -41.52
C ALA D 255 -5.76 23.30 -40.10
N SER D 256 -5.87 22.45 -39.08
CA SER D 256 -5.81 22.88 -37.68
C SER D 256 -4.42 22.68 -37.10
N ALA D 257 -4.17 23.36 -35.98
CA ALA D 257 -2.93 23.20 -35.22
C ALA D 257 -2.70 21.76 -34.71
N GLU D 258 -3.78 21.03 -34.43
CA GLU D 258 -3.68 19.65 -33.96
C GLU D 258 -3.02 18.71 -34.98
N PHE D 259 -3.35 18.88 -36.26
CA PHE D 259 -2.71 18.10 -37.32
C PHE D 259 -1.22 18.49 -37.44
N LYS D 260 -0.96 19.80 -37.51
CA LYS D 260 0.41 20.30 -37.65
C LYS D 260 1.31 19.70 -36.57
N GLU D 261 0.83 19.79 -35.32
CA GLU D 261 1.56 19.33 -34.14
C GLU D 261 1.74 17.82 -34.09
N SER D 262 0.72 17.06 -34.48
CA SER D 262 0.83 15.60 -34.49
C SER D 262 1.95 15.19 -35.45
N VAL D 263 1.93 15.80 -36.63
CA VAL D 263 2.90 15.48 -37.67
C VAL D 263 4.32 16.01 -37.31
N ALA D 264 4.39 17.26 -36.86
CA ALA D 264 5.67 17.87 -36.46
C ALA D 264 6.35 17.07 -35.34
N ALA D 265 5.56 16.63 -34.36
CA ALA D 265 6.04 15.82 -33.24
C ALA D 265 6.78 14.59 -33.71
N PHE D 266 6.21 13.86 -34.68
CA PHE D 266 6.87 12.69 -35.20
C PHE D 266 8.23 13.05 -35.84
N PHE D 267 8.24 14.04 -36.72
CA PHE D 267 9.47 14.45 -37.44
C PHE D 267 10.52 15.09 -36.54
N GLU D 268 10.08 15.71 -35.46
CA GLU D 268 11.00 16.33 -34.48
C GLU D 268 11.42 15.37 -33.35
N LYS D 269 11.00 14.11 -33.45
CA LYS D 269 11.36 13.02 -32.52
C LYS D 269 11.08 13.40 -31.05
N ARG D 270 9.85 13.87 -30.83
CA ARG D 270 9.39 14.30 -29.50
C ARG D 270 7.94 13.92 -29.29
N ALA D 271 7.50 14.02 -28.04
CA ALA D 271 6.12 13.77 -27.68
C ALA D 271 5.29 14.99 -28.10
N PRO D 272 4.13 14.78 -28.76
CA PRO D 272 3.26 15.91 -29.06
C PRO D 272 2.67 16.53 -27.79
N HIS D 273 2.41 17.83 -27.84
CA HIS D 273 1.81 18.54 -26.74
C HIS D 273 0.56 19.24 -27.22
N PHE D 274 -0.57 18.96 -26.55
CA PHE D 274 -1.84 19.62 -26.84
C PHE D 274 -2.29 20.26 -25.55
N ALA D 275 -2.31 21.58 -25.51
CA ALA D 275 -2.63 22.33 -24.28
C ALA D 275 -4.08 22.07 -23.82
N LYS E 25 -0.40 48.01 64.21
CA LYS E 25 -1.33 48.38 63.08
C LYS E 25 -1.64 47.20 62.15
N SER E 26 -2.85 47.21 61.59
CA SER E 26 -3.31 46.16 60.67
C SER E 26 -2.75 46.29 59.23
N LEU E 27 -2.27 47.50 58.89
CA LEU E 27 -1.52 47.75 57.66
C LEU E 27 -0.21 48.45 57.98
N ASN E 28 0.93 47.78 57.79
CA ASN E 28 2.24 48.44 57.96
C ASN E 28 2.57 49.16 56.67
N VAL E 29 3.09 50.37 56.83
CA VAL E 29 3.33 51.30 55.73
C VAL E 29 4.75 51.84 55.89
N SER E 30 5.53 51.80 54.83
CA SER E 30 6.79 52.52 54.79
C SER E 30 6.98 53.12 53.40
N LEU E 31 7.79 54.17 53.33
CA LEU E 31 8.07 54.91 52.11
C LEU E 31 9.58 55.14 52.00
N ASN E 32 10.20 54.52 50.99
CA ASN E 32 11.64 54.62 50.74
C ASN E 32 11.87 54.40 49.26
N ASN E 33 12.83 55.15 48.71
CA ASN E 33 13.22 55.04 47.29
C ASN E 33 12.04 55.24 46.37
N ARG E 34 11.10 56.07 46.80
CA ARG E 34 9.84 56.35 46.12
C ARG E 34 8.90 55.17 45.93
N VAL E 35 9.11 54.12 46.70
CA VAL E 35 8.17 52.99 46.78
C VAL E 35 7.38 53.03 48.11
N LEU E 36 6.05 53.05 48.00
CA LEU E 36 5.17 52.91 49.15
C LEU E 36 4.95 51.43 49.40
N SER E 37 5.53 50.88 50.47
CA SER E 37 5.36 49.45 50.82
C SER E 37 4.18 49.29 51.73
N LEU E 38 3.23 48.45 51.33
CA LEU E 38 2.01 48.21 52.12
C LEU E 38 2.00 46.76 52.50
N THR E 39 2.04 46.49 53.81
CA THR E 39 2.10 45.10 54.26
C THR E 39 0.90 44.81 55.13
N ILE E 40 0.02 43.93 54.65
CA ILE E 40 -1.15 43.52 55.41
C ILE E 40 -0.72 42.70 56.63
N ASN E 41 -1.22 43.09 57.79
CA ASN E 41 -0.70 42.61 59.05
C ASN E 41 -1.80 42.29 60.08
N ARG E 42 -2.54 41.22 59.83
CA ARG E 42 -3.39 40.59 60.84
C ARG E 42 -3.10 39.09 60.84
N PRO E 43 -1.83 38.69 60.99
CA PRO E 43 -1.50 37.25 60.90
C PRO E 43 -2.30 36.35 61.87
N GLU E 44 -2.75 36.90 63.00
CA GLU E 44 -3.64 36.19 63.92
C GLU E 44 -4.95 35.71 63.26
N LEU E 45 -5.51 36.49 62.35
CA LEU E 45 -6.70 36.09 61.58
C LEU E 45 -6.39 35.74 60.12
N LYS E 46 -5.18 35.25 59.85
CA LYS E 46 -4.74 34.92 58.50
C LYS E 46 -4.97 36.07 57.52
N ASN E 47 -4.72 37.29 57.99
CA ASN E 47 -4.79 38.48 57.14
C ASN E 47 -6.15 38.68 56.46
N ALA E 48 -7.21 38.30 57.18
CA ALA E 48 -8.57 38.54 56.75
C ALA E 48 -8.86 40.03 56.68
N LEU E 49 -9.56 40.45 55.64
CA LEU E 49 -9.82 41.88 55.40
C LEU E 49 -11.08 42.31 56.10
N ASN E 50 -10.95 43.32 56.94
CA ASN E 50 -12.09 43.92 57.63
C ASN E 50 -12.22 45.39 57.18
N ARG E 51 -13.19 46.10 57.74
CA ARG E 51 -13.46 47.52 57.42
C ARG E 51 -12.25 48.41 57.58
N GLU E 52 -11.59 48.28 58.73
CA GLU E 52 -10.41 49.08 59.07
C GLU E 52 -9.29 48.91 58.02
N LEU E 53 -9.05 47.67 57.63
CA LEU E 53 -7.97 47.35 56.70
C LEU E 53 -8.27 47.87 55.27
N TYR E 54 -9.50 47.67 54.83
CA TYR E 54 -9.98 48.23 53.56
C TYR E 54 -9.81 49.75 53.51
N ALA E 55 -10.19 50.42 54.59
CA ALA E 55 -10.09 51.89 54.72
C ALA E 55 -8.65 52.33 54.63
N ALA E 56 -7.79 51.62 55.37
CA ALA E 56 -6.36 51.93 55.35
C ALA E 56 -5.71 51.66 53.97
N LEU E 57 -6.09 50.58 53.28
CA LEU E 57 -5.56 50.34 51.94
C LEU E 57 -6.03 51.43 50.99
N ALA E 58 -7.32 51.76 51.07
CA ALA E 58 -7.87 52.85 50.25
C ALA E 58 -7.11 54.17 50.49
N ASP E 59 -6.90 54.52 51.77
CA ASP E 59 -6.15 55.75 52.12
C ASP E 59 -4.77 55.79 51.46
N GLU E 60 -4.04 54.68 51.53
CA GLU E 60 -2.67 54.65 51.03
C GLU E 60 -2.60 54.68 49.50
N LEU E 61 -3.51 53.98 48.84
CA LEU E 61 -3.52 53.97 47.37
C LEU E 61 -3.91 55.35 46.85
N GLU E 62 -4.86 56.02 47.50
CA GLU E 62 -5.21 57.40 47.12
C GLU E 62 -4.01 58.35 47.32
N ARG E 63 -3.28 58.17 48.42
CA ARG E 63 -2.07 58.94 48.67
C ARG E 63 -1.08 58.77 47.52
N SER E 64 -0.90 57.53 47.07
CA SER E 64 0.05 57.25 45.97
C SER E 64 -0.26 58.09 44.71
N ASN E 65 -1.54 58.29 44.38
CA ASN E 65 -1.95 59.07 43.19
C ASN E 65 -1.59 60.52 43.28
N HIS E 66 -1.70 61.10 44.48
CA HIS E 66 -1.54 62.55 44.67
C HIS E 66 -0.12 63.00 45.00
N ASP E 67 0.73 62.09 45.50
CA ASP E 67 2.12 62.39 45.75
C ASP E 67 2.96 62.01 44.51
N ASP E 68 3.51 63.01 43.84
CA ASP E 68 4.40 62.79 42.71
C ASP E 68 5.72 62.12 43.06
N GLN E 69 6.10 62.11 44.33
CA GLN E 69 7.29 61.38 44.77
C GLN E 69 7.01 59.95 45.20
N ILE E 70 5.77 59.48 45.07
CA ILE E 70 5.45 58.04 45.22
C ILE E 70 5.24 57.50 43.81
N ARG E 71 6.12 56.61 43.35
CA ARG E 71 6.11 56.15 41.96
C ARG E 71 5.89 54.64 41.74
N ALA E 72 5.74 53.90 42.82
CA ALA E 72 5.37 52.51 42.78
C ALA E 72 4.80 52.13 44.15
N VAL E 73 3.93 51.12 44.13
CA VAL E 73 3.42 50.52 45.34
C VAL E 73 3.87 49.07 45.35
N LEU E 74 4.43 48.62 46.48
CA LEU E 74 4.67 47.22 46.75
C LEU E 74 3.65 46.74 47.79
N LEU E 75 2.84 45.76 47.42
CA LEU E 75 1.80 45.23 48.30
C LEU E 75 2.16 43.80 48.69
N THR E 76 2.18 43.50 49.97
CA THR E 76 2.37 42.12 50.45
C THR E 76 1.70 41.89 51.81
N ALA E 77 2.01 40.78 52.46
CA ALA E 77 1.41 40.47 53.75
C ALA E 77 2.37 39.72 54.64
N ASN E 78 2.19 39.85 55.95
CA ASN E 78 3.05 39.16 56.90
C ASN E 78 2.60 37.72 57.15
N GLY E 79 3.58 36.85 57.42
CA GLY E 79 3.33 35.46 57.77
C GLY E 79 3.17 34.58 56.55
N ASP E 80 2.40 33.50 56.72
CA ASP E 80 2.29 32.39 55.76
C ASP E 80 1.06 32.47 54.82
N THR E 81 0.24 33.51 54.97
CA THR E 81 -0.96 33.72 54.19
C THR E 81 -0.93 35.10 53.57
N PHE E 82 -1.37 35.25 52.33
CA PHE E 82 -1.52 36.59 51.73
C PHE E 82 -2.82 37.19 52.31
N THR E 83 -3.96 36.58 52.02
CA THR E 83 -5.16 36.84 52.80
C THR E 83 -6.15 35.71 52.64
N ALA E 84 -6.80 35.37 53.75
CA ALA E 84 -7.84 34.34 53.75
C ALA E 84 -9.21 34.86 53.27
N GLY E 85 -9.30 36.12 52.83
CA GLY E 85 -10.54 36.67 52.27
C GLY E 85 -11.19 37.64 53.24
N ASN E 86 -12.49 37.87 53.06
CA ASN E 86 -13.27 38.71 53.98
C ASN E 86 -13.35 38.11 55.39
N ASP E 87 -13.09 38.96 56.38
CA ASP E 87 -13.36 38.63 57.80
C ASP E 87 -14.86 38.36 57.93
N LEU E 88 -15.24 37.16 58.38
CA LEU E 88 -16.66 36.76 58.46
C LEU E 88 -17.48 37.63 59.41
N ASP E 89 -17.02 37.77 60.66
CA ASP E 89 -17.72 38.59 61.68
C ASP E 89 -18.01 40.00 61.15
N ASP E 90 -16.95 40.65 60.70
CA ASP E 90 -17.04 41.99 60.11
C ASP E 90 -17.90 42.02 58.83
N PHE E 91 -17.88 40.92 58.06
CA PHE E 91 -18.74 40.73 56.86
C PHE E 91 -20.22 40.94 57.15
N ILE E 92 -20.70 40.34 58.23
CA ILE E 92 -22.14 40.31 58.56
C ILE E 92 -22.52 41.18 59.78
N ASN E 93 -21.75 42.24 60.02
CA ASN E 93 -22.03 43.19 61.09
C ASN E 93 -23.30 43.99 60.70
N PRO E 94 -24.37 43.90 61.52
CA PRO E 94 -25.57 44.70 61.21
C PRO E 94 -25.34 46.21 61.20
N VAL E 95 -24.46 46.72 62.08
CA VAL E 95 -24.15 48.15 62.14
C VAL E 95 -23.50 48.62 60.83
N GLU E 96 -24.27 49.40 60.05
CA GLU E 96 -23.84 49.92 58.77
C GLU E 96 -22.85 51.07 58.95
N GLU E 97 -21.94 51.24 58.00
CA GLU E 97 -20.89 52.27 58.07
C GLU E 97 -21.43 53.69 57.81
N SER E 98 -20.70 54.70 58.31
CA SER E 98 -20.94 56.10 57.96
C SER E 98 -20.26 56.38 56.62
N GLY E 99 -20.98 57.05 55.71
CA GLY E 99 -20.45 57.38 54.38
C GLY E 99 -20.30 56.15 53.47
N THR E 100 -19.33 56.21 52.56
CA THR E 100 -19.08 55.14 51.60
C THR E 100 -18.45 53.92 52.30
N PRO E 101 -19.00 52.70 52.12
CA PRO E 101 -18.39 51.51 52.74
C PRO E 101 -16.92 51.34 52.37
N SER E 102 -16.11 50.95 53.34
CA SER E 102 -14.67 50.89 53.14
C SER E 102 -14.29 49.95 52.01
N VAL E 103 -14.99 48.84 51.87
CA VAL E 103 -14.70 47.91 50.77
C VAL E 103 -14.89 48.59 49.40
N ILE E 104 -15.91 49.43 49.28
CA ILE E 104 -16.17 50.14 48.04
C ILE E 104 -15.08 51.18 47.75
N ARG E 105 -14.65 51.93 48.78
CA ARG E 105 -13.52 52.86 48.67
C ARG E 105 -12.27 52.12 48.21
N PHE E 106 -12.01 50.94 48.79
CA PHE E 106 -10.84 50.15 48.40
C PHE E 106 -10.91 49.70 46.94
N LEU E 107 -12.06 49.19 46.53
CA LEU E 107 -12.19 48.67 45.16
C LEU E 107 -12.08 49.79 44.17
N LYS E 108 -12.62 50.95 44.50
CA LYS E 108 -12.46 52.12 43.64
C LYS E 108 -11.00 52.60 43.62
N ALA E 109 -10.36 52.67 44.79
CA ALA E 109 -8.98 53.15 44.84
C ALA E 109 -8.02 52.23 44.11
N ILE E 110 -8.16 50.90 44.26
CA ILE E 110 -7.23 49.99 43.57
C ILE E 110 -7.51 49.86 42.05
N SER E 111 -8.78 49.95 41.67
CA SER E 111 -9.17 49.81 40.27
C SER E 111 -8.79 51.04 39.48
N GLU E 112 -8.76 52.19 40.16
CA GLU E 112 -8.39 53.47 39.49
C GLU E 112 -6.99 54.00 39.84
N CYS E 113 -6.23 53.26 40.65
CA CYS E 113 -4.89 53.71 41.04
C CYS E 113 -4.05 53.99 39.79
N GLU E 114 -3.42 55.15 39.76
CA GLU E 114 -2.58 55.57 38.64
C GLU E 114 -1.15 55.09 38.81
N THR E 115 -0.80 54.69 40.02
CA THR E 115 0.53 54.28 40.38
C THR E 115 0.68 52.82 40.03
N PRO E 116 1.85 52.43 39.48
CA PRO E 116 2.06 50.98 39.23
C PRO E 116 2.18 50.24 40.56
N ILE E 117 1.53 49.08 40.65
CA ILE E 117 1.50 48.24 41.85
C ILE E 117 2.19 46.91 41.57
N VAL E 118 3.18 46.60 42.37
CA VAL E 118 3.82 45.29 42.37
C VAL E 118 3.19 44.58 43.58
N VAL E 119 2.64 43.38 43.36
CA VAL E 119 2.10 42.58 44.44
C VAL E 119 2.87 41.24 44.55
N ALA E 120 3.29 40.94 45.78
CA ALA E 120 4.07 39.78 46.12
C ALA E 120 3.20 38.87 46.98
N VAL E 121 2.67 37.82 46.37
CA VAL E 121 1.72 36.92 47.03
C VAL E 121 2.53 35.85 47.79
N ASN E 122 2.51 35.94 49.11
CA ASN E 122 3.37 35.15 49.98
C ASN E 122 2.73 33.85 50.47
N GLY E 123 1.46 33.63 50.16
CA GLY E 123 0.74 32.42 50.62
C GLY E 123 -0.67 32.36 50.04
N PRO E 124 -1.57 31.54 50.61
CA PRO E 124 -2.92 31.51 50.11
C PRO E 124 -3.55 32.89 49.92
N ALA E 125 -4.12 33.10 48.74
CA ALA E 125 -4.85 34.31 48.36
C ALA E 125 -6.24 33.85 48.00
N ILE E 126 -7.18 34.10 48.91
CA ILE E 126 -8.51 33.55 48.82
C ILE E 126 -9.54 34.67 48.63
N GLY E 127 -10.45 34.45 47.69
CA GLY E 127 -11.58 35.36 47.47
C GLY E 127 -11.12 36.73 47.01
N VAL E 128 -11.31 37.73 47.86
CA VAL E 128 -10.82 39.07 47.53
C VAL E 128 -9.28 39.11 47.50
N GLY E 129 -8.61 38.15 48.13
CA GLY E 129 -7.16 38.02 47.95
C GLY E 129 -6.76 37.70 46.51
N LEU E 130 -7.58 36.91 45.82
CA LEU E 130 -7.36 36.64 44.43
C LEU E 130 -7.85 37.81 43.57
N THR E 131 -9.07 38.30 43.79
CA THR E 131 -9.62 39.28 42.84
C THR E 131 -8.87 40.62 42.84
N MSE E 132 -8.28 41.00 43.97
CA MSE E 132 -7.48 42.25 44.02
C MSE E 132 -6.26 42.23 43.14
O MSE E 132 -5.82 43.30 42.69
CB MSE E 132 -7.10 42.64 45.45
CG MSE E 132 -5.92 41.89 46.09
SE MSE E 132 -5.52 42.60 47.94
CE MSE E 132 -7.26 42.59 48.76
N LEU E 133 -5.75 41.02 42.85
CA LEU E 133 -4.58 40.85 41.96
C LEU E 133 -4.87 41.24 40.51
N LEU E 134 -6.13 41.14 40.09
CA LEU E 134 -6.54 41.54 38.75
C LEU E 134 -6.43 43.05 38.55
N HIS E 135 -6.33 43.81 39.65
CA HIS E 135 -6.14 45.27 39.61
C HIS E 135 -4.71 45.71 39.96
N CYS E 136 -3.83 44.76 40.27
CA CYS E 136 -2.40 45.00 40.37
C CYS E 136 -1.76 44.84 39.00
N ASP E 137 -0.56 45.39 38.85
CA ASP E 137 0.14 45.38 37.57
C ASP E 137 1.15 44.25 37.44
N MSE E 138 2.10 44.21 38.37
CA MSE E 138 3.13 43.17 38.40
C MSE E 138 2.69 42.20 39.45
O MSE E 138 2.58 42.56 40.64
CB MSE E 138 4.51 43.75 38.73
CG MSE E 138 5.34 44.09 37.48
SE MSE E 138 4.56 45.63 36.48
CE MSE E 138 4.96 47.11 37.71
N VAL E 139 2.46 40.95 39.04
CA VAL E 139 1.89 39.96 39.96
C VAL E 139 2.90 38.84 40.16
N TYR E 140 3.50 38.80 41.34
CA TYR E 140 4.54 37.79 41.63
C TYR E 140 4.10 36.99 42.86
N ALA E 141 4.68 35.80 43.01
CA ALA E 141 4.22 34.82 43.99
C ALA E 141 5.39 34.02 44.58
N SER E 142 5.21 33.54 45.81
CA SER E 142 6.15 32.57 46.39
C SER E 142 5.71 31.17 45.99
N LYS E 143 6.60 30.18 46.18
CA LYS E 143 6.27 28.76 45.88
C LYS E 143 5.14 28.23 46.74
N SER E 144 4.99 28.80 47.94
CA SER E 144 3.92 28.40 48.84
C SER E 144 2.60 29.13 48.57
N ALA E 145 2.55 30.04 47.59
CA ALA E 145 1.31 30.73 47.25
C ALA E 145 0.26 29.76 46.68
N ARG E 146 -0.99 30.04 47.01
CA ARG E 146 -2.13 29.29 46.52
C ARG E 146 -3.18 30.33 46.15
N PHE E 147 -4.13 29.96 45.29
CA PHE E 147 -5.10 30.89 44.74
C PHE E 147 -6.46 30.24 44.65
N ARG E 148 -7.48 30.93 45.15
CA ARG E 148 -8.85 30.40 45.10
C ARG E 148 -9.87 31.53 45.13
N ALA E 149 -10.95 31.36 44.38
CA ALA E 149 -12.07 32.32 44.34
C ALA E 149 -13.35 31.55 44.41
N PRO E 150 -13.63 30.95 45.57
CA PRO E 150 -14.73 29.99 45.71
C PRO E 150 -16.07 30.68 46.01
N PHE E 151 -16.51 31.57 45.13
CA PHE E 151 -17.73 32.37 45.41
C PHE E 151 -18.95 31.45 45.57
N THR E 152 -19.03 30.42 44.71
CA THR E 152 -20.09 29.45 44.71
C THR E 152 -20.14 28.53 45.94
N HIS E 153 -19.00 28.21 46.54
CA HIS E 153 -19.01 27.43 47.80
C HIS E 153 -19.65 28.16 48.96
N VAL E 154 -19.63 29.49 48.93
CA VAL E 154 -20.28 30.29 50.00
C VAL E 154 -21.65 30.86 49.58
N GLY E 155 -22.08 30.59 48.35
CA GLY E 155 -23.40 31.02 47.88
C GLY E 155 -23.46 32.44 47.39
N LEU E 156 -22.32 33.00 47.04
CA LEU E 156 -22.21 34.38 46.57
C LEU E 156 -21.89 34.39 45.06
N VAL E 157 -21.35 35.50 44.55
CA VAL E 157 -21.04 35.66 43.13
C VAL E 157 -19.72 36.43 43.04
N PRO E 158 -19.08 36.44 41.83
CA PRO E 158 -17.84 37.19 41.66
C PRO E 158 -17.94 38.67 41.99
N GLU E 159 -16.88 39.19 42.56
CA GLU E 159 -16.81 40.61 42.88
C GLU E 159 -15.54 41.26 42.28
N ALA E 160 -15.42 42.56 42.48
CA ALA E 160 -14.29 43.37 42.04
C ALA E 160 -14.06 43.24 40.54
N ALA E 161 -15.17 43.05 39.81
CA ALA E 161 -15.20 42.89 38.36
C ALA E 161 -14.42 41.68 37.87
N SER E 162 -14.25 40.67 38.72
CA SER E 162 -13.54 39.46 38.31
C SER E 162 -14.32 38.64 37.24
N SER E 163 -15.64 38.84 37.15
CA SER E 163 -16.43 38.16 36.13
C SER E 163 -16.04 38.62 34.73
N LEU E 164 -15.53 39.86 34.63
CA LEU E 164 -14.92 40.39 33.40
C LEU E 164 -13.41 40.15 33.31
N LEU E 165 -12.69 40.47 34.39
CA LEU E 165 -11.21 40.51 34.38
C LEU E 165 -10.54 39.15 34.47
N LEU E 166 -11.13 38.20 35.20
CA LEU E 166 -10.48 36.89 35.37
C LEU E 166 -10.37 36.13 34.03
N PRO E 167 -11.48 36.10 33.24
CA PRO E 167 -11.35 35.48 31.90
C PRO E 167 -10.38 36.21 30.98
N LEU E 168 -10.30 37.54 31.06
CA LEU E 168 -9.32 38.26 30.27
C LEU E 168 -7.89 37.86 30.67
N ALA E 169 -7.69 37.62 31.95
CA ALA E 169 -6.37 37.36 32.51
C ALA E 169 -5.87 35.95 32.22
N VAL E 170 -6.74 34.94 32.31
CA VAL E 170 -6.33 33.50 32.24
C VAL E 170 -7.11 32.66 31.21
N GLY E 171 -8.09 33.27 30.53
CA GLY E 171 -8.97 32.55 29.64
C GLY E 171 -10.21 32.01 30.34
N GLN E 172 -11.20 31.66 29.52
CA GLN E 172 -12.52 31.29 30.00
C GLN E 172 -12.44 29.96 30.79
N ALA E 173 -11.63 29.05 30.32
CA ALA E 173 -11.58 27.73 30.93
C ALA E 173 -10.95 27.77 32.33
N TRP E 174 -9.82 28.44 32.49
CA TRP E 174 -9.25 28.65 33.83
C TRP E 174 -10.18 29.46 34.72
N ALA E 175 -10.73 30.55 34.19
CA ALA E 175 -11.66 31.41 34.96
C ALA E 175 -12.88 30.60 35.47
N ASN E 176 -13.40 29.67 34.69
CA ASN E 176 -14.54 28.93 35.18
C ASN E 176 -14.12 27.86 36.18
N ASP E 177 -12.94 27.26 35.98
CA ASP E 177 -12.46 26.23 36.90
C ASP E 177 -12.29 26.88 38.28
N LEU E 178 -11.76 28.11 38.30
CA LEU E 178 -11.72 28.90 39.54
C LEU E 178 -13.10 29.30 40.13
N MSE E 179 -13.90 30.02 39.34
CA MSE E 179 -15.10 30.70 39.89
C MSE E 179 -16.29 29.80 40.07
O MSE E 179 -17.03 29.96 41.04
CB MSE E 179 -15.49 31.93 39.08
CG MSE E 179 -14.53 33.07 39.44
SE MSE E 179 -14.82 34.71 38.41
CE MSE E 179 -14.71 34.06 36.59
N LEU E 180 -16.51 28.85 39.17
CA LEU E 180 -17.66 27.94 39.30
C LEU E 180 -17.32 26.70 40.10
N ALA E 181 -16.21 26.04 39.77
CA ALA E 181 -15.83 24.78 40.43
C ALA E 181 -15.03 24.94 41.72
N GLY E 182 -14.58 26.15 42.05
CA GLY E 182 -13.84 26.35 43.31
C GLY E 182 -12.44 25.72 43.36
N ARG E 183 -11.79 25.59 42.21
CA ARG E 183 -10.45 25.04 42.18
C ARG E 183 -9.43 25.91 42.94
N ILE E 184 -8.54 25.24 43.66
CA ILE E 184 -7.38 25.83 44.30
C ILE E 184 -6.16 25.63 43.38
N LEU E 185 -5.49 26.71 42.99
CA LEU E 185 -4.25 26.65 42.20
C LEU E 185 -3.03 26.79 43.06
N ASP E 186 -1.99 26.02 42.76
CA ASP E 186 -0.65 26.31 43.34
C ASP E 186 0.07 27.37 42.48
N ALA E 187 1.26 27.76 42.93
CA ALA E 187 1.99 28.82 42.27
C ALA E 187 2.37 28.44 40.84
N ARG E 188 2.81 27.22 40.62
CA ARG E 188 3.21 26.83 39.26
C ARG E 188 2.01 26.81 38.28
N GLU E 189 0.85 26.37 38.74
CA GLU E 189 -0.37 26.38 37.93
C GLU E 189 -0.80 27.82 37.63
N ALA E 190 -0.66 28.71 38.62
CA ALA E 190 -0.99 30.13 38.41
C ALA E 190 -0.07 30.77 37.37
N LEU E 191 1.19 30.38 37.39
CA LEU E 191 2.16 30.84 36.42
C LEU E 191 1.82 30.32 35.04
N SER E 192 1.56 29.01 34.92
CA SER E 192 1.24 28.45 33.63
C SER E 192 -0.05 29.06 33.05
N ALA E 193 -1.00 29.42 33.89
CA ALA E 193 -2.21 30.08 33.43
C ALA E 193 -2.04 31.57 33.15
N GLY E 194 -0.95 32.15 33.61
CA GLY E 194 -0.68 33.60 33.43
C GLY E 194 -1.31 34.56 34.45
N LEU E 195 -1.77 34.01 35.56
CA LEU E 195 -2.32 34.82 36.63
C LEU E 195 -1.19 35.52 37.37
N VAL E 196 -0.05 34.81 37.54
CA VAL E 196 1.18 35.40 38.02
C VAL E 196 2.24 35.22 36.94
N THR E 197 3.29 36.04 36.96
CA THR E 197 4.36 35.94 35.96
C THR E 197 5.73 35.53 36.49
N ARG E 198 5.90 35.54 37.83
CA ARG E 198 7.14 35.10 38.50
C ARG E 198 6.82 34.35 39.82
N VAL E 199 7.58 33.29 40.08
CA VAL E 199 7.50 32.49 41.28
C VAL E 199 8.88 32.43 41.93
N PHE E 200 8.97 32.83 43.19
CA PHE E 200 10.23 32.89 43.90
C PHE E 200 10.19 31.96 45.08
N GLU E 201 11.35 31.45 45.51
CA GLU E 201 11.50 30.90 46.86
C GLU E 201 10.91 31.91 47.89
N ASP E 202 10.27 31.40 48.92
CA ASP E 202 9.59 32.21 49.93
C ASP E 202 10.49 33.27 50.56
N ASP E 203 11.72 32.88 50.83
CA ASP E 203 12.67 33.74 51.56
C ASP E 203 13.25 34.89 50.73
N VAL E 204 13.06 34.89 49.41
CA VAL E 204 13.51 36.02 48.55
C VAL E 204 12.37 36.77 47.86
N LEU E 205 11.13 36.29 47.95
CA LEU E 205 9.99 36.92 47.24
C LEU E 205 9.93 38.42 47.43
N VAL E 206 10.02 38.85 48.69
CA VAL E 206 9.84 40.25 49.06
C VAL E 206 10.99 41.13 48.58
N ALA E 207 12.21 40.73 48.91
CA ALA E 207 13.39 41.44 48.39
C ALA E 207 13.42 41.54 46.85
N GLU E 208 13.03 40.49 46.14
CA GLU E 208 13.04 40.50 44.66
C GLU E 208 11.90 41.33 44.10
N SER E 209 10.74 41.29 44.78
CA SER E 209 9.63 42.16 44.39
C SER E 209 9.93 43.64 44.66
N LEU E 210 10.60 43.95 45.77
CA LEU E 210 10.98 45.32 46.09
C LEU E 210 11.99 45.90 45.09
N LYS E 211 12.97 45.08 44.71
CA LYS E 211 13.93 45.47 43.70
C LYS E 211 13.23 45.91 42.38
N ILE E 212 12.21 45.15 41.97
CA ILE E 212 11.46 45.49 40.78
C ILE E 212 10.64 46.76 40.98
N ALA E 213 9.96 46.86 42.11
CA ALA E 213 9.21 48.09 42.43
C ALA E 213 10.12 49.35 42.44
N GLU E 214 11.30 49.23 43.01
CA GLU E 214 12.28 50.33 43.05
C GLU E 214 12.75 50.70 41.65
N GLN E 215 12.97 49.70 40.80
CA GLN E 215 13.38 49.98 39.43
C GLN E 215 12.27 50.77 38.70
N VAL E 216 11.02 50.37 38.86
CA VAL E 216 9.92 51.05 38.19
C VAL E 216 9.78 52.49 38.70
N ALA E 217 9.90 52.64 40.01
CA ALA E 217 9.87 53.95 40.66
C ALA E 217 11.01 54.89 40.22
N SER E 218 12.10 54.36 39.67
CA SER E 218 13.23 55.17 39.16
C SER E 218 13.10 55.55 37.67
N LEU E 219 12.06 55.05 36.99
CA LEU E 219 11.87 55.35 35.58
C LEU E 219 11.16 56.69 35.44
N ALA E 220 11.17 57.22 34.22
CA ALA E 220 10.46 58.47 33.89
C ALA E 220 9.01 58.40 34.37
N PRO E 221 8.61 59.27 35.34
CA PRO E 221 7.31 59.09 35.99
C PRO E 221 6.10 59.24 35.08
N ASN E 222 6.08 60.23 34.19
CA ASN E 222 4.96 60.42 33.24
C ASN E 222 4.91 59.32 32.20
N SER E 223 6.07 58.84 31.75
CA SER E 223 6.13 57.67 30.87
C SER E 223 5.37 56.49 31.49
N VAL E 224 5.67 56.19 32.76
CA VAL E 224 5.07 55.06 33.45
C VAL E 224 3.58 55.31 33.68
N LYS E 225 3.23 56.45 34.25
CA LYS E 225 1.83 56.80 34.51
C LYS E 225 0.97 56.74 33.22
N GLN E 226 1.43 57.35 32.13
CA GLN E 226 0.70 57.35 30.84
C GLN E 226 0.60 55.96 30.22
N SER E 227 1.65 55.17 30.42
CA SER E 227 1.67 53.83 29.86
C SER E 227 0.61 53.01 30.54
N LYS E 228 0.57 53.09 31.86
CA LYS E 228 -0.47 52.37 32.61
C LYS E 228 -1.84 52.91 32.23
N ARG E 229 -1.99 54.22 32.07
CA ARG E 229 -3.29 54.80 31.69
C ARG E 229 -3.81 54.22 30.37
N LEU E 230 -2.93 54.17 29.35
CA LEU E 230 -3.29 53.56 28.06
C LEU E 230 -3.71 52.11 28.20
N ILE E 231 -2.97 51.33 29.00
CA ILE E 231 -3.28 49.93 29.17
C ILE E 231 -4.64 49.76 29.88
N ARG E 232 -4.82 50.47 30.99
CA ARG E 232 -6.04 50.33 31.80
C ARG E 232 -7.23 51.03 31.15
N GLY E 233 -6.96 52.01 30.29
CA GLY E 233 -8.04 52.74 29.60
C GLY E 233 -8.94 51.89 28.70
N VAL E 234 -8.45 50.76 28.22
CA VAL E 234 -9.23 49.93 27.34
C VAL E 234 -10.51 49.40 28.02
N ASN E 235 -10.41 48.90 29.25
CA ASN E 235 -11.59 48.38 29.95
C ASN E 235 -12.05 49.20 31.15
N LYS E 236 -11.49 50.38 31.33
CA LYS E 236 -11.75 51.19 32.52
C LYS E 236 -13.25 51.33 32.83
N GLU E 237 -14.03 51.75 31.84
CA GLU E 237 -15.48 51.98 32.01
C GLU E 237 -16.25 50.67 32.28
N GLU E 238 -15.93 49.62 31.53
CA GLU E 238 -16.60 48.33 31.74
C GLU E 238 -16.24 47.74 33.12
N VAL E 239 -15.03 47.99 33.63
CA VAL E 239 -14.67 47.51 34.99
C VAL E 239 -15.59 48.11 36.02
N GLN E 240 -15.79 49.43 35.97
CA GLN E 240 -16.71 50.10 36.92
C GLN E 240 -18.16 49.59 36.74
N ALA E 241 -18.64 49.50 35.50
CA ALA E 241 -20.01 49.00 35.26
C ALA E 241 -20.19 47.56 35.75
N GLN E 242 -19.20 46.70 35.53
CA GLN E 242 -19.30 45.30 35.96
C GLN E 242 -19.34 45.20 37.49
N MSE E 243 -18.58 46.03 38.19
CA MSE E 243 -18.65 46.03 39.67
C MSE E 243 -20.03 46.37 40.16
O MSE E 243 -20.48 45.77 41.14
CB MSE E 243 -17.64 46.93 40.38
CG MSE E 243 -16.32 46.22 40.55
SE MSE E 243 -15.05 47.49 41.34
CE MSE E 243 -13.40 46.83 40.48
N LYS E 244 -20.70 47.32 39.50
CA LYS E 244 -22.08 47.63 39.87
C LYS E 244 -23.03 46.47 39.54
N ARG E 245 -22.91 45.84 38.37
CA ARG E 245 -23.79 44.70 38.05
C ARG E 245 -23.60 43.57 39.05
N GLU E 246 -22.34 43.22 39.35
CA GLU E 246 -22.04 42.15 40.30
C GLU E 246 -22.61 42.49 41.66
N GLY E 247 -22.46 43.76 42.06
CA GLY E 247 -22.83 44.25 43.38
C GLY E 247 -24.29 44.03 43.73
N VAL E 248 -25.18 44.28 42.77
CA VAL E 248 -26.62 44.10 42.96
C VAL E 248 -26.94 42.63 43.22
N ILE E 249 -26.39 41.75 42.40
CA ILE E 249 -26.62 40.31 42.55
C ILE E 249 -25.97 39.79 43.84
N PHE E 250 -24.80 40.32 44.18
CA PHE E 250 -24.08 39.93 45.39
C PHE E 250 -24.89 40.25 46.64
N ALA E 251 -25.40 41.47 46.73
CA ALA E 251 -26.20 41.92 47.87
C ALA E 251 -27.41 41.02 48.07
N GLU E 252 -28.08 40.70 46.97
CA GLU E 252 -29.22 39.79 46.94
C GLU E 252 -28.84 38.38 47.47
N GLN E 253 -27.75 37.81 46.98
CA GLN E 253 -27.27 36.51 47.49
C GLN E 253 -26.86 36.55 48.98
N LEU E 254 -26.20 37.63 49.40
CA LEU E 254 -25.77 37.81 50.81
C LEU E 254 -26.91 37.78 51.83
N ALA E 255 -28.06 38.31 51.42
CA ALA E 255 -29.29 38.34 52.21
C ALA E 255 -30.22 37.14 51.99
N SER E 256 -29.80 36.15 51.19
CA SER E 256 -30.67 35.03 50.80
C SER E 256 -30.43 33.82 51.68
N ALA E 257 -31.39 32.89 51.63
CA ALA E 257 -31.28 31.59 52.31
C ALA E 257 -30.08 30.75 51.85
N GLU E 258 -29.70 30.89 50.58
CA GLU E 258 -28.56 30.16 50.01
C GLU E 258 -27.24 30.49 50.71
N PHE E 259 -27.02 31.77 51.02
CA PHE E 259 -25.82 32.17 51.76
C PHE E 259 -25.87 31.62 53.19
N LYS E 260 -27.00 31.83 53.87
CA LYS E 260 -27.18 31.36 55.26
C LYS E 260 -26.82 29.88 55.36
N GLU E 261 -27.41 29.09 54.47
CA GLU E 261 -27.26 27.64 54.45
C GLU E 261 -25.82 27.18 54.10
N SER E 262 -25.19 27.86 53.14
CA SER E 262 -23.81 27.52 52.77
C SER E 262 -22.92 27.69 53.99
N VAL E 263 -23.08 28.83 54.66
CA VAL E 263 -22.26 29.16 55.81
C VAL E 263 -22.59 28.27 57.04
N ALA E 264 -23.88 28.10 57.32
CA ALA E 264 -24.33 27.27 58.44
C ALA E 264 -23.84 25.82 58.30
N ALA E 265 -23.92 25.29 57.07
CA ALA E 265 -23.45 23.94 56.75
C ALA E 265 -22.00 23.72 57.16
N PHE E 266 -21.12 24.68 56.84
CA PHE E 266 -19.73 24.55 57.23
C PHE E 266 -19.58 24.50 58.76
N PHE E 267 -20.21 25.45 59.47
CA PHE E 267 -20.09 25.53 60.94
C PHE E 267 -20.78 24.38 61.67
N GLU E 268 -21.80 23.81 61.06
CA GLU E 268 -22.52 22.67 61.64
C GLU E 268 -21.93 21.31 61.22
N LYS E 269 -20.82 21.34 60.47
CA LYS E 269 -20.07 20.15 60.05
C LYS E 269 -20.96 19.13 59.33
N ARG E 270 -21.71 19.63 58.35
CA ARG E 270 -22.64 18.82 57.55
C ARG E 270 -22.63 19.28 56.11
N ALA E 271 -23.22 18.45 55.25
CA ALA E 271 -23.39 18.77 53.84
C ALA E 271 -24.53 19.79 53.71
N PRO E 272 -24.33 20.88 52.93
CA PRO E 272 -25.44 21.79 52.69
C PRO E 272 -26.56 21.14 51.87
N HIS E 273 -27.79 21.58 52.11
CA HIS E 273 -28.94 21.06 51.39
C HIS E 273 -29.69 22.23 50.77
N PHE E 274 -29.87 22.16 49.45
CA PHE E 274 -30.64 23.17 48.71
C PHE E 274 -31.75 22.41 48.01
N ALA E 275 -32.98 22.65 48.43
CA ALA E 275 -34.14 21.92 47.89
C ALA E 275 -34.34 22.21 46.39
N LYS F 25 -16.12 5.14 0.11
CA LYS F 25 -17.03 5.50 -1.03
C LYS F 25 -17.32 4.32 -1.96
N SER F 26 -18.53 4.32 -2.54
CA SER F 26 -18.98 3.26 -3.45
C SER F 26 -18.41 3.39 -4.88
N LEU F 27 -17.93 4.58 -5.23
CA LEU F 27 -17.18 4.83 -6.47
C LEU F 27 -15.86 5.55 -6.13
N ASN F 28 -14.72 4.87 -6.32
CA ASN F 28 -13.41 5.52 -6.14
C ASN F 28 -13.07 6.24 -7.43
N VAL F 29 -12.56 7.45 -7.28
CA VAL F 29 -12.31 8.37 -8.37
C VAL F 29 -10.91 8.92 -8.20
N SER F 30 -10.11 8.88 -9.27
CA SER F 30 -8.85 9.64 -9.28
C SER F 30 -8.66 10.21 -10.68
N LEU F 31 -7.85 11.26 -10.77
CA LEU F 31 -7.56 11.99 -11.99
C LEU F 31 -6.05 12.23 -12.10
N ASN F 32 -5.43 11.60 -13.09
CA ASN F 32 -3.99 11.67 -13.33
C ASN F 32 -3.74 11.45 -14.81
N ASN F 33 -2.78 12.20 -15.34
CA ASN F 33 -2.37 12.09 -16.74
C ASN F 33 -3.55 12.29 -17.69
N ARG F 34 -4.50 13.13 -17.25
CA ARG F 34 -5.74 13.41 -17.95
C ARG F 34 -6.70 12.23 -18.16
N VAL F 35 -6.50 11.18 -17.38
CA VAL F 35 -7.44 10.07 -17.30
C VAL F 35 -8.23 10.09 -15.99
N LEU F 36 -9.55 10.11 -16.12
CA LEU F 36 -10.45 9.98 -14.96
C LEU F 36 -10.67 8.50 -14.70
N SER F 37 -10.09 7.97 -13.62
CA SER F 37 -10.24 6.53 -13.27
C SER F 37 -11.44 6.37 -12.35
N LEU F 38 -12.39 5.52 -12.75
CA LEU F 38 -13.60 5.28 -11.98
C LEU F 38 -13.61 3.84 -11.60
N THR F 39 -13.59 3.55 -10.29
CA THR F 39 -13.54 2.17 -9.84
C THR F 39 -14.75 1.89 -8.97
N ILE F 40 -15.61 1.00 -9.45
CA ILE F 40 -16.80 0.61 -8.70
C ILE F 40 -16.37 -0.20 -7.48
N ASN F 41 -16.89 0.19 -6.31
CA ASN F 41 -16.36 -0.29 -5.06
C ASN F 41 -17.47 -0.62 -4.04
N ARG F 42 -18.22 -1.69 -4.29
CA ARG F 42 -19.06 -2.31 -3.29
C ARG F 42 -18.78 -3.82 -3.29
N PRO F 43 -17.51 -4.22 -3.13
CA PRO F 43 -17.18 -5.66 -3.22
C PRO F 43 -17.97 -6.56 -2.25
N GLU F 44 -18.42 -6.01 -1.13
CA GLU F 44 -19.32 -6.70 -0.20
C GLU F 44 -20.64 -7.19 -0.86
N LEU F 45 -21.19 -6.39 -1.78
CA LEU F 45 -22.38 -6.81 -2.55
C LEU F 45 -22.08 -7.15 -4.02
N LYS F 46 -20.87 -7.65 -4.27
CA LYS F 46 -20.42 -7.99 -5.62
C LYS F 46 -20.62 -6.83 -6.60
N ASN F 47 -20.38 -5.62 -6.14
CA ASN F 47 -20.44 -4.43 -7.00
C ASN F 47 -21.79 -4.22 -7.67
N ALA F 48 -22.87 -4.59 -6.96
CA ALA F 48 -24.21 -4.36 -7.40
C ALA F 48 -24.50 -2.87 -7.47
N LEU F 49 -25.19 -2.43 -8.53
CA LEU F 49 -25.44 -1.02 -8.76
C LEU F 49 -26.71 -0.59 -8.07
N ASN F 50 -26.60 0.43 -7.22
CA ASN F 50 -27.73 1.02 -6.53
C ASN F 50 -27.86 2.48 -6.99
N ARG F 51 -28.84 3.20 -6.43
CA ARG F 51 -29.10 4.61 -6.75
C ARG F 51 -27.88 5.50 -6.58
N GLU F 52 -27.22 5.38 -5.44
CA GLU F 52 -26.04 6.18 -5.10
C GLU F 52 -24.92 6.00 -6.14
N LEU F 53 -24.68 4.76 -6.53
CA LEU F 53 -23.60 4.44 -7.46
C LEU F 53 -23.89 4.95 -8.89
N TYR F 54 -25.13 4.75 -9.33
CA TYR F 54 -25.61 5.31 -10.60
C TYR F 54 -25.44 6.83 -10.66
N ALA F 55 -25.81 7.51 -9.57
CA ALA F 55 -25.72 8.97 -9.45
C ALA F 55 -24.29 9.40 -9.54
N ALA F 56 -23.42 8.71 -8.79
CA ALA F 56 -21.99 9.01 -8.81
C ALA F 56 -21.34 8.74 -10.20
N LEU F 57 -21.72 7.66 -10.88
CA LEU F 57 -21.19 7.41 -12.22
C LEU F 57 -21.66 8.49 -13.18
N ALA F 58 -22.94 8.84 -13.10
CA ALA F 58 -23.49 9.92 -13.92
C ALA F 58 -22.72 11.23 -13.68
N ASP F 59 -22.51 11.59 -12.41
CA ASP F 59 -21.77 12.82 -12.05
C ASP F 59 -20.39 12.85 -12.71
N GLU F 60 -19.67 11.75 -12.64
CA GLU F 60 -18.29 11.71 -13.14
C GLU F 60 -18.21 11.73 -14.67
N LEU F 61 -19.13 11.03 -15.33
CA LEU F 61 -19.13 11.02 -16.79
C LEU F 61 -19.51 12.40 -17.33
N GLU F 62 -20.46 13.07 -16.66
CA GLU F 62 -20.81 14.45 -17.05
C GLU F 62 -19.61 15.40 -16.86
N ARG F 63 -18.88 15.21 -15.76
CA ARG F 63 -17.67 15.99 -15.50
C ARG F 63 -16.68 15.81 -16.64
N SER F 64 -16.49 14.58 -17.08
CA SER F 64 -15.55 14.30 -18.18
C SER F 64 -15.84 15.11 -19.45
N ASN F 65 -17.12 15.33 -19.78
CA ASN F 65 -17.51 16.11 -20.99
C ASN F 65 -17.15 17.55 -20.89
N HIS F 66 -17.27 18.13 -19.69
CA HIS F 66 -17.13 19.59 -19.49
C HIS F 66 -15.72 20.04 -19.15
N ASP F 67 -14.88 19.14 -18.65
CA ASP F 67 -13.47 19.45 -18.37
C ASP F 67 -12.64 19.06 -19.61
N ASP F 68 -12.08 20.06 -20.27
CA ASP F 68 -11.18 19.84 -21.40
C ASP F 68 -9.87 19.16 -21.04
N GLN F 69 -9.50 19.16 -19.76
CA GLN F 69 -8.31 18.43 -19.32
C GLN F 69 -8.59 16.99 -18.90
N ILE F 70 -9.83 16.52 -19.03
CA ILE F 70 -10.14 15.09 -18.88
C ILE F 70 -10.35 14.54 -20.29
N ARG F 71 -9.46 13.65 -20.74
CA ARG F 71 -9.46 13.21 -22.15
C ARG F 71 -9.69 11.69 -22.37
N ALA F 72 -9.85 10.95 -21.29
CA ALA F 72 -10.21 9.57 -21.32
C ALA F 72 -10.76 9.19 -19.96
N VAL F 73 -11.63 8.18 -19.98
CA VAL F 73 -12.16 7.59 -18.76
C VAL F 73 -11.70 6.13 -18.74
N LEU F 74 -11.17 5.69 -17.61
CA LEU F 74 -10.92 4.29 -17.33
C LEU F 74 -11.95 3.82 -16.29
N LEU F 75 -12.75 2.84 -16.66
CA LEU F 75 -13.80 2.30 -15.79
C LEU F 75 -13.44 0.86 -15.40
N THR F 76 -13.42 0.57 -14.10
CA THR F 76 -13.24 -0.81 -13.64
C THR F 76 -13.92 -1.03 -12.28
N ALA F 77 -13.62 -2.15 -11.62
CA ALA F 77 -14.24 -2.46 -10.33
C ALA F 77 -13.26 -3.21 -9.44
N ASN F 78 -13.46 -3.07 -8.14
CA ASN F 78 -12.61 -3.76 -7.16
C ASN F 78 -13.06 -5.20 -6.93
N GLY F 79 -12.10 -6.07 -6.64
CA GLY F 79 -12.34 -7.46 -6.30
C GLY F 79 -12.51 -8.35 -7.52
N ASP F 80 -13.27 -9.43 -7.34
CA ASP F 80 -13.37 -10.54 -8.30
C ASP F 80 -14.59 -10.45 -9.26
N THR F 81 -15.41 -9.40 -9.11
CA THR F 81 -16.60 -9.20 -9.92
C THR F 81 -16.56 -7.82 -10.52
N PHE F 82 -16.99 -7.67 -11.78
CA PHE F 82 -17.14 -6.33 -12.37
C PHE F 82 -18.43 -5.72 -11.80
N THR F 83 -19.58 -6.33 -12.09
CA THR F 83 -20.79 -6.06 -11.32
C THR F 83 -21.78 -7.20 -11.49
N ALA F 84 -22.44 -7.52 -10.39
CA ALA F 84 -23.49 -8.54 -10.38
C ALA F 84 -24.84 -8.02 -10.87
N GLY F 85 -24.92 -6.76 -11.32
CA GLY F 85 -26.15 -6.21 -11.89
C GLY F 85 -26.81 -5.23 -10.94
N ASN F 86 -28.11 -5.01 -11.13
CA ASN F 86 -28.89 -4.18 -10.21
C ASN F 86 -28.99 -4.77 -8.81
N ASP F 87 -28.74 -3.93 -7.80
CA ASP F 87 -29.01 -4.26 -6.39
C ASP F 87 -30.51 -4.53 -6.27
N LEU F 88 -30.89 -5.73 -5.82
CA LEU F 88 -32.31 -6.14 -5.75
C LEU F 88 -33.13 -5.27 -4.77
N ASP F 89 -32.66 -5.14 -3.54
CA ASP F 89 -33.35 -4.33 -2.50
C ASP F 89 -33.64 -2.91 -3.00
N ASP F 90 -32.58 -2.26 -3.47
CA ASP F 90 -32.67 -0.92 -4.04
C ASP F 90 -33.55 -0.88 -5.31
N PHE F 91 -33.53 -1.96 -6.09
CA PHE F 91 -34.39 -2.15 -7.28
C PHE F 91 -35.87 -1.95 -7.00
N ILE F 92 -36.35 -2.55 -5.91
CA ILE F 92 -37.78 -2.58 -5.56
C ILE F 92 -38.15 -1.73 -4.33
N ASN F 93 -37.38 -0.67 -4.10
CA ASN F 93 -37.67 0.29 -3.04
C ASN F 93 -38.93 1.08 -3.46
N PRO F 94 -40.02 1.01 -2.63
CA PRO F 94 -41.22 1.79 -2.97
C PRO F 94 -40.99 3.31 -3.01
N VAL F 95 -40.13 3.83 -2.14
CA VAL F 95 -39.82 5.28 -2.09
C VAL F 95 -39.18 5.72 -3.40
N GLU F 96 -39.93 6.47 -4.20
CA GLU F 96 -39.49 6.98 -5.50
C GLU F 96 -38.52 8.15 -5.31
N GLU F 97 -37.59 8.31 -6.25
CA GLU F 97 -36.55 9.35 -6.17
C GLU F 97 -37.09 10.77 -6.44
N SER F 98 -36.36 11.77 -5.93
CA SER F 98 -36.59 13.17 -6.27
C SER F 98 -35.89 13.46 -7.59
N GLY F 99 -36.59 14.14 -8.50
CA GLY F 99 -36.05 14.47 -9.82
C GLY F 99 -35.91 13.27 -10.74
N THR F 100 -34.93 13.33 -11.65
CA THR F 100 -34.67 12.24 -12.61
C THR F 100 -34.05 11.03 -11.90
N PRO F 101 -34.61 9.81 -12.08
CA PRO F 101 -34.01 8.62 -11.44
C PRO F 101 -32.55 8.45 -11.81
N SER F 102 -31.73 8.06 -10.84
CA SER F 102 -30.29 7.99 -11.02
C SER F 102 -29.91 7.05 -12.16
N VAL F 103 -30.61 5.94 -12.30
CA VAL F 103 -30.33 5.00 -13.40
C VAL F 103 -30.51 5.67 -14.77
N ILE F 104 -31.53 6.52 -14.89
CA ILE F 104 -31.79 7.23 -16.13
C ILE F 104 -30.70 8.27 -16.42
N ARG F 105 -30.27 9.02 -15.40
CA ARG F 105 -29.14 9.94 -15.52
C ARG F 105 -27.89 9.18 -15.98
N PHE F 106 -27.62 8.01 -15.39
CA PHE F 106 -26.46 7.22 -15.77
C PHE F 106 -26.53 6.77 -17.24
N LEU F 107 -27.69 6.26 -17.66
CA LEU F 107 -27.81 5.74 -19.01
C LEU F 107 -27.69 6.85 -20.01
N LYS F 108 -28.24 8.02 -19.69
CA LYS F 108 -28.07 9.18 -20.54
C LYS F 108 -26.61 9.66 -20.56
N ALA F 109 -25.97 9.74 -19.40
CA ALA F 109 -24.58 10.20 -19.33
C ALA F 109 -23.63 9.28 -20.05
N ILE F 110 -23.78 7.96 -19.91
CA ILE F 110 -22.83 7.05 -20.61
C ILE F 110 -23.11 6.92 -22.11
N SER F 111 -24.39 7.01 -22.50
CA SER F 111 -24.77 6.88 -23.90
C SER F 111 -24.38 8.12 -24.68
N GLU F 112 -24.35 9.25 -24.00
CA GLU F 112 -23.97 10.55 -24.65
C GLU F 112 -22.57 11.07 -24.29
N CYS F 113 -21.81 10.32 -23.49
CA CYS F 113 -20.47 10.74 -23.11
C CYS F 113 -19.61 11.02 -24.35
N GLU F 114 -18.99 12.18 -24.39
CA GLU F 114 -18.16 12.61 -25.50
C GLU F 114 -16.72 12.12 -25.34
N THR F 115 -16.38 11.73 -24.11
CA THR F 115 -15.05 11.32 -23.75
C THR F 115 -14.89 9.85 -24.12
N PRO F 116 -13.73 9.47 -24.64
CA PRO F 116 -13.51 8.02 -24.87
C PRO F 116 -13.39 7.29 -23.54
N ILE F 117 -14.04 6.13 -23.44
CA ILE F 117 -14.07 5.31 -22.23
C ILE F 117 -13.40 3.96 -22.51
N VAL F 118 -12.40 3.65 -21.70
CA VAL F 118 -11.76 2.35 -21.71
C VAL F 118 -12.38 1.64 -20.50
N VAL F 119 -12.93 0.45 -20.73
CA VAL F 119 -13.49 -0.37 -19.64
C VAL F 119 -12.70 -1.70 -19.53
N ALA F 120 -12.29 -1.99 -18.30
CA ALA F 120 -11.52 -3.16 -17.95
C ALA F 120 -12.38 -4.06 -17.09
N VAL F 121 -12.92 -5.11 -17.70
CA VAL F 121 -13.88 -6.01 -17.04
C VAL F 121 -13.07 -7.08 -16.29
N ASN F 122 -13.08 -6.98 -14.97
CA ASN F 122 -12.24 -7.79 -14.08
C ASN F 122 -12.88 -9.07 -13.61
N GLY F 123 -14.16 -9.30 -13.92
CA GLY F 123 -14.88 -10.50 -13.46
C GLY F 123 -16.28 -10.56 -14.05
N PRO F 124 -17.18 -11.38 -13.47
CA PRO F 124 -18.54 -11.42 -13.98
C PRO F 124 -19.17 -10.04 -14.17
N ALA F 125 -19.73 -9.84 -15.37
CA ALA F 125 -20.46 -8.63 -15.75
C ALA F 125 -21.84 -9.08 -16.11
N ILE F 126 -22.78 -8.83 -15.22
CA ILE F 126 -24.12 -9.37 -15.28
C ILE F 126 -25.15 -8.26 -15.49
N GLY F 127 -26.06 -8.48 -16.44
CA GLY F 127 -27.18 -7.57 -16.67
C GLY F 127 -26.72 -6.20 -17.13
N VAL F 128 -26.90 -5.20 -16.28
CA VAL F 128 -26.42 -3.86 -16.62
C VAL F 128 -24.88 -3.82 -16.65
N GLY F 129 -24.22 -4.77 -16.00
CA GLY F 129 -22.77 -4.90 -16.18
C GLY F 129 -22.36 -5.23 -17.61
N LEU F 130 -23.18 -6.03 -18.30
CA LEU F 130 -22.95 -6.31 -19.71
C LEU F 130 -23.44 -5.13 -20.56
N THR F 131 -24.66 -4.66 -20.34
CA THR F 131 -25.22 -3.67 -21.30
C THR F 131 -24.47 -2.33 -21.32
N MSE F 132 -23.88 -1.94 -20.19
CA MSE F 132 -23.09 -0.70 -20.13
C MSE F 132 -21.87 -0.72 -21.00
O MSE F 132 -21.42 0.35 -21.45
CB MSE F 132 -22.72 -0.30 -18.70
CG MSE F 132 -21.54 -1.04 -18.05
SE MSE F 132 -21.14 -0.36 -16.26
CE MSE F 132 -22.87 -0.32 -15.39
N LEU F 133 -21.34 -1.92 -21.29
CA LEU F 133 -20.17 -2.11 -22.17
C LEU F 133 -20.45 -1.72 -23.61
N LEU F 134 -21.71 -1.82 -24.03
CA LEU F 134 -22.11 -1.41 -25.39
C LEU F 134 -21.98 0.10 -25.59
N HIS F 135 -21.90 0.86 -24.50
CA HIS F 135 -21.71 2.32 -24.53
C HIS F 135 -20.28 2.76 -24.16
N CYS F 136 -19.40 1.80 -23.84
CA CYS F 136 -17.98 2.05 -23.74
C CYS F 136 -17.33 1.89 -25.09
N ASP F 137 -16.13 2.43 -25.24
CA ASP F 137 -15.42 2.42 -26.52
C ASP F 137 -14.40 1.30 -26.65
N MSE F 138 -13.46 1.27 -25.71
CA MSE F 138 -12.42 0.23 -25.69
C MSE F 138 -12.87 -0.74 -24.63
O MSE F 138 -12.98 -0.37 -23.44
CB MSE F 138 -11.05 0.80 -25.35
CG MSE F 138 -10.23 1.15 -26.60
SE MSE F 138 -11.02 2.70 -27.63
CE MSE F 138 -10.61 4.17 -26.38
N VAL F 139 -13.11 -2.00 -25.04
CA VAL F 139 -13.67 -2.98 -24.13
C VAL F 139 -12.65 -4.10 -23.93
N TYR F 140 -12.06 -4.14 -22.74
CA TYR F 140 -11.03 -5.15 -22.44
C TYR F 140 -11.47 -5.94 -21.22
N ALA F 141 -10.91 -7.15 -21.06
CA ALA F 141 -11.37 -8.13 -20.08
C ALA F 141 -10.21 -8.92 -19.48
N SER F 142 -10.38 -9.39 -18.26
CA SER F 142 -9.45 -10.35 -17.67
C SER F 142 -9.89 -11.76 -18.05
N LYS F 143 -9.00 -12.75 -17.87
CA LYS F 143 -9.31 -14.16 -18.16
C LYS F 143 -10.46 -14.70 -17.30
N SER F 144 -10.61 -14.13 -16.12
CA SER F 144 -11.68 -14.53 -15.20
C SER F 144 -13.01 -13.79 -15.49
N ALA F 145 -13.05 -12.88 -16.47
CA ALA F 145 -14.28 -12.20 -16.82
C ALA F 145 -15.34 -13.16 -17.39
N ARG F 146 -16.59 -12.89 -17.07
CA ARG F 146 -17.73 -13.64 -17.57
C ARG F 146 -18.78 -12.61 -17.94
N PHE F 147 -19.73 -12.98 -18.80
CA PHE F 147 -20.69 -12.04 -19.37
C PHE F 147 -22.05 -12.69 -19.46
N ARG F 148 -23.07 -12.00 -18.97
CA ARG F 148 -24.42 -12.53 -19.02
C ARG F 148 -25.45 -11.41 -18.97
N ALA F 149 -26.54 -11.58 -19.73
CA ALA F 149 -27.65 -10.60 -19.77
C ALA F 149 -28.93 -11.38 -19.71
N PRO F 150 -29.22 -11.99 -18.54
CA PRO F 150 -30.31 -12.92 -18.41
C PRO F 150 -31.65 -12.25 -18.10
N PHE F 151 -32.09 -11.35 -18.98
CA PHE F 151 -33.32 -10.57 -18.72
C PHE F 151 -34.53 -11.50 -18.57
N THR F 152 -34.60 -12.52 -19.43
CA THR F 152 -35.67 -13.50 -19.43
C THR F 152 -35.71 -14.41 -18.20
N HIS F 153 -34.58 -14.72 -17.60
CA HIS F 153 -34.58 -15.51 -16.34
C HIS F 153 -35.22 -14.77 -15.17
N VAL F 154 -35.22 -13.44 -15.20
CA VAL F 154 -35.86 -12.65 -14.15
C VAL F 154 -37.24 -12.09 -14.57
N GLY F 155 -37.66 -12.37 -15.80
CA GLY F 155 -38.99 -11.93 -16.28
C GLY F 155 -39.05 -10.51 -16.78
N LEU F 156 -37.90 -9.94 -17.13
CA LEU F 156 -37.80 -8.58 -17.59
C LEU F 156 -37.47 -8.55 -19.09
N VAL F 157 -36.93 -7.43 -19.60
CA VAL F 157 -36.62 -7.26 -21.02
C VAL F 157 -35.30 -6.51 -21.11
N PRO F 158 -34.66 -6.50 -22.31
CA PRO F 158 -33.42 -5.75 -22.48
C PRO F 158 -33.53 -4.26 -22.15
N GLU F 159 -32.46 -3.73 -21.59
CA GLU F 159 -32.40 -2.33 -21.26
C GLU F 159 -31.12 -1.68 -21.86
N ALA F 160 -31.00 -0.37 -21.67
CA ALA F 160 -29.87 0.43 -22.09
C ALA F 160 -29.64 0.29 -23.60
N ALA F 161 -30.74 0.11 -24.33
CA ALA F 161 -30.77 -0.04 -25.78
C ALA F 161 -30.00 -1.25 -26.27
N SER F 162 -29.81 -2.27 -25.42
CA SER F 162 -29.11 -3.48 -25.83
C SER F 162 -29.89 -4.29 -26.90
N SER F 163 -31.21 -4.11 -27.00
CA SER F 163 -32.01 -4.77 -28.01
C SER F 163 -31.61 -4.31 -29.42
N LEU F 164 -31.10 -3.08 -29.51
CA LEU F 164 -30.50 -2.54 -30.75
C LEU F 164 -28.98 -2.79 -30.83
N LEU F 165 -28.26 -2.47 -29.75
CA LEU F 165 -26.79 -2.44 -29.75
C LEU F 165 -26.11 -3.79 -29.66
N LEU F 166 -26.71 -4.74 -28.94
CA LEU F 166 -26.07 -6.06 -28.77
C LEU F 166 -25.96 -6.82 -30.11
N PRO F 167 -27.06 -6.84 -30.91
CA PRO F 167 -26.91 -7.47 -32.24
C PRO F 167 -25.95 -6.74 -33.15
N LEU F 168 -25.86 -5.41 -33.07
CA LEU F 168 -24.88 -4.68 -33.86
C LEU F 168 -23.46 -5.08 -33.46
N ALA F 169 -23.26 -5.33 -32.18
CA ALA F 169 -21.94 -5.57 -31.62
C ALA F 169 -21.44 -7.00 -31.90
N VAL F 170 -22.30 -8.00 -31.81
CA VAL F 170 -21.89 -9.43 -31.89
C VAL F 170 -22.68 -10.28 -32.90
N GLY F 171 -23.65 -9.68 -33.58
CA GLY F 171 -24.54 -10.40 -34.48
C GLY F 171 -25.78 -10.95 -33.78
N GLN F 172 -26.77 -11.30 -34.58
CA GLN F 172 -28.10 -11.68 -34.12
C GLN F 172 -28.02 -12.99 -33.33
N ALA F 173 -27.20 -13.93 -33.81
CA ALA F 173 -27.16 -15.24 -33.20
C ALA F 173 -26.52 -15.19 -31.80
N TRP F 174 -25.39 -14.53 -31.64
CA TRP F 174 -24.83 -14.33 -30.30
C TRP F 174 -25.75 -13.50 -29.40
N ALA F 175 -26.30 -12.40 -29.93
CA ALA F 175 -27.22 -11.55 -29.17
C ALA F 175 -28.44 -12.35 -28.64
N ASN F 176 -28.97 -13.28 -29.43
CA ASN F 176 -30.12 -14.01 -28.94
C ASN F 176 -29.70 -15.09 -27.94
N ASP F 177 -28.52 -15.69 -28.13
CA ASP F 177 -28.04 -16.73 -27.23
C ASP F 177 -27.86 -16.06 -25.84
N LEU F 178 -27.33 -14.84 -25.82
CA LEU F 178 -27.28 -14.04 -24.59
C LEU F 178 -28.66 -13.64 -24.00
N MSE F 179 -29.46 -12.91 -24.78
CA MSE F 179 -30.67 -12.24 -24.24
C MSE F 179 -31.86 -13.16 -24.04
O MSE F 179 -32.60 -12.99 -23.09
CB MSE F 179 -31.07 -11.02 -25.06
CG MSE F 179 -30.12 -9.88 -24.69
SE MSE F 179 -30.40 -8.22 -25.73
CE MSE F 179 -30.29 -8.90 -27.55
N LEU F 180 -32.07 -14.10 -24.95
CA LEU F 180 -33.24 -15.00 -24.84
C LEU F 180 -32.89 -16.27 -24.04
N ALA F 181 -31.78 -16.91 -24.35
CA ALA F 181 -31.40 -18.16 -23.70
C ALA F 181 -30.61 -17.99 -22.40
N GLY F 182 -30.16 -16.79 -22.08
CA GLY F 182 -29.41 -16.58 -20.83
C GLY F 182 -28.01 -17.20 -20.76
N ARG F 183 -27.36 -17.34 -21.90
CA ARG F 183 -26.02 -17.89 -21.92
C ARG F 183 -25.01 -17.03 -21.17
N ILE F 184 -24.12 -17.69 -20.44
CA ILE F 184 -22.96 -17.09 -19.80
C ILE F 184 -21.74 -17.30 -20.71
N LEU F 185 -21.07 -16.22 -21.10
CA LEU F 185 -19.84 -16.29 -21.89
C LEU F 185 -18.61 -16.14 -21.03
N ASP F 186 -17.56 -16.92 -21.31
CA ASP F 186 -16.23 -16.61 -20.73
C ASP F 186 -15.51 -15.56 -21.59
N ALA F 187 -14.32 -15.15 -21.14
CA ALA F 187 -13.59 -14.09 -21.79
C ALA F 187 -13.20 -14.48 -23.22
N ARG F 188 -12.77 -15.71 -23.44
CA ARG F 188 -12.36 -16.11 -24.79
C ARG F 188 -13.54 -16.12 -25.77
N GLU F 189 -14.72 -16.56 -25.32
CA GLU F 189 -15.92 -16.56 -26.14
C GLU F 189 -16.35 -15.12 -26.44
N ALA F 190 -16.22 -14.23 -25.45
CA ALA F 190 -16.55 -12.80 -25.65
C ALA F 190 -15.63 -12.18 -26.71
N LEU F 191 -14.37 -12.55 -26.67
CA LEU F 191 -13.40 -12.10 -27.65
C LEU F 191 -13.73 -12.62 -29.03
N SER F 192 -14.00 -13.92 -29.14
CA SER F 192 -14.31 -14.51 -30.44
C SER F 192 -15.60 -13.89 -31.03
N ALA F 193 -16.56 -13.53 -30.17
CA ALA F 193 -17.77 -12.87 -30.64
C ALA F 193 -17.60 -11.39 -30.94
N GLY F 194 -16.50 -10.80 -30.46
CA GLY F 194 -16.24 -9.35 -30.64
C GLY F 194 -16.87 -8.40 -29.63
N LEU F 195 -17.34 -8.93 -28.52
CA LEU F 195 -17.88 -8.12 -27.45
C LEU F 195 -16.74 -7.41 -26.71
N VAL F 196 -15.62 -8.13 -26.55
CA VAL F 196 -14.39 -7.54 -26.07
C VAL F 196 -13.32 -7.73 -27.14
N THR F 197 -12.27 -6.91 -27.12
CA THR F 197 -11.19 -7.02 -28.12
C THR F 197 -9.83 -7.43 -27.57
N ARG F 198 -9.66 -7.41 -26.25
CA ARG F 198 -8.44 -7.86 -25.56
C ARG F 198 -8.75 -8.60 -24.25
N VAL F 199 -7.99 -9.66 -23.99
CA VAL F 199 -8.07 -10.45 -22.79
C VAL F 199 -6.68 -10.49 -22.13
N PHE F 200 -6.61 -10.09 -20.87
CA PHE F 200 -5.35 -10.02 -20.16
C PHE F 200 -5.42 -10.96 -18.97
N GLU F 201 -4.26 -11.46 -18.55
CA GLU F 201 -4.10 -12.02 -17.18
C GLU F 201 -4.69 -11.02 -16.17
N ASP F 202 -5.33 -11.53 -15.13
CA ASP F 202 -6.02 -10.71 -14.12
C ASP F 202 -5.13 -9.65 -13.50
N ASP F 203 -3.88 -10.04 -13.21
CA ASP F 203 -2.94 -9.20 -12.48
C ASP F 203 -2.36 -8.03 -13.31
N VAL F 204 -2.54 -8.03 -14.64
CA VAL F 204 -2.09 -6.91 -15.49
C VAL F 204 -3.24 -6.14 -16.18
N LEU F 205 -4.48 -6.63 -16.09
CA LEU F 205 -5.61 -6.00 -16.80
C LEU F 205 -5.67 -4.49 -16.62
N VAL F 206 -5.57 -4.06 -15.36
CA VAL F 206 -5.77 -2.65 -15.00
C VAL F 206 -4.62 -1.78 -15.48
N ALA F 207 -3.40 -2.18 -15.15
CA ALA F 207 -2.21 -1.48 -15.66
C ALA F 207 -2.18 -1.37 -17.21
N GLU F 208 -2.56 -2.43 -17.91
CA GLU F 208 -2.56 -2.41 -19.39
C GLU F 208 -3.70 -1.59 -19.95
N SER F 209 -4.85 -1.63 -19.28
CA SER F 209 -5.97 -0.77 -19.66
C SER F 209 -5.66 0.72 -19.42
N LEU F 210 -5.01 1.03 -18.29
CA LEU F 210 -4.64 2.40 -17.99
C LEU F 210 -3.60 2.97 -18.97
N LYS F 211 -2.63 2.15 -19.36
CA LYS F 211 -1.66 2.54 -20.36
C LYS F 211 -2.34 2.97 -21.67
N ILE F 212 -3.36 2.22 -22.09
CA ILE F 212 -4.10 2.56 -23.29
C ILE F 212 -4.92 3.83 -23.10
N ALA F 213 -5.61 3.94 -21.97
CA ALA F 213 -6.36 5.16 -21.67
C ALA F 213 -5.47 6.42 -21.66
N GLU F 214 -4.28 6.30 -21.06
CA GLU F 214 -3.30 7.40 -21.02
C GLU F 214 -2.81 7.78 -22.41
N GLN F 215 -2.59 6.77 -23.27
CA GLN F 215 -2.18 7.04 -24.63
C GLN F 215 -3.27 7.82 -25.38
N VAL F 216 -4.53 7.42 -25.22
CA VAL F 216 -5.63 8.11 -25.90
C VAL F 216 -5.77 9.54 -25.38
N ALA F 217 -5.66 9.70 -24.07
CA ALA F 217 -5.68 11.01 -23.44
C ALA F 217 -4.55 11.95 -23.87
N SER F 218 -3.46 11.41 -24.42
CA SER F 218 -2.33 12.22 -24.93
C SER F 218 -2.47 12.60 -26.42
N LEU F 219 -3.49 12.10 -27.09
CA LEU F 219 -3.68 12.40 -28.51
C LEU F 219 -4.40 13.73 -28.66
N ALA F 220 -4.38 14.27 -29.88
CA ALA F 220 -5.10 15.51 -30.22
C ALA F 220 -6.55 15.44 -29.74
N PRO F 221 -6.94 16.31 -28.78
CA PRO F 221 -8.25 16.14 -28.15
C PRO F 221 -9.46 16.28 -29.05
N ASN F 222 -9.47 17.27 -29.95
CA ASN F 222 -10.60 17.44 -30.91
C ASN F 222 -10.63 16.32 -31.95
N SER F 223 -9.48 15.85 -32.38
CA SER F 223 -9.42 14.66 -33.26
C SER F 223 -10.18 13.48 -32.62
N VAL F 224 -9.88 13.19 -31.35
CA VAL F 224 -10.49 12.08 -30.63
C VAL F 224 -11.98 12.33 -30.42
N LYS F 225 -12.32 13.48 -29.86
CA LYS F 225 -13.74 13.84 -29.61
C LYS F 225 -14.60 13.78 -30.91
N GLN F 226 -14.12 14.37 -32.00
CA GLN F 226 -14.83 14.34 -33.29
C GLN F 226 -14.94 12.96 -33.89
N SER F 227 -13.90 12.16 -33.68
CA SER F 227 -13.87 10.81 -34.22
C SER F 227 -14.95 10.02 -33.53
N LYS F 228 -15.00 10.12 -32.21
CA LYS F 228 -16.06 9.42 -31.48
C LYS F 228 -17.43 9.96 -31.87
N ARG F 229 -17.56 11.27 -32.05
CA ARG F 229 -18.84 11.86 -32.45
C ARG F 229 -19.35 11.25 -33.78
N LEU F 230 -18.47 11.17 -34.78
CA LEU F 230 -18.81 10.54 -36.06
C LEU F 230 -19.24 9.09 -35.91
N ILE F 231 -18.52 8.33 -35.08
CA ILE F 231 -18.83 6.92 -34.88
C ILE F 231 -20.18 6.76 -34.19
N ARG F 232 -20.38 7.50 -33.10
CA ARG F 232 -21.61 7.38 -32.30
C ARG F 232 -22.79 8.07 -32.98
N GLY F 233 -22.50 9.04 -33.84
CA GLY F 233 -23.58 9.76 -34.55
C GLY F 233 -24.48 8.92 -35.44
N VAL F 234 -23.99 7.77 -35.90
CA VAL F 234 -24.77 6.94 -36.79
C VAL F 234 -26.06 6.42 -36.11
N ASN F 235 -25.95 5.94 -34.87
CA ASN F 235 -27.12 5.41 -34.17
C ASN F 235 -27.61 6.24 -32.98
N LYS F 236 -27.06 7.43 -32.82
CA LYS F 236 -27.31 8.26 -31.64
C LYS F 236 -28.81 8.40 -31.32
N GLU F 237 -29.60 8.81 -32.33
CA GLU F 237 -31.04 9.04 -32.14
C GLU F 237 -31.81 7.74 -31.86
N GLU F 238 -31.50 6.68 -32.61
CA GLU F 238 -32.17 5.39 -32.38
C GLU F 238 -31.82 4.82 -31.00
N VAL F 239 -30.61 5.07 -30.49
CA VAL F 239 -30.24 4.59 -29.14
C VAL F 239 -31.16 5.20 -28.10
N GLN F 240 -31.38 6.52 -28.16
CA GLN F 240 -32.28 7.17 -27.20
C GLN F 240 -33.73 6.67 -27.38
N ALA F 241 -34.22 6.58 -28.64
CA ALA F 241 -35.59 6.07 -28.87
C ALA F 241 -35.77 4.65 -28.38
N GLN F 242 -34.78 3.79 -28.60
CA GLN F 242 -34.88 2.38 -28.17
C GLN F 242 -34.92 2.27 -26.65
N MSE F 243 -34.17 3.11 -25.93
CA MSE F 243 -34.24 3.10 -24.45
C MSE F 243 -35.62 3.44 -23.97
O MSE F 243 -36.08 2.84 -22.99
CB MSE F 243 -33.24 4.01 -23.75
CG MSE F 243 -31.90 3.27 -23.58
SE MSE F 243 -30.62 4.57 -22.85
CE MSE F 243 -28.98 3.89 -23.65
N LYS F 244 -36.29 4.39 -24.64
CA LYS F 244 -37.67 4.70 -24.27
C LYS F 244 -38.62 3.53 -24.60
N ARG F 245 -38.49 2.92 -25.78
CA ARG F 245 -39.37 1.76 -26.11
C ARG F 245 -39.17 0.62 -25.12
N GLU F 246 -37.92 0.29 -24.80
CA GLU F 246 -37.61 -0.79 -23.86
C GLU F 246 -38.21 -0.44 -22.49
N GLY F 247 -38.06 0.82 -22.11
CA GLY F 247 -38.46 1.30 -20.79
C GLY F 247 -39.93 1.08 -20.46
N VAL F 248 -40.80 1.32 -21.43
CA VAL F 248 -42.24 1.13 -21.26
C VAL F 248 -42.55 -0.35 -20.99
N ILE F 249 -41.98 -1.22 -21.80
CA ILE F 249 -42.20 -2.66 -21.65
C ILE F 249 -41.57 -3.17 -20.34
N PHE F 250 -40.40 -2.63 -20.01
CA PHE F 250 -39.70 -3.01 -18.78
C PHE F 250 -40.53 -2.70 -17.54
N ALA F 251 -41.04 -1.48 -17.46
CA ALA F 251 -41.85 -1.03 -16.32
C ALA F 251 -43.06 -1.94 -16.13
N GLU F 252 -43.71 -2.27 -17.25
CA GLU F 252 -44.84 -3.18 -17.26
C GLU F 252 -44.46 -4.59 -16.73
N GLN F 253 -43.36 -5.16 -17.22
CA GLN F 253 -42.89 -6.45 -16.68
C GLN F 253 -42.48 -6.41 -15.20
N LEU F 254 -41.84 -5.32 -14.78
CA LEU F 254 -41.40 -5.14 -13.37
C LEU F 254 -42.55 -5.17 -12.36
N ALA F 255 -43.70 -4.64 -12.77
CA ALA F 255 -44.93 -4.61 -11.98
C ALA F 255 -45.85 -5.82 -12.20
N SER F 256 -45.43 -6.81 -12.99
CA SER F 256 -46.29 -7.93 -13.38
C SER F 256 -46.05 -9.13 -12.48
N ALA F 257 -46.99 -10.07 -12.51
CA ALA F 257 -46.87 -11.36 -11.81
C ALA F 257 -45.67 -12.19 -12.27
N GLU F 258 -45.29 -12.06 -13.55
CA GLU F 258 -44.16 -12.79 -14.11
C GLU F 258 -42.83 -12.46 -13.43
N PHE F 259 -42.63 -11.18 -13.13
CA PHE F 259 -41.43 -10.76 -12.39
C PHE F 259 -41.46 -11.30 -10.95
N LYS F 260 -42.59 -11.10 -10.27
CA LYS F 260 -42.77 -11.56 -8.89
C LYS F 260 -42.40 -13.03 -8.76
N GLU F 261 -42.99 -13.84 -9.66
CA GLU F 261 -42.83 -15.28 -9.67
C GLU F 261 -41.39 -15.74 -10.04
N SER F 262 -40.76 -15.06 -10.98
CA SER F 262 -39.38 -15.39 -11.36
C SER F 262 -38.48 -15.21 -10.15
N VAL F 263 -38.65 -14.07 -9.48
CA VAL F 263 -37.82 -13.73 -8.32
C VAL F 263 -38.15 -14.62 -7.10
N ALA F 264 -39.44 -14.81 -6.81
CA ALA F 264 -39.88 -15.65 -5.69
C ALA F 264 -39.37 -17.09 -5.84
N ALA F 265 -39.45 -17.61 -7.06
CA ALA F 265 -38.96 -18.97 -7.39
C ALA F 265 -37.53 -19.17 -6.99
N PHE F 266 -36.66 -18.21 -7.32
CA PHE F 266 -35.26 -18.33 -6.94
C PHE F 266 -35.10 -18.38 -5.41
N PHE F 267 -35.73 -17.44 -4.69
CA PHE F 267 -35.60 -17.37 -3.22
C PHE F 267 -36.28 -18.52 -2.49
N GLU F 268 -37.30 -19.11 -3.10
CA GLU F 268 -38.00 -20.26 -2.52
C GLU F 268 -37.41 -21.62 -2.95
N LYS F 269 -36.30 -21.57 -3.71
CA LYS F 269 -35.54 -22.74 -4.15
C LYS F 269 -36.41 -23.77 -4.87
N ARG F 270 -37.18 -23.27 -5.85
CA ARG F 270 -38.09 -24.09 -6.64
C ARG F 270 -38.10 -23.61 -8.09
N ALA F 271 -38.69 -24.44 -8.94
CA ALA F 271 -38.85 -24.10 -10.35
C ALA F 271 -40.00 -23.10 -10.48
N PRO F 272 -39.81 -22.01 -11.25
CA PRO F 272 -40.95 -21.10 -11.48
C PRO F 272 -42.05 -21.75 -12.31
N HIS F 273 -43.28 -21.34 -12.07
CA HIS F 273 -44.43 -21.88 -12.77
C HIS F 273 -45.20 -20.73 -13.39
N PHE F 274 -45.39 -20.81 -14.71
CA PHE F 274 -46.17 -19.81 -15.43
C PHE F 274 -47.28 -20.58 -16.13
N ALA F 275 -48.52 -20.37 -15.70
CA ALA F 275 -49.67 -21.13 -16.23
C ALA F 275 -49.89 -20.85 -17.73
N LYS G 25 3.93 -13.85 8.91
CA LYS G 25 5.04 -14.09 9.92
C LYS G 25 4.89 -13.23 11.19
N SER G 26 5.32 -13.80 12.32
CA SER G 26 5.25 -13.12 13.63
C SER G 26 6.34 -12.05 13.85
N LEU G 27 7.41 -12.12 13.05
CA LEU G 27 8.45 -11.09 12.99
C LEU G 27 8.68 -10.68 11.54
N ASN G 28 8.30 -9.44 11.16
CA ASN G 28 8.60 -8.94 9.81
C ASN G 28 10.02 -8.40 9.83
N VAL G 29 10.76 -8.70 8.77
CA VAL G 29 12.18 -8.42 8.65
C VAL G 29 12.40 -7.79 7.28
N SER G 30 13.12 -6.67 7.25
CA SER G 30 13.63 -6.12 6.00
C SER G 30 15.02 -5.57 6.24
N LEU G 31 15.78 -5.44 5.16
CA LEU G 31 17.17 -5.00 5.17
C LEU G 31 17.38 -4.00 4.03
N ASN G 32 17.65 -2.75 4.38
CA ASN G 32 17.88 -1.67 3.43
C ASN G 32 18.78 -0.63 4.10
N ASN G 33 19.68 -0.06 3.31
CA ASN G 33 20.60 0.99 3.77
C ASN G 33 21.41 0.54 4.96
N ARG G 34 21.72 -0.74 4.99
CA ARG G 34 22.42 -1.42 6.08
C ARG G 34 21.75 -1.40 7.44
N VAL G 35 20.45 -1.14 7.46
CA VAL G 35 19.62 -1.27 8.65
C VAL G 35 18.72 -2.52 8.56
N LEU G 36 18.85 -3.40 9.54
CA LEU G 36 17.96 -4.55 9.67
C LEU G 36 16.73 -4.11 10.48
N SER G 37 15.58 -3.98 9.83
CA SER G 37 14.33 -3.55 10.50
C SER G 37 13.59 -4.79 10.99
N LEU G 38 13.30 -4.84 12.29
CA LEU G 38 12.60 -5.97 12.89
C LEU G 38 11.32 -5.47 13.47
N THR G 39 10.20 -5.98 12.97
CA THR G 39 8.89 -5.49 13.41
C THR G 39 8.10 -6.65 14.00
N ILE G 40 7.85 -6.57 15.30
CA ILE G 40 7.05 -7.59 15.97
C ILE G 40 5.60 -7.52 15.49
N ASN G 41 5.06 -8.67 15.09
CA ASN G 41 3.82 -8.72 14.36
C ASN G 41 2.88 -9.85 14.83
N ARG G 42 2.33 -9.73 16.03
CA ARG G 42 1.21 -10.53 16.47
C ARG G 42 0.14 -9.60 17.03
N PRO G 43 -0.30 -8.59 16.24
CA PRO G 43 -1.26 -7.61 16.77
C PRO G 43 -2.56 -8.21 17.34
N GLU G 44 -2.95 -9.39 16.85
CA GLU G 44 -4.08 -10.15 17.39
C GLU G 44 -3.92 -10.47 18.89
N LEU G 45 -2.70 -10.79 19.34
CA LEU G 45 -2.42 -11.02 20.76
C LEU G 45 -1.63 -9.87 21.43
N LYS G 46 -1.82 -8.64 20.93
CA LYS G 46 -1.10 -7.48 21.44
C LYS G 46 0.40 -7.69 21.47
N ASN G 47 0.93 -8.36 20.45
CA ASN G 47 2.36 -8.55 20.30
C ASN G 47 3.02 -9.27 21.49
N ALA G 48 2.28 -10.19 22.10
CA ALA G 48 2.78 -11.05 23.14
C ALA G 48 3.89 -11.95 22.62
N LEU G 49 4.95 -12.10 23.41
CA LEU G 49 6.12 -12.86 22.98
C LEU G 49 5.96 -14.33 23.33
N ASN G 50 6.07 -15.17 22.32
CA ASN G 50 6.05 -16.62 22.48
C ASN G 50 7.40 -17.19 22.05
N ARG G 51 7.53 -18.52 22.10
CA ARG G 51 8.77 -19.25 21.71
C ARG G 51 9.24 -18.91 20.31
N GLU G 52 8.33 -18.96 19.36
CA GLU G 52 8.62 -18.70 17.93
C GLU G 52 9.20 -17.31 17.74
N LEU G 53 8.60 -16.32 18.41
CA LEU G 53 9.01 -14.92 18.25
C LEU G 53 10.39 -14.65 18.87
N TYR G 54 10.60 -15.20 20.07
CA TYR G 54 11.91 -15.16 20.73
C TYR G 54 13.01 -15.76 19.86
N ALA G 55 12.71 -16.91 19.25
CA ALA G 55 13.66 -17.62 18.38
C ALA G 55 13.99 -16.77 17.17
N ALA G 56 12.96 -16.20 16.57
CA ALA G 56 13.14 -15.34 15.41
C ALA G 56 13.92 -14.03 15.75
N LEU G 57 13.66 -13.42 16.91
CA LEU G 57 14.43 -12.25 17.31
C LEU G 57 15.88 -12.62 17.54
N ALA G 58 16.10 -13.73 18.24
CA ALA G 58 17.46 -14.24 18.45
C ALA G 58 18.19 -14.47 17.13
N ASP G 59 17.53 -15.15 16.18
CA ASP G 59 18.11 -15.40 14.84
C ASP G 59 18.57 -14.12 14.17
N GLU G 60 17.72 -13.09 14.20
CA GLU G 60 18.03 -11.86 13.48
C GLU G 60 19.14 -11.04 14.15
N LEU G 61 19.14 -11.00 15.48
CA LEU G 61 20.17 -10.25 16.20
C LEU G 61 21.52 -10.93 16.02
N GLU G 62 21.55 -12.27 16.02
CA GLU G 62 22.79 -13.01 15.75
C GLU G 62 23.30 -12.73 14.33
N ARG G 63 22.37 -12.67 13.38
CA ARG G 63 22.72 -12.34 11.99
C ARG G 63 23.38 -10.97 11.94
N SER G 64 22.82 -10.00 12.65
CA SER G 64 23.39 -8.64 12.67
C SER G 64 24.88 -8.62 13.07
N ASN G 65 25.28 -9.46 14.03
CA ASN G 65 26.69 -9.51 14.49
C ASN G 65 27.64 -10.01 13.46
N HIS G 66 27.19 -11.00 12.66
CA HIS G 66 28.07 -11.71 11.71
C HIS G 66 28.12 -11.11 10.31
N ASP G 67 27.11 -10.33 9.94
CA ASP G 67 27.10 -9.62 8.66
C ASP G 67 27.69 -8.23 8.86
N ASP G 68 28.86 -7.99 8.27
CA ASP G 68 29.49 -6.68 8.32
C ASP G 68 28.73 -5.60 7.57
N GLN G 69 27.81 -5.97 6.67
CA GLN G 69 26.99 -4.99 5.99
C GLN G 69 25.67 -4.69 6.70
N ILE G 70 25.45 -5.27 7.89
CA ILE G 70 24.35 -4.87 8.77
C ILE G 70 24.96 -4.03 9.88
N ARG G 71 24.65 -2.73 9.92
CA ARG G 71 25.32 -1.81 10.84
C ARG G 71 24.42 -1.10 11.89
N ALA G 72 23.14 -1.40 11.85
CA ALA G 72 22.20 -0.94 12.84
C ALA G 72 20.97 -1.85 12.76
N VAL G 73 20.30 -1.95 13.91
CA VAL G 73 19.01 -2.64 13.99
C VAL G 73 17.98 -1.62 14.39
N LEU G 74 16.86 -1.59 13.68
CA LEU G 74 15.66 -0.87 14.10
C LEU G 74 14.61 -1.89 14.57
N LEU G 75 14.21 -1.79 15.83
CA LEU G 75 13.22 -2.69 16.40
C LEU G 75 11.93 -1.93 16.70
N THR G 76 10.80 -2.44 16.20
CA THR G 76 9.50 -1.87 16.54
C THR G 76 8.39 -2.94 16.50
N ALA G 77 7.13 -2.51 16.52
CA ALA G 77 6.02 -3.43 16.50
C ALA G 77 4.83 -2.85 15.77
N ASN G 78 4.00 -3.73 15.21
CA ASN G 78 2.81 -3.27 14.48
C ASN G 78 1.63 -3.00 15.43
N GLY G 79 0.80 -2.04 15.05
CA GLY G 79 -0.43 -1.72 15.77
C GLY G 79 -0.17 -0.76 16.92
N ASP G 80 -1.05 -0.87 17.93
CA ASP G 80 -1.13 0.11 19.03
C ASP G 80 -0.36 -0.28 20.32
N THR G 81 0.29 -1.45 20.30
CA THR G 81 1.02 -1.99 21.43
C THR G 81 2.42 -2.34 20.97
N PHE G 82 3.44 -2.08 21.81
CA PHE G 82 4.80 -2.55 21.52
C PHE G 82 4.84 -4.05 21.87
N THR G 83 4.64 -4.41 23.13
CA THR G 83 4.31 -5.78 23.48
C THR G 83 3.64 -5.83 24.84
N ALA G 84 2.64 -6.68 24.94
CA ALA G 84 1.93 -6.92 26.20
C ALA G 84 2.68 -7.87 27.15
N GLY G 85 3.88 -8.34 26.78
CA GLY G 85 4.68 -9.20 27.65
C GLY G 85 4.69 -10.63 27.16
N ASN G 86 5.03 -11.56 28.05
CA ASN G 86 4.97 -13.00 27.73
C ASN G 86 3.56 -13.50 27.42
N ASP G 87 3.44 -14.23 26.32
CA ASP G 87 2.22 -14.99 25.99
C ASP G 87 1.97 -15.97 27.13
N LEU G 88 0.82 -15.89 27.80
CA LEU G 88 0.51 -16.74 28.98
C LEU G 88 0.47 -18.23 28.65
N ASP G 89 -0.32 -18.61 27.64
CA ASP G 89 -0.47 -20.02 27.23
C ASP G 89 0.91 -20.66 26.95
N ASP G 90 1.66 -20.00 26.09
CA ASP G 90 3.01 -20.42 25.75
C ASP G 90 3.97 -20.40 26.97
N PHE G 91 3.75 -19.45 27.88
CA PHE G 91 4.49 -19.34 29.16
C PHE G 91 4.47 -20.62 29.98
N ILE G 92 3.29 -21.22 30.11
CA ILE G 92 3.06 -22.38 30.99
C ILE G 92 2.81 -23.70 30.22
N ASN G 93 3.37 -23.81 29.02
CA ASN G 93 3.28 -25.03 28.23
C ASN G 93 4.17 -26.10 28.93
N PRO G 94 3.57 -27.24 29.34
CA PRO G 94 4.39 -28.29 29.96
C PRO G 94 5.48 -28.87 29.05
N VAL G 95 5.20 -28.97 27.74
CA VAL G 95 6.17 -29.50 26.76
C VAL G 95 7.39 -28.59 26.69
N GLU G 96 8.52 -29.08 27.23
CA GLU G 96 9.78 -28.35 27.27
C GLU G 96 10.44 -28.34 25.89
N GLU G 97 11.20 -27.29 25.60
CA GLU G 97 11.84 -27.12 24.28
C GLU G 97 13.03 -28.06 24.05
N SER G 98 13.34 -28.29 22.76
CA SER G 98 14.57 -28.98 22.36
C SER G 98 15.71 -27.96 22.35
N GLY G 99 16.85 -28.32 22.94
CA GLY G 99 18.01 -27.42 23.03
C GLY G 99 17.81 -26.27 23.99
N THR G 100 18.48 -25.15 23.71
CA THR G 100 18.40 -23.94 24.55
C THR G 100 17.04 -23.27 24.39
N PRO G 101 16.33 -22.96 25.52
CA PRO G 101 15.03 -22.27 25.39
C PRO G 101 15.13 -20.97 24.63
N SER G 102 14.14 -20.70 23.78
CA SER G 102 14.19 -19.56 22.87
C SER G 102 14.33 -18.25 23.64
N VAL G 103 13.67 -18.12 24.79
CA VAL G 103 13.79 -16.91 25.58
C VAL G 103 15.26 -16.67 26.02
N ILE G 104 15.95 -17.75 26.37
CA ILE G 104 17.34 -17.66 26.80
C ILE G 104 18.26 -17.25 25.62
N ARG G 105 18.03 -17.84 24.45
CA ARG G 105 18.74 -17.43 23.22
C ARG G 105 18.51 -15.95 22.94
N PHE G 106 17.27 -15.48 23.08
CA PHE G 106 16.97 -14.07 22.85
C PHE G 106 17.69 -13.15 23.84
N LEU G 107 17.67 -13.51 25.12
CA LEU G 107 18.27 -12.66 26.13
C LEU G 107 19.77 -12.62 25.95
N LYS G 108 20.36 -13.75 25.58
CA LYS G 108 21.78 -13.77 25.27
C LYS G 108 22.10 -12.96 24.00
N ALA G 109 21.31 -13.13 22.94
CA ALA G 109 21.54 -12.43 21.70
C ALA G 109 21.39 -10.92 21.85
N ILE G 110 20.38 -10.45 22.56
CA ILE G 110 20.21 -8.98 22.70
C ILE G 110 21.20 -8.36 23.70
N SER G 111 21.58 -9.11 24.74
CA SER G 111 22.48 -8.59 25.76
C SER G 111 23.90 -8.54 25.23
N GLU G 112 24.21 -9.41 24.30
CA GLU G 112 25.58 -9.46 23.67
C GLU G 112 25.65 -8.89 22.24
N CYS G 113 24.53 -8.40 21.71
CA CYS G 113 24.53 -7.83 20.36
C CYS G 113 25.58 -6.74 20.22
N GLU G 114 26.41 -6.86 19.19
CA GLU G 114 27.49 -5.91 18.93
C GLU G 114 26.99 -4.75 18.08
N THR G 115 25.85 -4.94 17.44
CA THR G 115 25.28 -3.98 16.52
C THR G 115 24.49 -2.97 17.36
N PRO G 116 24.58 -1.68 16.98
CA PRO G 116 23.72 -0.70 17.67
C PRO G 116 22.25 -0.93 17.32
N ILE G 117 21.38 -0.87 18.33
CA ILE G 117 19.95 -1.10 18.20
C ILE G 117 19.18 0.18 18.53
N VAL G 118 18.37 0.63 17.59
CA VAL G 118 17.44 1.72 17.80
C VAL G 118 16.10 1.01 18.02
N VAL G 119 15.42 1.33 19.13
CA VAL G 119 14.09 0.80 19.40
C VAL G 119 13.05 1.95 19.46
N ALA G 120 11.98 1.77 18.73
CA ALA G 120 10.88 2.71 18.62
C ALA G 120 9.66 2.09 19.27
N VAL G 121 9.37 2.54 20.49
CA VAL G 121 8.28 1.98 21.31
C VAL G 121 6.98 2.70 20.92
N ASN G 122 6.10 1.96 20.23
CA ASN G 122 4.90 2.51 19.61
C ASN G 122 3.67 2.45 20.50
N GLY G 123 3.76 1.81 21.67
CA GLY G 123 2.61 1.68 22.57
C GLY G 123 3.01 1.02 23.89
N PRO G 124 2.04 0.49 24.67
CA PRO G 124 2.40 -0.20 25.88
C PRO G 124 3.52 -1.22 25.73
N ALA G 125 4.52 -1.11 26.60
CA ALA G 125 5.66 -2.03 26.68
C ALA G 125 5.63 -2.59 28.07
N ILE G 126 5.19 -3.84 28.18
CA ILE G 126 4.88 -4.46 29.44
C ILE G 126 5.84 -5.64 29.69
N GLY G 127 6.39 -5.70 30.92
CA GLY G 127 7.20 -6.81 31.36
C GLY G 127 8.48 -6.94 30.56
N VAL G 128 8.58 -8.00 29.76
CA VAL G 128 9.75 -8.15 28.89
C VAL G 128 9.77 -7.07 27.79
N GLY G 129 8.63 -6.46 27.49
CA GLY G 129 8.64 -5.29 26.62
C GLY G 129 9.41 -4.10 27.21
N LEU G 130 9.37 -3.94 28.52
CA LEU G 130 10.16 -2.94 29.19
C LEU G 130 11.60 -3.42 29.34
N THR G 131 11.81 -4.62 29.87
CA THR G 131 13.20 -5.01 30.22
C THR G 131 14.14 -5.14 29.01
N MSE G 132 13.60 -5.49 27.85
CA MSE G 132 14.41 -5.57 26.61
C MSE G 132 15.00 -4.25 26.18
O MSE G 132 16.05 -4.23 25.55
CB MSE G 132 13.65 -6.22 25.45
CG MSE G 132 12.66 -5.35 24.69
SE MSE G 132 11.91 -6.33 23.16
CE MSE G 132 11.31 -8.02 23.97
N LEU G 133 14.35 -3.15 26.57
CA LEU G 133 14.82 -1.78 26.26
C LEU G 133 16.13 -1.44 26.98
N LEU G 134 16.38 -2.07 28.13
CA LEU G 134 17.63 -1.87 28.85
C LEU G 134 18.85 -2.41 28.09
N HIS G 135 18.60 -3.29 27.10
CA HIS G 135 19.64 -3.86 26.23
C HIS G 135 19.66 -3.24 24.81
N CYS G 136 18.74 -2.32 24.53
CA CYS G 136 18.81 -1.48 23.35
C CYS G 136 19.64 -0.26 23.63
N ASP G 137 20.10 0.40 22.57
CA ASP G 137 20.99 1.56 22.70
C ASP G 137 20.25 2.89 22.62
N MSE G 138 19.55 3.10 21.51
CA MSE G 138 18.77 4.33 21.29
C MSE G 138 17.34 3.95 21.59
O MSE G 138 16.77 3.09 20.90
CB MSE G 138 18.91 4.84 19.86
CG MSE G 138 20.03 5.90 19.72
SE MSE G 138 21.84 5.09 19.97
CE MSE G 138 22.00 4.02 18.32
N VAL G 139 16.75 4.60 22.60
CA VAL G 139 15.43 4.22 23.06
C VAL G 139 14.48 5.38 22.82
N TYR G 140 13.59 5.22 21.85
CA TYR G 140 12.66 6.29 21.47
C TYR G 140 11.24 5.76 21.58
N ALA G 141 10.27 6.68 21.73
CA ALA G 141 8.90 6.33 22.08
C ALA G 141 7.90 7.24 21.37
N SER G 142 6.69 6.72 21.14
CA SER G 142 5.58 7.56 20.70
C SER G 142 4.88 8.15 21.91
N LYS G 143 4.04 9.17 21.70
CA LYS G 143 3.26 9.80 22.79
C LYS G 143 2.29 8.82 23.45
N SER G 144 1.85 7.82 22.70
CA SER G 144 0.94 6.81 23.22
C SER G 144 1.68 5.65 23.93
N ALA G 145 3.02 5.68 23.97
CA ALA G 145 3.78 4.64 24.66
C ALA G 145 3.53 4.66 26.18
N ARG G 146 3.51 3.48 26.77
CA ARG G 146 3.37 3.30 28.21
C ARG G 146 4.39 2.23 28.60
N PHE G 147 4.75 2.19 29.87
CA PHE G 147 5.84 1.33 30.35
C PHE G 147 5.47 0.74 31.69
N ARG G 148 5.65 -0.57 31.83
CA ARG G 148 5.33 -1.24 33.08
C ARG G 148 6.12 -2.54 33.22
N ALA G 149 6.56 -2.84 34.43
CA ALA G 149 7.30 -4.09 34.73
C ALA G 149 6.75 -4.65 36.01
N PRO G 150 5.50 -5.16 35.94
CA PRO G 150 4.77 -5.52 37.14
C PRO G 150 5.06 -6.95 37.61
N PHE G 151 6.32 -7.27 37.88
CA PHE G 151 6.71 -8.65 38.21
C PHE G 151 5.97 -9.14 39.46
N THR G 152 5.86 -8.25 40.47
CA THR G 152 5.21 -8.54 41.73
C THR G 152 3.69 -8.74 41.63
N HIS G 153 3.02 -8.07 40.69
CA HIS G 153 1.57 -8.32 40.51
C HIS G 153 1.26 -9.73 40.01
N VAL G 154 2.21 -10.36 39.33
CA VAL G 154 2.03 -11.73 38.85
C VAL G 154 2.75 -12.77 39.72
N GLY G 155 3.45 -12.33 40.76
CA GLY G 155 4.12 -13.25 41.70
C GLY G 155 5.47 -13.75 41.24
N LEU G 156 6.09 -13.02 40.33
CA LEU G 156 7.39 -13.39 39.77
C LEU G 156 8.46 -12.41 40.28
N VAL G 157 9.60 -12.31 39.57
CA VAL G 157 10.72 -11.45 39.97
C VAL G 157 11.30 -10.85 38.71
N PRO G 158 12.15 -9.79 38.83
CA PRO G 158 12.78 -9.20 37.66
C PRO G 158 13.60 -10.17 36.81
N GLU G 159 13.54 -9.97 35.51
CA GLU G 159 14.31 -10.78 34.58
C GLU G 159 15.16 -9.90 33.65
N ALA G 160 15.94 -10.57 32.79
CA ALA G 160 16.78 -9.93 31.79
C ALA G 160 17.75 -8.95 32.43
N ALA G 161 18.16 -9.25 33.66
CA ALA G 161 19.09 -8.45 34.47
C ALA G 161 18.55 -7.06 34.77
N SER G 162 17.25 -6.87 34.75
CA SER G 162 16.66 -5.57 35.07
C SER G 162 16.86 -5.19 36.58
N SER G 163 17.09 -6.16 37.45
CA SER G 163 17.35 -5.88 38.86
C SER G 163 18.68 -5.10 39.01
N LEU G 164 19.59 -5.30 38.07
CA LEU G 164 20.83 -4.50 37.96
C LEU G 164 20.68 -3.27 37.05
N LEU G 165 20.12 -3.47 35.86
CA LEU G 165 20.11 -2.45 34.80
C LEU G 165 19.07 -1.35 34.98
N LEU G 166 17.90 -1.67 35.53
CA LEU G 166 16.83 -0.66 35.68
C LEU G 166 17.25 0.46 36.65
N PRO G 167 17.83 0.11 37.81
CA PRO G 167 18.32 1.20 38.68
C PRO G 167 19.47 1.98 38.07
N LEU G 168 20.33 1.35 37.29
CA LEU G 168 21.39 2.10 36.61
C LEU G 168 20.78 3.08 35.62
N ALA G 169 19.69 2.70 34.98
CA ALA G 169 19.10 3.46 33.90
C ALA G 169 18.30 4.65 34.42
N VAL G 170 17.54 4.50 35.51
CA VAL G 170 16.58 5.54 35.97
C VAL G 170 16.71 5.91 37.46
N GLY G 171 17.65 5.27 38.17
CA GLY G 171 17.78 5.44 39.60
C GLY G 171 16.94 4.49 40.42
N GLN G 172 17.29 4.37 41.70
CA GLN G 172 16.71 3.40 42.61
C GLN G 172 15.23 3.70 42.84
N ALA G 173 14.90 4.98 42.95
CA ALA G 173 13.55 5.35 43.31
C ALA G 173 12.57 5.05 42.16
N TRP G 174 12.90 5.44 40.92
CA TRP G 174 12.09 5.06 39.78
C TRP G 174 12.04 3.54 39.59
N ALA G 175 13.20 2.89 39.67
CA ALA G 175 13.28 1.43 39.53
C ALA G 175 12.38 0.70 40.54
N ASN G 176 12.29 1.17 41.77
CA ASN G 176 11.44 0.48 42.71
C ASN G 176 9.96 0.80 42.48
N ASP G 177 9.66 2.03 42.05
CA ASP G 177 8.27 2.41 41.78
C ASP G 177 7.76 1.50 40.65
N LEU G 178 8.60 1.27 39.64
CA LEU G 178 8.30 0.28 38.58
C LEU G 178 8.19 -1.18 39.08
N MSE G 179 9.26 -1.71 39.65
CA MSE G 179 9.38 -3.18 39.91
C MSE G 179 8.63 -3.67 41.11
O MSE G 179 8.08 -4.75 41.08
CB MSE G 179 10.83 -3.63 39.96
CG MSE G 179 11.35 -3.70 38.52
SE MSE G 179 13.26 -4.18 38.35
CE MSE G 179 14.07 -2.87 39.52
N LEU G 180 8.60 -2.89 42.19
CA LEU G 180 7.92 -3.33 43.42
C LEU G 180 6.45 -2.87 43.42
N ALA G 181 6.19 -1.61 43.13
CA ALA G 181 4.83 -1.07 43.19
C ALA G 181 4.03 -1.23 41.90
N GLY G 182 4.63 -1.67 40.80
CA GLY G 182 3.87 -1.88 39.57
C GLY G 182 3.36 -0.63 38.85
N ARG G 183 4.06 0.49 39.01
CA ARG G 183 3.64 1.71 38.38
C ARG G 183 3.70 1.64 36.84
N ILE G 184 2.70 2.22 36.21
CA ILE G 184 2.63 2.42 34.77
C ILE G 184 3.10 3.86 34.46
N LEU G 185 4.14 3.99 33.62
CA LEU G 185 4.63 5.31 33.18
C LEU G 185 4.09 5.66 31.81
N ASP G 186 3.73 6.91 31.60
CA ASP G 186 3.49 7.42 30.22
C ASP G 186 4.81 7.84 29.58
N ALA G 187 4.76 8.26 28.32
CA ALA G 187 5.95 8.58 27.57
C ALA G 187 6.68 9.78 28.19
N ARG G 188 5.96 10.80 28.62
CA ARG G 188 6.63 11.96 29.20
C ARG G 188 7.35 11.63 30.51
N GLU G 189 6.74 10.79 31.34
CA GLU G 189 7.35 10.36 32.60
C GLU G 189 8.59 9.49 32.31
N ALA G 190 8.52 8.64 31.28
CA ALA G 190 9.67 7.82 30.88
C ALA G 190 10.84 8.69 30.42
N LEU G 191 10.52 9.75 29.71
CA LEU G 191 11.51 10.71 29.25
C LEU G 191 12.12 11.43 30.43
N SER G 192 11.29 11.94 31.35
CA SER G 192 11.83 12.67 32.50
C SER G 192 12.70 11.75 33.37
N ALA G 193 12.37 10.47 33.45
CA ALA G 193 13.19 9.52 34.21
C ALA G 193 14.43 9.06 33.46
N GLY G 194 14.49 9.30 32.14
CA GLY G 194 15.63 8.87 31.32
C GLY G 194 15.60 7.43 30.79
N LEU G 195 14.43 6.81 30.85
CA LEU G 195 14.25 5.47 30.30
C LEU G 195 14.21 5.56 28.77
N VAL G 196 13.57 6.61 28.26
CA VAL G 196 13.60 6.97 26.86
C VAL G 196 14.21 8.35 26.72
N THR G 197 14.75 8.68 25.54
CA THR G 197 15.37 9.99 25.33
C THR G 197 14.68 10.88 24.29
N ARG G 198 13.74 10.32 23.52
CA ARG G 198 12.91 11.06 22.56
C ARG G 198 11.47 10.53 22.52
N VAL G 199 10.52 11.44 22.38
CA VAL G 199 9.11 11.16 22.26
C VAL G 199 8.60 11.82 20.97
N PHE G 200 7.98 11.05 20.10
CA PHE G 200 7.49 11.55 18.84
C PHE G 200 5.99 11.37 18.77
N GLU G 201 5.31 12.23 18.01
CA GLU G 201 3.96 11.92 17.51
C GLU G 201 3.94 10.51 16.92
N ASP G 202 2.85 9.78 17.13
CA ASP G 202 2.74 8.36 16.71
C ASP G 202 3.02 8.16 15.23
N ASP G 203 2.52 9.09 14.41
CA ASP G 203 2.57 8.96 12.96
C ASP G 203 3.97 9.22 12.35
N VAL G 204 4.92 9.76 13.12
CA VAL G 204 6.30 9.95 12.64
C VAL G 204 7.35 9.12 13.41
N LEU G 205 6.97 8.44 14.49
CA LEU G 205 7.94 7.69 15.32
C LEU G 205 8.87 6.81 14.50
N VAL G 206 8.29 6.03 13.60
CA VAL G 206 9.02 5.01 12.85
C VAL G 206 9.96 5.62 11.81
N ALA G 207 9.42 6.52 10.99
CA ALA G 207 10.24 7.27 10.04
C ALA G 207 11.42 8.02 10.72
N GLU G 208 11.18 8.63 11.88
CA GLU G 208 12.24 9.38 12.58
C GLU G 208 13.25 8.46 13.24
N SER G 209 12.77 7.33 13.76
CA SER G 209 13.66 6.31 14.29
C SER G 209 14.53 5.66 13.20
N LEU G 210 13.94 5.40 12.03
CA LEU G 210 14.67 4.82 10.92
C LEU G 210 15.76 5.77 10.37
N LYS G 211 15.43 7.04 10.29
CA LYS G 211 16.40 8.05 9.87
C LYS G 211 17.64 8.02 10.79
N ILE G 212 17.43 7.89 12.10
CA ILE G 212 18.55 7.82 13.03
C ILE G 212 19.32 6.51 12.87
N ALA G 213 18.60 5.39 12.76
CA ALA G 213 19.26 4.10 12.52
C ALA G 213 20.11 4.11 11.23
N GLU G 214 19.59 4.70 10.16
CA GLU G 214 20.31 4.83 8.89
C GLU G 214 21.56 5.69 9.02
N GLN G 215 21.44 6.77 9.79
CA GLN G 215 22.61 7.63 10.03
C GLN G 215 23.70 6.86 10.77
N VAL G 216 23.34 6.09 11.78
CA VAL G 216 24.33 5.32 12.55
C VAL G 216 24.97 4.26 11.67
N ALA G 217 24.15 3.58 10.87
CA ALA G 217 24.62 2.59 9.92
C ALA G 217 25.57 3.15 8.85
N SER G 218 25.55 4.47 8.60
CA SER G 218 26.46 5.13 7.64
C SER G 218 27.78 5.61 8.25
N LEU G 219 27.93 5.49 9.57
CA LEU G 219 29.13 5.94 10.24
C LEU G 219 30.20 4.86 10.16
N ALA G 220 31.44 5.25 10.47
CA ALA G 220 32.58 4.32 10.51
C ALA G 220 32.24 3.09 11.34
N PRO G 221 32.20 1.88 10.72
CA PRO G 221 31.67 0.73 11.43
C PRO G 221 32.44 0.29 12.66
N ASN G 222 33.79 0.26 12.60
CA ASN G 222 34.60 -0.08 13.80
C ASN G 222 34.54 0.96 14.88
N SER G 223 34.47 2.23 14.51
CA SER G 223 34.23 3.32 15.50
C SER G 223 32.98 3.01 16.32
N VAL G 224 31.88 2.70 15.64
CA VAL G 224 30.59 2.44 16.29
C VAL G 224 30.67 1.16 17.11
N LYS G 225 31.11 0.07 16.51
CA LYS G 225 31.23 -1.23 17.21
C LYS G 225 32.11 -1.13 18.47
N GLN G 226 33.30 -0.51 18.37
CA GLN G 226 34.19 -0.33 19.52
C GLN G 226 33.62 0.58 20.59
N SER G 227 32.89 1.59 20.16
CA SER G 227 32.30 2.54 21.08
C SER G 227 31.28 1.81 21.93
N LYS G 228 30.43 1.05 21.26
CA LYS G 228 29.44 0.25 22.01
C LYS G 228 30.13 -0.77 22.89
N ARG G 229 31.20 -1.40 22.40
CA ARG G 229 31.93 -2.40 23.21
C ARG G 229 32.46 -1.78 24.52
N LEU G 230 33.08 -0.60 24.43
CA LEU G 230 33.56 0.12 25.62
C LEU G 230 32.42 0.43 26.60
N ILE G 231 31.29 0.89 26.08
CA ILE G 231 30.17 1.24 26.91
C ILE G 231 29.60 -0.01 27.63
N ARG G 232 29.35 -1.06 26.84
CA ARG G 232 28.73 -2.29 27.35
C ARG G 232 29.73 -3.13 28.15
N GLY G 233 31.02 -2.95 27.89
CA GLY G 233 32.06 -3.70 28.62
C GLY G 233 32.11 -3.48 30.12
N VAL G 234 31.61 -2.35 30.59
CA VAL G 234 31.66 -2.04 32.02
C VAL G 234 30.84 -3.05 32.85
N ASN G 235 29.62 -3.37 32.41
CA ASN G 235 28.78 -4.30 33.16
C ASN G 235 28.53 -5.66 32.49
N LYS G 236 29.26 -5.93 31.41
CA LYS G 236 29.01 -7.12 30.60
C LYS G 236 28.92 -8.41 31.46
N GLU G 237 29.92 -8.65 32.30
CA GLU G 237 30.00 -9.90 33.08
C GLU G 237 28.90 -9.95 34.17
N GLU G 238 28.68 -8.82 34.85
CA GLU G 238 27.65 -8.77 35.89
C GLU G 238 26.25 -8.95 35.27
N VAL G 239 26.03 -8.47 34.03
CA VAL G 239 24.73 -8.67 33.38
C VAL G 239 24.43 -10.14 33.20
N GLN G 240 25.41 -10.92 32.70
CA GLN G 240 25.22 -12.37 32.55
C GLN G 240 25.02 -13.06 33.92
N ALA G 241 25.85 -12.72 34.91
CA ALA G 241 25.70 -13.32 36.26
C ALA G 241 24.34 -13.01 36.87
N GLN G 242 23.88 -11.76 36.74
CA GLN G 242 22.59 -11.38 37.30
C GLN G 242 21.42 -12.12 36.64
N MSE G 243 21.49 -12.34 35.33
CA MSE G 243 20.43 -13.14 34.65
C MSE G 243 20.35 -14.52 35.19
O MSE G 243 19.24 -15.04 35.35
CB MSE G 243 20.56 -13.21 33.13
CG MSE G 243 19.89 -12.00 32.50
SE MSE G 243 20.27 -12.10 30.58
CE MSE G 243 20.31 -10.22 30.15
N LYS G 244 21.50 -15.14 35.52
CA LYS G 244 21.46 -16.46 36.15
C LYS G 244 20.90 -16.39 37.57
N ARG G 245 21.30 -15.41 38.37
CA ARG G 245 20.73 -15.31 39.75
C ARG G 245 19.22 -15.11 39.71
N GLU G 246 18.74 -14.20 38.84
CA GLU G 246 17.33 -13.93 38.72
C GLU G 246 16.60 -15.19 38.26
N GLY G 247 17.21 -15.90 37.31
CA GLY G 247 16.60 -17.05 36.66
C GLY G 247 16.23 -18.17 37.61
N VAL G 248 17.10 -18.45 38.58
CA VAL G 248 16.87 -19.50 39.58
C VAL G 248 15.64 -19.14 40.43
N ILE G 249 15.60 -17.90 40.90
CA ILE G 249 14.48 -17.44 41.73
C ILE G 249 13.19 -17.37 40.91
N PHE G 250 13.31 -16.95 39.66
CA PHE G 250 12.17 -16.85 38.75
C PHE G 250 11.50 -18.21 38.53
N ALA G 251 12.31 -19.21 38.19
CA ALA G 251 11.83 -20.58 37.95
C ALA G 251 11.07 -21.10 39.17
N GLU G 252 11.64 -20.88 40.34
CA GLU G 252 11.04 -21.25 41.62
C GLU G 252 9.68 -20.54 41.83
N GLN G 253 9.60 -19.23 41.62
CA GLN G 253 8.33 -18.52 41.70
C GLN G 253 7.28 -18.98 40.66
N LEU G 254 7.72 -19.25 39.43
CA LEU G 254 6.82 -19.72 38.36
C LEU G 254 6.10 -21.04 38.66
N ALA G 255 6.79 -21.92 39.38
CA ALA G 255 6.27 -23.21 39.82
C ALA G 255 5.61 -23.18 41.22
N SER G 256 5.49 -22.00 41.84
CA SER G 256 5.00 -21.89 43.21
C SER G 256 3.52 -21.56 43.25
N ALA G 257 2.92 -21.78 44.42
CA ALA G 257 1.53 -21.41 44.68
C ALA G 257 1.25 -19.90 44.52
N GLU G 258 2.23 -19.07 44.81
CA GLU G 258 2.12 -17.61 44.69
C GLU G 258 1.84 -17.16 43.25
N PHE G 259 2.49 -17.78 42.28
CA PHE G 259 2.22 -17.48 40.87
C PHE G 259 0.82 -17.96 40.48
N LYS G 260 0.50 -19.22 40.82
CA LYS G 260 -0.81 -19.81 40.50
C LYS G 260 -1.93 -18.90 40.99
N GLU G 261 -1.82 -18.48 42.25
CA GLU G 261 -2.83 -17.66 42.92
C GLU G 261 -2.93 -16.24 42.35
N SER G 262 -1.79 -15.64 42.01
CA SER G 262 -1.80 -14.29 41.42
C SER G 262 -2.57 -14.34 40.11
N VAL G 263 -2.26 -15.34 39.29
CA VAL G 263 -2.87 -15.48 37.98
C VAL G 263 -4.36 -15.90 38.09
N ALA G 264 -4.65 -16.89 38.93
CA ALA G 264 -6.01 -17.37 39.13
C ALA G 264 -6.94 -16.25 39.63
N ALA G 265 -6.43 -15.44 40.56
CA ALA G 265 -7.15 -14.28 41.10
C ALA G 265 -7.65 -13.35 40.01
N PHE G 266 -6.77 -13.02 39.06
CA PHE G 266 -7.17 -12.15 37.97
C PHE G 266 -8.31 -12.79 37.15
N PHE G 267 -8.13 -14.05 36.73
CA PHE G 267 -9.14 -14.74 35.90
C PHE G 267 -10.44 -15.05 36.62
N GLU G 268 -10.37 -15.20 37.94
CA GLU G 268 -11.58 -15.45 38.75
C GLU G 268 -12.24 -14.17 39.27
N LYS G 269 -11.71 -13.01 38.85
CA LYS G 269 -12.26 -11.67 39.16
C LYS G 269 -12.43 -11.47 40.67
N ARG G 270 -11.35 -11.76 41.41
CA ARG G 270 -11.33 -11.63 42.87
C ARG G 270 -9.96 -11.13 43.33
N ALA G 271 -9.92 -10.73 44.59
CA ALA G 271 -8.69 -10.30 45.23
C ALA G 271 -7.85 -11.55 45.55
N PRO G 272 -6.54 -11.54 45.22
CA PRO G 272 -5.69 -12.66 45.63
C PRO G 272 -5.53 -12.74 47.15
N HIS G 273 -5.36 -13.94 47.65
CA HIS G 273 -5.15 -14.16 49.07
C HIS G 273 -3.85 -14.92 49.27
N PHE G 274 -2.97 -14.36 50.08
CA PHE G 274 -1.72 -15.02 50.44
C PHE G 274 -1.70 -15.09 51.96
N ALA G 275 -1.79 -16.30 52.51
CA ALA G 275 -1.88 -16.48 53.97
C ALA G 275 -0.61 -16.01 54.69
N LYS H 25 -11.51 -56.82 -55.18
CA LYS H 25 -10.40 -57.07 -54.17
C LYS H 25 -10.57 -56.22 -52.90
N SER H 26 -10.15 -56.79 -51.77
CA SER H 26 -10.23 -56.12 -50.45
C SER H 26 -9.14 -55.04 -50.23
N LEU H 27 -8.04 -55.13 -51.02
CA LEU H 27 -7.01 -54.10 -51.08
C LEU H 27 -6.76 -53.69 -52.54
N ASN H 28 -7.13 -52.46 -52.92
CA ASN H 28 -6.83 -51.95 -54.27
C ASN H 28 -5.40 -51.42 -54.24
N VAL H 29 -4.66 -51.73 -55.30
CA VAL H 29 -3.24 -51.45 -55.41
C VAL H 29 -3.01 -50.81 -56.78
N SER H 30 -2.30 -49.69 -56.81
CA SER H 30 -1.79 -49.13 -58.05
C SER H 30 -0.40 -48.59 -57.81
N LEU H 31 0.37 -48.47 -58.89
CA LEU H 31 1.77 -48.03 -58.87
C LEU H 31 1.97 -47.03 -60.01
N ASN H 32 2.25 -45.79 -59.66
CA ASN H 32 2.49 -44.70 -60.61
C ASN H 32 3.39 -43.68 -59.95
N ASN H 33 4.30 -43.09 -60.73
CA ASN H 33 5.19 -42.04 -60.27
C ASN H 33 6.02 -42.48 -59.07
N ARG H 34 6.31 -43.78 -59.04
CA ARG H 34 7.01 -44.45 -57.95
C ARG H 34 6.34 -44.43 -56.59
N VAL H 35 5.04 -44.17 -56.58
CA VAL H 35 4.21 -44.30 -55.38
C VAL H 35 3.31 -45.55 -55.49
N LEU H 36 3.42 -46.43 -54.50
CA LEU H 36 2.53 -47.57 -54.36
C LEU H 36 1.30 -47.13 -53.56
N SER H 37 0.15 -47.00 -54.22
CA SER H 37 -1.10 -46.57 -53.56
C SER H 37 -1.84 -47.81 -53.07
N LEU H 38 -2.13 -47.86 -51.76
CA LEU H 38 -2.83 -49.00 -51.17
C LEU H 38 -4.13 -48.48 -50.60
N THR H 39 -5.25 -49.00 -51.11
CA THR H 39 -6.55 -48.50 -50.68
C THR H 39 -7.35 -49.64 -50.10
N ILE H 40 -7.62 -49.57 -48.79
CA ILE H 40 -8.43 -50.58 -48.12
C ILE H 40 -9.87 -50.51 -48.61
N ASN H 41 -10.40 -51.65 -49.01
CA ASN H 41 -11.65 -51.71 -49.74
C ASN H 41 -12.58 -52.84 -49.29
N ARG H 42 -13.14 -52.70 -48.09
CA ARG H 42 -14.27 -53.51 -47.65
C ARG H 42 -15.34 -52.58 -47.09
N PRO H 43 -15.78 -51.57 -47.88
CA PRO H 43 -16.74 -50.60 -47.35
C PRO H 43 -18.05 -51.21 -46.78
N GLU H 44 -18.43 -52.39 -47.27
CA GLU H 44 -19.57 -53.14 -46.72
C GLU H 44 -19.40 -53.46 -45.23
N LEU H 45 -18.17 -53.78 -44.78
CA LEU H 45 -17.90 -54.01 -43.35
C LEU H 45 -17.12 -52.86 -42.70
N LYS H 46 -17.31 -51.63 -43.18
CA LYS H 46 -16.60 -50.46 -42.69
C LYS H 46 -15.08 -50.68 -42.65
N ASN H 47 -14.57 -51.34 -43.67
CA ASN H 47 -13.12 -51.54 -43.80
C ASN H 47 -12.47 -52.26 -42.62
N ALA H 48 -13.21 -53.17 -42.02
CA ALA H 48 -12.72 -54.02 -40.96
C ALA H 48 -11.61 -54.92 -41.47
N LEU H 49 -10.55 -55.09 -40.68
CA LEU H 49 -9.38 -55.85 -41.11
C LEU H 49 -9.55 -57.31 -40.76
N ASN H 50 -9.42 -58.16 -41.78
CA ASN H 50 -9.47 -59.61 -41.61
C ASN H 50 -8.11 -60.19 -42.04
N ARG H 51 -7.99 -61.52 -41.99
CA ARG H 51 -6.76 -62.25 -42.36
C ARG H 51 -6.28 -61.91 -43.76
N GLU H 52 -7.20 -61.97 -44.73
CA GLU H 52 -6.89 -61.70 -46.14
C GLU H 52 -6.30 -60.31 -46.34
N LEU H 53 -6.90 -59.32 -45.68
CA LEU H 53 -6.48 -57.93 -45.83
C LEU H 53 -5.10 -57.66 -45.20
N TYR H 54 -4.90 -58.21 -44.00
CA TYR H 54 -3.60 -58.17 -43.33
C TYR H 54 -2.49 -58.77 -44.20
N ALA H 55 -2.79 -59.93 -44.80
CA ALA H 55 -1.85 -60.64 -45.67
C ALA H 55 -1.49 -59.80 -46.88
N ALA H 56 -2.53 -59.23 -47.49
CA ALA H 56 -2.34 -58.37 -48.66
C ALA H 56 -1.56 -57.07 -48.31
N LEU H 57 -1.83 -56.45 -47.16
CA LEU H 57 -1.05 -55.28 -46.76
C LEU H 57 0.39 -55.65 -46.52
N ALA H 58 0.61 -56.75 -45.82
CA ALA H 58 1.96 -57.26 -45.59
C ALA H 58 2.71 -57.50 -46.91
N ASP H 59 2.05 -58.17 -47.85
CA ASP H 59 2.64 -58.44 -49.18
C ASP H 59 3.11 -57.16 -49.86
N GLU H 60 2.27 -56.13 -49.85
CA GLU H 60 2.57 -54.89 -50.57
C GLU H 60 3.68 -54.07 -49.89
N LEU H 61 3.67 -54.03 -48.56
CA LEU H 61 4.70 -53.29 -47.84
C LEU H 61 6.05 -53.97 -48.01
N GLU H 62 6.08 -55.30 -48.00
CA GLU H 62 7.32 -56.04 -48.28
C GLU H 62 7.83 -55.78 -49.70
N ARG H 63 6.92 -55.72 -50.66
CA ARG H 63 7.25 -55.39 -52.05
C ARG H 63 7.93 -54.01 -52.10
N SER H 64 7.36 -53.04 -51.38
CA SER H 64 7.94 -51.69 -51.37
C SER H 64 9.43 -51.67 -50.96
N ASN H 65 9.82 -52.51 -50.00
CA ASN H 65 11.24 -52.57 -49.53
C ASN H 65 12.19 -53.08 -50.56
N HIS H 66 11.74 -54.06 -51.36
CA HIS H 66 12.62 -54.78 -52.30
C HIS H 66 12.68 -54.17 -53.71
N ASP H 67 11.68 -53.37 -54.08
CA ASP H 67 11.68 -52.67 -55.36
C ASP H 67 12.28 -51.27 -55.14
N ASP H 68 13.46 -51.04 -55.72
CA ASP H 68 14.07 -49.71 -55.67
C ASP H 68 13.32 -48.63 -56.44
N GLN H 69 12.42 -49.01 -57.34
CA GLN H 69 11.58 -48.03 -58.02
C GLN H 69 10.26 -47.74 -57.31
N ILE H 70 10.04 -48.32 -56.13
CA ILE H 70 8.93 -47.91 -55.25
C ILE H 70 9.53 -47.08 -54.13
N ARG H 71 9.22 -45.78 -54.09
CA ARG H 71 9.89 -44.85 -53.16
C ARG H 71 8.98 -44.14 -52.14
N ALA H 72 7.69 -44.43 -52.19
CA ALA H 72 6.75 -43.97 -51.20
C ALA H 72 5.52 -44.88 -51.28
N VAL H 73 4.85 -44.99 -50.13
CA VAL H 73 3.57 -45.68 -50.05
C VAL H 73 2.54 -44.64 -49.65
N LEU H 74 1.41 -44.61 -50.37
CA LEU H 74 0.22 -43.89 -49.96
C LEU H 74 -0.83 -44.90 -49.50
N LEU H 75 -1.24 -44.80 -48.24
CA LEU H 75 -2.23 -45.70 -47.67
C LEU H 75 -3.53 -44.94 -47.37
N THR H 76 -4.65 -45.44 -47.87
CA THR H 76 -5.95 -44.86 -47.53
C THR H 76 -7.07 -45.93 -47.59
N ALA H 77 -8.32 -45.49 -47.57
CA ALA H 77 -9.45 -46.43 -47.61
C ALA H 77 -10.62 -45.84 -48.33
N ASN H 78 -11.46 -46.70 -48.90
CA ASN H 78 -12.65 -46.25 -49.63
C ASN H 78 -13.82 -45.98 -48.68
N GLY H 79 -14.65 -45.00 -49.07
CA GLY H 79 -15.87 -44.67 -48.36
C GLY H 79 -15.63 -43.73 -47.19
N ASP H 80 -16.50 -43.84 -46.18
CA ASP H 80 -16.59 -42.86 -45.07
C ASP H 80 -15.83 -43.27 -43.79
N THR H 81 -15.18 -44.43 -43.81
CA THR H 81 -14.46 -44.98 -42.68
C THR H 81 -13.05 -45.33 -43.12
N PHE H 82 -12.05 -45.07 -42.28
CA PHE H 82 -10.69 -45.55 -42.57
C PHE H 82 -10.65 -47.04 -42.23
N THR H 83 -10.84 -47.39 -40.96
CA THR H 83 -11.20 -48.77 -40.61
C THR H 83 -11.86 -48.81 -39.25
N ALA H 84 -12.86 -49.67 -39.16
CA ALA H 84 -13.57 -49.90 -37.90
C ALA H 84 -12.83 -50.87 -36.95
N GLY H 85 -11.64 -51.32 -37.31
CA GLY H 85 -10.83 -52.18 -36.43
C GLY H 85 -10.82 -53.62 -36.93
N ASN H 86 -10.51 -54.55 -36.04
CA ASN H 86 -10.56 -55.98 -36.36
C ASN H 86 -11.96 -56.48 -36.69
N ASP H 87 -12.08 -57.22 -37.78
CA ASP H 87 -13.30 -57.98 -38.11
C ASP H 87 -13.55 -58.97 -36.97
N LEU H 88 -14.71 -58.88 -36.31
CA LEU H 88 -15.02 -59.72 -35.13
C LEU H 88 -15.06 -61.21 -35.45
N ASP H 89 -15.85 -61.60 -36.47
CA ASP H 89 -15.99 -63.00 -36.87
C ASP H 89 -14.61 -63.64 -37.14
N ASP H 90 -13.86 -62.98 -38.01
CA ASP H 90 -12.51 -63.41 -38.34
C ASP H 90 -11.55 -63.39 -37.12
N PHE H 91 -11.78 -62.43 -36.22
CA PHE H 91 -11.04 -62.32 -34.92
C PHE H 91 -11.06 -63.60 -34.10
N ILE H 92 -12.24 -64.21 -33.99
CA ILE H 92 -12.47 -65.38 -33.11
C ILE H 92 -12.73 -66.69 -33.86
N ASN H 93 -12.15 -66.81 -35.07
CA ASN H 93 -12.25 -68.01 -35.86
C ASN H 93 -11.39 -69.10 -35.18
N PRO H 94 -12.01 -70.23 -34.78
CA PRO H 94 -11.20 -71.30 -34.16
C PRO H 94 -10.13 -71.89 -35.09
N VAL H 95 -10.41 -71.97 -36.40
CA VAL H 95 -9.45 -72.50 -37.38
C VAL H 95 -8.21 -71.61 -37.44
N GLU H 96 -7.09 -72.13 -36.90
CA GLU H 96 -5.82 -71.41 -36.85
C GLU H 96 -5.16 -71.39 -38.24
N GLU H 97 -4.38 -70.34 -38.50
CA GLU H 97 -3.72 -70.15 -39.81
C GLU H 97 -2.55 -71.10 -40.04
N SER H 98 -2.21 -71.32 -41.32
CA SER H 98 -0.97 -72.01 -41.71
C SER H 98 0.16 -70.98 -41.69
N GLY H 99 1.30 -71.35 -41.08
CA GLY H 99 2.45 -70.46 -40.98
C GLY H 99 2.24 -69.28 -40.02
N THR H 100 2.91 -68.18 -40.29
CA THR H 100 2.84 -66.98 -39.44
C THR H 100 1.48 -66.28 -39.62
N PRO H 101 0.77 -65.98 -38.50
CA PRO H 101 -0.53 -65.29 -38.64
C PRO H 101 -0.41 -63.98 -39.40
N SER H 102 -1.40 -63.70 -40.25
CA SER H 102 -1.35 -62.57 -41.16
C SER H 102 -1.19 -61.26 -40.40
N VAL H 103 -1.87 -61.13 -39.26
CA VAL H 103 -1.74 -59.91 -38.47
C VAL H 103 -0.29 -59.67 -38.02
N ILE H 104 0.41 -60.74 -37.66
CA ILE H 104 1.80 -60.64 -37.23
C ILE H 104 2.72 -60.25 -38.40
N ARG H 105 2.50 -60.85 -39.58
CA ARG H 105 3.22 -60.45 -40.80
C ARG H 105 3.00 -58.96 -41.09
N PHE H 106 1.75 -58.50 -40.96
CA PHE H 106 1.45 -57.09 -41.21
C PHE H 106 2.17 -56.16 -40.23
N LEU H 107 2.13 -56.51 -38.94
CA LEU H 107 2.73 -55.65 -37.93
C LEU H 107 4.23 -55.61 -38.10
N LYS H 108 4.82 -56.73 -38.46
CA LYS H 108 6.25 -56.76 -38.75
C LYS H 108 6.58 -55.97 -40.02
N ALA H 109 5.79 -56.14 -41.09
CA ALA H 109 6.05 -55.45 -42.34
C ALA H 109 5.91 -53.93 -42.19
N ILE H 110 4.87 -53.46 -41.50
CA ILE H 110 4.70 -51.99 -41.36
C ILE H 110 5.69 -51.36 -40.35
N SER H 111 6.05 -52.10 -39.31
CA SER H 111 6.95 -51.58 -38.28
C SER H 111 8.37 -51.52 -38.80
N GLU H 112 8.70 -52.42 -39.74
CA GLU H 112 10.06 -52.46 -40.33
C GLU H 112 10.16 -51.90 -41.77
N CYS H 113 9.05 -51.41 -42.32
CA CYS H 113 9.05 -50.87 -43.67
C CYS H 113 10.12 -49.77 -43.81
N GLU H 114 10.95 -49.90 -44.84
CA GLU H 114 12.03 -48.95 -45.11
C GLU H 114 11.52 -47.78 -45.96
N THR H 115 10.39 -47.97 -46.60
CA THR H 115 9.82 -47.02 -47.51
C THR H 115 9.02 -46.01 -46.68
N PRO H 116 9.11 -44.71 -47.07
CA PRO H 116 8.27 -43.73 -46.37
C PRO H 116 6.79 -43.96 -46.72
N ILE H 117 5.93 -43.89 -45.71
CA ILE H 117 4.48 -44.11 -45.84
C ILE H 117 3.73 -42.83 -45.51
N VAL H 118 2.92 -42.38 -46.46
CA VAL H 118 1.99 -41.29 -46.25
C VAL H 118 0.65 -42.00 -46.03
N VAL H 119 -0.04 -41.67 -44.94
CA VAL H 119 -1.37 -42.20 -44.66
C VAL H 119 -2.40 -41.06 -44.59
N ALA H 120 -3.50 -41.24 -45.33
CA ALA H 120 -4.58 -40.30 -45.45
C ALA H 120 -5.81 -40.91 -44.80
N VAL H 121 -6.10 -40.46 -43.58
CA VAL H 121 -7.19 -41.02 -42.76
C VAL H 121 -8.50 -40.30 -43.17
N ASN H 122 -9.37 -41.04 -43.86
CA ASN H 122 -10.58 -40.48 -44.49
C ASN H 122 -11.80 -40.54 -43.59
N GLY H 123 -11.71 -41.18 -42.43
CA GLY H 123 -12.88 -41.32 -41.53
C GLY H 123 -12.48 -41.98 -40.21
N PRO H 124 -13.44 -42.50 -39.43
CA PRO H 124 -13.10 -43.19 -38.21
C PRO H 124 -11.97 -44.21 -38.37
N ALA H 125 -10.97 -44.09 -37.50
CA ALA H 125 -9.84 -45.02 -37.41
C ALA H 125 -9.86 -45.58 -36.01
N ILE H 126 -10.30 -46.83 -35.91
CA ILE H 126 -10.60 -47.45 -34.65
C ILE H 126 -9.66 -48.62 -34.39
N GLY H 127 -9.11 -48.67 -33.17
CA GLY H 127 -8.30 -49.80 -32.72
C GLY H 127 -7.02 -49.92 -33.52
N VAL H 128 -6.91 -50.98 -34.30
CA VAL H 128 -5.75 -51.14 -35.17
C VAL H 128 -5.72 -50.07 -36.27
N GLY H 129 -6.86 -49.46 -36.58
CA GLY H 129 -6.85 -48.27 -37.45
C GLY H 129 -6.08 -47.10 -36.88
N LEU H 130 -6.13 -46.93 -35.56
CA LEU H 130 -5.32 -45.92 -34.90
C LEU H 130 -3.88 -46.41 -34.74
N THR H 131 -3.68 -47.61 -34.22
CA THR H 131 -2.29 -48.00 -33.86
C THR H 131 -1.36 -48.14 -35.08
N MSE H 132 -1.90 -48.48 -36.23
CA MSE H 132 -1.09 -48.58 -37.47
C MSE H 132 -0.50 -47.25 -37.90
O MSE H 132 0.56 -47.24 -38.54
CB MSE H 132 -1.84 -49.24 -38.63
CG MSE H 132 -2.84 -48.38 -39.39
SE MSE H 132 -3.64 -49.37 -40.95
CE MSE H 132 -4.20 -51.02 -40.09
N LEU H 133 -1.16 -46.14 -37.52
CA LEU H 133 -0.67 -44.78 -37.82
C LEU H 133 0.63 -44.44 -37.11
N LEU H 134 0.89 -45.07 -35.96
CA LEU H 134 2.14 -44.88 -35.23
C LEU H 134 3.35 -45.43 -35.99
N HIS H 135 3.10 -46.29 -36.97
CA HIS H 135 4.14 -46.86 -37.84
C HIS H 135 4.17 -46.26 -39.25
N CYS H 136 3.25 -45.33 -39.54
CA CYS H 136 3.32 -44.49 -40.72
C CYS H 136 4.17 -43.27 -40.42
N ASP H 137 4.64 -42.61 -41.47
CA ASP H 137 5.52 -41.45 -41.35
C ASP H 137 4.78 -40.12 -41.44
N MSE H 138 4.09 -39.91 -42.54
CA MSE H 138 3.31 -38.69 -42.75
C MSE H 138 1.89 -39.06 -42.46
O MSE H 138 1.31 -39.93 -43.15
CB MSE H 138 3.46 -38.17 -44.19
CG MSE H 138 4.57 -37.15 -44.38
SE MSE H 138 6.38 -37.94 -44.11
CE MSE H 138 6.55 -39.03 -45.73
N VAL H 139 1.29 -38.42 -41.45
CA VAL H 139 -0.04 -38.80 -41.00
C VAL H 139 -0.99 -37.62 -41.24
N TYR H 140 -1.87 -37.78 -42.21
CA TYR H 140 -2.80 -36.71 -42.59
C TYR H 140 -4.23 -37.23 -42.49
N ALA H 141 -5.20 -36.32 -42.35
CA ALA H 141 -6.57 -36.66 -42.00
C ALA H 141 -7.57 -35.75 -42.72
N SER H 142 -8.78 -36.26 -42.94
CA SER H 142 -9.89 -35.43 -43.40
C SER H 142 -10.59 -34.84 -42.18
N LYS H 143 -11.43 -33.82 -42.41
CA LYS H 143 -12.21 -33.20 -41.32
C LYS H 143 -13.19 -34.16 -40.64
N SER H 144 -13.63 -35.16 -41.41
CA SER H 144 -14.53 -36.18 -40.89
C SER H 144 -13.80 -37.33 -40.18
N ALA H 145 -12.46 -37.31 -40.14
CA ALA H 145 -11.71 -38.35 -39.45
C ALA H 145 -11.96 -38.33 -37.92
N ARG H 146 -11.98 -39.50 -37.34
CA ARG H 146 -12.13 -39.67 -35.90
C ARG H 146 -11.12 -40.75 -35.51
N PHE H 147 -10.76 -40.79 -34.22
CA PHE H 147 -9.67 -41.65 -33.74
C PHE H 147 -10.05 -42.24 -32.40
N ARG H 148 -9.88 -43.55 -32.27
CA ARG H 148 -10.19 -44.22 -31.01
C ARG H 148 -9.39 -45.50 -30.87
N ALA H 149 -8.95 -45.79 -29.64
CA ALA H 149 -8.22 -47.04 -29.34
C ALA H 149 -8.79 -47.61 -28.07
N PRO H 150 -10.03 -48.11 -28.13
CA PRO H 150 -10.76 -48.46 -26.92
C PRO H 150 -10.49 -49.90 -26.46
N PHE H 151 -9.22 -50.22 -26.19
CA PHE H 151 -8.84 -51.60 -25.86
C PHE H 151 -9.56 -52.09 -24.60
N THR H 152 -9.67 -51.21 -23.60
CA THR H 152 -10.32 -51.50 -22.35
C THR H 152 -11.84 -51.70 -22.43
N HIS H 153 -12.52 -51.02 -23.37
CA HIS H 153 -13.97 -51.27 -23.54
C HIS H 153 -14.28 -52.67 -24.05
N VAL H 154 -13.33 -53.31 -24.73
CA VAL H 154 -13.53 -54.68 -25.21
C VAL H 154 -12.80 -55.73 -24.34
N GLY H 155 -12.09 -55.29 -23.31
CA GLY H 155 -11.43 -56.21 -22.38
C GLY H 155 -10.08 -56.71 -22.84
N LEU H 156 -9.46 -55.99 -23.77
CA LEU H 156 -8.16 -56.35 -24.32
C LEU H 156 -7.09 -55.37 -23.80
N VAL H 157 -5.95 -55.27 -24.50
CA VAL H 157 -4.83 -54.41 -24.10
C VAL H 157 -4.24 -53.81 -25.36
N PRO H 158 -3.40 -52.75 -25.23
CA PRO H 158 -2.76 -52.15 -26.40
C PRO H 158 -1.94 -53.12 -27.24
N GLU H 159 -1.99 -52.93 -28.55
CA GLU H 159 -1.23 -53.74 -29.47
C GLU H 159 -0.37 -52.86 -30.41
N ALA H 160 0.42 -53.53 -31.25
CA ALA H 160 1.25 -52.90 -32.25
C ALA H 160 2.23 -51.92 -31.63
N ALA H 161 2.64 -52.22 -30.40
CA ALA H 161 3.56 -51.42 -29.59
C ALA H 161 3.03 -50.03 -29.28
N SER H 162 1.71 -49.83 -29.31
CA SER H 162 1.14 -48.55 -28.99
C SER H 162 1.33 -48.15 -27.49
N SER H 163 1.56 -49.13 -26.61
CA SER H 163 1.82 -48.84 -25.20
C SER H 163 3.14 -48.08 -25.04
N LEU H 164 4.07 -48.28 -25.98
CA LEU H 164 5.30 -47.48 -26.09
C LEU H 164 5.16 -46.24 -27.00
N LEU H 165 4.61 -46.44 -28.19
CA LEU H 165 4.61 -45.42 -29.25
C LEU H 165 3.57 -44.32 -29.09
N LEU H 166 2.39 -44.64 -28.54
CA LEU H 166 1.33 -43.64 -28.41
C LEU H 166 1.74 -42.51 -27.45
N PRO H 167 2.32 -42.86 -26.26
CA PRO H 167 2.81 -41.78 -25.40
C PRO H 167 3.95 -40.99 -26.00
N LEU H 168 4.82 -41.62 -26.78
CA LEU H 168 5.88 -40.86 -27.46
C LEU H 168 5.28 -39.88 -28.45
N ALA H 169 4.20 -40.28 -29.10
CA ALA H 169 3.60 -39.51 -30.18
C ALA H 169 2.79 -38.33 -29.68
N VAL H 170 2.02 -38.49 -28.59
CA VAL H 170 1.06 -37.44 -28.11
C VAL H 170 1.20 -37.07 -26.62
N GLY H 171 2.14 -37.69 -25.92
CA GLY H 171 2.28 -37.51 -24.49
C GLY H 171 1.44 -38.47 -23.67
N GLN H 172 1.80 -38.58 -22.39
CA GLN H 172 1.22 -39.58 -21.49
C GLN H 172 -0.27 -39.26 -21.26
N ALA H 173 -0.61 -38.00 -21.14
CA ALA H 173 -1.96 -37.62 -20.80
C ALA H 173 -2.94 -37.90 -21.94
N TRP H 174 -2.59 -37.51 -23.17
CA TRP H 174 -3.42 -37.91 -24.32
C TRP H 174 -3.47 -39.42 -24.51
N ALA H 175 -2.31 -40.07 -24.42
CA ALA H 175 -2.24 -41.55 -24.58
C ALA H 175 -3.14 -42.27 -23.54
N ASN H 176 -3.23 -41.78 -22.33
CA ASN H 176 -4.09 -42.47 -21.38
C ASN H 176 -5.55 -42.15 -21.61
N ASP H 177 -5.85 -40.92 -22.05
CA ASP H 177 -7.25 -40.53 -22.33
C ASP H 177 -7.75 -41.44 -23.45
N LEU H 178 -6.91 -41.69 -24.45
CA LEU H 178 -7.22 -42.68 -25.50
C LEU H 178 -7.33 -44.15 -25.01
N MSE H 179 -6.27 -44.67 -24.42
CA MSE H 179 -6.15 -46.14 -24.17
C MSE H 179 -6.89 -46.62 -22.96
O MSE H 179 -7.45 -47.72 -22.99
CB MSE H 179 -4.69 -46.60 -24.11
CG MSE H 179 -4.17 -46.66 -25.56
SE MSE H 179 -2.27 -47.16 -25.72
CE MSE H 179 -1.45 -45.83 -24.57
N LEU H 180 -6.92 -45.85 -21.88
CA LEU H 180 -7.62 -46.26 -20.67
C LEU H 180 -9.08 -45.82 -20.68
N ALA H 181 -9.34 -44.55 -20.98
CA ALA H 181 -10.69 -43.99 -20.92
C ALA H 181 -11.50 -44.16 -22.20
N GLY H 182 -10.90 -44.61 -23.28
CA GLY H 182 -11.66 -44.83 -24.53
C GLY H 182 -12.17 -43.57 -25.24
N ARG H 183 -11.46 -42.45 -25.09
CA ARG H 183 -11.87 -41.23 -25.72
C ARG H 183 -11.82 -41.31 -27.25
N ILE H 184 -12.82 -40.73 -27.89
CA ILE H 184 -12.89 -40.53 -29.33
C ILE H 184 -12.42 -39.09 -29.65
N LEU H 185 -11.39 -38.96 -30.49
CA LEU H 185 -10.88 -37.65 -30.94
C LEU H 185 -11.42 -37.32 -32.31
N ASP H 186 -11.78 -36.05 -32.53
CA ASP H 186 -12.02 -35.55 -33.90
C ASP H 186 -10.68 -35.13 -34.53
N ALA H 187 -10.74 -34.71 -35.80
CA ALA H 187 -9.54 -34.39 -36.53
C ALA H 187 -8.80 -33.20 -35.92
N ARG H 188 -9.52 -32.17 -35.51
CA ARG H 188 -8.85 -31.01 -34.92
C ARG H 188 -8.14 -31.34 -33.59
N GLU H 189 -8.76 -32.17 -32.76
CA GLU H 189 -8.14 -32.62 -31.50
C GLU H 189 -6.92 -33.49 -31.79
N ALA H 190 -6.99 -34.34 -32.81
CA ALA H 190 -5.83 -35.16 -33.21
C ALA H 190 -4.66 -34.30 -33.66
N LEU H 191 -4.98 -33.23 -34.38
CA LEU H 191 -3.98 -32.28 -34.83
C LEU H 191 -3.37 -31.56 -33.65
N SER H 192 -4.19 -31.04 -32.75
CA SER H 192 -3.67 -30.32 -31.60
C SER H 192 -2.80 -31.24 -30.72
N ALA H 193 -3.13 -32.52 -30.63
CA ALA H 193 -2.31 -33.46 -29.88
C ALA H 193 -1.07 -33.92 -30.63
N GLY H 194 -1.01 -33.69 -31.93
CA GLY H 194 0.13 -34.13 -32.76
C GLY H 194 0.10 -35.56 -33.29
N LEU H 195 -1.07 -36.18 -33.22
CA LEU H 195 -1.24 -37.53 -33.76
C LEU H 195 -1.29 -37.44 -35.29
N VAL H 196 -1.94 -36.39 -35.82
CA VAL H 196 -1.88 -36.05 -37.21
C VAL H 196 -1.27 -34.65 -37.34
N THR H 197 -0.72 -34.32 -38.52
CA THR H 197 -0.11 -33.01 -38.73
C THR H 197 -0.79 -32.12 -39.77
N ARG H 198 -1.74 -32.70 -40.55
CA ARG H 198 -2.56 -31.95 -41.51
C ARG H 198 -4.01 -32.48 -41.56
N VAL H 199 -4.94 -31.55 -41.71
CA VAL H 199 -6.36 -31.84 -41.83
C VAL H 199 -6.88 -31.16 -43.11
N PHE H 200 -7.49 -31.93 -43.98
CA PHE H 200 -7.98 -31.44 -45.25
C PHE H 200 -9.48 -31.61 -45.33
N GLU H 201 -10.17 -30.77 -46.07
CA GLU H 201 -11.51 -31.07 -46.58
C GLU H 201 -11.51 -32.50 -47.18
N ASP H 202 -12.60 -33.23 -46.97
CA ASP H 202 -12.71 -34.63 -47.38
C ASP H 202 -12.42 -34.85 -48.86
N ASP H 203 -12.92 -33.93 -49.69
CA ASP H 203 -12.86 -34.07 -51.14
C ASP H 203 -11.46 -33.81 -51.74
N VAL H 204 -10.52 -33.25 -50.97
CA VAL H 204 -9.13 -33.06 -51.44
C VAL H 204 -8.08 -33.89 -50.67
N LEU H 205 -8.47 -34.56 -49.59
CA LEU H 205 -7.49 -35.30 -48.76
C LEU H 205 -6.57 -36.19 -49.57
N VAL H 206 -7.15 -36.97 -50.47
CA VAL H 206 -6.42 -37.99 -51.23
C VAL H 206 -5.48 -37.37 -52.26
N ALA H 207 -6.01 -36.47 -53.09
CA ALA H 207 -5.18 -35.73 -54.03
C ALA H 207 -4.01 -34.98 -53.35
N GLU H 208 -4.25 -34.36 -52.19
CA GLU H 208 -3.19 -33.61 -51.47
C GLU H 208 -2.18 -34.54 -50.81
N SER H 209 -2.67 -35.67 -50.30
CA SER H 209 -1.76 -36.68 -49.77
C SER H 209 -0.92 -37.34 -50.86
N LEU H 210 -1.50 -37.59 -52.03
CA LEU H 210 -0.76 -38.18 -53.15
C LEU H 210 0.32 -37.23 -53.69
N LYS H 211 0.00 -35.96 -53.78
CA LYS H 211 0.98 -34.95 -54.17
C LYS H 211 2.22 -34.99 -53.25
N ILE H 212 2.01 -35.12 -51.95
CA ILE H 212 3.11 -35.21 -51.01
C ILE H 212 3.87 -36.52 -51.17
N ALA H 213 3.16 -37.62 -51.29
CA ALA H 213 3.81 -38.92 -51.53
C ALA H 213 4.68 -38.92 -52.82
N GLU H 214 4.16 -38.32 -53.88
CA GLU H 214 4.89 -38.20 -55.15
C GLU H 214 6.13 -37.33 -55.00
N GLN H 215 6.02 -36.25 -54.24
CA GLN H 215 7.18 -35.40 -54.00
C GLN H 215 8.28 -36.18 -53.27
N VAL H 216 7.90 -36.95 -52.26
CA VAL H 216 8.88 -37.71 -51.48
C VAL H 216 9.55 -38.78 -52.37
N ALA H 217 8.71 -39.46 -53.17
CA ALA H 217 9.18 -40.45 -54.12
C ALA H 217 10.15 -39.89 -55.19
N SER H 218 10.12 -38.57 -55.43
CA SER H 218 11.03 -37.92 -56.40
C SER H 218 12.36 -37.43 -55.77
N LEU H 219 12.51 -37.56 -54.46
CA LEU H 219 13.71 -37.10 -53.79
C LEU H 219 14.78 -38.18 -53.88
N ALA H 220 16.02 -37.81 -53.57
CA ALA H 220 17.15 -38.75 -53.52
C ALA H 220 16.80 -39.97 -52.68
N PRO H 221 16.75 -41.17 -53.30
CA PRO H 221 16.21 -42.33 -52.59
C PRO H 221 16.97 -42.78 -51.35
N ASN H 222 18.31 -42.81 -51.40
CA ASN H 222 19.14 -43.16 -50.23
C ASN H 222 19.08 -42.11 -49.13
N SER H 223 19.02 -40.83 -49.51
CA SER H 223 18.78 -39.75 -48.54
C SER H 223 17.52 -40.05 -47.69
N VAL H 224 16.43 -40.35 -48.38
CA VAL H 224 15.14 -40.59 -47.72
C VAL H 224 15.20 -41.88 -46.89
N LYS H 225 15.64 -42.98 -47.50
CA LYS H 225 15.74 -44.26 -46.80
C LYS H 225 16.62 -44.17 -45.53
N GLN H 226 17.81 -43.55 -45.64
CA GLN H 226 18.72 -43.41 -44.48
C GLN H 226 18.15 -42.48 -43.40
N SER H 227 17.42 -41.47 -43.84
CA SER H 227 16.87 -40.51 -42.92
C SER H 227 15.82 -41.22 -42.07
N LYS H 228 14.97 -41.98 -42.74
CA LYS H 228 13.96 -42.75 -41.99
C LYS H 228 14.65 -43.78 -41.10
N ARG H 229 15.70 -44.44 -41.60
CA ARG H 229 16.41 -45.44 -40.79
C ARG H 229 16.95 -44.83 -39.48
N LEU H 230 17.59 -43.66 -39.57
CA LEU H 230 18.09 -42.94 -38.39
C LEU H 230 16.97 -42.61 -37.41
N ILE H 231 15.83 -42.13 -37.92
CA ILE H 231 14.72 -41.77 -37.08
C ILE H 231 14.14 -43.01 -36.36
N ARG H 232 13.87 -44.05 -37.14
CA ARG H 232 13.23 -45.27 -36.61
C ARG H 232 14.23 -46.11 -35.80
N GLY H 233 15.52 -45.95 -36.07
CA GLY H 233 16.54 -46.71 -35.35
C GLY H 233 16.61 -46.49 -33.84
N VAL H 234 16.11 -45.35 -33.38
CA VAL H 234 16.18 -45.06 -31.95
C VAL H 234 15.35 -46.06 -31.11
N ASN H 235 14.14 -46.38 -31.54
CA ASN H 235 13.29 -47.30 -30.79
C ASN H 235 13.02 -48.64 -31.46
N LYS H 236 13.74 -48.92 -32.55
CA LYS H 236 13.49 -50.11 -33.36
C LYS H 236 13.40 -51.40 -32.52
N GLU H 237 14.39 -51.65 -31.68
CA GLU H 237 14.45 -52.89 -30.89
C GLU H 237 13.36 -52.94 -29.82
N GLU H 238 13.12 -51.80 -29.12
CA GLU H 238 12.09 -51.76 -28.11
C GLU H 238 10.69 -51.94 -28.73
N VAL H 239 10.49 -51.45 -29.97
CA VAL H 239 9.19 -51.64 -30.63
C VAL H 239 8.89 -53.11 -30.81
N GLN H 240 9.87 -53.89 -31.32
CA GLN H 240 9.66 -55.34 -31.48
C GLN H 240 9.46 -56.04 -30.13
N ALA H 241 10.29 -55.70 -29.12
CA ALA H 241 10.13 -56.33 -27.79
C ALA H 241 8.76 -56.00 -27.17
N GLN H 242 8.30 -54.75 -27.31
CA GLN H 242 7.02 -54.36 -26.73
C GLN H 242 5.86 -55.09 -27.41
N MSE H 243 5.93 -55.31 -28.72
CA MSE H 243 4.87 -56.09 -29.41
C MSE H 243 4.78 -57.49 -28.87
O MSE H 243 3.67 -57.99 -28.72
CB MSE H 243 5.00 -56.16 -30.92
CG MSE H 243 4.36 -54.97 -31.56
SE MSE H 243 4.67 -55.05 -33.49
CE MSE H 243 4.79 -53.18 -33.89
N LYS H 244 5.92 -58.11 -28.53
CA LYS H 244 5.89 -59.43 -27.92
C LYS H 244 5.33 -59.38 -26.51
N ARG H 245 5.73 -58.40 -25.69
CA ARG H 245 5.15 -58.30 -24.32
C ARG H 245 3.64 -58.10 -24.37
N GLU H 246 3.17 -57.18 -25.22
CA GLU H 246 1.74 -56.90 -25.36
C GLU H 246 1.02 -58.16 -25.81
N GLY H 247 1.64 -58.86 -26.77
CA GLY H 247 1.04 -60.01 -27.43
C GLY H 247 0.65 -61.13 -26.49
N VAL H 248 1.52 -61.42 -25.53
CA VAL H 248 1.28 -62.48 -24.54
C VAL H 248 0.07 -62.13 -23.68
N ILE H 249 0.02 -60.89 -23.19
CA ILE H 249 -1.09 -60.43 -22.37
C ILE H 249 -2.38 -60.35 -23.19
N PHE H 250 -2.27 -59.92 -24.43
CA PHE H 250 -3.41 -59.82 -25.33
C PHE H 250 -4.08 -61.18 -25.57
N ALA H 251 -3.27 -62.17 -25.90
CA ALA H 251 -3.75 -63.54 -26.15
C ALA H 251 -4.51 -64.08 -24.94
N GLU H 252 -3.93 -63.85 -23.77
CA GLU H 252 -4.54 -64.22 -22.48
C GLU H 252 -5.89 -63.52 -22.27
N GLN H 253 -5.97 -62.21 -22.48
CA GLN H 253 -7.25 -61.49 -22.39
C GLN H 253 -8.28 -61.96 -23.42
N LEU H 254 -7.86 -62.22 -24.65
CA LEU H 254 -8.76 -62.69 -25.73
C LEU H 254 -9.48 -64.01 -25.42
N ALA H 255 -8.79 -64.89 -24.70
CA ALA H 255 -9.31 -66.18 -24.26
C ALA H 255 -9.97 -66.15 -22.85
N SER H 256 -10.09 -64.97 -22.24
CA SER H 256 -10.57 -64.86 -20.87
C SER H 256 -12.06 -64.53 -20.83
N ALA H 257 -12.65 -64.74 -19.65
CA ALA H 257 -14.04 -64.37 -19.37
C ALA H 257 -14.32 -62.87 -19.55
N GLU H 258 -13.32 -62.03 -19.25
CA GLU H 258 -13.45 -60.58 -19.38
C GLU H 258 -13.73 -60.12 -20.81
N PHE H 259 -13.07 -60.75 -21.78
CA PHE H 259 -13.35 -60.45 -23.20
C PHE H 259 -14.74 -60.92 -23.58
N LYS H 260 -15.07 -62.17 -23.24
CA LYS H 260 -16.38 -62.76 -23.55
C LYS H 260 -17.49 -61.84 -23.07
N GLU H 261 -17.40 -61.43 -21.81
CA GLU H 261 -18.40 -60.61 -21.14
C GLU H 261 -18.49 -59.18 -21.71
N SER H 262 -17.35 -58.58 -22.05
CA SER H 262 -17.36 -57.25 -22.64
C SER H 262 -18.13 -57.28 -23.95
N VAL H 263 -17.81 -58.28 -24.76
CA VAL H 263 -18.43 -58.42 -26.08
C VAL H 263 -19.92 -58.83 -25.97
N ALA H 264 -20.21 -59.82 -25.13
CA ALA H 264 -21.57 -60.30 -24.93
C ALA H 264 -22.50 -59.18 -24.42
N ALA H 265 -21.99 -58.37 -23.50
CA ALA H 265 -22.72 -57.22 -22.95
C ALA H 265 -23.21 -56.28 -24.03
N PHE H 266 -22.33 -55.96 -24.98
CA PHE H 266 -22.73 -55.08 -26.06
C PHE H 266 -23.87 -55.71 -26.90
N PHE H 267 -23.69 -56.97 -27.32
CA PHE H 267 -24.70 -57.65 -28.16
C PHE H 267 -25.99 -57.97 -27.45
N GLU H 268 -25.93 -58.14 -26.12
CA GLU H 268 -27.13 -58.39 -25.31
C GLU H 268 -27.79 -57.11 -24.79
N LYS H 269 -27.27 -55.95 -25.21
CA LYS H 269 -27.82 -54.62 -24.88
C LYS H 269 -28.00 -54.42 -23.37
N ARG H 270 -26.93 -54.71 -22.63
CA ARG H 270 -26.90 -54.60 -21.18
C ARG H 270 -25.55 -54.10 -20.71
N ALA H 271 -25.50 -53.70 -19.44
CA ALA H 271 -24.27 -53.28 -18.80
C ALA H 271 -23.44 -54.52 -18.49
N PRO H 272 -22.13 -54.50 -18.81
CA PRO H 272 -21.27 -55.62 -18.41
C PRO H 272 -21.11 -55.71 -16.89
N HIS H 273 -20.94 -56.92 -16.39
CA HIS H 273 -20.74 -57.14 -14.97
C HIS H 273 -19.44 -57.91 -14.79
N PHE H 274 -18.54 -57.34 -13.99
CA PHE H 274 -17.27 -57.99 -13.62
C PHE H 274 -17.27 -58.06 -12.10
N ALA H 275 -17.35 -59.26 -11.55
CA ALA H 275 -17.46 -59.46 -10.11
C ALA H 275 -16.22 -58.95 -9.34
N LYS I 25 4.71 9.48 72.81
CA LYS I 25 5.90 8.76 72.22
C LYS I 25 6.51 9.51 71.03
N SER I 26 7.83 9.38 70.88
CA SER I 26 8.60 10.03 69.80
C SER I 26 8.47 9.33 68.43
N LEU I 27 8.04 8.07 68.44
CA LEU I 27 7.68 7.32 67.23
C LEU I 27 6.29 6.70 67.41
N ASN I 28 5.29 7.18 66.66
CA ASN I 28 3.95 6.57 66.68
C ASN I 28 3.98 5.39 65.73
N VAL I 29 3.39 4.29 66.17
CA VAL I 29 3.43 3.00 65.47
C VAL I 29 2.01 2.47 65.42
N SER I 30 1.56 2.05 64.25
CA SER I 30 0.32 1.27 64.13
C SER I 30 0.52 0.22 63.06
N LEU I 31 -0.31 -0.82 63.13
CA LEU I 31 -0.24 -1.99 62.26
C LEU I 31 -1.65 -2.35 61.80
N ASN I 32 -1.92 -2.19 60.52
CA ASN I 32 -3.22 -2.45 59.91
C ASN I 32 -3.01 -2.82 58.45
N ASN I 33 -3.80 -3.79 57.97
CA ASN I 33 -3.75 -4.24 56.58
C ASN I 33 -2.35 -4.69 56.18
N ARG I 34 -1.62 -5.24 57.16
CA ARG I 34 -0.24 -5.68 57.02
C ARG I 34 0.77 -4.60 56.67
N VAL I 35 0.41 -3.35 56.91
CA VAL I 35 1.34 -2.22 56.84
C VAL I 35 1.70 -1.71 58.23
N LEU I 36 3.00 -1.69 58.53
CA LEU I 36 3.51 -1.08 59.76
C LEU I 36 3.73 0.41 59.49
N SER I 37 2.89 1.28 60.06
CA SER I 37 3.00 2.73 59.86
C SER I 37 3.88 3.30 60.96
N LEU I 38 4.95 4.00 60.57
CA LEU I 38 5.88 4.60 61.52
C LEU I 38 5.84 6.08 61.30
N THR I 39 5.45 6.83 62.34
CA THR I 39 5.35 8.28 62.21
C THR I 39 6.25 8.94 63.20
N ILE I 40 7.27 9.64 62.71
CA ILE I 40 8.20 10.36 63.56
C ILE I 40 7.48 11.54 64.20
N ASN I 41 7.60 11.66 65.52
CA ASN I 41 6.76 12.54 66.29
C ASN I 41 7.54 13.30 67.39
N ARG I 42 8.39 14.24 66.98
CA ARG I 42 8.93 15.25 67.87
C ARG I 42 8.75 16.61 67.23
N PRO I 43 7.51 16.97 66.83
CA PRO I 43 7.31 18.24 66.11
C PRO I 43 7.83 19.49 66.86
N GLU I 44 7.89 19.43 68.18
CA GLU I 44 8.51 20.48 69.01
C GLU I 44 9.98 20.75 68.63
N LEU I 45 10.74 19.72 68.29
CA LEU I 45 12.13 19.87 67.82
C LEU I 45 12.29 19.63 66.31
N LYS I 46 11.24 19.91 65.53
CA LYS I 46 11.24 19.68 64.08
C LYS I 46 11.66 18.27 63.72
N ASN I 47 11.21 17.30 64.52
CA ASN I 47 11.46 15.89 64.24
C ASN I 47 12.95 15.52 64.12
N ALA I 48 13.77 16.21 64.91
CA ALA I 48 15.19 15.91 65.02
C ALA I 48 15.40 14.54 65.60
N LEU I 49 16.35 13.78 65.05
CA LEU I 49 16.58 12.40 65.46
C LEU I 49 17.56 12.35 66.61
N ASN I 50 17.13 11.72 67.69
CA ASN I 50 17.98 11.50 68.86
C ASN I 50 18.15 9.98 69.06
N ARG I 51 18.87 9.59 70.11
CA ARG I 51 19.13 8.17 70.44
C ARG I 51 17.88 7.35 70.55
N GLU I 52 16.91 7.85 71.31
CA GLU I 52 15.64 7.16 71.57
C GLU I 52 14.89 6.87 70.26
N LEU I 53 14.86 7.85 69.37
CA LEU I 53 14.13 7.72 68.11
C LEU I 53 14.80 6.73 67.15
N TYR I 54 16.12 6.83 67.05
CA TYR I 54 16.92 5.86 66.29
C TYR I 54 16.69 4.42 66.76
N ALA I 55 16.69 4.24 68.09
CA ALA I 55 16.48 2.93 68.71
C ALA I 55 15.12 2.39 68.37
N ALA I 56 14.11 3.25 68.51
CA ALA I 56 12.74 2.88 68.17
C ALA I 56 12.55 2.56 66.66
N LEU I 57 13.17 3.33 65.78
CA LEU I 57 13.07 3.03 64.34
C LEU I 57 13.75 1.70 64.05
N ALA I 58 14.94 1.50 64.63
CA ALA I 58 15.64 0.22 64.48
C ALA I 58 14.77 -0.95 64.96
N ASP I 59 14.17 -0.82 66.15
CA ASP I 59 13.29 -1.86 66.70
C ASP I 59 12.17 -2.23 65.74
N GLU I 60 11.51 -1.23 65.17
CA GLU I 60 10.36 -1.48 64.32
C GLU I 60 10.74 -2.09 62.96
N LEU I 61 11.84 -1.63 62.38
CA LEU I 61 12.28 -2.17 61.10
C LEU I 61 12.73 -3.61 61.26
N GLU I 62 13.41 -3.93 62.37
CA GLU I 62 13.79 -5.32 62.67
C GLU I 62 12.54 -6.21 62.84
N ARG I 63 11.52 -5.67 63.52
CA ARG I 63 10.25 -6.37 63.68
C ARG I 63 9.66 -6.71 62.31
N SER I 64 9.67 -5.74 61.41
CA SER I 64 9.12 -5.95 60.05
C SER I 64 9.74 -7.18 59.34
N ASN I 65 11.04 -7.40 59.51
CA ASN I 65 11.73 -8.55 58.87
C ASN I 65 11.28 -9.88 59.39
N HIS I 66 11.01 -9.95 60.70
CA HIS I 66 10.73 -11.24 61.38
C HIS I 66 9.24 -11.61 61.42
N ASP I 67 8.34 -10.64 61.27
CA ASP I 67 6.92 -10.91 61.21
C ASP I 67 6.51 -11.07 59.74
N ASP I 68 6.12 -12.27 59.36
CA ASP I 68 5.61 -12.55 58.02
C ASP I 68 4.28 -11.87 57.71
N GLN I 69 3.54 -11.42 58.72
CA GLN I 69 2.33 -10.67 58.49
C GLN I 69 2.54 -9.16 58.40
N ILE I 70 3.79 -8.69 58.46
CA ILE I 70 4.12 -7.30 58.15
C ILE I 70 4.76 -7.31 56.75
N ARG I 71 4.10 -6.72 55.77
CA ARG I 71 4.54 -6.83 54.37
C ARG I 71 4.92 -5.50 53.66
N ALA I 72 4.78 -4.39 54.39
CA ALA I 72 5.21 -3.10 53.95
C ALA I 72 5.36 -2.20 55.16
N VAL I 73 6.25 -1.23 55.03
CA VAL I 73 6.41 -0.19 56.02
C VAL I 73 6.06 1.14 55.35
N LEU I 74 5.23 1.94 56.01
CA LEU I 74 4.98 3.32 55.65
C LEU I 74 5.67 4.22 56.69
N LEU I 75 6.61 5.04 56.24
CA LEU I 75 7.36 5.94 57.11
C LEU I 75 6.98 7.39 56.80
N THR I 76 6.58 8.14 57.82
CA THR I 76 6.36 9.58 57.65
C THR I 76 6.62 10.34 58.96
N ALA I 77 6.20 11.60 59.02
CA ALA I 77 6.42 12.42 60.22
C ALA I 77 5.28 13.39 60.44
N ASN I 78 5.07 13.77 61.69
CA ASN I 78 4.01 14.71 62.03
C ASN I 78 4.44 16.17 61.83
N GLY I 79 3.48 17.01 61.46
CA GLY I 79 3.69 18.44 61.31
C GLY I 79 4.26 18.82 59.95
N ASP I 80 5.00 19.93 59.94
CA ASP I 80 5.45 20.59 58.71
C ASP I 80 6.89 20.23 58.25
N THR I 81 7.57 19.36 59.01
CA THR I 81 8.94 18.96 58.74
C THR I 81 8.99 17.45 58.72
N PHE I 82 9.77 16.86 57.80
CA PHE I 82 10.01 15.41 57.83
C PHE I 82 11.05 15.15 58.94
N THR I 83 12.26 15.68 58.79
CA THR I 83 13.18 15.79 59.92
C THR I 83 14.22 16.85 59.64
N ALA I 84 14.55 17.61 60.68
CA ALA I 84 15.60 18.62 60.62
C ALA I 84 17.01 18.04 60.77
N GLY I 85 17.16 16.72 60.88
CA GLY I 85 18.47 16.07 60.96
C GLY I 85 18.76 15.58 62.37
N ASN I 86 20.04 15.37 62.66
CA ASN I 86 20.47 15.00 64.02
C ASN I 86 20.18 16.07 65.06
N ASP I 87 19.59 15.66 66.18
CA ASP I 87 19.45 16.51 67.38
C ASP I 87 20.87 16.89 67.83
N LEU I 88 21.17 18.19 67.88
CA LEU I 88 22.53 18.68 68.23
C LEU I 88 22.95 18.30 69.65
N ASP I 89 22.11 18.62 70.64
CA ASP I 89 22.42 18.31 72.06
C ASP I 89 22.75 16.84 72.24
N ASP I 90 21.84 15.99 71.77
CA ASP I 90 22.01 14.54 71.81
C ASP I 90 23.24 14.07 70.98
N PHE I 91 23.53 14.77 69.89
CA PHE I 91 24.72 14.54 69.04
C PHE I 91 26.03 14.55 69.82
N ILE I 92 26.19 15.55 70.67
CA ILE I 92 27.45 15.79 71.41
C ILE I 92 27.37 15.49 72.91
N ASN I 93 26.51 14.56 73.30
CA ASN I 93 26.37 14.13 74.69
C ASN I 93 27.61 13.36 75.09
N GLU I 97 26.93 5.47 74.81
CA GLU I 97 25.85 4.51 74.95
C GLU I 97 26.31 3.13 75.46
N SER I 98 25.36 2.38 76.04
CA SER I 98 25.56 0.96 76.35
C SER I 98 25.28 0.15 75.07
N GLY I 99 26.17 -0.79 74.75
CA GLY I 99 26.04 -1.62 73.56
C GLY I 99 26.29 -0.87 72.26
N THR I 100 25.64 -1.33 71.19
CA THR I 100 25.76 -0.70 69.86
C THR I 100 25.02 0.64 69.83
N PRO I 101 25.68 1.73 69.37
CA PRO I 101 24.99 3.03 69.31
C PRO I 101 23.72 2.96 68.48
N SER I 102 22.67 3.65 68.94
CA SER I 102 21.36 3.54 68.32
C SER I 102 21.39 3.94 66.85
N VAL I 103 22.16 4.97 66.52
CA VAL I 103 22.27 5.39 65.12
C VAL I 103 22.81 4.26 64.22
N ILE I 104 23.77 3.50 64.74
CA ILE I 104 24.36 2.40 64.01
C ILE I 104 23.34 1.26 63.82
N ARG I 105 22.59 0.93 64.87
CA ARG I 105 21.49 -0.05 64.78
C ARG I 105 20.49 0.39 63.72
N PHE I 106 20.13 1.68 63.71
CA PHE I 106 19.17 2.19 62.73
C PHE I 106 19.70 2.08 61.30
N LEU I 107 20.96 2.45 61.08
CA LEU I 107 21.52 2.44 59.74
C LEU I 107 21.64 1.01 59.24
N LYS I 108 22.00 0.10 60.14
CA LYS I 108 22.03 -1.31 59.77
C LYS I 108 20.62 -1.86 59.49
N ALA I 109 19.65 -1.53 60.36
CA ALA I 109 18.29 -2.02 60.18
C ALA I 109 17.65 -1.50 58.91
N ILE I 110 17.82 -0.22 58.58
CA ILE I 110 17.18 0.31 57.35
C ILE I 110 17.91 -0.12 56.06
N SER I 111 19.24 -0.27 56.13
CA SER I 111 20.02 -0.65 54.96
C SER I 111 19.81 -2.10 54.63
N GLU I 112 19.53 -2.91 55.64
CA GLU I 112 19.28 -4.37 55.44
C GLU I 112 17.81 -4.80 55.54
N CYS I 113 16.89 -3.86 55.74
CA CYS I 113 15.47 -4.20 55.83
C CYS I 113 15.02 -4.97 54.61
N GLU I 114 14.37 -6.10 54.83
CA GLU I 114 13.88 -6.96 53.76
C GLU I 114 12.49 -6.55 53.30
N THR I 115 11.81 -5.77 54.13
CA THR I 115 10.46 -5.34 53.90
C THR I 115 10.50 -4.11 52.99
N PRO I 116 9.57 -4.04 52.03
CA PRO I 116 9.50 -2.80 51.23
C PRO I 116 9.03 -1.62 52.09
N ILE I 117 9.68 -0.47 51.93
CA ILE I 117 9.40 0.73 52.68
C ILE I 117 8.92 1.84 51.75
N VAL I 118 7.75 2.36 52.03
CA VAL I 118 7.19 3.52 51.35
C VAL I 118 7.47 4.67 52.31
N VAL I 119 8.13 5.73 51.82
CA VAL I 119 8.38 6.93 52.63
C VAL I 119 7.66 8.15 51.99
N ALA I 120 6.93 8.86 52.84
CA ALA I 120 6.14 10.02 52.47
C ALA I 120 6.75 11.23 53.15
N VAL I 121 7.51 12.00 52.37
CA VAL I 121 8.28 13.15 52.88
C VAL I 121 7.33 14.36 52.90
N ASN I 122 6.95 14.78 54.11
CA ASN I 122 5.92 15.80 54.32
C ASN I 122 6.47 17.20 54.44
N GLY I 123 7.79 17.38 54.47
CA GLY I 123 8.40 18.70 54.62
C GLY I 123 9.92 18.64 54.50
N PRO I 124 10.65 19.66 54.96
CA PRO I 124 12.10 19.60 54.90
C PRO I 124 12.68 18.29 55.44
N ALA I 125 13.55 17.69 54.64
CA ALA I 125 14.30 16.47 54.98
C ALA I 125 15.76 16.84 54.90
N ILE I 126 16.38 17.00 56.06
CA ILE I 126 17.70 17.58 56.17
C ILE I 126 18.67 16.53 56.73
N GLY I 127 19.84 16.43 56.08
CA GLY I 127 20.94 15.58 56.57
C GLY I 127 20.56 14.11 56.54
N VAL I 128 20.42 13.52 57.72
CA VAL I 128 19.98 12.13 57.78
C VAL I 128 18.53 11.98 57.32
N GLY I 129 17.75 13.06 57.33
CA GLY I 129 16.43 13.02 56.70
C GLY I 129 16.49 12.76 55.18
N LEU I 130 17.52 13.28 54.52
CA LEU I 130 17.74 12.99 53.12
C LEU I 130 18.39 11.62 52.96
N THR I 131 19.46 11.34 53.69
CA THR I 131 20.22 10.11 53.39
C THR I 131 19.44 8.82 53.65
N MSE I 132 18.52 8.84 54.62
CA MSE I 132 17.68 7.66 54.91
C MSE I 132 16.79 7.27 53.78
O MSE I 132 16.44 6.09 53.65
CB MSE I 132 16.88 7.82 56.20
CG MSE I 132 15.61 8.67 56.14
SE MSE I 132 14.68 8.69 57.83
CE MSE I 132 16.04 9.08 59.15
N LEU I 133 16.43 8.25 52.92
CA LEU I 133 15.59 8.00 51.72
C LEU I 133 16.27 7.12 50.69
N LEU I 134 17.61 7.14 50.65
CA LEU I 134 18.37 6.27 49.74
C LEU I 134 18.22 4.79 50.09
N HIS I 135 17.78 4.50 51.32
CA HIS I 135 17.53 3.13 51.79
C HIS I 135 16.03 2.76 51.87
N CYS I 136 15.15 3.72 51.53
CA CYS I 136 13.76 3.45 51.29
C CYS I 136 13.55 3.03 49.85
N ASP I 137 12.41 2.41 49.57
CA ASP I 137 12.11 1.89 48.23
C ASP I 137 11.24 2.82 47.40
N MSE I 138 10.06 3.13 47.93
CA MSE I 138 9.13 4.03 47.25
C MSE I 138 9.28 5.35 47.93
O MSE I 138 9.01 5.46 49.14
CB MSE I 138 7.69 3.52 47.36
CG MSE I 138 7.25 2.67 46.16
SE MSE I 138 8.21 0.93 46.09
CE MSE I 138 7.39 0.01 47.61
N VAL I 139 9.69 6.38 47.18
CA VAL I 139 10.01 7.67 47.76
C VAL I 139 9.06 8.71 47.23
N TYR I 140 8.13 9.15 48.07
CA TYR I 140 7.12 10.13 47.65
C TYR I 140 7.20 11.35 48.55
N ALA I 141 6.70 12.48 48.05
CA ALA I 141 6.90 13.79 48.68
C ALA I 141 5.66 14.66 48.56
N SER I 142 5.47 15.57 49.51
CA SER I 142 4.47 16.63 49.38
C SER I 142 5.09 17.81 48.63
N LYS I 143 4.25 18.73 48.15
CA LYS I 143 4.71 19.94 47.45
C LYS I 143 5.57 20.85 48.34
N SER I 144 5.33 20.78 49.65
CA SER I 144 6.11 21.56 50.60
C SER I 144 7.41 20.86 51.03
N ALA I 145 7.68 19.66 50.52
CA ALA I 145 8.94 18.97 50.85
C ALA I 145 10.15 19.71 50.30
N ARG I 146 11.25 19.66 51.06
CA ARG I 146 12.52 20.24 50.66
C ARG I 146 13.57 19.21 51.05
N PHE I 147 14.75 19.29 50.43
CA PHE I 147 15.78 18.27 50.58
C PHE I 147 17.14 18.93 50.66
N ARG I 148 17.94 18.54 51.65
CA ARG I 148 19.27 19.11 51.81
C ARG I 148 20.18 18.16 52.57
N ALA I 149 21.45 18.11 52.16
CA ALA I 149 22.47 17.27 52.81
C ALA I 149 23.71 18.08 52.97
N PRO I 150 23.68 19.10 53.84
CA PRO I 150 24.73 20.10 53.92
C PRO I 150 25.89 19.66 54.83
N PHE I 151 26.52 18.54 54.53
CA PHE I 151 27.57 18.00 55.42
C PHE I 151 28.73 18.99 55.55
N THR I 152 29.10 19.61 54.44
CA THR I 152 30.19 20.60 54.38
C THR I 152 29.90 21.90 55.14
N HIS I 153 28.65 22.34 55.21
CA HIS I 153 28.34 23.54 56.02
C HIS I 153 28.56 23.34 57.51
N VAL I 154 28.50 22.09 57.98
CA VAL I 154 28.75 21.79 59.39
C VAL I 154 30.15 21.20 59.64
N GLY I 155 30.94 21.03 58.58
CA GLY I 155 32.31 20.54 58.72
C GLY I 155 32.45 19.02 58.85
N LEU I 156 31.42 18.30 58.41
CA LEU I 156 31.39 16.86 58.49
C LEU I 156 31.53 16.24 57.08
N VAL I 157 31.11 14.99 56.91
CA VAL I 157 31.21 14.28 55.64
C VAL I 157 29.94 13.46 55.47
N PRO I 158 29.69 12.96 54.22
CA PRO I 158 28.51 12.13 53.98
C PRO I 158 28.45 10.88 54.86
N GLU I 159 27.22 10.54 55.25
CA GLU I 159 27.00 9.35 56.04
C GLU I 159 25.93 8.44 55.39
N ALA I 160 25.69 7.30 56.03
CA ALA I 160 24.70 6.33 55.61
C ALA I 160 24.94 5.86 54.18
N ALA I 161 26.20 5.84 53.78
CA ALA I 161 26.67 5.45 52.45
C ALA I 161 26.14 6.33 51.34
N SER I 162 25.77 7.57 51.66
CA SER I 162 25.28 8.50 50.64
C SER I 162 26.39 8.91 49.63
N SER I 163 27.66 8.78 49.99
CA SER I 163 28.76 9.08 49.09
C SER I 163 28.76 8.10 47.90
N LEU I 164 28.25 6.89 48.13
CA LEU I 164 28.00 5.89 47.07
C LEU I 164 26.60 5.99 46.46
N LEU I 165 25.57 6.05 47.32
CA LEU I 165 24.16 5.92 46.90
C LEU I 165 23.56 7.16 46.27
N LEU I 166 23.97 8.35 46.72
CA LEU I 166 23.39 9.60 46.19
C LEU I 166 23.71 9.79 44.69
N PRO I 167 25.00 9.58 44.30
CA PRO I 167 25.29 9.65 42.85
C PRO I 167 24.60 8.57 42.04
N LEU I 168 24.42 7.37 42.60
CA LEU I 168 23.68 6.35 41.87
C LEU I 168 22.23 6.77 41.68
N ALA I 169 21.67 7.46 42.66
CA ALA I 169 20.26 7.82 42.65
C ALA I 169 19.95 8.99 41.72
N VAL I 170 20.80 10.02 41.68
CA VAL I 170 20.50 11.28 40.95
C VAL I 170 21.59 11.75 39.97
N GLY I 171 22.69 10.99 39.87
CA GLY I 171 23.83 11.36 39.07
C GLY I 171 24.85 12.22 39.85
N GLN I 172 26.04 12.31 39.29
CA GLN I 172 27.18 12.92 39.94
C GLN I 172 26.95 14.43 40.12
N ALA I 173 26.35 15.06 39.12
CA ALA I 173 26.22 16.49 39.15
C ALA I 173 25.19 16.93 40.22
N TRP I 174 24.02 16.30 40.27
CA TRP I 174 23.09 16.57 41.35
C TRP I 174 23.67 16.22 42.72
N ALA I 175 24.28 15.04 42.83
CA ALA I 175 24.89 14.61 44.10
C ALA I 175 25.94 15.62 44.61
N ASN I 176 26.73 16.20 43.72
CA ASN I 176 27.71 17.15 44.22
C ASN I 176 27.07 18.50 44.57
N ASP I 177 26.04 18.90 43.81
CA ASP I 177 25.36 20.16 44.09
C ASP I 177 24.74 20.06 45.50
N LEU I 178 24.17 18.90 45.82
CA LEU I 178 23.72 18.62 47.20
C LEU I 178 24.84 18.55 48.27
N MSE I 179 25.81 17.65 48.10
CA MSE I 179 26.78 17.31 49.17
C MSE I 179 27.89 18.30 49.34
O MSE I 179 28.31 18.56 50.46
CB MSE I 179 27.32 15.89 49.03
CG MSE I 179 26.24 14.92 49.51
SE MSE I 179 26.71 13.01 49.31
CE MSE I 179 27.19 12.94 47.42
N LEU I 180 28.41 18.85 48.26
CA LEU I 180 29.52 19.82 48.34
C LEU I 180 29.02 21.25 48.48
N ALA I 181 28.08 21.67 47.64
CA ALA I 181 27.59 23.04 47.64
C ALA I 181 26.45 23.31 48.59
N GLY I 182 25.86 22.29 49.21
CA GLY I 182 24.77 22.52 50.17
C GLY I 182 23.45 23.02 49.59
N ARG I 183 23.16 22.68 48.35
CA ARG I 183 21.94 23.11 47.73
C ARG I 183 20.70 22.53 48.41
N ILE I 184 19.67 23.36 48.54
CA ILE I 184 18.34 22.95 48.98
C ILE I 184 17.46 22.72 47.73
N LEU I 185 16.89 21.52 47.60
CA LEU I 185 15.96 21.21 46.50
C LEU I 185 14.53 21.30 46.95
N ASP I 186 13.66 21.84 46.08
CA ASP I 186 12.19 21.70 46.32
C ASP I 186 11.70 20.36 45.75
N ALA I 187 10.41 20.08 45.94
CA ALA I 187 9.85 18.81 45.55
C ALA I 187 9.94 18.60 44.04
N ARG I 188 9.64 19.62 43.25
CA ARG I 188 9.68 19.46 41.80
C ARG I 188 11.11 19.18 41.29
N GLU I 189 12.11 19.83 41.86
CA GLU I 189 13.50 19.60 41.50
C GLU I 189 13.93 18.18 41.91
N ALA I 190 13.46 17.72 43.07
CA ALA I 190 13.76 16.35 43.53
C ALA I 190 13.15 15.31 42.58
N LEU I 191 11.96 15.60 42.09
CA LEU I 191 11.30 14.74 41.12
C LEU I 191 12.07 14.73 39.82
N SER I 192 12.42 15.90 39.30
CA SER I 192 13.13 15.96 38.03
C SER I 192 14.52 15.26 38.14
N ALA I 193 15.14 15.32 39.30
CA ALA I 193 16.41 14.62 39.50
C ALA I 193 16.25 13.13 39.77
N GLY I 194 15.03 12.69 40.08
CA GLY I 194 14.77 11.26 40.39
C GLY I 194 15.01 10.79 41.82
N LEU I 195 15.14 11.75 42.72
CA LEU I 195 15.30 11.43 44.13
C LEU I 195 13.96 10.98 44.72
N VAL I 196 12.87 11.63 44.25
CA VAL I 196 11.52 11.19 44.52
C VAL I 196 10.84 10.89 43.20
N THR I 197 9.79 10.07 43.22
CA THR I 197 9.06 9.72 42.00
C THR I 197 7.62 10.20 41.92
N ARG I 198 7.07 10.68 43.04
CA ARG I 198 5.71 11.28 43.11
C ARG I 198 5.66 12.47 44.07
N VAL I 199 4.92 13.50 43.67
CA VAL I 199 4.70 14.70 44.45
C VAL I 199 3.19 14.90 44.61
N PHE I 200 2.72 15.01 45.83
CA PHE I 200 1.30 15.13 46.11
C PHE I 200 1.05 16.44 46.82
N GLU I 201 -0.15 17.00 46.65
CA GLU I 201 -0.66 18.03 47.59
C GLU I 201 -0.48 17.51 49.04
N ASP I 202 -0.13 18.41 49.94
CA ASP I 202 0.18 18.07 51.34
C ASP I 202 -0.93 17.27 52.02
N ASP I 203 -2.18 17.66 51.76
CA ASP I 203 -3.33 17.10 52.44
C ASP I 203 -3.70 15.67 51.99
N VAL I 204 -3.14 15.17 50.88
CA VAL I 204 -3.37 13.80 50.42
C VAL I 204 -2.12 12.90 50.43
N LEU I 205 -0.94 13.46 50.69
CA LEU I 205 0.32 12.68 50.65
C LEU I 205 0.23 11.36 51.40
N VAL I 206 -0.27 11.44 52.64
CA VAL I 206 -0.27 10.28 53.54
C VAL I 206 -1.27 9.23 53.11
N ALA I 207 -2.51 9.64 52.87
CA ALA I 207 -3.53 8.72 52.33
C ALA I 207 -3.10 8.03 51.01
N GLU I 208 -2.45 8.77 50.12
CA GLU I 208 -2.01 8.20 48.82
C GLU I 208 -0.80 7.29 48.99
N SER I 209 0.09 7.66 49.89
CA SER I 209 1.22 6.79 50.22
C SER I 209 0.78 5.50 50.91
N LEU I 210 -0.21 5.59 51.82
CA LEU I 210 -0.72 4.42 52.50
C LEU I 210 -1.43 3.45 51.55
N LYS I 211 -2.21 3.99 50.62
CA LYS I 211 -2.85 3.18 49.60
C LYS I 211 -1.82 2.34 48.81
N ILE I 212 -0.69 2.95 48.46
CA ILE I 212 0.36 2.23 47.75
C ILE I 212 1.01 1.18 48.65
N ALA I 213 1.33 1.56 49.89
CA ALA I 213 1.88 0.59 50.84
C ALA I 213 0.96 -0.63 51.06
N GLU I 214 -0.34 -0.38 51.17
CA GLU I 214 -1.35 -1.45 51.35
C GLU I 214 -1.41 -2.34 50.11
N GLN I 215 -1.31 -1.75 48.94
CA GLN I 215 -1.31 -2.54 47.69
C GLN I 215 -0.08 -3.47 47.67
N VAL I 216 1.08 -2.95 48.03
CA VAL I 216 2.30 -3.78 48.02
C VAL I 216 2.20 -4.90 49.05
N ALA I 217 1.69 -4.56 50.23
CA ALA I 217 1.45 -5.54 51.29
C ALA I 217 0.45 -6.64 50.92
N SER I 218 -0.40 -6.41 49.92
CA SER I 218 -1.37 -7.43 49.44
C SER I 218 -0.82 -8.32 48.31
N LEU I 219 0.38 -8.05 47.83
CA LEU I 219 0.97 -8.84 46.76
C LEU I 219 1.62 -10.10 47.34
N ALA I 220 1.93 -11.04 46.46
CA ALA I 220 2.65 -12.27 46.85
C ALA I 220 3.89 -11.94 47.67
N PRO I 221 3.94 -12.37 48.95
CA PRO I 221 4.99 -11.89 49.84
C PRO I 221 6.42 -12.28 49.45
N ASN I 222 6.64 -13.55 49.03
CA ASN I 222 7.98 -13.98 48.59
C ASN I 222 8.39 -13.34 47.28
N SER I 223 7.45 -13.12 46.37
CA SER I 223 7.71 -12.35 45.15
C SER I 223 8.32 -10.97 45.49
N VAL I 224 7.67 -10.26 46.41
CA VAL I 224 8.10 -8.92 46.80
C VAL I 224 9.44 -8.98 47.52
N LYS I 225 9.54 -9.81 48.54
CA LYS I 225 10.78 -9.95 49.33
C LYS I 225 12.00 -10.33 48.41
N GLN I 226 11.84 -11.32 47.54
CA GLN I 226 12.91 -11.72 46.60
C GLN I 226 13.27 -10.66 45.58
N SER I 227 12.25 -9.91 45.16
CA SER I 227 12.46 -8.87 44.17
C SER I 227 13.33 -7.80 44.79
N LYS I 228 12.97 -7.40 46.00
CA LYS I 228 13.80 -6.42 46.70
C LYS I 228 15.19 -6.96 46.97
N ARG I 229 15.30 -8.24 47.34
CA ARG I 229 16.61 -8.84 47.60
C ARG I 229 17.53 -8.76 46.35
N LEU I 230 16.99 -9.12 45.18
CA LEU I 230 17.74 -9.01 43.92
C LEU I 230 18.18 -7.58 43.64
N ILE I 231 17.30 -6.61 43.85
CA ILE I 231 17.62 -5.23 43.60
C ILE I 231 18.72 -4.73 44.55
N ARG I 232 18.53 -4.99 45.83
CA ARG I 232 19.47 -4.50 46.86
C ARG I 232 20.76 -5.32 46.88
N GLY I 233 20.69 -6.56 46.40
CA GLY I 233 21.88 -7.43 46.37
C GLY I 233 23.05 -6.93 45.53
N VAL I 234 22.78 -6.07 44.55
CA VAL I 234 23.83 -5.58 43.68
C VAL I 234 24.88 -4.76 44.48
N ASN I 235 24.44 -3.85 45.34
CA ASN I 235 25.37 -3.03 46.10
C ASN I 235 25.43 -3.31 47.60
N LYS I 236 24.80 -4.39 48.03
CA LYS I 236 24.67 -4.70 49.46
C LYS I 236 25.99 -4.59 50.22
N GLU I 237 27.01 -5.29 49.73
CA GLU I 237 28.33 -5.33 50.41
C GLU I 237 29.05 -3.98 50.36
N GLU I 238 29.01 -3.31 49.22
CA GLU I 238 29.65 -2.00 49.10
C GLU I 238 28.96 -0.97 50.00
N VAL I 239 27.64 -1.08 50.19
CA VAL I 239 26.92 -0.14 51.09
C VAL I 239 27.47 -0.25 52.50
N GLN I 240 27.61 -1.48 53.02
CA GLN I 240 28.18 -1.68 54.36
C GLN I 240 29.64 -1.18 54.44
N ALA I 241 30.47 -1.53 53.43
CA ALA I 241 31.88 -1.07 53.44
C ALA I 241 31.98 0.46 53.38
N GLN I 242 31.13 1.11 52.57
CA GLN I 242 31.16 2.56 52.46
C GLN I 242 30.76 3.24 53.78
N MSE I 243 29.80 2.69 54.50
CA MSE I 243 29.43 3.24 55.81
C MSE I 243 30.60 3.19 56.78
O MSE I 243 30.78 4.15 57.55
CB MSE I 243 28.23 2.61 56.49
CG MSE I 243 26.95 3.29 55.97
SE MSE I 243 25.44 2.31 56.73
CE MSE I 243 24.14 2.48 55.29
N LYS I 244 31.40 2.12 56.74
CA LYS I 244 32.60 2.07 57.57
C LYS I 244 33.65 3.08 57.12
N ARG I 245 33.90 3.22 55.81
CA ARG I 245 34.89 4.22 55.34
C ARG I 245 34.46 5.64 55.75
N GLU I 246 33.18 5.97 55.53
CA GLU I 246 32.65 7.29 55.89
C GLU I 246 32.80 7.52 57.39
N GLY I 247 32.50 6.47 58.16
CA GLY I 247 32.44 6.54 59.60
C GLY I 247 33.75 6.97 60.26
N VAL I 248 34.87 6.44 59.75
CA VAL I 248 36.19 6.78 60.27
C VAL I 248 36.49 8.27 60.06
N ILE I 249 36.23 8.75 58.84
CA ILE I 249 36.48 10.15 58.51
C ILE I 249 35.51 11.06 59.26
N PHE I 250 34.26 10.62 59.42
CA PHE I 250 33.25 11.37 60.14
C PHE I 250 33.64 11.62 61.59
N ALA I 251 34.03 10.53 62.27
CA ALA I 251 34.44 10.60 63.68
C ALA I 251 35.59 11.60 63.86
N GLU I 252 36.56 11.53 62.97
CA GLU I 252 37.70 12.44 62.93
C GLU I 252 37.25 13.91 62.76
N GLN I 253 36.38 14.19 61.78
CA GLN I 253 35.85 15.55 61.62
C GLN I 253 35.01 16.04 62.81
N LEU I 254 34.21 15.16 63.40
CA LEU I 254 33.36 15.51 64.57
C LEU I 254 34.16 15.98 65.80
N ALA I 255 35.36 15.41 65.98
CA ALA I 255 36.28 15.76 67.04
C ALA I 255 37.30 16.86 66.67
N SER I 256 37.19 17.44 65.47
CA SER I 256 38.18 18.39 64.97
C SER I 256 37.74 19.82 65.22
N ALA I 257 38.72 20.74 65.12
CA ALA I 257 38.47 22.18 65.20
C ALA I 257 37.51 22.70 64.11
N GLU I 258 37.52 22.07 62.93
CA GLU I 258 36.65 22.46 61.83
C GLU I 258 35.16 22.32 62.16
N PHE I 259 34.80 21.24 62.85
CA PHE I 259 33.41 21.07 63.30
C PHE I 259 33.05 22.11 64.36
N LYS I 260 33.90 22.25 65.36
CA LYS I 260 33.68 23.21 66.47
C LYS I 260 33.38 24.59 65.90
N GLU I 261 34.26 25.03 64.98
CA GLU I 261 34.18 26.36 64.38
C GLU I 261 32.96 26.55 63.47
N SER I 262 32.60 25.52 62.70
CA SER I 262 31.43 25.60 61.83
C SER I 262 30.19 25.84 62.69
N VAL I 263 30.08 25.05 63.76
CA VAL I 263 28.93 25.12 64.64
C VAL I 263 28.92 26.43 65.47
N ALA I 264 30.08 26.78 66.06
CA ALA I 264 30.20 27.99 66.85
C ALA I 264 29.85 29.25 66.02
N ALA I 265 30.34 29.28 64.78
CA ALA I 265 30.06 30.39 63.84
C ALA I 265 28.57 30.64 63.68
N PHE I 266 27.80 29.58 63.49
CA PHE I 266 26.36 29.75 63.34
C PHE I 266 25.74 30.37 64.62
N PHE I 267 26.06 29.80 65.78
CA PHE I 267 25.48 30.27 67.07
C PHE I 267 25.98 31.63 67.49
N GLU I 268 27.17 32.01 67.05
CA GLU I 268 27.74 33.34 67.35
C GLU I 268 27.39 34.41 66.29
N LYS I 269 26.57 34.01 65.30
CA LYS I 269 26.03 34.89 64.25
C LYS I 269 27.16 35.63 63.51
N ARG I 270 28.14 34.86 63.06
CA ARG I 270 29.31 35.36 62.33
C ARG I 270 29.72 34.38 61.24
N ALA I 271 30.58 34.87 60.36
CA ALA I 271 31.14 34.04 59.29
C ALA I 271 32.21 33.14 59.90
N PRO I 272 32.19 31.83 59.57
CA PRO I 272 33.29 30.96 60.05
C PRO I 272 34.63 31.32 59.41
N HIS I 273 35.71 31.11 60.15
CA HIS I 273 37.04 31.40 59.66
C HIS I 273 37.87 30.13 59.77
N PHE I 274 38.45 29.72 58.65
CA PHE I 274 39.35 28.58 58.58
C PHE I 274 40.64 29.11 57.97
N ALA I 275 41.70 29.15 58.76
CA ALA I 275 42.97 29.75 58.33
C ALA I 275 43.60 29.00 57.15
N LYS J 25 -10.96 -33.39 8.69
CA LYS J 25 -9.76 -34.14 8.10
C LYS J 25 -9.12 -33.40 6.92
N SER J 26 -7.81 -33.54 6.79
CA SER J 26 -7.03 -32.88 5.72
C SER J 26 -7.14 -33.59 4.34
N LEU J 27 -7.57 -34.85 4.35
CA LEU J 27 -7.93 -35.61 3.15
C LEU J 27 -9.31 -36.24 3.32
N ASN J 28 -10.31 -35.76 2.56
CA ASN J 28 -11.65 -36.38 2.59
C ASN J 28 -11.61 -37.56 1.62
N VAL J 29 -12.22 -38.66 2.07
CA VAL J 29 -12.17 -39.93 1.38
C VAL J 29 -13.60 -40.47 1.31
N SER J 30 -14.03 -40.88 0.13
CA SER J 30 -15.27 -41.66 0.00
C SER J 30 -15.06 -42.72 -1.05
N LEU J 31 -15.87 -43.77 -0.97
CA LEU J 31 -15.81 -44.93 -1.84
C LEU J 31 -17.23 -45.29 -2.29
N ASN J 32 -17.49 -45.14 -3.59
CA ASN J 32 -18.79 -45.42 -4.20
C ASN J 32 -18.56 -45.80 -5.65
N ASN J 33 -19.35 -46.76 -6.13
CA ASN J 33 -19.30 -47.19 -7.53
C ASN J 33 -17.91 -47.66 -7.93
N ARG J 34 -17.18 -48.20 -6.95
CA ARG J 34 -15.79 -48.63 -7.08
C ARG J 34 -14.77 -47.57 -7.42
N VAL J 35 -15.14 -46.30 -7.18
CA VAL J 35 -14.21 -45.17 -7.27
C VAL J 35 -13.86 -44.67 -5.86
N LEU J 36 -12.57 -44.64 -5.56
CA LEU J 36 -12.06 -44.02 -4.33
C LEU J 36 -11.84 -42.53 -4.61
N SER J 37 -12.69 -41.67 -4.05
CA SER J 37 -12.56 -40.21 -4.23
C SER J 37 -11.69 -39.64 -3.14
N LEU J 38 -10.62 -38.94 -3.53
CA LEU J 38 -9.68 -38.35 -2.58
C LEU J 38 -9.72 -36.86 -2.79
N THR J 39 -10.11 -36.11 -1.76
CA THR J 39 -10.24 -34.67 -1.89
C THR J 39 -9.33 -33.99 -0.89
N ILE J 40 -8.31 -33.30 -1.38
CA ILE J 40 -7.40 -32.58 -0.53
C ILE J 40 -8.11 -31.39 0.11
N ASN J 41 -7.99 -31.27 1.43
CA ASN J 41 -8.83 -30.38 2.20
C ASN J 41 -8.07 -29.62 3.29
N ARG J 42 -7.22 -28.68 2.88
CA ARG J 42 -6.68 -27.67 3.77
C ARG J 42 -6.86 -26.30 3.12
N PRO J 43 -8.10 -25.95 2.74
CA PRO J 43 -8.31 -24.68 2.02
C PRO J 43 -7.79 -23.42 2.76
N GLU J 44 -7.71 -23.49 4.08
CA GLU J 44 -7.10 -22.43 4.90
C GLU J 44 -5.63 -22.16 4.52
N LEU J 45 -4.86 -23.19 4.18
CA LEU J 45 -3.48 -23.03 3.71
C LEU J 45 -3.32 -23.28 2.19
N LYS J 46 -4.37 -23.00 1.42
CA LYS J 46 -4.37 -23.24 -0.03
C LYS J 46 -3.95 -24.65 -0.38
N ASN J 47 -4.39 -25.61 0.42
CA ASN J 47 -4.13 -27.03 0.15
C ASN J 47 -2.65 -27.39 0.03
N ALA J 48 -1.84 -26.70 0.83
CA ALA J 48 -0.42 -26.99 0.93
C ALA J 48 -0.20 -28.37 1.52
N LEU J 49 0.74 -29.12 0.98
CA LEU J 49 0.98 -30.51 1.38
C LEU J 49 1.95 -30.55 2.53
N ASN J 50 1.53 -31.19 3.62
CA ASN J 50 2.37 -31.40 4.79
C ASN J 50 2.55 -32.92 4.99
N ARG J 51 3.27 -33.30 6.04
CA ARG J 51 3.55 -34.72 6.37
C ARG J 51 2.29 -35.55 6.50
N GLU J 52 1.32 -35.04 7.25
CA GLU J 52 0.06 -35.73 7.51
C GLU J 52 -0.69 -36.04 6.21
N LEU J 53 -0.73 -35.06 5.31
CA LEU J 53 -1.48 -35.18 4.06
C LEU J 53 -0.80 -36.18 3.09
N TYR J 54 0.53 -36.09 2.99
CA TYR J 54 1.33 -37.05 2.23
C TYR J 54 1.10 -38.50 2.71
N ALA J 55 1.10 -38.68 4.03
CA ALA J 55 0.89 -39.98 4.66
C ALA J 55 -0.48 -40.52 4.33
N ALA J 56 -1.49 -39.65 4.46
CA ALA J 56 -2.85 -40.03 4.14
C ALA J 56 -3.04 -40.35 2.62
N LEU J 57 -2.43 -39.59 1.73
CA LEU J 57 -2.51 -39.89 0.29
C LEU J 57 -1.84 -41.22 0.01
N ALA J 58 -0.66 -41.42 0.58
CA ALA J 58 0.04 -42.70 0.44
C ALA J 58 -0.81 -43.87 0.92
N ASP J 59 -1.41 -43.74 2.11
CA ASP J 59 -2.30 -44.79 2.67
C ASP J 59 -3.42 -45.15 1.70
N GLU J 60 -4.07 -44.15 1.13
CA GLU J 60 -5.23 -44.40 0.27
C GLU J 60 -4.85 -45.01 -1.08
N LEU J 61 -3.74 -44.56 -1.66
CA LEU J 61 -3.29 -45.10 -2.95
C LEU J 61 -2.84 -46.55 -2.78
N GLU J 62 -2.17 -46.85 -1.66
CA GLU J 62 -1.80 -48.25 -1.36
C GLU J 62 -3.05 -49.13 -1.18
N ARG J 63 -4.06 -48.59 -0.51
CA ARG J 63 -5.33 -49.29 -0.35
C ARG J 63 -5.92 -49.64 -1.72
N SER J 64 -5.90 -48.67 -2.63
CA SER J 64 -6.46 -48.88 -3.99
C SER J 64 -5.83 -50.12 -4.69
N ASN J 65 -4.52 -50.34 -4.51
CA ASN J 65 -3.83 -51.49 -5.14
C ASN J 65 -4.27 -52.82 -4.62
N HIS J 66 -4.56 -52.89 -3.31
CA HIS J 66 -4.85 -54.17 -2.63
C HIS J 66 -6.33 -54.55 -2.60
N ASP J 67 -7.23 -53.57 -2.76
CA ASP J 67 -8.66 -53.84 -2.85
C ASP J 67 -9.06 -54.01 -4.32
N ASP J 68 -9.43 -55.21 -4.69
CA ASP J 68 -9.96 -55.50 -6.03
C ASP J 68 -11.27 -54.83 -6.36
N GLN J 69 -12.02 -54.37 -5.36
CA GLN J 69 -13.24 -53.61 -5.59
C GLN J 69 -13.02 -52.10 -5.68
N ILE J 70 -11.77 -51.64 -5.60
CA ILE J 70 -11.44 -50.25 -5.94
C ILE J 70 -10.79 -50.26 -7.31
N ARG J 71 -11.45 -49.67 -8.31
CA ARG J 71 -11.00 -49.77 -9.71
C ARG J 71 -10.63 -48.45 -10.41
N ALA J 72 -10.77 -47.35 -9.68
CA ALA J 72 -10.34 -46.05 -10.13
C ALA J 72 -10.19 -45.15 -8.91
N VAL J 73 -9.30 -44.17 -9.05
CA VAL J 73 -9.14 -43.13 -8.06
C VAL J 73 -9.50 -41.81 -8.73
N LEU J 74 -10.34 -41.01 -8.08
CA LEU J 74 -10.58 -39.63 -8.44
C LEU J 74 -9.90 -38.73 -7.41
N LEU J 75 -8.95 -37.91 -7.86
CA LEU J 75 -8.20 -37.02 -6.98
C LEU J 75 -8.58 -35.56 -7.30
N THR J 76 -8.97 -34.81 -6.28
CA THR J 76 -9.21 -33.37 -6.46
C THR J 76 -8.96 -32.61 -5.14
N ALA J 77 -9.39 -31.35 -5.09
CA ALA J 77 -9.16 -30.54 -3.89
C ALA J 77 -10.30 -29.57 -3.68
N ASN J 78 -10.51 -29.17 -2.43
CA ASN J 78 -11.59 -28.23 -2.10
C ASN J 78 -11.14 -26.78 -2.30
N GLY J 79 -12.11 -25.93 -2.68
CA GLY J 79 -11.90 -24.50 -2.81
C GLY J 79 -11.33 -24.14 -4.19
N ASP J 80 -10.59 -23.03 -4.21
CA ASP J 80 -10.14 -22.36 -5.43
C ASP J 80 -8.70 -22.72 -5.88
N THR J 81 -8.01 -23.57 -5.12
CA THR J 81 -6.64 -23.97 -5.38
C THR J 81 -6.59 -25.50 -5.40
N PHE J 82 -5.80 -26.07 -6.30
CA PHE J 82 -5.56 -27.53 -6.27
C PHE J 82 -4.52 -27.77 -5.15
N THR J 83 -3.32 -27.25 -5.30
CA THR J 83 -2.41 -27.13 -4.16
C THR J 83 -1.36 -26.07 -4.45
N ALA J 84 -1.05 -25.31 -3.41
CA ALA J 84 0.01 -24.30 -3.48
C ALA J 84 1.42 -24.88 -3.32
N GLY J 85 1.56 -26.19 -3.20
CA GLY J 85 2.88 -26.84 -3.11
C GLY J 85 3.17 -27.34 -1.72
N ASN J 86 4.44 -27.53 -1.41
CA ASN J 86 4.86 -27.90 -0.05
C ASN J 86 4.57 -26.82 0.98
N ASP J 87 3.97 -27.23 2.10
CA ASP J 87 3.83 -26.38 3.29
C ASP J 87 5.24 -25.98 3.74
N LEU J 88 5.54 -24.68 3.79
CA LEU J 88 6.90 -24.20 4.12
C LEU J 88 7.35 -24.58 5.53
N ASP J 89 6.53 -24.28 6.55
CA ASP J 89 6.85 -24.59 7.95
C ASP J 89 7.20 -26.06 8.12
N ASP J 90 6.28 -26.91 7.66
CA ASP J 90 6.46 -28.36 7.69
C ASP J 90 7.67 -28.82 6.83
N PHE J 91 7.93 -28.11 5.73
CA PHE J 91 9.12 -28.33 4.86
C PHE J 91 10.43 -28.33 5.62
N ILE J 92 10.61 -27.33 6.49
CA ILE J 92 11.89 -27.09 7.20
C ILE J 92 11.83 -27.40 8.70
N ASN J 93 10.98 -28.34 9.09
CA ASN J 93 10.87 -28.78 10.48
C ASN J 93 12.15 -29.58 10.81
N PRO J 94 12.93 -29.13 11.82
CA PRO J 94 14.12 -29.90 12.20
C PRO J 94 13.82 -31.32 12.70
N VAL J 95 12.70 -31.50 13.41
CA VAL J 95 12.29 -32.81 13.93
C VAL J 95 12.04 -33.80 12.78
N GLU J 96 12.96 -34.76 12.62
CA GLU J 96 12.89 -35.77 11.57
C GLU J 96 11.82 -36.82 11.87
N GLU J 97 11.23 -37.38 10.82
CA GLU J 97 10.16 -38.38 10.96
C GLU J 97 10.66 -39.75 11.44
N SER J 98 9.75 -40.53 12.02
CA SER J 98 10.00 -41.96 12.33
C SER J 98 9.74 -42.76 11.06
N GLY J 99 10.65 -43.68 10.73
CA GLY J 99 10.52 -44.51 9.53
C GLY J 99 10.72 -43.75 8.23
N THR J 100 10.08 -44.21 7.17
CA THR J 100 10.20 -43.60 5.84
C THR J 100 9.44 -42.26 5.80
N PRO J 101 10.10 -41.16 5.35
CA PRO J 101 9.40 -39.87 5.26
C PRO J 101 8.13 -39.95 4.43
N SER J 102 7.08 -39.26 4.88
CA SER J 102 5.77 -39.38 4.27
C SER J 102 5.80 -38.97 2.80
N VAL J 103 6.57 -37.94 2.47
CA VAL J 103 6.68 -37.52 1.07
C VAL J 103 7.22 -38.66 0.18
N ILE J 104 8.18 -39.42 0.70
CA ILE J 104 8.77 -40.52 -0.04
C ILE J 104 7.76 -41.66 -0.23
N ARG J 105 7.01 -41.99 0.84
CA ARG J 105 5.92 -42.96 0.74
C ARG J 105 4.90 -42.53 -0.32
N PHE J 106 4.55 -41.24 -0.33
CA PHE J 106 3.59 -40.73 -1.31
C PHE J 106 4.11 -40.86 -2.75
N LEU J 107 5.36 -40.47 -2.97
CA LEU J 107 5.92 -40.48 -4.31
C LEU J 107 6.04 -41.91 -4.80
N LYS J 108 6.41 -42.82 -3.92
CA LYS J 108 6.44 -44.22 -4.28
C LYS J 108 5.04 -44.79 -4.55
N ALA J 109 4.08 -44.46 -3.68
CA ALA J 109 2.71 -44.96 -3.86
C ALA J 109 2.06 -44.45 -5.14
N ILE J 110 2.23 -43.16 -5.46
CA ILE J 110 1.60 -42.63 -6.69
C ILE J 110 2.33 -43.06 -7.98
N SER J 111 3.65 -43.21 -7.92
CA SER J 111 4.44 -43.58 -9.08
C SER J 111 4.24 -45.04 -9.41
N GLU J 112 3.95 -45.86 -8.41
CA GLU J 112 3.72 -47.30 -8.61
C GLU J 112 2.25 -47.75 -8.53
N CYS J 113 1.33 -46.80 -8.33
CA CYS J 113 -0.09 -47.15 -8.21
C CYS J 113 -0.55 -47.93 -9.44
N GLU J 114 -1.19 -49.06 -9.20
CA GLU J 114 -1.70 -49.92 -10.26
C GLU J 114 -3.08 -49.51 -10.73
N THR J 115 -3.74 -48.72 -9.91
CA THR J 115 -5.11 -48.29 -10.14
C THR J 115 -5.06 -47.07 -11.05
N PRO J 116 -6.00 -47.00 -12.02
CA PRO J 116 -6.05 -45.77 -12.83
C PRO J 116 -6.52 -44.59 -11.99
N ILE J 117 -5.86 -43.44 -12.16
CA ILE J 117 -6.14 -42.22 -11.42
C ILE J 117 -6.64 -41.13 -12.36
N VAL J 118 -7.81 -40.61 -12.07
CA VAL J 118 -8.35 -39.44 -12.75
C VAL J 118 -8.07 -38.29 -11.78
N VAL J 119 -7.44 -37.23 -12.27
CA VAL J 119 -7.19 -36.02 -11.46
C VAL J 119 -7.89 -34.82 -12.10
N ALA J 120 -8.63 -34.10 -11.26
CA ALA J 120 -9.42 -32.93 -11.63
C ALA J 120 -8.79 -31.72 -10.97
N VAL J 121 -8.04 -30.96 -11.75
CA VAL J 121 -7.27 -29.81 -11.22
C VAL J 121 -8.21 -28.59 -11.21
N ASN J 122 -8.59 -28.18 -10.00
CA ASN J 122 -9.64 -27.15 -9.79
C ASN J 122 -9.09 -25.75 -9.67
N GLY J 123 -7.78 -25.58 -9.64
CA GLY J 123 -7.16 -24.25 -9.49
C GLY J 123 -5.64 -24.31 -9.61
N PRO J 124 -4.91 -23.29 -9.15
CA PRO J 124 -3.46 -23.36 -9.21
C PRO J 124 -2.88 -24.66 -8.66
N ALA J 125 -2.01 -25.27 -9.46
CA ALA J 125 -1.25 -26.47 -9.11
C ALA J 125 0.20 -26.10 -9.19
N ILE J 126 0.81 -25.94 -8.03
CA ILE J 126 2.14 -25.37 -7.92
C ILE J 126 3.12 -26.41 -7.36
N GLY J 127 4.28 -26.51 -8.01
CA GLY J 127 5.38 -27.35 -7.51
C GLY J 127 4.99 -28.83 -7.53
N VAL J 128 4.86 -29.42 -6.36
CA VAL J 128 4.43 -30.81 -6.28
C VAL J 128 2.97 -30.96 -6.74
N GLY J 129 2.19 -29.89 -6.73
CA GLY J 129 0.87 -29.92 -7.38
C GLY J 129 0.93 -30.19 -8.88
N LEU J 130 1.97 -29.67 -9.55
CA LEU J 130 2.18 -29.96 -10.94
C LEU J 130 2.83 -31.34 -11.10
N THR J 131 3.91 -31.61 -10.37
CA THR J 131 4.66 -32.85 -10.66
C THR J 131 3.87 -34.14 -10.39
N MSE J 132 2.96 -34.10 -9.43
CA MSE J 132 2.11 -35.28 -9.13
C MSE J 132 1.20 -35.67 -10.28
O MSE J 132 0.86 -36.85 -10.40
CB MSE J 132 1.31 -35.13 -7.84
CG MSE J 132 0.04 -34.28 -7.91
SE MSE J 132 -0.94 -34.24 -6.16
CE MSE J 132 0.48 -33.84 -4.91
N LEU J 133 0.87 -34.72 -11.15
CA LEU J 133 0.03 -34.95 -12.34
C LEU J 133 0.72 -35.84 -13.37
N LEU J 134 2.06 -35.82 -13.40
CA LEU J 134 2.82 -36.69 -14.31
C LEU J 134 2.68 -38.17 -13.95
N HIS J 135 2.22 -38.46 -12.73
CA HIS J 135 1.97 -39.83 -12.25
C HIS J 135 0.47 -40.19 -12.19
N CYS J 136 -0.40 -39.25 -12.54
CA CYS J 136 -1.81 -39.53 -12.78
C CYS J 136 -2.00 -39.94 -14.23
N ASP J 137 -3.14 -40.57 -14.51
CA ASP J 137 -3.43 -41.09 -15.85
C ASP J 137 -4.30 -40.16 -16.69
N MSE J 138 -5.47 -39.84 -16.16
CA MSE J 138 -6.41 -38.93 -16.84
C MSE J 138 -6.25 -37.61 -16.16
O MSE J 138 -6.52 -37.50 -14.95
CB MSE J 138 -7.85 -39.44 -16.74
CG MSE J 138 -8.30 -40.30 -17.90
SE MSE J 138 -7.34 -42.03 -17.99
CE MSE J 138 -8.15 -42.97 -16.46
N VAL J 139 -5.84 -36.59 -16.91
CA VAL J 139 -5.50 -35.30 -16.32
C VAL J 139 -6.46 -34.25 -16.87
N TYR J 140 -7.38 -33.80 -16.03
CA TYR J 140 -8.40 -32.83 -16.46
C TYR J 140 -8.32 -31.60 -15.56
N ALA J 141 -8.83 -30.47 -16.06
CA ALA J 141 -8.64 -29.18 -15.43
C ALA J 141 -9.89 -28.30 -15.55
N SER J 142 -10.06 -27.38 -14.60
CA SER J 142 -11.06 -26.33 -14.74
C SER J 142 -10.46 -25.15 -15.48
N LYS J 143 -11.31 -24.22 -15.96
CA LYS J 143 -10.84 -23.01 -16.66
C LYS J 143 -9.98 -22.12 -15.79
N SER J 144 -10.21 -22.18 -14.46
CA SER J 144 -9.44 -21.40 -13.52
C SER J 144 -8.13 -22.09 -13.09
N ALA J 145 -7.86 -23.29 -13.59
CA ALA J 145 -6.62 -23.99 -13.25
C ALA J 145 -5.38 -23.25 -13.82
N ARG J 146 -4.31 -23.30 -13.05
CA ARG J 146 -3.04 -22.72 -13.44
C ARG J 146 -1.97 -23.75 -13.05
N PHE J 147 -0.79 -23.67 -13.67
CA PHE J 147 0.23 -24.67 -13.52
C PHE J 147 1.59 -24.02 -13.44
N ARG J 148 2.38 -24.40 -12.44
CA ARG J 148 3.72 -23.83 -12.27
C ARG J 148 4.63 -24.79 -11.52
N ALA J 149 5.90 -24.84 -11.93
CA ALA J 149 6.92 -25.68 -11.27
C ALA J 149 8.17 -24.87 -11.13
N PRO J 150 8.13 -23.84 -10.26
CA PRO J 150 9.20 -22.86 -10.17
C PRO J 150 10.34 -23.29 -9.25
N PHE J 151 10.97 -24.42 -9.54
CA PHE J 151 12.02 -24.96 -8.66
C PHE J 151 13.18 -23.97 -8.50
N THR J 152 13.56 -23.36 -9.62
CA THR J 152 14.64 -22.38 -9.68
C THR J 152 14.36 -21.07 -8.92
N HIS J 153 13.11 -20.63 -8.87
CA HIS J 153 12.79 -19.42 -8.06
C HIS J 153 13.00 -19.62 -6.56
N VAL J 154 12.93 -20.86 -6.09
CA VAL J 154 13.19 -21.16 -4.67
C VAL J 154 14.58 -21.74 -4.42
N GLY J 155 15.37 -21.93 -5.46
CA GLY J 155 16.76 -22.43 -5.32
C GLY J 155 16.88 -23.93 -5.18
N LEU J 156 15.86 -24.65 -5.63
CA LEU J 156 15.82 -26.10 -5.55
C LEU J 156 15.97 -26.71 -6.95
N VAL J 157 15.55 -27.97 -7.14
CA VAL J 157 15.67 -28.67 -8.42
C VAL J 157 14.40 -29.49 -8.60
N PRO J 158 14.15 -29.99 -9.84
CA PRO J 158 12.96 -30.84 -10.08
C PRO J 158 12.89 -32.07 -9.20
N GLU J 159 11.68 -32.42 -8.81
CA GLU J 159 11.44 -33.61 -8.02
C GLU J 159 10.38 -34.51 -8.67
N ALA J 160 10.14 -35.66 -8.02
CA ALA J 160 9.15 -36.64 -8.44
C ALA J 160 9.38 -37.10 -9.87
N ALA J 161 10.65 -37.12 -10.27
CA ALA J 161 11.10 -37.52 -11.60
C ALA J 161 10.58 -36.63 -12.71
N SER J 162 10.21 -35.39 -12.39
CA SER J 162 9.72 -34.47 -13.42
C SER J 162 10.82 -34.07 -14.43
N SER J 163 12.11 -34.20 -14.06
CA SER J 163 13.20 -33.91 -14.98
C SER J 163 13.21 -34.89 -16.15
N LEU J 164 12.68 -36.10 -15.92
CA LEU J 164 12.44 -37.09 -16.97
C LEU J 164 11.03 -36.99 -17.59
N LEU J 165 10.01 -36.94 -16.73
CA LEU J 165 8.60 -37.05 -17.15
C LEU J 165 8.00 -35.81 -17.78
N LEU J 166 8.41 -34.62 -17.34
CA LEU J 166 7.82 -33.39 -17.88
C LEU J 166 8.14 -33.20 -19.37
N PRO J 167 9.43 -33.41 -19.76
CA PRO J 167 9.75 -33.34 -21.20
C PRO J 167 9.05 -34.42 -22.01
N LEU J 168 8.87 -35.63 -21.46
CA LEU J 168 8.14 -36.65 -22.19
C LEU J 168 6.69 -36.22 -22.40
N ALA J 169 6.12 -35.53 -21.42
CA ALA J 169 4.71 -35.17 -21.43
C ALA J 169 4.41 -33.99 -22.36
N VAL J 170 5.25 -32.97 -22.40
CA VAL J 170 4.97 -31.70 -23.12
C VAL J 170 6.07 -31.24 -24.11
N GLY J 171 7.15 -32.01 -24.20
CA GLY J 171 8.30 -31.64 -25.00
C GLY J 171 9.32 -30.79 -24.22
N GLN J 172 10.51 -30.69 -24.80
CA GLN J 172 11.65 -30.08 -24.13
C GLN J 172 11.41 -28.58 -23.96
N ALA J 173 10.82 -27.95 -24.95
CA ALA J 173 10.67 -26.51 -24.94
C ALA J 173 9.65 -26.06 -23.87
N TRP J 174 8.49 -26.69 -23.81
CA TRP J 174 7.55 -26.42 -22.72
C TRP J 174 8.13 -26.78 -21.35
N ALA J 175 8.74 -27.95 -21.24
CA ALA J 175 9.35 -28.40 -19.97
C ALA J 175 10.41 -27.38 -19.47
N ASN J 176 11.19 -26.79 -20.36
CA ASN J 176 12.17 -25.83 -19.87
C ASN J 176 11.54 -24.49 -19.52
N ASP J 177 10.50 -24.10 -20.27
CA ASP J 177 9.82 -22.83 -19.99
C ASP J 177 9.22 -22.94 -18.59
N LEU J 178 8.65 -24.09 -18.26
CA LEU J 178 8.19 -24.37 -16.88
C LEU J 178 9.32 -24.42 -15.82
N MSE J 179 10.28 -25.34 -15.99
CA MSE J 179 11.24 -25.68 -14.90
C MSE J 179 12.37 -24.70 -14.74
O MSE J 179 12.78 -24.44 -13.61
CB MSE J 179 11.79 -27.09 -15.05
CG MSE J 179 10.71 -28.06 -14.56
SE MSE J 179 11.19 -29.97 -14.76
CE MSE J 179 11.65 -30.05 -16.66
N LEU J 180 12.89 -24.14 -15.83
CA LEU J 180 13.99 -23.18 -15.72
C LEU J 180 13.48 -21.75 -15.57
N ALA J 181 12.55 -21.33 -16.43
CA ALA J 181 12.07 -19.95 -16.45
C ALA J 181 10.92 -19.67 -15.50
N GLY J 182 10.33 -20.68 -14.88
CA GLY J 182 9.24 -20.45 -13.92
C GLY J 182 7.92 -19.95 -14.51
N ARG J 183 7.64 -20.31 -15.76
CA ARG J 183 6.40 -19.90 -16.38
C ARG J 183 5.17 -20.47 -15.70
N ILE J 184 4.14 -19.64 -15.59
CA ILE J 184 2.80 -20.02 -15.14
C ILE J 184 1.93 -20.26 -16.38
N LEU J 185 1.36 -21.44 -16.51
CA LEU J 185 0.42 -21.76 -17.61
C LEU J 185 -1.01 -21.66 -17.15
N ASP J 186 -1.88 -21.12 -18.01
CA ASP J 186 -3.34 -21.26 -17.79
C ASP J 186 -3.83 -22.59 -18.35
N ALA J 187 -5.12 -22.87 -18.16
CA ALA J 187 -5.68 -24.14 -18.56
C ALA J 187 -5.59 -24.36 -20.06
N ARG J 188 -5.89 -23.34 -20.85
CA ARG J 188 -5.84 -23.52 -22.31
C ARG J 188 -4.40 -23.80 -22.82
N GLU J 189 -3.42 -23.14 -22.24
CA GLU J 189 -2.02 -23.38 -22.60
C GLU J 189 -1.59 -24.79 -22.17
N ALA J 190 -2.06 -25.25 -21.02
CA ALA J 190 -1.77 -26.62 -20.56
C ALA J 190 -2.37 -27.67 -21.51
N LEU J 191 -3.55 -27.37 -22.00
CA LEU J 191 -4.22 -28.23 -22.96
C LEU J 191 -3.46 -28.25 -24.27
N SER J 192 -3.09 -27.07 -24.79
CA SER J 192 -2.37 -27.01 -26.06
C SER J 192 -1.01 -27.72 -25.95
N ALA J 193 -0.38 -27.66 -24.80
CA ALA J 193 0.89 -28.38 -24.59
C ALA J 193 0.72 -29.87 -24.32
N GLY J 194 -0.49 -30.30 -24.01
CA GLY J 194 -0.77 -31.72 -23.70
C GLY J 194 -0.51 -32.18 -22.26
N LEU J 195 -0.38 -31.23 -21.36
CA LEU J 195 -0.22 -31.55 -19.95
C LEU J 195 -1.56 -31.98 -19.37
N VAL J 196 -2.65 -31.34 -19.82
CA VAL J 196 -3.99 -31.77 -19.55
C VAL J 196 -4.67 -32.08 -20.88
N THR J 197 -5.73 -32.90 -20.86
CA THR J 197 -6.45 -33.25 -22.09
C THR J 197 -7.89 -32.76 -22.17
N ARG J 198 -8.44 -32.28 -21.04
CA ARG J 198 -9.80 -31.70 -20.99
C ARG J 198 -9.86 -30.48 -20.03
N VAL J 199 -10.60 -29.45 -20.44
CA VAL J 199 -10.81 -28.26 -19.65
C VAL J 199 -12.34 -28.05 -19.51
N PHE J 200 -12.82 -27.94 -18.29
CA PHE J 200 -14.23 -27.81 -18.02
C PHE J 200 -14.50 -26.51 -17.32
N GLU J 201 -15.70 -25.95 -17.47
CA GLU J 201 -16.22 -24.94 -16.53
C GLU J 201 -16.02 -25.45 -15.08
N ASP J 202 -15.68 -24.55 -14.18
CA ASP J 202 -15.38 -24.88 -12.79
C ASP J 202 -16.48 -25.68 -12.11
N ASP J 203 -17.73 -25.30 -12.38
CA ASP J 203 -18.88 -25.86 -11.68
C ASP J 203 -19.26 -27.30 -12.15
N VAL J 204 -18.69 -27.78 -13.25
CA VAL J 204 -18.92 -29.16 -13.71
C VAL J 204 -17.66 -30.05 -13.70
N LEU J 205 -16.49 -29.49 -13.44
CA LEU J 205 -15.22 -30.27 -13.49
C LEU J 205 -15.31 -31.59 -12.74
N VAL J 206 -15.79 -31.52 -11.50
CA VAL J 206 -15.81 -32.66 -10.59
C VAL J 206 -16.81 -33.73 -11.01
N ALA J 207 -18.04 -33.32 -11.25
CA ALA J 207 -19.07 -34.23 -11.78
C ALA J 207 -18.63 -34.91 -13.10
N GLU J 208 -18.00 -34.18 -14.01
CA GLU J 208 -17.56 -34.75 -15.31
C GLU J 208 -16.35 -35.66 -15.13
N SER J 209 -15.45 -35.30 -14.23
CA SER J 209 -14.33 -36.17 -13.91
C SER J 209 -14.76 -37.45 -13.20
N LEU J 210 -15.75 -37.36 -12.30
CA LEU J 210 -16.28 -38.53 -11.61
C LEU J 210 -16.99 -39.51 -12.56
N LYS J 211 -17.76 -38.96 -13.50
CA LYS J 211 -18.41 -39.77 -14.52
C LYS J 211 -17.36 -40.62 -15.30
N ILE J 212 -16.23 -40.02 -15.65
CA ILE J 212 -15.18 -40.73 -16.35
C ILE J 212 -14.53 -41.78 -15.46
N ALA J 213 -14.21 -41.40 -14.21
CA ALA J 213 -13.66 -42.35 -13.26
C ALA J 213 -14.59 -43.58 -13.04
N GLU J 214 -15.89 -43.33 -12.92
CA GLU J 214 -16.89 -44.39 -12.76
C GLU J 214 -16.95 -45.30 -13.98
N GLN J 215 -16.85 -44.71 -15.16
CA GLN J 215 -16.85 -45.51 -16.39
C GLN J 215 -15.63 -46.44 -16.42
N VAL J 216 -14.46 -45.92 -16.06
CA VAL J 216 -13.25 -46.74 -16.08
C VAL J 216 -13.34 -47.87 -15.04
N ALA J 217 -13.85 -47.51 -13.86
CA ALA J 217 -14.08 -48.49 -12.80
C ALA J 217 -15.09 -49.60 -13.16
N SER J 218 -15.94 -49.37 -14.16
CA SER J 218 -16.91 -50.39 -14.64
C SER J 218 -16.38 -51.28 -15.77
N LEU J 219 -15.17 -51.01 -16.26
CA LEU J 219 -14.57 -51.80 -17.34
C LEU J 219 -13.92 -53.05 -16.75
N ALA J 220 -13.60 -53.99 -17.63
CA ALA J 220 -12.90 -55.22 -17.24
C ALA J 220 -11.66 -54.89 -16.41
N PRO J 221 -11.61 -55.31 -15.13
CA PRO J 221 -10.56 -54.84 -14.24
C PRO J 221 -9.13 -55.24 -14.62
N ASN J 222 -8.91 -56.49 -15.03
CA ASN J 222 -7.58 -56.96 -15.46
C ASN J 222 -7.15 -56.31 -16.79
N SER J 223 -8.11 -56.10 -17.70
CA SER J 223 -7.83 -55.35 -18.91
C SER J 223 -7.22 -53.97 -18.58
N VAL J 224 -7.88 -53.24 -17.68
CA VAL J 224 -7.44 -51.90 -17.30
C VAL J 224 -6.10 -51.96 -16.56
N LYS J 225 -6.00 -52.79 -15.53
CA LYS J 225 -4.76 -52.94 -14.76
C LYS J 225 -3.56 -53.30 -15.65
N GLN J 226 -3.71 -54.31 -16.53
CA GLN J 226 -2.63 -54.72 -17.45
C GLN J 226 -2.27 -53.66 -18.48
N SER J 227 -3.27 -52.91 -18.91
CA SER J 227 -3.07 -51.89 -19.91
C SER J 227 -2.21 -50.81 -19.29
N LYS J 228 -2.56 -50.39 -18.09
CA LYS J 228 -1.75 -49.40 -17.40
C LYS J 228 -0.36 -49.94 -17.12
N ARG J 229 -0.26 -51.21 -16.72
CA ARG J 229 1.06 -51.80 -16.46
C ARG J 229 1.99 -51.73 -17.69
N LEU J 230 1.46 -52.11 -18.86
CA LEU J 230 2.21 -52.02 -20.12
C LEU J 230 2.65 -50.59 -20.42
N ILE J 231 1.76 -49.61 -20.22
CA ILE J 231 2.08 -48.24 -20.50
C ILE J 231 3.18 -47.72 -19.55
N ARG J 232 2.99 -47.97 -18.25
CA ARG J 232 3.93 -47.46 -17.23
C ARG J 232 5.21 -48.28 -17.21
N GLY J 233 5.16 -49.52 -17.66
CA GLY J 233 6.34 -50.40 -17.69
C GLY J 233 7.51 -49.90 -18.53
N VAL J 234 7.25 -49.05 -19.52
CA VAL J 234 8.31 -48.56 -20.38
C VAL J 234 9.34 -47.73 -19.59
N ASN J 235 8.90 -46.82 -18.73
CA ASN J 235 9.83 -45.99 -17.97
C ASN J 235 9.90 -46.29 -16.46
N LYS J 236 9.26 -47.37 -16.03
CA LYS J 236 9.12 -47.67 -14.61
C LYS J 236 10.43 -47.56 -13.84
N GLU J 237 11.46 -48.27 -14.32
CA GLU J 237 12.78 -48.30 -13.62
C GLU J 237 13.50 -46.95 -13.69
N GLU J 238 13.47 -46.29 -14.84
CA GLU J 238 14.10 -44.97 -14.96
C GLU J 238 13.41 -43.93 -14.07
N VAL J 239 12.09 -44.05 -13.87
CA VAL J 239 11.36 -43.12 -12.98
C VAL J 239 11.90 -43.21 -11.58
N GLN J 240 12.05 -44.44 -11.06
CA GLN J 240 12.61 -44.63 -9.70
C GLN J 240 14.07 -44.14 -9.63
N ALA J 241 14.90 -44.49 -10.62
CA ALA J 241 16.31 -44.02 -10.63
C ALA J 241 16.41 -42.50 -10.68
N GLN J 242 15.57 -41.85 -11.49
CA GLN J 242 15.60 -40.40 -11.62
C GLN J 242 15.21 -39.72 -10.29
N MSE J 243 14.24 -40.28 -9.57
CA MSE J 243 13.87 -39.72 -8.26
C MSE J 243 15.02 -39.76 -7.29
O MSE J 243 15.20 -38.81 -6.52
CB MSE J 243 12.66 -40.36 -7.60
CG MSE J 243 11.39 -39.70 -8.09
SE MSE J 243 9.88 -40.58 -7.28
CE MSE J 243 8.58 -40.49 -8.77
N LYS J 244 15.83 -40.84 -7.32
CA LYS J 244 17.01 -40.90 -6.48
C LYS J 244 18.07 -39.88 -6.93
N ARG J 245 18.33 -39.75 -8.23
CA ARG J 245 19.32 -38.75 -8.69
C ARG J 245 18.89 -37.33 -8.29
N GLU J 246 17.62 -36.99 -8.52
CA GLU J 246 17.11 -35.67 -8.17
C GLU J 246 17.23 -35.44 -6.67
N GLY J 247 16.92 -36.49 -5.89
CA GLY J 247 16.86 -36.42 -4.44
C GLY J 247 18.15 -35.99 -3.78
N VAL J 248 19.27 -36.52 -4.28
CA VAL J 248 20.59 -36.18 -3.75
C VAL J 248 20.90 -34.70 -3.96
N ILE J 249 20.66 -34.22 -5.18
CA ILE J 249 20.91 -32.83 -5.51
C ILE J 249 19.93 -31.91 -4.76
N PHE J 250 18.68 -32.36 -4.63
CA PHE J 250 17.66 -31.60 -3.91
C PHE J 250 18.04 -31.35 -2.45
N ALA J 251 18.43 -32.43 -1.77
CA ALA J 251 18.82 -32.36 -0.36
C ALA J 251 19.97 -31.36 -0.16
N GLU J 252 20.95 -31.43 -1.05
CA GLU J 252 22.09 -30.53 -1.08
C GLU J 252 21.64 -29.06 -1.26
N GLN J 253 20.78 -28.78 -2.23
CA GLN J 253 20.25 -27.42 -2.42
C GLN J 253 19.41 -26.93 -1.23
N LEU J 254 18.59 -27.80 -0.64
CA LEU J 254 17.74 -27.46 0.52
C LEU J 254 18.53 -26.97 1.75
N ALA J 255 19.73 -27.54 1.94
CA ALA J 255 20.64 -27.19 3.02
C ALA J 255 21.67 -26.09 2.63
N SER J 256 21.56 -25.52 1.44
CA SER J 256 22.56 -24.58 0.93
C SER J 256 22.14 -23.13 1.17
N ALA J 257 23.12 -22.23 1.06
CA ALA J 257 22.88 -20.79 1.12
C ALA J 257 21.92 -20.26 0.04
N GLU J 258 21.93 -20.91 -1.14
CA GLU J 258 21.07 -20.51 -2.24
C GLU J 258 19.57 -20.64 -1.92
N PHE J 259 19.21 -21.72 -1.22
CA PHE J 259 17.82 -21.88 -0.76
C PHE J 259 17.46 -20.83 0.29
N LYS J 260 18.32 -20.69 1.29
CA LYS J 260 18.11 -19.73 2.39
C LYS J 260 17.81 -18.34 1.82
N GLU J 261 18.69 -17.91 0.91
CA GLU J 261 18.64 -16.59 0.30
C GLU J 261 17.41 -16.39 -0.61
N SER J 262 17.04 -17.41 -1.38
CA SER J 262 15.86 -17.33 -2.24
C SER J 262 14.64 -17.09 -1.37
N VAL J 263 14.52 -17.87 -0.31
CA VAL J 263 13.37 -17.80 0.58
C VAL J 263 13.38 -16.49 1.41
N ALA J 264 14.53 -16.15 1.99
CA ALA J 264 14.67 -14.93 2.79
C ALA J 264 14.32 -13.67 1.96
N ALA J 265 14.80 -13.64 0.72
CA ALA J 265 14.51 -12.55 -0.22
C ALA J 265 13.02 -12.28 -0.36
N PHE J 266 12.25 -13.34 -0.55
CA PHE J 266 10.81 -13.17 -0.69
C PHE J 266 10.21 -12.55 0.60
N PHE J 267 10.53 -13.13 1.76
CA PHE J 267 9.97 -12.65 3.04
C PHE J 267 10.47 -11.28 3.47
N GLU J 268 11.67 -10.91 3.02
CA GLU J 268 12.23 -9.58 3.32
C GLU J 268 11.88 -8.52 2.27
N LYS J 269 11.04 -8.90 1.29
CA LYS J 269 10.52 -8.01 0.24
C LYS J 269 11.64 -7.27 -0.51
N ARG J 270 12.62 -8.06 -0.96
CA ARG J 270 13.79 -7.55 -1.68
C ARG J 270 14.20 -8.52 -2.77
N ALA J 271 15.06 -8.04 -3.66
CA ALA J 271 15.63 -8.86 -4.72
C ALA J 271 16.70 -9.77 -4.11
N PRO J 272 16.68 -11.08 -4.45
CA PRO J 272 17.77 -11.95 -3.99
C PRO J 272 19.12 -11.59 -4.60
N HIS J 273 20.19 -11.81 -3.86
CA HIS J 273 21.53 -11.54 -4.34
C HIS J 273 22.36 -12.79 -4.23
N PHE J 274 22.93 -13.22 -5.35
CA PHE J 274 23.84 -14.37 -5.41
C PHE J 274 25.13 -13.84 -6.01
N ALA J 275 26.19 -13.80 -5.22
CA ALA J 275 27.46 -13.20 -5.64
C ALA J 275 28.09 -13.93 -6.83
N LYS K 25 47.50 35.35 26.55
CA LYS K 25 47.57 33.92 26.99
C LYS K 25 46.31 33.11 26.63
N SER K 26 46.51 31.83 26.35
CA SER K 26 45.43 30.91 25.97
C SER K 26 44.57 30.41 27.16
N LEU K 27 45.12 30.54 28.38
CA LEU K 27 44.38 30.32 29.63
C LEU K 27 44.56 31.53 30.56
N ASN K 28 43.50 32.29 30.79
CA ASN K 28 43.55 33.40 31.76
C ASN K 28 43.32 32.82 33.15
N VAL K 29 44.11 33.30 34.09
CA VAL K 29 44.17 32.75 35.45
C VAL K 29 44.10 33.93 36.41
N SER K 30 43.22 33.84 37.40
CA SER K 30 43.27 34.77 38.53
C SER K 30 42.95 33.99 39.80
N LEU K 31 43.40 34.56 40.93
CA LEU K 31 43.24 33.95 42.24
C LEU K 31 42.77 35.02 43.23
N ASN K 32 41.54 34.86 43.71
CA ASN K 32 40.90 35.80 44.64
C ASN K 32 39.90 35.03 45.49
N ASN K 33 39.83 35.39 46.78
CA ASN K 33 38.88 34.80 47.72
C ASN K 33 39.02 33.28 47.78
N ARG K 34 40.26 32.82 47.58
CA ARG K 34 40.63 31.41 47.53
C ARG K 34 40.01 30.59 46.41
N VAL K 35 39.52 31.27 45.38
CA VAL K 35 39.06 30.63 44.15
C VAL K 35 40.06 30.87 43.01
N LEU K 36 40.56 29.78 42.42
CA LEU K 36 41.39 29.85 41.23
C LEU K 36 40.48 29.88 40.00
N SER K 37 40.36 31.03 39.34
CA SER K 37 39.50 31.16 38.14
C SER K 37 40.32 30.83 36.91
N LEU K 38 39.85 29.88 36.11
CA LEU K 38 40.55 29.46 34.89
C LEU K 38 39.63 29.73 33.74
N THR K 39 40.05 30.59 32.81
CA THR K 39 39.19 30.96 31.70
C THR K 39 39.90 30.60 30.40
N ILE K 40 39.33 29.64 29.67
CA ILE K 40 39.88 29.24 28.39
C ILE K 40 39.71 30.37 27.38
N ASN K 41 40.79 30.72 26.70
CA ASN K 41 40.85 31.94 25.92
C ASN K 41 41.56 31.76 24.57
N ARG K 42 40.93 31.05 23.65
CA ARG K 42 41.29 31.06 22.24
C ARG K 42 40.03 31.30 21.42
N PRO K 43 39.28 32.38 21.71
CA PRO K 43 38.00 32.60 21.00
C PRO K 43 38.12 32.63 19.45
N GLU K 44 39.28 33.01 18.94
CA GLU K 44 39.58 32.93 17.51
C GLU K 44 39.42 31.52 16.91
N LEU K 45 39.79 30.49 17.67
CA LEU K 45 39.59 29.09 17.25
C LEU K 45 38.46 28.38 18.02
N LYS K 46 37.45 29.14 18.47
CA LYS K 46 36.34 28.61 19.26
C LYS K 46 36.82 27.80 20.46
N ASN K 47 37.87 28.27 21.09
CA ASN K 47 38.39 27.65 22.32
C ASN K 47 38.76 26.18 22.16
N ALA K 48 39.25 25.83 20.98
CA ALA K 48 39.77 24.50 20.69
C ALA K 48 40.97 24.20 21.55
N LEU K 49 41.06 22.99 22.08
CA LEU K 49 42.13 22.62 23.02
C LEU K 49 43.32 22.09 22.24
N ASN K 50 44.47 22.71 22.46
CA ASN K 50 45.73 22.28 21.88
C ASN K 50 46.67 21.88 23.00
N ARG K 51 47.91 21.48 22.66
CA ARG K 51 48.94 21.05 23.62
C ARG K 51 49.20 22.07 24.71
N GLU K 52 49.41 23.31 24.30
CA GLU K 52 49.70 24.42 25.22
C GLU K 52 48.60 24.60 26.26
N LEU K 53 47.35 24.55 25.81
CA LEU K 53 46.20 24.77 26.68
C LEU K 53 46.00 23.63 27.68
N TYR K 54 46.13 22.39 27.19
CA TYR K 54 46.11 21.20 28.05
C TYR K 54 47.17 21.27 29.14
N ALA K 55 48.39 21.68 28.75
CA ALA K 55 49.52 21.81 29.68
C ALA K 55 49.23 22.84 30.74
N ALA K 56 48.72 23.99 30.29
CA ALA K 56 48.36 25.06 31.21
C ALA K 56 47.20 24.67 32.16
N LEU K 57 46.19 23.96 31.67
CA LEU K 57 45.10 23.49 32.56
C LEU K 57 45.65 22.51 33.57
N ALA K 58 46.46 21.57 33.09
CA ALA K 58 47.12 20.61 33.98
C ALA K 58 47.93 21.32 35.08
N ASP K 59 48.75 22.29 34.67
CA ASP K 59 49.57 23.07 35.63
C ASP K 59 48.72 23.70 36.73
N GLU K 60 47.61 24.32 36.34
CA GLU K 60 46.79 25.05 37.31
C GLU K 60 46.01 24.11 38.24
N LEU K 61 45.51 22.99 37.72
CA LEU K 61 44.78 22.04 38.55
C LEU K 61 45.72 21.39 39.54
N GLU K 62 46.96 21.07 39.12
CA GLU K 62 47.97 20.54 40.05
C GLU K 62 48.31 21.56 41.14
N ARG K 63 48.42 22.83 40.77
CA ARG K 63 48.65 23.90 41.73
C ARG K 63 47.55 23.92 42.77
N SER K 64 46.30 23.80 42.33
CA SER K 64 45.15 23.81 43.27
C SER K 64 45.29 22.74 44.38
N ASN K 65 45.80 21.55 44.05
CA ASN K 65 45.97 20.46 45.04
C ASN K 65 46.98 20.77 46.10
N HIS K 66 48.06 21.45 45.71
CA HIS K 66 49.22 21.66 46.60
C HIS K 66 49.17 22.96 47.41
N ASP K 67 48.38 23.94 46.97
CA ASP K 67 48.17 25.17 47.72
C ASP K 67 46.92 25.00 48.60
N ASP K 68 47.13 24.97 49.92
CA ASP K 68 46.02 24.91 50.86
C ASP K 68 45.15 26.15 50.90
N GLN K 69 45.63 27.27 50.36
CA GLN K 69 44.81 28.48 50.26
C GLN K 69 44.05 28.58 48.94
N ILE K 70 44.11 27.55 48.09
CA ILE K 70 43.22 27.44 46.93
C ILE K 70 42.18 26.38 47.30
N ARG K 71 40.91 26.78 47.44
CA ARG K 71 39.87 25.87 47.94
C ARG K 71 38.69 25.57 46.98
N ALA K 72 38.74 26.18 45.80
CA ALA K 72 37.80 25.90 44.75
C ALA K 72 38.42 26.37 43.43
N VAL K 73 38.00 25.72 42.36
CA VAL K 73 38.35 26.13 41.01
C VAL K 73 37.07 26.51 40.30
N LEU K 74 37.07 27.67 39.65
CA LEU K 74 36.03 28.07 38.71
C LEU K 74 36.61 27.96 37.28
N LEU K 75 36.00 27.11 36.45
CA LEU K 75 36.43 26.92 35.09
C LEU K 75 35.38 27.46 34.12
N THR K 76 35.81 28.32 33.20
CA THR K 76 34.91 28.79 32.12
C THR K 76 35.68 29.15 30.85
N ALA K 77 35.04 29.84 29.92
CA ALA K 77 35.69 30.20 28.66
C ALA K 77 35.18 31.52 28.15
N ASN K 78 36.01 32.21 27.37
CA ASN K 78 35.63 33.51 26.80
C ASN K 78 34.84 33.33 25.51
N GLY K 79 33.92 34.27 25.27
CA GLY K 79 33.13 34.33 24.04
C GLY K 79 31.91 33.43 24.10
N ASP K 80 31.49 32.99 22.90
CA ASP K 80 30.19 32.30 22.71
C ASP K 80 30.27 30.76 22.71
N THR K 81 31.47 30.20 22.89
CA THR K 81 31.71 28.77 22.87
C THR K 81 32.46 28.39 24.14
N PHE K 82 32.12 27.25 24.74
CA PHE K 82 32.91 26.74 25.87
C PHE K 82 34.17 26.10 25.28
N THR K 83 34.03 25.05 24.48
CA THR K 83 35.11 24.62 23.60
C THR K 83 34.55 23.77 22.46
N ALA K 84 35.11 23.98 21.28
CA ALA K 84 34.77 23.20 20.09
C ALA K 84 35.47 21.83 20.05
N GLY K 85 36.23 21.45 21.07
CA GLY K 85 36.88 20.15 21.12
C GLY K 85 38.37 20.24 20.87
N ASN K 86 38.98 19.13 20.48
CA ASN K 86 40.39 19.12 20.08
C ASN K 86 40.67 19.96 18.84
N ASP K 87 41.71 20.78 18.92
CA ASP K 87 42.27 21.48 17.76
C ASP K 87 42.74 20.42 16.77
N LEU K 88 42.19 20.43 15.53
CA LEU K 88 42.51 19.40 14.53
C LEU K 88 43.98 19.39 14.12
N ASP K 89 44.52 20.54 13.72
CA ASP K 89 45.93 20.66 13.29
C ASP K 89 46.88 20.10 14.35
N ASP K 90 46.72 20.61 15.57
CA ASP K 90 47.49 20.16 16.72
C ASP K 90 47.24 18.66 17.04
N PHE K 91 46.02 18.18 16.80
CA PHE K 91 45.63 16.76 16.94
C PHE K 91 46.53 15.82 16.17
N ILE K 92 46.81 16.16 14.91
CA ILE K 92 47.54 15.28 13.98
C ILE K 92 48.96 15.77 13.63
N ASN K 93 49.58 16.50 14.57
CA ASN K 93 50.95 16.96 14.41
C ASN K 93 51.86 15.72 14.52
N PRO K 94 52.66 15.42 13.46
CA PRO K 94 53.59 14.28 13.55
C PRO K 94 54.64 14.42 14.66
N VAL K 95 55.13 15.64 14.91
CA VAL K 95 56.13 15.90 15.95
C VAL K 95 55.57 15.54 17.33
N GLU K 96 56.07 14.43 17.90
CA GLU K 96 55.63 13.93 19.21
C GLU K 96 56.21 14.78 20.33
N GLU K 97 55.48 14.86 21.45
CA GLU K 97 55.88 15.67 22.61
C GLU K 97 57.05 15.06 23.40
N SER K 98 57.77 15.93 24.12
CA SER K 98 58.77 15.49 25.11
C SER K 98 58.03 15.15 26.42
N GLY K 99 58.37 14.01 27.00
CA GLY K 99 57.74 13.55 28.24
C GLY K 99 56.30 13.10 28.06
N THR K 100 55.49 13.25 29.11
CA THR K 100 54.08 12.85 29.08
C THR K 100 53.25 13.82 28.22
N PRO K 101 52.46 13.30 27.25
CA PRO K 101 51.63 14.20 26.43
C PRO K 101 50.72 15.08 27.27
N SER K 102 50.57 16.33 26.88
CA SER K 102 49.85 17.31 27.67
C SER K 102 48.41 16.89 27.90
N VAL K 103 47.77 16.29 26.90
CA VAL K 103 46.39 15.82 27.08
C VAL K 103 46.29 14.78 28.21
N ILE K 104 47.29 13.91 28.31
CA ILE K 104 47.31 12.89 29.34
C ILE K 104 47.53 13.51 30.73
N ARG K 105 48.43 14.49 30.84
CA ARG K 105 48.62 15.25 32.07
C ARG K 105 47.32 15.92 32.48
N PHE K 106 46.60 16.52 31.52
CA PHE K 106 45.33 17.19 31.83
C PHE K 106 44.28 16.19 32.33
N LEU K 107 44.15 15.05 31.67
CA LEU K 107 43.13 14.09 32.05
C LEU K 107 43.43 13.51 33.40
N LYS K 108 44.71 13.28 33.68
CA LYS K 108 45.11 12.84 35.01
C LYS K 108 44.88 13.92 36.07
N ALA K 109 45.26 15.16 35.77
CA ALA K 109 45.09 16.25 36.73
C ALA K 109 43.63 16.53 37.04
N ILE K 110 42.75 16.54 36.03
CA ILE K 110 41.32 16.82 36.33
C ILE K 110 40.59 15.63 36.96
N SER K 111 40.98 14.40 36.61
CA SER K 111 40.34 13.21 37.14
C SER K 111 40.74 12.97 38.57
N GLU K 112 41.93 13.41 38.93
CA GLU K 112 42.45 13.25 40.32
C GLU K 112 42.47 14.54 41.16
N CYS K 113 41.99 15.66 40.60
CA CYS K 113 41.97 16.92 41.34
C CYS K 113 41.22 16.75 42.66
N GLU K 114 41.85 17.19 43.74
CA GLU K 114 41.28 17.10 45.08
C GLU K 114 40.40 18.31 45.40
N THR K 115 40.58 19.37 44.63
CA THR K 115 39.91 20.62 44.82
C THR K 115 38.54 20.54 44.16
N PRO K 116 37.50 21.09 44.82
CA PRO K 116 36.20 21.13 44.14
C PRO K 116 36.26 22.10 42.95
N ILE K 117 35.68 21.68 41.82
CA ILE K 117 35.64 22.45 40.58
C ILE K 117 34.21 22.83 40.22
N VAL K 118 33.97 24.12 40.07
CA VAL K 118 32.71 24.64 39.57
C VAL K 118 33.02 24.94 38.11
N VAL K 119 32.21 24.41 37.18
CA VAL K 119 32.36 24.70 35.75
C VAL K 119 31.08 25.41 35.23
N ALA K 120 31.29 26.53 34.54
CA ALA K 120 30.26 27.36 33.99
C ALA K 120 30.36 27.28 32.48
N VAL K 121 29.46 26.49 31.88
CA VAL K 121 29.49 26.20 30.44
C VAL K 121 28.73 27.32 29.73
N ASN K 122 29.46 28.17 29.01
CA ASN K 122 28.94 29.40 28.42
C ASN K 122 28.46 29.24 26.99
N GLY K 123 28.65 28.06 26.39
CA GLY K 123 28.25 27.83 24.98
C GLY K 123 28.49 26.39 24.56
N PRO K 124 28.51 26.09 23.26
CA PRO K 124 28.77 24.73 22.84
C PRO K 124 29.98 24.10 23.51
N ALA K 125 29.77 22.89 24.05
CA ALA K 125 30.80 22.07 24.68
C ALA K 125 30.83 20.79 23.91
N ILE K 126 31.85 20.63 23.08
CA ILE K 126 31.93 19.58 22.08
C ILE K 126 33.09 18.64 22.41
N GLY K 127 32.81 17.33 22.36
CA GLY K 127 33.85 16.31 22.51
C GLY K 127 34.48 16.34 23.90
N VAL K 128 35.74 16.72 23.96
CA VAL K 128 36.40 16.88 25.26
C VAL K 128 35.79 18.01 26.07
N GLY K 129 35.12 18.96 25.42
CA GLY K 129 34.34 19.95 26.18
C GLY K 129 33.20 19.33 26.99
N LEU K 130 32.58 18.29 26.46
CA LEU K 130 31.58 17.54 27.20
C LEU K 130 32.24 16.61 28.21
N THR K 131 33.21 15.80 27.77
CA THR K 131 33.70 14.74 28.68
C THR K 131 34.42 15.27 29.92
N MSE K 132 35.04 16.44 29.83
CA MSE K 132 35.72 17.06 30.99
C MSE K 132 34.77 17.43 32.09
O MSE K 132 35.18 17.47 33.25
CB MSE K 132 36.59 18.26 30.60
CG MSE K 132 35.86 19.60 30.35
SE MSE K 132 37.11 21.06 30.06
CE MSE K 132 38.25 20.31 28.60
N LEU K 133 33.50 17.67 31.75
CA LEU K 133 32.44 17.98 32.75
C LEU K 133 32.14 16.83 33.68
N LEU K 134 32.36 15.60 33.22
CA LEU K 134 32.17 14.41 34.06
C LEU K 134 33.18 14.35 35.21
N HIS K 135 34.27 15.11 35.10
CA HIS K 135 35.30 15.22 36.14
C HIS K 135 35.25 16.55 36.94
N CYS K 136 34.31 17.44 36.58
CA CYS K 136 33.97 18.58 37.39
C CYS K 136 32.91 18.20 38.40
N ASP K 137 32.77 19.02 39.45
CA ASP K 137 31.83 18.73 40.53
C ASP K 137 30.50 19.45 40.40
N MSE K 138 30.56 20.78 40.33
CA MSE K 138 29.37 21.61 40.17
C MSE K 138 29.32 21.96 38.71
O MSE K 138 30.24 22.63 38.21
CB MSE K 138 29.42 22.85 41.04
CG MSE K 138 28.71 22.65 42.40
SE MSE K 138 29.70 21.38 43.58
CE MSE K 138 31.31 22.44 44.02
N VAL K 139 28.26 21.53 38.02
CA VAL K 139 28.19 21.71 36.57
C VAL K 139 27.03 22.64 36.24
N TYR K 140 27.35 23.86 35.84
CA TYR K 140 26.32 24.86 35.54
C TYR K 140 26.48 25.34 34.10
N ALA K 141 25.42 25.89 33.53
CA ALA K 141 25.34 26.19 32.11
C ALA K 141 24.57 27.48 31.84
N SER K 142 24.89 28.15 30.74
CA SER K 142 24.07 29.26 30.26
C SER K 142 22.97 28.70 29.35
N LYS K 143 21.95 29.51 29.07
CA LYS K 143 20.85 29.11 28.17
C LYS K 143 21.33 28.81 26.75
N SER K 144 22.42 29.45 26.35
CA SER K 144 23.00 29.23 25.04
C SER K 144 23.97 28.02 24.99
N ALA K 145 24.19 27.34 26.12
CA ALA K 145 25.03 26.16 26.13
C ALA K 145 24.44 25.00 25.30
N ARG K 146 25.31 24.26 24.65
CA ARG K 146 24.93 23.08 23.88
C ARG K 146 25.97 22.01 24.23
N PHE K 147 25.64 20.75 24.01
CA PHE K 147 26.47 19.63 24.45
C PHE K 147 26.46 18.54 23.39
N ARG K 148 27.64 18.07 23.04
CA ARG K 148 27.77 17.02 22.03
C ARG K 148 29.05 16.24 22.22
N ALA K 149 28.98 14.93 21.97
CA ALA K 149 30.17 14.04 22.07
C ALA K 149 30.14 13.12 20.89
N PRO K 150 30.38 13.67 19.69
CA PRO K 150 30.16 12.95 18.45
C PRO K 150 31.37 12.11 18.04
N PHE K 151 31.81 11.20 18.90
CA PHE K 151 33.04 10.43 18.64
C PHE K 151 32.91 9.62 17.34
N THR K 152 31.73 9.01 17.14
CA THR K 152 31.42 8.22 15.97
C THR K 152 31.36 8.99 14.65
N HIS K 153 30.94 10.26 14.69
CA HIS K 153 30.94 11.07 13.44
C HIS K 153 32.35 11.34 12.93
N VAL K 154 33.35 11.33 13.81
CA VAL K 154 34.74 11.54 13.40
C VAL K 154 35.54 10.22 13.30
N GLY K 155 34.92 9.09 13.62
CA GLY K 155 35.57 7.78 13.49
C GLY K 155 36.46 7.40 14.66
N LEU K 156 36.22 8.03 15.81
CA LEU K 156 37.01 7.79 17.01
C LEU K 156 36.14 7.04 18.04
N VAL K 157 36.51 7.09 19.32
CA VAL K 157 35.80 6.39 20.40
C VAL K 157 35.77 7.30 21.61
N PRO K 158 34.91 7.00 22.62
CA PRO K 158 34.89 7.81 23.85
C PRO K 158 36.22 7.90 24.56
N GLU K 159 36.49 9.08 25.11
CA GLU K 159 37.71 9.30 25.87
C GLU K 159 37.39 9.85 27.28
N ALA K 160 38.43 10.05 28.07
CA ALA K 160 38.36 10.61 29.40
C ALA K 160 37.42 9.81 30.30
N ALA K 161 37.37 8.50 30.04
CA ALA K 161 36.54 7.53 30.76
C ALA K 161 35.05 7.83 30.65
N SER K 162 34.64 8.55 29.60
CA SER K 162 33.21 8.83 29.43
C SER K 162 32.38 7.57 29.11
N SER K 163 33.00 6.51 28.62
CA SER K 163 32.30 5.24 28.35
C SER K 163 31.80 4.62 29.67
N LEU K 164 32.49 4.93 30.77
CA LEU K 164 32.04 4.57 32.13
C LEU K 164 31.20 5.67 32.80
N LEU K 165 31.69 6.91 32.75
CA LEU K 165 31.11 8.02 33.53
C LEU K 165 29.85 8.63 32.95
N LEU K 166 29.72 8.66 31.62
CA LEU K 166 28.53 9.29 31.00
C LEU K 166 27.24 8.52 31.33
N PRO K 167 27.27 7.16 31.22
CA PRO K 167 26.08 6.42 31.65
C PRO K 167 25.79 6.55 33.12
N LEU K 168 26.80 6.63 33.98
CA LEU K 168 26.56 6.84 35.40
C LEU K 168 25.88 8.20 35.63
N ALA K 169 26.27 9.19 34.84
CA ALA K 169 25.81 10.56 35.04
C ALA K 169 24.38 10.79 34.54
N VAL K 170 24.01 10.22 33.39
CA VAL K 170 22.71 10.51 32.72
C VAL K 170 21.88 9.27 32.35
N GLY K 171 22.38 8.08 32.64
CA GLY K 171 21.76 6.83 32.24
C GLY K 171 22.20 6.36 30.85
N GLN K 172 21.95 5.08 30.59
CA GLN K 172 22.42 4.39 29.41
C GLN K 172 21.78 4.99 28.14
N ALA K 173 20.49 5.34 28.24
CA ALA K 173 19.77 5.79 27.09
C ALA K 173 20.26 7.17 26.63
N TRP K 174 20.39 8.14 27.53
CA TRP K 174 20.98 9.42 27.18
C TRP K 174 22.43 9.28 26.72
N ALA K 175 23.23 8.50 27.45
CA ALA K 175 24.62 8.27 27.09
C ALA K 175 24.77 7.70 25.65
N ASN K 176 23.89 6.81 25.24
CA ASN K 176 24.03 6.28 23.90
C ASN K 176 23.53 7.27 22.85
N ASP K 177 22.49 8.05 23.19
CA ASP K 177 21.96 9.03 22.23
C ASP K 177 23.08 10.05 21.96
N LEU K 178 23.82 10.44 23.00
CA LEU K 178 25.03 11.25 22.83
C LEU K 178 26.18 10.58 22.05
N MSE K 179 26.67 9.45 22.56
CA MSE K 179 27.95 8.87 22.05
C MSE K 179 27.82 8.11 20.76
O MSE K 179 28.72 8.17 19.95
CB MSE K 179 28.63 8.02 23.11
CG MSE K 179 29.30 8.96 24.12
SE MSE K 179 30.17 8.03 25.66
CE MSE K 179 28.71 6.95 26.32
N LEU K 180 26.74 7.39 20.56
CA LEU K 180 26.58 6.58 19.34
C LEU K 180 25.88 7.39 18.24
N ALA K 181 24.75 8.04 18.57
CA ALA K 181 23.97 8.78 17.58
C ALA K 181 24.43 10.22 17.35
N GLY K 182 25.33 10.74 18.16
CA GLY K 182 25.80 12.12 17.95
C GLY K 182 24.79 13.24 18.20
N ARG K 183 23.86 13.01 19.10
CA ARG K 183 22.87 14.02 19.44
C ARG K 183 23.50 15.27 20.06
N ILE K 184 22.98 16.43 19.67
CA ILE K 184 23.29 17.72 20.28
C ILE K 184 22.18 18.06 21.30
N LEU K 185 22.55 18.28 22.55
CA LEU K 185 21.60 18.71 23.60
C LEU K 185 21.67 20.20 23.82
N ASP K 186 20.51 20.83 24.02
CA ASP K 186 20.49 22.22 24.57
C ASP K 186 20.58 22.20 26.09
N ALA K 187 20.64 23.38 26.70
CA ALA K 187 20.83 23.48 28.12
C ALA K 187 19.67 22.87 28.89
N ARG K 188 18.43 23.09 28.45
CA ARG K 188 17.30 22.51 29.18
C ARG K 188 17.27 20.99 29.13
N GLU K 189 17.63 20.41 27.99
CA GLU K 189 17.71 18.95 27.85
C GLU K 189 18.85 18.40 28.73
N ALA K 190 19.96 19.12 28.81
CA ALA K 190 21.08 18.70 29.67
C ALA K 190 20.67 18.72 31.15
N LEU K 191 19.89 19.71 31.51
CA LEU K 191 19.36 19.80 32.87
C LEU K 191 18.41 18.67 33.14
N SER K 192 17.47 18.42 32.25
CA SER K 192 16.49 17.35 32.47
C SER K 192 17.19 15.98 32.55
N ALA K 193 18.27 15.80 31.80
CA ALA K 193 19.03 14.55 31.88
C ALA K 193 19.96 14.47 33.09
N GLY K 194 20.21 15.60 33.76
CA GLY K 194 21.12 15.65 34.91
C GLY K 194 22.61 15.80 34.62
N LEU K 195 22.93 16.18 33.40
CA LEU K 195 24.31 16.45 33.01
C LEU K 195 24.76 17.76 33.63
N VAL K 196 23.85 18.74 33.65
CA VAL K 196 24.04 19.97 34.39
C VAL K 196 22.92 20.11 35.42
N THR K 197 23.12 20.91 36.47
CA THR K 197 22.12 21.07 37.51
C THR K 197 21.53 22.48 37.64
N ARG K 198 22.13 23.47 36.96
CA ARG K 198 21.64 24.85 36.90
C ARG K 198 21.84 25.48 35.51
N VAL K 199 20.86 26.26 35.08
CA VAL K 199 20.89 26.99 33.83
C VAL K 199 20.62 28.47 34.12
N PHE K 200 21.52 29.34 33.69
CA PHE K 200 21.42 30.76 33.96
C PHE K 200 21.32 31.51 32.65
N GLU K 201 20.66 32.67 32.67
CA GLU K 201 20.85 33.68 31.60
C GLU K 201 22.37 33.89 31.38
N ASP K 202 22.76 34.07 30.12
CA ASP K 202 24.17 34.17 29.73
C ASP K 202 24.94 35.25 30.50
N ASP K 203 24.28 36.38 30.72
CA ASP K 203 24.91 37.57 31.31
C ASP K 203 25.15 37.45 32.84
N VAL K 204 24.55 36.45 33.50
CA VAL K 204 24.81 36.21 34.94
C VAL K 204 25.51 34.87 35.25
N LEU K 205 25.68 34.00 34.27
CA LEU K 205 26.27 32.67 34.50
C LEU K 205 27.54 32.71 35.33
N VAL K 206 28.47 33.60 34.92
CA VAL K 206 29.80 33.66 35.53
C VAL K 206 29.76 34.21 36.94
N ALA K 207 29.13 35.35 37.12
CA ALA K 207 28.93 35.92 38.47
C ALA K 207 28.23 34.93 39.44
N GLU K 208 27.22 34.20 38.97
CA GLU K 208 26.50 33.25 39.83
C GLU K 208 27.31 31.99 40.11
N SER K 209 28.08 31.56 39.12
CA SER K 209 29.00 30.45 39.32
C SER K 209 30.14 30.81 40.27
N LEU K 210 30.67 32.03 40.17
CA LEU K 210 31.73 32.49 41.06
C LEU K 210 31.26 32.62 42.51
N LYS K 211 30.05 33.13 42.71
CA LYS K 211 29.45 33.21 44.03
C LYS K 211 29.41 31.82 44.70
N ILE K 212 29.04 30.79 43.94
CA ILE K 212 28.99 29.44 44.48
C ILE K 212 30.40 28.91 44.77
N ALA K 213 31.33 29.12 43.83
CA ALA K 213 32.71 28.73 44.07
C ALA K 213 33.32 29.40 45.32
N GLU K 214 33.05 30.68 45.51
CA GLU K 214 33.51 31.44 46.69
C GLU K 214 32.91 30.89 47.97
N GLN K 215 31.63 30.53 47.93
CA GLN K 215 30.99 29.94 49.10
C GLN K 215 31.65 28.62 49.48
N VAL K 216 31.93 27.77 48.49
CA VAL K 216 32.57 26.48 48.76
C VAL K 216 33.97 26.67 49.32
N ALA K 217 34.71 27.60 48.72
CA ALA K 217 36.04 27.96 49.17
C ALA K 217 36.09 28.52 50.62
N SER K 218 34.96 29.01 51.12
CA SER K 218 34.86 29.52 52.52
C SER K 218 34.46 28.45 53.55
N LEU K 219 34.15 27.24 53.09
CA LEU K 219 33.73 26.17 53.99
C LEU K 219 34.96 25.48 54.57
N ALA K 220 34.75 24.70 55.62
CA ALA K 220 35.82 23.91 56.25
C ALA K 220 36.59 23.11 55.22
N PRO K 221 37.90 23.41 55.03
CA PRO K 221 38.62 22.84 53.89
C PRO K 221 38.75 21.33 53.86
N ASN K 222 39.08 20.71 55.02
CA ASN K 222 39.17 19.23 55.10
C ASN K 222 37.82 18.56 54.98
N SER K 223 36.78 19.16 55.51
CA SER K 223 35.40 18.67 55.29
C SER K 223 35.12 18.52 53.78
N VAL K 224 35.40 19.58 53.02
CA VAL K 224 35.13 19.59 51.59
C VAL K 224 36.04 18.61 50.86
N LYS K 225 37.35 18.69 51.10
CA LYS K 225 38.31 17.77 50.46
C LYS K 225 37.98 16.29 50.72
N GLN K 226 37.71 15.93 51.98
CA GLN K 226 37.35 14.53 52.35
C GLN K 226 36.03 14.08 51.75
N SER K 227 35.10 15.02 51.66
CA SER K 227 33.78 14.71 51.12
C SER K 227 33.94 14.36 49.67
N LYS K 228 34.68 15.17 48.96
CA LYS K 228 34.94 14.88 47.53
C LYS K 228 35.72 13.58 47.40
N ARG K 229 36.70 13.34 48.27
CA ARG K 229 37.48 12.09 48.22
C ARG K 229 36.57 10.86 48.36
N LEU K 230 35.66 10.87 49.33
CA LEU K 230 34.68 9.78 49.50
C LEU K 230 33.82 9.58 48.26
N ILE K 231 33.35 10.67 47.67
CA ILE K 231 32.50 10.58 46.49
C ILE K 231 33.28 9.99 45.31
N ARG K 232 34.46 10.55 45.05
CA ARG K 232 35.28 10.14 43.90
C ARG K 232 35.95 8.80 44.13
N GLY K 233 36.15 8.44 45.39
CA GLY K 233 36.79 7.15 45.73
C GLY K 233 36.07 5.90 45.25
N VAL K 234 34.77 6.00 45.04
CA VAL K 234 34.00 4.81 44.61
C VAL K 234 34.47 4.31 43.23
N ASN K 235 34.68 5.20 42.26
CA ASN K 235 35.10 4.78 40.93
C ASN K 235 36.52 5.16 40.54
N LYS K 236 37.30 5.66 41.49
CA LYS K 236 38.63 6.22 41.20
C LYS K 236 39.49 5.27 40.34
N GLU K 237 39.63 4.03 40.78
CA GLU K 237 40.49 3.05 40.07
C GLU K 237 39.91 2.65 38.70
N GLU K 238 38.61 2.44 38.62
CA GLU K 238 37.98 2.08 37.33
C GLU K 238 38.08 3.24 36.34
N VAL K 239 38.04 4.50 36.82
CA VAL K 239 38.20 5.65 35.92
C VAL K 239 39.54 5.62 35.24
N GLN K 240 40.62 5.41 36.01
CA GLN K 240 41.98 5.30 35.42
C GLN K 240 42.08 4.09 34.47
N ALA K 241 41.57 2.93 34.88
CA ALA K 241 41.62 1.72 33.99
C ALA K 241 40.84 1.95 32.70
N GLN K 242 39.67 2.58 32.78
CA GLN K 242 38.85 2.82 31.59
C GLN K 242 39.55 3.78 30.62
N MSE K 243 40.24 4.81 31.15
CA MSE K 243 40.99 5.72 30.27
C MSE K 243 42.08 5.00 29.52
O MSE K 243 42.29 5.32 28.35
CB MSE K 243 41.64 6.92 30.97
CG MSE K 243 40.63 8.06 31.08
SE MSE K 243 41.47 9.49 32.19
CE MSE K 243 39.88 10.22 32.97
N LYS K 244 42.74 4.02 30.15
CA LYS K 244 43.73 3.22 29.44
C LYS K 244 43.08 2.33 28.39
N ARG K 245 41.96 1.66 28.71
CA ARG K 245 41.30 0.81 27.69
C ARG K 245 40.85 1.65 26.49
N GLU K 246 40.22 2.80 26.75
CA GLU K 246 39.76 3.68 25.69
C GLU K 246 40.93 4.16 24.85
N GLY K 247 42.03 4.50 25.53
CA GLY K 247 43.20 5.11 24.91
C GLY K 247 43.84 4.25 23.84
N VAL K 248 43.92 2.95 24.08
CA VAL K 248 44.50 2.01 23.12
C VAL K 248 43.66 1.98 21.84
N ILE K 249 42.34 1.85 22.01
CA ILE K 249 41.43 1.81 20.87
C ILE K 249 41.40 3.15 20.15
N PHE K 250 41.45 4.24 20.90
CA PHE K 250 41.46 5.59 20.34
C PHE K 250 42.65 5.82 19.42
N ALA K 251 43.85 5.49 19.92
CA ALA K 251 45.09 5.66 19.16
C ALA K 251 45.02 4.88 17.83
N GLU K 252 44.52 3.66 17.92
CA GLU K 252 44.32 2.79 16.75
C GLU K 252 43.33 3.44 15.75
N GLN K 253 42.19 3.92 16.20
CA GLN K 253 41.25 4.62 15.32
C GLN K 253 41.82 5.90 14.70
N LEU K 254 42.57 6.67 15.49
CA LEU K 254 43.19 7.93 15.02
C LEU K 254 44.17 7.74 13.84
N ALA K 255 44.87 6.61 13.84
CA ALA K 255 45.79 6.22 12.78
C ALA K 255 45.14 5.37 11.64
N SER K 256 43.84 5.16 11.69
CA SER K 256 43.16 4.25 10.75
C SER K 256 42.55 5.00 9.58
N ALA K 257 42.21 4.24 8.53
CA ALA K 257 41.49 4.76 7.36
C ALA K 257 40.12 5.38 7.70
N GLU K 258 39.45 4.83 8.72
CA GLU K 258 38.14 5.32 9.14
C GLU K 258 38.17 6.77 9.63
N PHE K 259 39.21 7.13 10.38
CA PHE K 259 39.38 8.51 10.81
C PHE K 259 39.68 9.42 9.60
N LYS K 260 40.63 9.02 8.77
CA LYS K 260 41.03 9.79 7.58
C LYS K 260 39.81 10.14 6.75
N GLU K 261 39.00 9.11 6.46
CA GLU K 261 37.81 9.22 5.62
C GLU K 261 36.69 10.07 6.25
N SER K 262 36.49 9.93 7.56
CA SER K 262 35.47 10.73 8.25
C SER K 262 35.82 12.20 8.11
N VAL K 263 37.09 12.51 8.37
CA VAL K 263 37.57 13.89 8.32
C VAL K 263 37.62 14.44 6.87
N ALA K 264 38.17 13.64 5.95
CA ALA K 264 38.27 14.03 4.54
C ALA K 264 36.88 14.32 3.95
N ALA K 265 35.91 13.47 4.28
CA ALA K 265 34.51 13.64 3.85
C ALA K 265 33.96 15.01 4.19
N PHE K 266 34.17 15.45 5.43
CA PHE K 266 33.69 16.76 5.84
C PHE K 266 34.35 17.87 4.99
N PHE K 267 35.68 17.84 4.87
CA PHE K 267 36.42 18.89 4.13
C PHE K 267 36.17 18.85 2.62
N GLU K 268 35.85 17.68 2.09
CA GLU K 268 35.55 17.53 0.66
C GLU K 268 34.05 17.72 0.33
N LYS K 269 33.26 18.07 1.35
CA LYS K 269 31.82 18.37 1.22
C LYS K 269 31.04 17.24 0.54
N ARG K 270 31.26 16.03 1.04
CA ARG K 270 30.62 14.82 0.53
C ARG K 270 30.28 13.87 1.67
N ALA K 271 29.46 12.87 1.35
CA ALA K 271 29.08 11.83 2.28
C ALA K 271 30.27 10.86 2.43
N PRO K 272 30.65 10.50 3.67
CA PRO K 272 31.69 9.49 3.84
C PRO K 272 31.25 8.11 3.33
N HIS K 273 32.21 7.34 2.86
CA HIS K 273 31.92 6.00 2.35
C HIS K 273 32.81 5.02 3.09
N PHE K 274 32.19 4.02 3.71
CA PHE K 274 32.90 2.94 4.38
C PHE K 274 32.40 1.66 3.75
N ALA K 275 33.28 0.97 3.02
CA ALA K 275 32.89 -0.24 2.29
C ALA K 275 32.41 -1.36 3.22
N LYS L 25 32.04 -7.64 -37.45
CA LYS L 25 32.09 -9.08 -37.05
C LYS L 25 30.82 -9.87 -37.43
N SER L 26 31.02 -11.17 -37.70
CA SER L 26 29.94 -12.09 -38.08
C SER L 26 29.09 -12.57 -36.89
N LEU L 27 29.63 -12.43 -35.67
CA LEU L 27 28.88 -12.66 -34.42
C LEU L 27 29.07 -11.46 -33.49
N ASN L 28 28.00 -10.69 -33.26
CA ASN L 28 28.04 -9.57 -32.29
C ASN L 28 27.81 -10.17 -30.90
N VAL L 29 28.61 -9.68 -29.96
CA VAL L 29 28.65 -10.23 -28.60
C VAL L 29 28.57 -9.05 -27.63
N SER L 30 27.69 -9.15 -26.65
CA SER L 30 27.72 -8.22 -25.52
C SER L 30 27.41 -8.99 -24.25
N LEU L 31 27.87 -8.41 -23.13
CA LEU L 31 27.72 -9.04 -21.80
C LEU L 31 27.25 -7.97 -20.82
N ASN L 32 26.02 -8.12 -20.33
CA ASN L 32 25.40 -7.19 -19.37
C ASN L 32 24.40 -7.96 -18.55
N ASN L 33 24.31 -7.60 -17.26
CA ASN L 33 23.33 -8.20 -16.35
C ASN L 33 23.48 -9.72 -16.27
N ARG L 34 24.72 -10.18 -16.45
CA ARG L 34 25.08 -11.58 -16.51
C ARG L 34 24.47 -12.40 -17.63
N VAL L 35 23.99 -11.72 -18.66
CA VAL L 35 23.53 -12.36 -19.90
C VAL L 35 24.54 -12.12 -21.04
N LEU L 36 25.03 -13.20 -21.62
CA LEU L 36 25.85 -13.12 -22.83
C LEU L 36 24.95 -13.10 -24.05
N SER L 37 24.83 -11.96 -24.71
CA SER L 37 23.97 -11.83 -25.92
C SER L 37 24.80 -12.14 -27.15
N LEU L 38 24.32 -13.11 -27.95
CA LEU L 38 25.02 -13.53 -29.16
C LEU L 38 24.11 -13.26 -30.32
N THR L 39 24.54 -12.40 -31.23
CA THR L 39 23.68 -12.02 -32.36
C THR L 39 24.40 -12.38 -33.66
N ILE L 40 23.84 -13.34 -34.38
CA ILE L 40 24.39 -13.73 -35.67
C ILE L 40 24.22 -12.61 -36.68
N ASN L 41 25.32 -12.25 -37.36
CA ASN L 41 25.38 -11.04 -38.14
C ASN L 41 26.09 -11.21 -39.49
N ARG L 42 25.45 -11.93 -40.40
CA ARG L 42 25.83 -11.92 -41.81
C ARG L 42 24.57 -11.69 -42.65
N PRO L 43 23.82 -10.60 -42.35
CA PRO L 43 22.55 -10.38 -43.07
C PRO L 43 22.66 -10.36 -44.61
N GLU L 44 23.83 -9.99 -45.13
CA GLU L 44 24.12 -10.07 -46.56
C GLU L 44 23.95 -11.47 -47.15
N LEU L 45 24.32 -12.51 -46.39
CA LEU L 45 24.10 -13.91 -46.81
C LEU L 45 22.98 -14.62 -46.03
N LYS L 46 21.98 -13.85 -45.59
CA LYS L 46 20.87 -14.37 -44.80
C LYS L 46 21.34 -15.18 -43.60
N ASN L 47 22.40 -14.72 -42.96
CA ASN L 47 22.92 -15.33 -41.73
C ASN L 47 23.29 -16.81 -41.89
N ALA L 48 23.78 -17.15 -43.08
CA ALA L 48 24.29 -18.48 -43.36
C ALA L 48 25.50 -18.78 -42.50
N LEU L 49 25.58 -19.99 -41.97
CA LEU L 49 26.66 -20.37 -41.04
C LEU L 49 27.84 -20.90 -41.81
N ASN L 50 28.99 -20.28 -41.58
CA ASN L 50 30.25 -20.71 -42.17
C ASN L 50 31.19 -21.13 -41.03
N ARG L 51 32.42 -21.52 -41.37
CA ARG L 51 33.45 -21.97 -40.41
C ARG L 51 33.71 -20.95 -39.32
N GLU L 52 33.93 -19.69 -39.73
CA GLU L 52 34.23 -18.59 -38.81
C GLU L 52 33.11 -18.40 -37.77
N LEU L 53 31.88 -18.45 -38.23
CA LEU L 53 30.72 -18.22 -37.35
C LEU L 53 30.52 -19.37 -36.35
N TYR L 54 30.65 -20.60 -36.84
CA TYR L 54 30.63 -21.79 -35.98
C TYR L 54 31.68 -21.72 -34.88
N ALA L 55 32.90 -21.33 -35.27
CA ALA L 55 34.03 -21.20 -34.34
C ALA L 55 33.74 -20.16 -33.29
N ALA L 56 33.24 -19.01 -33.73
CA ALA L 56 32.87 -17.93 -32.82
C ALA L 56 31.71 -18.32 -31.87
N LEU L 57 30.69 -19.03 -32.36
CA LEU L 57 29.61 -19.49 -31.48
C LEU L 57 30.14 -20.48 -30.46
N ALA L 58 30.97 -21.42 -30.94
CA ALA L 58 31.61 -22.39 -30.04
C ALA L 58 32.42 -21.67 -28.95
N ASP L 59 33.25 -20.70 -29.34
CA ASP L 59 34.05 -19.91 -28.38
C ASP L 59 33.20 -19.28 -27.29
N GLU L 60 32.09 -18.67 -27.68
CA GLU L 60 31.27 -17.93 -26.73
C GLU L 60 30.48 -18.87 -25.79
N LEU L 61 29.99 -19.99 -26.32
CA LEU L 61 29.26 -20.94 -25.48
C LEU L 61 30.20 -21.59 -24.48
N GLU L 62 31.43 -21.91 -24.90
CA GLU L 62 32.45 -22.43 -23.98
C GLU L 62 32.79 -21.42 -22.88
N ARG L 63 32.89 -20.14 -23.27
CA ARG L 63 33.14 -19.07 -22.30
C ARG L 63 32.02 -19.05 -21.25
N SER L 64 30.77 -19.18 -21.70
CA SER L 64 29.64 -19.17 -20.77
C SER L 64 29.76 -20.23 -19.65
N ASN L 65 30.28 -21.42 -19.98
CA ASN L 65 30.45 -22.52 -19.00
C ASN L 65 31.47 -22.22 -17.94
N HIS L 66 32.55 -21.53 -18.32
CA HIS L 66 33.70 -21.31 -17.43
C HIS L 66 33.63 -20.02 -16.60
N ASP L 67 32.84 -19.04 -17.05
CA ASP L 67 32.62 -17.82 -16.29
C ASP L 67 31.38 -17.99 -15.41
N ASP L 68 31.59 -18.03 -14.10
CA ASP L 68 30.47 -18.07 -13.14
C ASP L 68 29.60 -16.83 -13.12
N GLN L 69 30.09 -15.71 -13.65
CA GLN L 69 29.27 -14.50 -13.78
C GLN L 69 28.50 -14.41 -15.09
N ILE L 70 28.57 -15.43 -15.94
CA ILE L 70 27.68 -15.56 -17.11
C ILE L 70 26.64 -16.61 -16.75
N ARG L 71 25.37 -16.21 -16.61
CA ARG L 71 24.32 -17.11 -16.11
C ARG L 71 23.15 -17.39 -17.07
N ALA L 72 23.20 -16.79 -18.25
CA ALA L 72 22.26 -17.07 -19.31
C ALA L 72 22.89 -16.60 -20.62
N VAL L 73 22.46 -17.26 -21.70
CA VAL L 73 22.82 -16.85 -23.04
C VAL L 73 21.54 -16.47 -23.76
N LEU L 74 21.55 -15.31 -24.41
CA LEU L 74 20.51 -14.92 -25.36
C LEU L 74 21.08 -15.03 -26.78
N LEU L 75 20.48 -15.86 -27.61
CA LEU L 75 20.93 -16.07 -28.98
C LEU L 75 19.88 -15.54 -29.96
N THR L 76 20.29 -14.69 -30.87
CA THR L 76 19.40 -14.19 -31.94
C THR L 76 20.18 -13.84 -33.22
N ALA L 77 19.54 -13.15 -34.15
CA ALA L 77 20.20 -12.78 -35.40
C ALA L 77 19.69 -11.47 -35.92
N ASN L 78 20.51 -10.78 -36.68
CA ASN L 78 20.13 -9.48 -37.25
C ASN L 78 19.33 -9.65 -38.54
N GLY L 79 18.41 -8.71 -38.77
CA GLY L 79 17.63 -8.65 -39.99
C GLY L 79 16.40 -9.56 -39.94
N ASP L 80 15.98 -9.99 -41.13
CA ASP L 80 14.70 -10.68 -41.35
C ASP L 80 14.79 -12.23 -41.37
N THR L 81 15.99 -12.78 -41.18
CA THR L 81 16.23 -14.21 -41.19
C THR L 81 16.97 -14.60 -39.92
N PHE L 82 16.64 -15.74 -39.33
CA PHE L 82 17.43 -16.27 -38.20
C PHE L 82 18.70 -16.90 -38.80
N THR L 83 18.54 -17.95 -39.59
CA THR L 83 19.63 -18.38 -40.48
C THR L 83 19.07 -19.21 -41.61
N ALA L 84 19.65 -19.00 -42.79
CA ALA L 84 19.30 -19.78 -43.98
C ALA L 84 19.99 -21.16 -44.03
N GLY L 85 20.76 -21.53 -43.01
CA GLY L 85 21.40 -22.85 -42.95
C GLY L 85 22.90 -22.75 -43.21
N ASN L 86 23.50 -23.86 -43.59
CA ASN L 86 24.92 -23.87 -43.98
C ASN L 86 25.21 -23.03 -45.23
N ASP L 87 26.24 -22.19 -45.14
CA ASP L 87 26.81 -21.48 -46.30
C ASP L 87 27.27 -22.55 -47.30
N LEU L 88 26.74 -22.53 -48.52
CA LEU L 88 27.05 -23.56 -49.54
C LEU L 88 28.53 -23.58 -49.95
N ASP L 89 29.07 -22.42 -50.34
CA ASP L 89 30.48 -22.30 -50.76
C ASP L 89 31.42 -22.86 -49.70
N ASP L 90 31.26 -22.35 -48.49
CA ASP L 90 32.04 -22.80 -47.34
C ASP L 90 31.80 -24.31 -47.01
N PHE L 91 30.56 -24.78 -47.25
CA PHE L 91 30.18 -26.19 -47.10
C PHE L 91 31.07 -27.15 -47.87
N ILE L 92 31.35 -26.81 -49.13
CA ILE L 92 32.08 -27.69 -50.06
C ILE L 92 33.49 -27.21 -50.41
N ASN L 93 34.12 -26.48 -49.49
CA ASN L 93 35.49 -26.02 -49.65
C ASN L 93 36.42 -27.24 -49.55
N PRO L 94 37.20 -27.54 -50.62
CA PRO L 94 38.14 -28.67 -50.51
C PRO L 94 39.21 -28.51 -49.42
N VAL L 95 39.69 -27.27 -49.20
CA VAL L 95 40.70 -26.99 -48.16
C VAL L 95 40.17 -27.32 -46.77
N GLU L 96 40.68 -28.40 -46.19
CA GLU L 96 40.21 -28.89 -44.87
C GLU L 96 40.75 -28.04 -43.74
N GLU L 97 39.97 -27.93 -42.66
CA GLU L 97 40.39 -27.14 -41.46
C GLU L 97 41.48 -27.84 -40.64
N SER L 98 42.24 -27.04 -39.90
CA SER L 98 43.23 -27.56 -38.95
C SER L 98 42.53 -27.91 -37.65
N GLY L 99 42.86 -29.07 -37.09
CA GLY L 99 42.26 -29.54 -35.81
C GLY L 99 40.80 -29.95 -35.97
N THR L 100 40.01 -29.79 -34.91
CA THR L 100 38.60 -30.18 -34.92
C THR L 100 37.76 -29.21 -35.79
N PRO L 101 36.96 -29.74 -36.75
CA PRO L 101 36.13 -28.82 -37.57
C PRO L 101 35.24 -27.94 -36.73
N SER L 102 35.10 -26.68 -37.13
CA SER L 102 34.37 -25.70 -36.36
C SER L 102 32.93 -26.13 -36.12
N VAL L 103 32.29 -26.73 -37.11
CA VAL L 103 30.90 -27.20 -36.93
C VAL L 103 30.81 -28.23 -35.80
N ILE L 104 31.82 -29.11 -35.70
CA ILE L 104 31.83 -30.12 -34.66
C ILE L 104 32.03 -29.49 -33.27
N ARG L 105 32.95 -28.52 -33.16
CA ARG L 105 33.13 -27.75 -31.93
C ARG L 105 31.83 -27.07 -31.53
N PHE L 106 31.12 -26.48 -32.49
CA PHE L 106 29.85 -25.81 -32.19
C PHE L 106 28.80 -26.80 -31.68
N LEU L 107 28.66 -27.94 -32.33
CA LEU L 107 27.64 -28.91 -31.96
C LEU L 107 27.95 -29.49 -30.60
N LYS L 108 29.22 -29.72 -30.32
CA LYS L 108 29.61 -30.16 -28.99
C LYS L 108 29.38 -29.07 -27.93
N ALA L 109 29.77 -27.83 -28.23
CA ALA L 109 29.59 -26.74 -27.27
C ALA L 109 28.13 -26.46 -26.97
N ILE L 110 27.25 -26.45 -27.98
CA ILE L 110 25.83 -26.18 -27.69
C ILE L 110 25.09 -27.36 -27.06
N SER L 111 25.47 -28.58 -27.41
CA SER L 111 24.82 -29.77 -26.88
C SER L 111 25.22 -30.00 -25.44
N GLU L 112 26.42 -29.57 -25.07
CA GLU L 112 26.92 -29.73 -23.69
C GLU L 112 26.94 -28.44 -22.84
N CYS L 113 26.46 -27.33 -23.41
CA CYS L 113 26.44 -26.07 -22.68
C CYS L 113 25.69 -26.22 -21.36
N GLU L 114 26.32 -25.78 -20.28
CA GLU L 114 25.74 -25.87 -18.93
C GLU L 114 24.87 -24.66 -18.62
N THR L 115 25.05 -23.60 -19.41
CA THR L 115 24.37 -22.35 -19.21
C THR L 115 23.02 -22.44 -19.88
N PRO L 116 21.96 -21.89 -19.23
CA PRO L 116 20.66 -21.85 -19.92
C PRO L 116 20.72 -20.88 -21.10
N ILE L 117 20.13 -21.30 -22.23
CA ILE L 117 20.10 -20.53 -23.47
C ILE L 117 18.68 -20.16 -23.82
N VAL L 118 18.44 -18.87 -23.98
CA VAL L 118 17.17 -18.35 -24.49
C VAL L 118 17.50 -18.05 -25.96
N VAL L 119 16.69 -18.58 -26.89
CA VAL L 119 16.84 -18.29 -28.32
C VAL L 119 15.57 -17.59 -28.84
N ALA L 120 15.80 -16.48 -29.53
CA ALA L 120 14.75 -15.64 -30.10
C ALA L 120 14.85 -15.73 -31.60
N VAL L 121 13.96 -16.52 -32.19
CA VAL L 121 13.99 -16.81 -33.65
C VAL L 121 13.22 -15.68 -34.36
N ASN L 122 13.97 -14.83 -35.07
CA ASN L 122 13.46 -13.60 -35.66
C ASN L 122 12.97 -13.76 -37.10
N GLY L 123 13.17 -14.94 -37.70
CA GLY L 123 12.77 -15.16 -39.11
C GLY L 123 13.00 -16.61 -39.52
N PRO L 124 13.03 -16.92 -40.82
CA PRO L 124 13.29 -18.28 -41.23
C PRO L 124 14.51 -18.91 -40.56
N ALA L 125 14.30 -20.10 -40.00
CA ALA L 125 15.32 -20.93 -39.39
C ALA L 125 15.36 -22.22 -40.16
N ILE L 126 16.39 -22.36 -40.98
CA ILE L 126 16.46 -23.43 -41.96
C ILE L 126 17.63 -24.37 -41.64
N GLY L 127 17.35 -25.67 -41.68
CA GLY L 127 18.39 -26.70 -41.55
C GLY L 127 19.01 -26.66 -40.15
N VAL L 128 20.28 -26.28 -40.10
CA VAL L 128 20.93 -26.13 -38.79
C VAL L 128 20.33 -24.99 -37.98
N GLY L 129 19.66 -24.04 -38.63
CA GLY L 129 18.88 -23.05 -37.89
C GLY L 129 17.75 -23.66 -37.07
N LEU L 130 17.12 -24.71 -37.60
CA LEU L 130 16.12 -25.44 -36.85
C LEU L 130 16.79 -26.38 -35.84
N THR L 131 17.74 -27.19 -36.27
CA THR L 131 18.25 -28.25 -35.37
C THR L 131 18.97 -27.71 -34.12
N MSE L 132 19.59 -26.54 -34.23
CA MSE L 132 20.26 -25.92 -33.07
C MSE L 132 19.30 -25.55 -31.95
O MSE L 132 19.70 -25.52 -30.78
CB MSE L 132 21.12 -24.72 -33.45
CG MSE L 132 20.40 -23.39 -33.69
SE MSE L 132 21.67 -21.91 -34.03
CE MSE L 132 22.80 -22.68 -35.45
N LEU L 133 18.03 -25.31 -32.30
CA LEU L 133 16.97 -24.99 -31.32
C LEU L 133 16.65 -26.15 -30.38
N LEU L 134 16.88 -27.38 -30.84
CA LEU L 134 16.67 -28.57 -29.99
C LEU L 134 17.68 -28.63 -28.84
N HIS L 135 18.77 -27.87 -28.93
CA HIS L 135 19.79 -27.76 -27.89
C HIS L 135 19.74 -26.44 -27.09
N CYS L 136 18.81 -25.55 -27.46
CA CYS L 136 18.47 -24.40 -26.65
C CYS L 136 17.40 -24.78 -25.65
N ASP L 137 17.25 -23.97 -24.60
CA ASP L 137 16.31 -24.26 -23.52
C ASP L 137 14.97 -23.55 -23.66
N MSE L 138 15.04 -22.22 -23.74
CA MSE L 138 13.83 -21.40 -23.90
C MSE L 138 13.79 -21.03 -25.36
O MSE L 138 14.72 -20.36 -25.87
CB MSE L 138 13.89 -20.14 -23.04
CG MSE L 138 13.22 -20.30 -21.67
SE MSE L 138 14.18 -21.61 -20.50
CE MSE L 138 15.79 -20.52 -20.06
N VAL L 139 12.73 -21.46 -26.06
CA VAL L 139 12.68 -21.28 -27.51
C VAL L 139 11.51 -20.36 -27.84
N TYR L 140 11.83 -19.13 -28.24
CA TYR L 140 10.80 -18.13 -28.53
C TYR L 140 10.98 -17.66 -29.97
N ALA L 141 9.92 -17.11 -30.56
CA ALA L 141 9.85 -16.81 -31.97
C ALA L 141 9.07 -15.52 -32.24
N SER L 142 9.39 -14.85 -33.35
CA SER L 142 8.57 -13.75 -33.84
C SER L 142 7.47 -14.32 -34.74
N LYS L 143 6.45 -13.51 -35.03
CA LYS L 143 5.36 -13.91 -35.94
C LYS L 143 5.83 -14.21 -37.35
N SER L 144 6.93 -13.58 -37.74
CA SER L 144 7.51 -13.80 -39.07
C SER L 144 8.47 -14.99 -39.10
N ALA L 145 8.69 -15.67 -37.98
CA ALA L 145 9.55 -16.86 -37.96
C ALA L 145 8.95 -18.02 -38.78
N ARG L 146 9.83 -18.76 -39.42
CA ARG L 146 9.46 -19.94 -40.18
C ARG L 146 10.51 -21.00 -39.84
N PHE L 147 10.18 -22.27 -40.06
CA PHE L 147 11.00 -23.38 -39.61
C PHE L 147 11.01 -24.47 -40.68
N ARG L 148 12.19 -24.95 -41.02
CA ARG L 148 12.32 -26.00 -42.02
C ARG L 148 13.60 -26.80 -41.83
N ALA L 149 13.53 -28.10 -42.07
CA ALA L 149 14.71 -28.99 -41.97
C ALA L 149 14.68 -29.91 -43.16
N PRO L 150 14.94 -29.37 -44.35
CA PRO L 150 14.73 -30.09 -45.59
C PRO L 150 15.94 -30.94 -46.01
N PHE L 151 16.36 -31.85 -45.14
CA PHE L 151 17.60 -32.62 -45.38
C PHE L 151 17.48 -33.43 -46.68
N THR L 152 16.31 -34.03 -46.89
CA THR L 152 16.00 -34.85 -48.04
C THR L 152 15.93 -34.08 -49.37
N HIS L 153 15.51 -32.81 -49.35
CA HIS L 153 15.54 -32.00 -50.59
C HIS L 153 16.94 -31.74 -51.11
N VAL L 154 17.94 -31.76 -50.23
CA VAL L 154 19.33 -31.57 -50.66
C VAL L 154 20.13 -32.89 -50.73
N GLY L 155 19.50 -34.02 -50.41
CA GLY L 155 20.13 -35.33 -50.52
C GLY L 155 21.02 -35.71 -49.34
N LEU L 156 20.78 -35.07 -48.20
CA LEU L 156 21.56 -35.30 -47.00
C LEU L 156 20.68 -36.04 -45.95
N VAL L 157 21.06 -35.97 -44.67
CA VAL L 157 20.33 -36.66 -43.59
C VAL L 157 20.31 -35.74 -42.39
N PRO L 158 19.46 -36.03 -41.38
CA PRO L 158 19.42 -35.21 -40.17
C PRO L 158 20.75 -35.12 -39.44
N GLU L 159 21.01 -33.94 -38.89
CA GLU L 159 22.23 -33.72 -38.13
C GLU L 159 21.91 -33.15 -36.72
N ALA L 160 22.95 -32.96 -35.93
CA ALA L 160 22.88 -32.39 -34.60
C ALA L 160 21.94 -33.19 -33.70
N ALA L 161 21.88 -34.51 -33.96
CA ALA L 161 21.04 -35.46 -33.25
C ALA L 161 19.56 -35.16 -33.35
N SER L 162 19.14 -34.44 -34.41
CA SER L 162 17.73 -34.15 -34.59
C SER L 162 16.89 -35.42 -34.91
N SER L 163 17.51 -36.49 -35.40
CA SER L 163 16.82 -37.74 -35.65
C SER L 163 16.32 -38.36 -34.34
N LEU L 164 17.00 -38.06 -33.24
CA LEU L 164 16.54 -38.41 -31.88
C LEU L 164 15.69 -37.31 -31.22
N LEU L 165 16.19 -36.08 -31.27
CA LEU L 165 15.61 -34.96 -30.49
C LEU L 165 14.35 -34.35 -31.08
N LEU L 166 14.23 -34.32 -32.41
CA LEU L 166 13.05 -33.69 -33.03
C LEU L 166 11.76 -34.46 -32.69
N PRO L 167 11.79 -35.82 -32.81
CA PRO L 167 10.60 -36.56 -32.38
C PRO L 167 10.30 -36.43 -30.89
N LEU L 168 11.31 -36.34 -30.04
CA LEU L 168 11.06 -36.12 -28.62
C LEU L 168 10.38 -34.77 -28.40
N ALA L 169 10.77 -33.77 -29.19
CA ALA L 169 10.32 -32.41 -29.01
C ALA L 169 8.88 -32.18 -29.51
N VAL L 170 8.51 -32.76 -30.66
CA VAL L 170 7.22 -32.47 -31.32
C VAL L 170 6.37 -33.71 -31.69
N GLY L 171 6.88 -34.90 -31.39
CA GLY L 171 6.26 -36.14 -31.79
C GLY L 171 6.70 -36.63 -33.16
N GLN L 172 6.45 -37.90 -33.42
CA GLN L 172 6.94 -38.60 -34.59
C GLN L 172 6.28 -38.00 -35.86
N ALA L 173 5.01 -37.68 -35.78
CA ALA L 173 4.29 -37.22 -36.93
C ALA L 173 4.77 -35.83 -37.41
N TRP L 174 4.89 -34.87 -36.50
CA TRP L 174 5.49 -33.59 -36.86
C TRP L 174 6.94 -33.73 -37.31
N ALA L 175 7.73 -34.50 -36.57
CA ALA L 175 9.13 -34.74 -36.93
C ALA L 175 9.28 -35.31 -38.37
N ASN L 176 8.40 -36.20 -38.77
CA ASN L 176 8.54 -36.74 -40.11
C ASN L 176 8.05 -35.75 -41.17
N ASP L 177 7.01 -34.97 -40.84
CA ASP L 177 6.49 -33.99 -41.79
C ASP L 177 7.61 -32.99 -42.08
N LEU L 178 8.35 -32.59 -41.03
CA LEU L 178 9.56 -31.77 -41.20
C LEU L 178 10.72 -32.45 -41.99
N MSE L 179 11.21 -33.59 -41.47
CA MSE L 179 12.49 -34.17 -41.95
C MSE L 179 12.37 -34.95 -43.24
O MSE L 179 13.28 -34.89 -44.07
CB MSE L 179 13.17 -35.02 -40.89
CG MSE L 179 13.84 -34.08 -39.89
SE MSE L 179 14.68 -35.01 -38.37
CE MSE L 179 13.22 -36.09 -37.69
N LEU L 180 11.28 -35.67 -43.45
CA LEU L 180 11.13 -36.46 -44.67
C LEU L 180 10.44 -35.65 -45.78
N ALA L 181 9.32 -34.99 -45.45
CA ALA L 181 8.53 -34.27 -46.44
C ALA L 181 8.98 -32.82 -46.69
N GLY L 182 9.88 -32.29 -45.88
CA GLY L 182 10.35 -30.92 -46.10
C GLY L 182 9.35 -29.80 -45.83
N ARG L 183 8.40 -30.04 -44.94
CA ARG L 183 7.41 -29.02 -44.62
C ARG L 183 8.04 -27.76 -43.97
N ILE L 184 7.53 -26.61 -44.36
CA ILE L 184 7.83 -25.32 -43.77
C ILE L 184 6.71 -24.98 -42.76
N LEU L 185 7.08 -24.74 -41.50
CA LEU L 185 6.14 -24.33 -40.45
C LEU L 185 6.19 -22.82 -40.25
N ASP L 186 5.03 -22.20 -40.04
CA ASP L 186 5.00 -20.81 -39.52
C ASP L 186 5.09 -20.82 -37.99
N ALA L 187 5.14 -19.63 -37.40
CA ALA L 187 5.33 -19.52 -35.97
C ALA L 187 4.17 -20.15 -35.19
N ARG L 188 2.93 -19.92 -35.63
CA ARG L 188 1.80 -20.49 -34.91
C ARG L 188 1.77 -22.04 -34.95
N GLU L 189 2.13 -22.61 -36.09
CA GLU L 189 2.23 -24.07 -36.22
C GLU L 189 3.35 -24.62 -35.35
N ALA L 190 4.48 -23.90 -35.27
CA ALA L 190 5.59 -24.31 -34.40
C ALA L 190 5.17 -24.30 -32.92
N LEU L 191 4.39 -23.30 -32.56
CA LEU L 191 3.85 -23.20 -31.21
C LEU L 191 2.90 -24.33 -30.93
N SER L 192 1.95 -24.59 -31.83
CA SER L 192 0.98 -25.66 -31.62
C SER L 192 1.68 -27.03 -31.53
N ALA L 193 2.77 -27.22 -32.26
CA ALA L 193 3.53 -28.46 -32.17
C ALA L 193 4.45 -28.54 -30.95
N GLY L 194 4.69 -27.40 -30.31
CA GLY L 194 5.60 -27.35 -29.15
C GLY L 194 7.10 -27.20 -29.43
N LEU L 195 7.42 -26.83 -30.65
CA LEU L 195 8.81 -26.56 -31.03
C LEU L 195 9.26 -25.24 -30.42
N VAL L 196 8.33 -24.26 -30.40
CA VAL L 196 8.52 -23.02 -29.68
C VAL L 196 7.41 -22.90 -28.65
N THR L 197 7.61 -22.10 -27.60
CA THR L 197 6.60 -21.93 -26.56
C THR L 197 6.01 -20.51 -26.44
N ARG L 198 6.62 -19.52 -27.12
CA ARG L 198 6.11 -18.15 -27.19
C ARG L 198 6.33 -17.52 -28.57
N VAL L 199 5.35 -16.75 -29.02
CA VAL L 199 5.39 -16.02 -30.26
C VAL L 199 5.10 -14.54 -29.98
N PHE L 200 6.00 -13.67 -30.41
CA PHE L 200 5.87 -12.25 -30.15
C PHE L 200 5.79 -11.50 -31.46
N GLU L 201 5.14 -10.35 -31.45
CA GLU L 201 5.32 -9.34 -32.52
C GLU L 201 6.85 -9.13 -32.73
N ASP L 202 7.24 -8.95 -33.99
CA ASP L 202 8.65 -8.84 -34.37
C ASP L 202 9.41 -7.78 -33.59
N ASP L 203 8.77 -6.64 -33.39
CA ASP L 203 9.42 -5.46 -32.79
C ASP L 203 9.64 -5.58 -31.27
N VAL L 204 9.04 -6.57 -30.59
CA VAL L 204 9.29 -6.80 -29.16
C VAL L 204 9.97 -8.14 -28.84
N LEU L 205 10.15 -9.01 -29.82
CA LEU L 205 10.73 -10.35 -29.58
C LEU L 205 12.01 -10.29 -28.75
N VAL L 206 12.93 -9.41 -29.16
CA VAL L 206 14.26 -9.34 -28.57
C VAL L 206 14.23 -8.79 -27.14
N ALA L 207 13.58 -7.65 -26.97
CA ALA L 207 13.38 -7.09 -25.62
C ALA L 207 12.69 -8.07 -24.65
N GLU L 208 11.68 -8.81 -25.12
CA GLU L 208 10.96 -9.77 -24.25
C GLU L 208 11.77 -11.01 -23.97
N SER L 209 12.54 -11.45 -24.97
CA SER L 209 13.46 -12.56 -24.75
C SER L 209 14.60 -12.19 -23.80
N LEU L 210 15.14 -10.98 -23.91
CA LEU L 210 16.18 -10.50 -23.02
C LEU L 210 15.72 -10.38 -21.57
N LYS L 211 14.51 -9.87 -21.39
CA LYS L 211 13.90 -9.79 -20.05
C LYS L 211 13.87 -11.18 -19.38
N ILE L 212 13.50 -12.21 -20.14
CA ILE L 212 13.46 -13.57 -19.60
C ILE L 212 14.87 -14.08 -19.32
N ALA L 213 15.79 -13.86 -20.24
CA ALA L 213 17.19 -14.26 -20.02
C ALA L 213 17.79 -13.59 -18.76
N GLU L 214 17.51 -12.31 -18.56
CA GLU L 214 17.98 -11.55 -17.39
C GLU L 214 17.36 -12.11 -16.10
N GLN L 215 16.08 -12.47 -16.15
CA GLN L 215 15.43 -13.06 -14.98
C GLN L 215 16.11 -14.37 -14.60
N VAL L 216 16.39 -15.22 -15.59
CA VAL L 216 17.02 -16.51 -15.31
C VAL L 216 18.43 -16.32 -14.75
N ALA L 217 19.17 -15.39 -15.35
CA ALA L 217 20.49 -15.02 -14.87
C ALA L 217 20.52 -14.46 -13.44
N SER L 218 19.40 -13.96 -12.94
CA SER L 218 19.29 -13.46 -11.54
C SER L 218 18.88 -14.52 -10.51
N LEU L 219 18.58 -15.73 -10.97
CA LEU L 219 18.17 -16.80 -10.07
C LEU L 219 19.40 -17.48 -9.47
N ALA L 220 19.18 -18.26 -8.43
CA ALA L 220 20.25 -19.05 -7.79
C ALA L 220 21.03 -19.85 -8.84
N PRO L 221 22.34 -19.54 -9.02
CA PRO L 221 23.06 -20.12 -10.14
C PRO L 221 23.20 -21.64 -10.15
N ASN L 222 23.51 -22.25 -9.00
CA ASN L 222 23.61 -23.73 -8.89
C ASN L 222 22.27 -24.41 -9.04
N SER L 223 21.20 -23.79 -8.52
CA SER L 223 19.84 -24.29 -8.75
C SER L 223 19.57 -24.44 -10.26
N VAL L 224 19.85 -23.39 -11.02
CA VAL L 224 19.60 -23.37 -12.45
C VAL L 224 20.51 -24.36 -13.18
N LYS L 225 21.81 -24.28 -12.92
CA LYS L 225 22.77 -25.20 -13.57
C LYS L 225 22.43 -26.69 -13.30
N GLN L 226 22.16 -27.04 -12.04
CA GLN L 226 21.79 -28.44 -11.68
C GLN L 226 20.46 -28.89 -12.28
N SER L 227 19.53 -27.95 -12.37
CA SER L 227 18.22 -28.26 -12.91
C SER L 227 18.37 -28.61 -14.36
N LYS L 228 19.12 -27.79 -15.08
CA LYS L 228 19.38 -28.10 -16.50
C LYS L 228 20.16 -29.39 -16.63
N ARG L 229 21.14 -29.63 -15.76
CA ARG L 229 21.91 -30.88 -15.82
C ARG L 229 21.01 -32.12 -15.68
N LEU L 230 20.10 -32.10 -14.71
CA LEU L 230 19.13 -33.19 -14.53
C LEU L 230 18.26 -33.40 -15.77
N ILE L 231 17.79 -32.31 -16.37
CA ILE L 231 16.93 -32.40 -17.53
C ILE L 231 17.72 -32.99 -18.73
N ARG L 232 18.90 -32.42 -18.99
CA ARG L 232 19.70 -32.84 -20.14
C ARG L 232 20.39 -34.18 -19.91
N GLY L 233 20.58 -34.54 -18.64
CA GLY L 233 21.23 -35.83 -18.30
C GLY L 233 20.51 -37.07 -18.77
N VAL L 234 19.21 -36.98 -19.00
CA VAL L 234 18.45 -38.18 -19.40
C VAL L 234 18.92 -38.70 -20.78
N ASN L 235 19.12 -37.81 -21.76
CA ASN L 235 19.54 -38.23 -23.08
C ASN L 235 20.97 -37.84 -23.47
N LYS L 236 21.74 -37.33 -22.53
CA LYS L 236 23.06 -36.77 -22.81
C LYS L 236 23.93 -37.71 -23.65
N GLU L 237 24.08 -38.96 -23.20
CA GLU L 237 24.95 -39.94 -23.91
C GLU L 237 24.37 -40.35 -25.27
N GLU L 238 23.07 -40.57 -25.35
CA GLU L 238 22.44 -40.92 -26.63
C GLU L 238 22.55 -39.75 -27.64
N VAL L 239 22.52 -38.51 -27.16
CA VAL L 239 22.66 -37.35 -28.08
C VAL L 239 24.01 -37.39 -28.74
N GLN L 240 25.08 -37.61 -27.97
CA GLN L 240 26.43 -37.71 -28.56
C GLN L 240 26.54 -38.93 -29.50
N ALA L 241 26.04 -40.09 -29.10
CA ALA L 241 26.08 -41.29 -29.96
C ALA L 241 25.31 -41.08 -31.26
N GLN L 242 24.14 -40.44 -31.19
CA GLN L 242 23.33 -40.20 -32.38
C GLN L 242 24.05 -39.24 -33.35
N MSE L 243 24.73 -38.22 -32.83
CA MSE L 243 25.50 -37.32 -33.72
C MSE L 243 26.57 -38.05 -34.44
O MSE L 243 26.80 -37.74 -35.62
CB MSE L 243 26.14 -36.12 -33.00
CG MSE L 243 25.13 -34.97 -32.92
SE MSE L 243 25.97 -33.52 -31.86
CE MSE L 243 24.38 -32.80 -31.02
N LYS L 244 27.23 -39.04 -33.81
CA LYS L 244 28.22 -39.84 -34.52
C LYS L 244 27.55 -40.73 -35.56
N ARG L 245 26.43 -41.39 -35.25
CA ARG L 245 25.76 -42.23 -36.26
C ARG L 245 25.34 -41.39 -37.48
N GLU L 246 24.70 -40.24 -37.23
CA GLU L 246 24.26 -39.36 -38.29
C GLU L 246 25.45 -38.90 -39.12
N GLY L 247 26.53 -38.57 -38.44
CA GLY L 247 27.72 -37.97 -39.05
C GLY L 247 28.36 -38.82 -40.13
N VAL L 248 28.43 -40.14 -39.87
CA VAL L 248 29.01 -41.09 -40.83
C VAL L 248 28.17 -41.12 -42.11
N ILE L 249 26.85 -41.23 -41.94
CA ILE L 249 25.94 -41.28 -43.09
C ILE L 249 25.92 -39.94 -43.82
N PHE L 250 25.98 -38.85 -43.07
CA PHE L 250 25.99 -37.51 -43.64
C PHE L 250 27.20 -37.30 -44.56
N ALA L 251 28.38 -37.63 -44.05
CA ALA L 251 29.62 -37.48 -44.80
C ALA L 251 29.56 -38.28 -46.13
N GLU L 252 29.05 -39.49 -46.04
CA GLU L 252 28.84 -40.36 -47.20
C GLU L 252 27.87 -39.73 -48.21
N GLN L 253 26.73 -39.23 -47.76
CA GLN L 253 25.79 -38.52 -48.66
C GLN L 253 26.38 -37.26 -49.28
N LEU L 254 27.13 -36.47 -48.50
CA LEU L 254 27.77 -35.23 -48.98
C LEU L 254 28.74 -35.44 -50.16
N ALA L 255 29.43 -36.58 -50.15
CA ALA L 255 30.37 -37.00 -51.19
C ALA L 255 29.72 -37.84 -52.32
N SER L 256 28.40 -38.04 -52.28
CA SER L 256 27.73 -38.95 -53.21
C SER L 256 27.13 -38.20 -54.39
N ALA L 257 26.80 -38.96 -55.44
CA ALA L 257 26.09 -38.45 -56.60
C ALA L 257 24.73 -37.81 -56.28
N GLU L 258 24.04 -38.36 -55.27
CA GLU L 258 22.73 -37.85 -54.85
C GLU L 258 22.77 -36.40 -54.38
N PHE L 259 23.81 -36.03 -53.63
CA PHE L 259 23.98 -34.64 -53.20
C PHE L 259 24.30 -33.75 -54.40
N LYS L 260 25.25 -34.17 -55.23
CA LYS L 260 25.66 -33.41 -56.42
C LYS L 260 24.45 -33.06 -57.26
N GLU L 261 23.64 -34.09 -57.55
CA GLU L 261 22.46 -33.97 -58.40
C GLU L 261 21.34 -33.13 -57.78
N SER L 262 21.12 -33.25 -56.47
CA SER L 262 20.10 -32.44 -55.81
C SER L 262 20.47 -30.97 -55.95
N VAL L 263 21.73 -30.66 -55.68
CA VAL L 263 22.22 -29.29 -55.74
C VAL L 263 22.28 -28.76 -57.19
N ALA L 264 22.83 -29.55 -58.10
CA ALA L 264 22.94 -29.17 -59.51
C ALA L 264 21.56 -28.88 -60.12
N ALA L 265 20.59 -29.73 -59.80
CA ALA L 265 19.19 -29.58 -60.25
C ALA L 265 18.64 -28.20 -59.92
N PHE L 266 18.85 -27.75 -58.68
CA PHE L 266 18.35 -26.44 -58.30
C PHE L 266 19.02 -25.33 -59.14
N PHE L 267 20.35 -25.35 -59.25
CA PHE L 267 21.10 -24.32 -59.99
C PHE L 267 20.88 -24.36 -61.50
N GLU L 268 20.55 -25.55 -62.02
CA GLU L 268 20.27 -25.71 -63.46
C GLU L 268 18.78 -25.53 -63.80
N LYS L 269 17.97 -25.16 -62.80
CA LYS L 269 16.54 -24.86 -62.94
C LYS L 269 15.77 -26.00 -63.63
N ARG L 270 15.98 -27.21 -63.12
CA ARG L 270 15.35 -28.43 -63.63
C ARG L 270 14.99 -29.36 -62.49
N ALA L 271 14.18 -30.36 -62.82
CA ALA L 271 13.80 -31.40 -61.88
C ALA L 271 14.98 -32.35 -61.71
N PRO L 272 15.34 -32.71 -60.45
CA PRO L 272 16.38 -33.73 -60.27
C PRO L 272 15.95 -35.10 -60.76
N HIS L 273 16.90 -35.89 -61.24
CA HIS L 273 16.64 -37.22 -61.71
C HIS L 273 17.52 -38.19 -60.95
N PHE L 274 16.89 -39.18 -60.32
CA PHE L 274 17.59 -40.26 -59.63
C PHE L 274 17.09 -41.55 -60.26
N ALA L 275 17.98 -42.25 -60.95
CA ALA L 275 17.57 -43.47 -61.69
C ALA L 275 17.12 -44.58 -60.71
NA NA M . -31.54 23.58 35.82
NA NA N . -47.08 -19.40 -28.34
NA NA O . -2.95 38.23 -2.14
OH2 1PE P . 20.35 42.92 25.78
C12 1PE P . 19.17 42.85 24.97
C22 1PE P . 18.21 43.93 25.44
OH3 1PE P . 18.52 45.15 24.73
C13 1PE P . 18.00 47.47 25.20
C23 1PE P . 17.45 46.12 24.77
OH4 1PE P . 17.75 48.44 24.19
C14 1PE P . 15.94 49.51 23.00
C24 1PE P . 16.53 49.16 24.35
OH5 1PE P . 14.76 50.32 23.18
C15 1PE P . 12.40 50.58 22.86
C25 1PE P . 13.72 50.17 22.21
OH6 1PE P . 11.96 51.79 22.24
C16 1PE P . 10.57 52.83 20.59
C26 1PE P . 10.64 51.78 21.69
OH7 1PE P . 9.38 52.66 19.80
NA NA Q . -18.40 -4.82 -66.24
OH3 1PE R . -4.84 8.50 -41.91
C13 1PE R . -2.73 7.96 -41.00
C23 1PE R . -3.47 8.82 -42.01
OH4 1PE R . -1.44 7.58 -41.51
C14 1PE R . 0.55 6.34 -40.83
C24 1PE R . -0.40 7.49 -40.53
OH5 1PE R . 1.41 6.14 -39.70
C15 1PE R . 1.78 3.83 -39.09
C25 1PE R . 2.30 5.04 -39.86
OH6 1PE R . 2.45 2.65 -39.56
C16 1PE R . 3.03 0.31 -39.21
C26 1PE R . 2.53 1.62 -38.58
OH7 1PE R . 4.24 -0.16 -38.61
C1 GOL S . -13.29 33.07 59.32
O1 GOL S . -13.46 34.50 59.50
C2 GOL S . -13.43 32.32 60.65
O2 GOL S . -14.50 32.86 61.46
C3 GOL S . -12.09 32.34 61.39
O3 GOL S . -12.24 32.30 62.82
C1 GOL T . -8.96 26.94 50.98
O1 GOL T . -7.63 26.62 51.42
C2 GOL T . -9.58 28.08 51.80
O2 GOL T . -10.92 28.38 51.33
C3 GOL T . -9.64 27.74 53.30
O3 GOL T . -9.03 28.73 54.16
NA NA U . 2.42 59.23 42.53
NA NA V . -13.14 16.27 -21.59
NA NA W . 27.13 -6.22 11.61
C1 PEG X . -0.28 -7.43 31.96
O1 PEG X . 0.86 -8.08 32.53
C2 PEG X . -0.91 -6.47 32.98
O2 PEG X . -0.41 -5.13 32.85
C3 PEG X . -0.98 -4.39 31.76
C4 PEG X . -1.11 -2.91 32.12
O4 PEG X . -1.89 -2.17 31.15
NA NA Y . 11.70 -49.26 -52.42
C1 PEG Z . -16.15 -50.29 -31.74
O1 PEG Z . -14.83 -50.89 -31.68
C2 PEG Z . -16.15 -48.85 -31.25
O2 PEG Z . -16.63 -47.93 -32.26
C3 PEG Z . -16.51 -46.57 -31.83
C4 PEG Z . -16.79 -45.54 -32.94
O4 PEG Z . -18.12 -45.00 -32.89
NA NA AA . 7.76 -9.24 57.12
NA NA BA . -7.82 -52.17 -6.93
NA NA CA . 44.03 23.36 47.69
NA NA DA . 28.49 -19.61 -16.32
#